data_9MIB
#
_entry.id   9MIB
#
_cell.length_a   1.00
_cell.length_b   1.00
_cell.length_c   1.00
_cell.angle_alpha   90.00
_cell.angle_beta   90.00
_cell.angle_gamma   90.00
#
_symmetry.space_group_name_H-M   'P 1'
#
loop_
_entity.id
_entity.type
_entity.pdbx_description
1 polymer 'RM20A3 heavy chain Fv'
2 polymer 'RM20A3 light chain Fv'
3 polymer 'GT1.1 v4.1 SOSIP gp120'
4 polymer 'Envelope glycoprotein gp160'
5 polymer '206-9C09 heavy chain Fv'
6 polymer '206-9C09 kappa chain Fv'
7 branched 2-acetamido-2-deoxy-beta-D-glucopyranose-(1-4)-2-acetamido-2-deoxy-beta-D-glucopyranose
8 branched beta-D-mannopyranose-(1-4)-2-acetamido-2-deoxy-beta-D-glucopyranose-(1-4)-2-acetamido-2-deoxy-beta-D-glucopyranose
9 branched alpha-D-mannopyranose-(1-3)-alpha-D-mannopyranose-(1-3)-[alpha-D-mannopyranose-(1-6)]beta-D-mannopyranose-(1-4)-2-acetamido-2-deoxy-beta-D-glucopyranose-(1-4)-2-acetamido-2-deoxy-beta-D-glucopyranose
10 non-polymer 2-acetamido-2-deoxy-beta-D-glucopyranose
#
loop_
_entity_poly.entity_id
_entity_poly.type
_entity_poly.pdbx_seq_one_letter_code
_entity_poly.pdbx_strand_id
1 'polypeptide(L)'
;EVQLVETGGGLVQPGGSLKLSCRASGYTFSSFAMSWVRQAPGKGLEWVSLINDRGGLTFYVDSVKGRFTISRDNSKNTLS
LQMHSLRDGDTAVYYCATGGMSSALQSSKYYFDFWGQGALVTVSS
;
G,J,O
2 'polypeptide(L)'
;ALTQPPSVSGSPGQSVTISCTGTSSDIGSYNYVSWYQQHPGKAPKLMIYDVTQRPSGVSDRFSGSKSGNTASLTISGLQA
DDEADYYCSAYAGRQTFYIFGGGTRLTVLGQPKASPTVTLFPPSSEEL
;
I,M,Q
3 'polypeptide(L)'
;MDAMKRGLCCVLLLCGAVFVSPSQEIHARFRRGARAENLWVTVYYGVPVWKDAETTLFCASDAKAYETKKHNVWATHACV
PTDPNPQEIHLENVTEEFNMWKNNMVEQMHTDIISLWDQSLKPCVKLTPLCVTLQCTNVTNNITDDMRGELKNCSFNMTT
ELRDKRQKVHALFYKLDIVPINENQNTSYRLINCNTAAITQACPKVSFEPIPIHYCAPAGFAILKCKDKKFNGTGPCPSV
STVQCTHGIKPVVSTQLLLNGSLAEEEVMIRSKDIRNNAKNILVQFNTPVQINCTRPNNNTRKSIRIGPGQWFYATGDII
GDIRQAHCNVSKATWNETLGKVVKQLRKHFGNNTIIRFANSSGGDLEVTTHSFNCGGEFFYCDTSGLFNSTWISNTSVQG
SNSTGSNDSITLPCRIKQIINMWQRIGQAMYAPPIQGVIRCVSNITGLILTRDGGSTDSTTETFRPSGGDMRDNWRSELY
KYKVVKIEPLGVAPTRCKRRVVGRRRRRR
;
A,C,E
4 'polypeptide(L)'
;AVGIGAVFLGFLGAAGSTMGAASMTLTVQARNLLSGIVQQQSNLLRAPEAQQHLLKLTVWGIKQLQARVLAVERYLRDQQ
LLGIWGCSGKLICCTNVPWNSSWSNRNLSEIWDNMTWLQWDKEISNYTQIIYGLLEESQNQQEKNEQDLLALD
;
B,D,F
5 'polypeptide(L)'
;QVQVVQSGAEVKKPGASVKVSCKASGYTFTDHYIHWVRQAPGQGLEWMGWINPYRGGTNYAQKFQGRVTMTRDTSINTAY
MELSRLRFDDTAVYYCARPKDCSGGSCYDFDYWGQGTLVTVSS
;
H,K,P
6 'polypeptide(L)'
;NIQMTQSPSSLSASVGDRVTITCQASQDISNYLNWYQQKPGKAPKLLIYDASNLETGVPSRFSGSGSGTHFTFTISRLQP
EDIATYYCQVYETFGQGTKVEIK
;
L,N,R
#
# COMPACT_ATOMS: atom_id res chain seq x y z
N GLU A 1 -55.47 -7.13 -25.81
CA GLU A 1 -54.49 -6.91 -26.90
C GLU A 1 -53.48 -8.05 -27.00
N VAL A 2 -53.30 -8.79 -25.91
CA VAL A 2 -52.36 -9.91 -25.91
C VAL A 2 -52.88 -11.01 -26.82
N GLN A 3 -52.01 -11.54 -27.68
CA GLN A 3 -52.35 -12.61 -28.60
C GLN A 3 -51.22 -13.62 -28.61
N LEU A 4 -51.58 -14.90 -28.54
CA LEU A 4 -50.62 -16.01 -28.56
C LEU A 4 -51.16 -17.07 -29.52
N VAL A 5 -50.52 -17.21 -30.68
CA VAL A 5 -51.02 -18.08 -31.75
C VAL A 5 -50.07 -19.25 -31.89
N GLU A 6 -50.62 -20.46 -31.80
CA GLU A 6 -49.84 -21.70 -31.90
C GLU A 6 -49.90 -22.25 -33.32
N THR A 7 -48.76 -22.71 -33.81
CA THR A 7 -48.64 -23.32 -35.13
C THR A 7 -47.77 -24.56 -35.03
N GLY A 8 -48.13 -25.60 -35.78
CA GLY A 8 -47.41 -26.85 -35.81
C GLY A 8 -48.18 -28.05 -35.29
N GLY A 9 -49.42 -27.89 -34.84
CA GLY A 9 -50.19 -29.05 -34.41
C GLY A 9 -50.65 -29.87 -35.61
N GLY A 10 -50.52 -31.18 -35.49
CA GLY A 10 -50.90 -32.06 -36.57
C GLY A 10 -50.84 -33.51 -36.18
N LEU A 11 -50.70 -34.36 -37.18
CA LEU A 11 -50.62 -35.81 -36.99
C LEU A 11 -49.18 -36.26 -37.13
N VAL A 12 -48.75 -37.12 -36.21
CA VAL A 12 -47.40 -37.66 -36.20
C VAL A 12 -47.48 -39.13 -35.76
N GLN A 13 -46.69 -39.98 -36.40
CA GLN A 13 -46.70 -41.39 -36.06
C GLN A 13 -46.09 -41.61 -34.67
N PRO A 14 -46.45 -42.71 -33.99
CA PRO A 14 -45.78 -43.01 -32.71
C PRO A 14 -44.27 -43.17 -32.90
N GLY A 15 -43.52 -42.64 -31.93
CA GLY A 15 -42.08 -42.60 -32.04
C GLY A 15 -41.53 -41.49 -32.91
N GLY A 16 -42.38 -40.62 -33.43
CA GLY A 16 -41.95 -39.55 -34.31
C GLY A 16 -41.47 -38.34 -33.53
N SER A 17 -41.53 -37.19 -34.19
CA SER A 17 -41.08 -35.94 -33.61
C SER A 17 -41.95 -34.81 -34.12
N LEU A 18 -41.97 -33.71 -33.37
CA LEU A 18 -42.80 -32.57 -33.75
C LEU A 18 -42.31 -31.31 -33.04
N LYS A 19 -42.28 -30.21 -33.77
CA LYS A 19 -41.90 -28.90 -33.22
C LYS A 19 -43.13 -28.00 -33.23
N LEU A 20 -43.67 -27.72 -32.05
CA LEU A 20 -44.71 -26.72 -31.89
C LEU A 20 -44.08 -25.35 -31.70
N SER A 21 -44.74 -24.32 -32.22
CA SER A 21 -44.30 -22.94 -32.07
C SER A 21 -45.47 -22.09 -31.62
N CYS A 22 -45.16 -21.01 -30.91
CA CYS A 22 -46.16 -20.08 -30.40
C CYS A 22 -45.62 -18.68 -30.59
N ARG A 23 -46.33 -17.87 -31.38
CA ARG A 23 -45.96 -16.50 -31.67
C ARG A 23 -46.81 -15.56 -30.82
N ALA A 24 -46.15 -14.61 -30.15
CA ALA A 24 -46.78 -13.74 -29.18
C ALA A 24 -46.74 -12.29 -29.66
N SER A 25 -47.80 -11.55 -29.34
CA SER A 25 -47.87 -10.13 -29.67
C SER A 25 -48.74 -9.43 -28.65
N GLY A 26 -48.61 -8.10 -28.60
CA GLY A 26 -49.40 -7.27 -27.73
C GLY A 26 -48.82 -7.00 -26.36
N TYR A 27 -47.61 -7.47 -26.08
CA TYR A 27 -46.98 -7.26 -24.79
C TYR A 27 -45.49 -7.51 -24.92
N THR A 28 -44.75 -7.14 -23.88
CA THR A 28 -43.31 -7.39 -23.83
C THR A 28 -43.08 -8.89 -23.65
N PHE A 29 -42.64 -9.55 -24.73
CA PHE A 29 -42.42 -10.99 -24.67
C PHE A 29 -41.29 -11.34 -23.71
N SER A 30 -40.21 -10.55 -23.73
CA SER A 30 -39.03 -10.86 -22.94
C SER A 30 -39.21 -10.64 -21.44
N SER A 31 -40.33 -10.06 -21.01
CA SER A 31 -40.58 -9.77 -19.61
C SER A 31 -41.48 -10.81 -18.93
N PHE A 32 -41.76 -11.93 -19.62
CA PHE A 32 -42.74 -12.92 -19.16
C PHE A 32 -42.15 -14.32 -19.26
N ALA A 33 -42.34 -15.11 -18.22
CA ALA A 33 -42.08 -16.53 -18.30
C ALA A 33 -43.21 -17.20 -19.08
N MET A 34 -42.85 -18.22 -19.86
CA MET A 34 -43.79 -18.93 -20.71
C MET A 34 -43.95 -20.37 -20.24
N SER A 35 -45.06 -20.98 -20.63
CA SER A 35 -45.36 -22.35 -20.23
C SER A 35 -46.14 -23.04 -21.34
N TRP A 36 -46.00 -24.35 -21.38
CA TRP A 36 -46.79 -25.23 -22.24
C TRP A 36 -47.64 -26.13 -21.35
N VAL A 37 -48.94 -26.11 -21.59
CA VAL A 37 -49.92 -26.90 -20.83
C VAL A 37 -50.79 -27.65 -21.83
N ARG A 38 -50.92 -28.96 -21.66
CA ARG A 38 -51.66 -29.80 -22.59
C ARG A 38 -52.92 -30.34 -21.94
N GLN A 39 -53.98 -30.45 -22.74
CA GLN A 39 -55.23 -31.07 -22.34
C GLN A 39 -55.57 -32.18 -23.34
N ALA A 40 -55.60 -33.42 -22.85
CA ALA A 40 -56.10 -34.50 -23.68
C ALA A 40 -57.60 -34.31 -23.91
N PRO A 41 -58.13 -34.84 -25.02
CA PRO A 41 -59.47 -34.38 -25.48
C PRO A 41 -60.59 -34.57 -24.48
N GLY A 42 -60.71 -35.77 -23.89
CA GLY A 42 -61.72 -36.02 -22.89
C GLY A 42 -61.33 -35.70 -21.47
N LYS A 43 -60.05 -35.41 -21.21
CA LYS A 43 -59.51 -35.22 -19.87
C LYS A 43 -59.26 -33.74 -19.61
N GLY A 44 -58.68 -33.45 -18.44
CA GLY A 44 -58.42 -32.09 -18.01
C GLY A 44 -57.02 -31.62 -18.36
N LEU A 45 -56.70 -30.43 -17.83
CA LEU A 45 -55.44 -29.78 -18.13
C LEU A 45 -54.28 -30.46 -17.41
N GLU A 46 -53.10 -30.42 -18.04
CA GLU A 46 -51.88 -30.97 -17.46
C GLU A 46 -50.72 -30.08 -17.85
N TRP A 47 -49.97 -29.62 -16.85
CA TRP A 47 -48.80 -28.79 -17.09
C TRP A 47 -47.69 -29.63 -17.71
N VAL A 48 -47.14 -29.16 -18.83
CA VAL A 48 -46.10 -29.88 -19.55
C VAL A 48 -44.73 -29.30 -19.22
N SER A 49 -44.53 -28.00 -19.49
CA SER A 49 -43.20 -27.43 -19.35
C SER A 49 -43.29 -25.94 -19.06
N LEU A 50 -42.16 -25.38 -18.64
CA LEU A 50 -42.07 -23.99 -18.21
C LEU A 50 -40.68 -23.46 -18.56
N ILE A 51 -40.60 -22.20 -18.95
CA ILE A 51 -39.34 -21.53 -19.27
C ILE A 51 -39.39 -20.11 -18.71
N ASN A 52 -38.26 -19.64 -18.19
CA ASN A 52 -38.19 -18.33 -17.57
C ASN A 52 -38.18 -17.24 -18.65
N ASP A 53 -38.14 -15.99 -18.19
CA ASP A 53 -38.25 -14.85 -19.10
C ASP A 53 -37.04 -14.75 -20.02
N ARG A 54 -35.83 -15.04 -19.51
CA ARG A 54 -34.63 -14.95 -20.31
C ARG A 54 -34.38 -16.18 -21.16
N GLY A 55 -35.09 -17.28 -20.92
CA GLY A 55 -34.89 -18.49 -21.70
C GLY A 55 -33.74 -19.36 -21.24
N GLY A 56 -33.21 -19.14 -20.04
CA GLY A 56 -32.07 -19.90 -19.55
C GLY A 56 -32.45 -21.09 -18.70
N LEU A 57 -33.58 -21.00 -18.01
CA LEU A 57 -34.07 -22.03 -17.11
C LEU A 57 -35.28 -22.72 -17.73
N THR A 58 -35.24 -24.05 -17.78
CA THR A 58 -36.30 -24.86 -18.37
C THR A 58 -36.68 -25.95 -17.38
N PHE A 59 -37.98 -26.12 -17.15
CA PHE A 59 -38.52 -27.12 -16.25
C PHE A 59 -39.56 -27.94 -17.00
N TYR A 60 -39.62 -29.24 -16.69
CA TYR A 60 -40.54 -30.16 -17.35
C TYR A 60 -41.18 -31.06 -16.31
N VAL A 61 -42.38 -31.54 -16.62
CA VAL A 61 -42.97 -32.62 -15.84
C VAL A 61 -42.21 -33.91 -16.14
N ASP A 62 -42.11 -34.77 -15.12
CA ASP A 62 -41.24 -35.95 -15.22
C ASP A 62 -41.65 -36.91 -16.33
N SER A 63 -42.90 -36.85 -16.80
CA SER A 63 -43.33 -37.76 -17.86
C SER A 63 -42.69 -37.44 -19.20
N VAL A 64 -42.17 -36.22 -19.39
CA VAL A 64 -41.59 -35.79 -20.66
C VAL A 64 -40.22 -35.17 -20.44
N LYS A 65 -39.54 -35.57 -19.35
CA LYS A 65 -38.34 -34.86 -18.93
C LYS A 65 -37.22 -34.96 -19.97
N GLY A 66 -36.89 -36.18 -20.38
CA GLY A 66 -35.83 -36.39 -21.34
C GLY A 66 -36.24 -36.26 -22.79
N ARG A 67 -37.53 -36.10 -23.07
CA ARG A 67 -38.07 -36.13 -24.43
C ARG A 67 -38.41 -34.75 -24.97
N PHE A 68 -39.00 -33.88 -24.16
CA PHE A 68 -39.42 -32.57 -24.60
C PHE A 68 -38.31 -31.55 -24.35
N THR A 69 -38.35 -30.46 -25.11
CA THR A 69 -37.38 -29.39 -24.96
C THR A 69 -38.09 -28.08 -25.26
N ILE A 70 -38.25 -27.25 -24.24
CA ILE A 70 -38.84 -25.92 -24.39
C ILE A 70 -37.72 -24.92 -24.64
N SER A 71 -37.98 -23.96 -25.52
CA SER A 71 -37.02 -22.92 -25.81
C SER A 71 -37.79 -21.68 -26.24
N ARG A 72 -37.09 -20.57 -26.34
CA ARG A 72 -37.72 -19.33 -26.76
C ARG A 72 -36.68 -18.45 -27.45
N ASP A 73 -37.18 -17.55 -28.29
CA ASP A 73 -36.39 -16.51 -28.92
C ASP A 73 -37.13 -15.20 -28.67
N ASN A 74 -36.51 -14.31 -27.89
CA ASN A 74 -37.14 -13.05 -27.54
C ASN A 74 -37.05 -12.05 -28.66
N SER A 75 -36.03 -12.17 -29.52
CA SER A 75 -35.91 -11.26 -30.65
C SER A 75 -37.07 -11.46 -31.61
N LYS A 76 -37.45 -12.73 -31.84
CA LYS A 76 -38.49 -13.07 -32.79
C LYS A 76 -39.87 -13.18 -32.12
N ASN A 77 -39.93 -13.09 -30.80
CA ASN A 77 -41.14 -13.31 -30.02
C ASN A 77 -41.77 -14.67 -30.35
N THR A 78 -40.96 -15.72 -30.20
CA THR A 78 -41.40 -17.08 -30.46
C THR A 78 -41.06 -18.00 -29.29
N LEU A 79 -41.94 -18.97 -29.07
CA LEU A 79 -41.75 -20.00 -28.04
C LEU A 79 -41.87 -21.35 -28.72
N SER A 80 -40.80 -22.15 -28.67
CA SER A 80 -40.74 -23.43 -29.34
C SER A 80 -40.80 -24.56 -28.32
N LEU A 81 -41.44 -25.66 -28.74
CA LEU A 81 -41.47 -26.90 -27.98
C LEU A 81 -41.14 -28.03 -28.93
N GLN A 82 -39.91 -28.56 -28.82
CA GLN A 82 -39.49 -29.72 -29.59
C GLN A 82 -39.86 -30.98 -28.82
N MET A 83 -40.43 -31.94 -29.55
CA MET A 83 -40.93 -33.18 -28.98
C MET A 83 -40.30 -34.33 -29.75
N HIS A 84 -39.69 -35.26 -29.02
CA HIS A 84 -38.99 -36.40 -29.59
C HIS A 84 -39.50 -37.68 -28.93
N SER A 85 -39.47 -38.77 -29.69
CA SER A 85 -39.92 -40.08 -29.22
C SER A 85 -41.36 -39.99 -28.68
N LEU A 86 -42.26 -39.49 -29.52
CA LEU A 86 -43.62 -39.25 -29.10
C LEU A 86 -44.34 -40.56 -28.80
N ARG A 87 -45.00 -40.63 -27.64
CA ARG A 87 -45.76 -41.79 -27.22
C ARG A 87 -47.25 -41.52 -27.42
N ASP A 88 -48.06 -42.54 -27.12
CA ASP A 88 -49.50 -42.42 -27.30
C ASP A 88 -50.13 -41.50 -26.26
N GLY A 89 -49.50 -41.33 -25.10
CA GLY A 89 -50.04 -40.46 -24.06
C GLY A 89 -49.90 -38.98 -24.31
N ASP A 90 -49.17 -38.58 -25.35
CA ASP A 90 -48.95 -37.18 -25.66
C ASP A 90 -50.02 -36.60 -26.58
N THR A 91 -51.06 -37.36 -26.92
CA THR A 91 -52.15 -36.85 -27.74
C THR A 91 -52.93 -35.82 -26.94
N ALA A 92 -52.89 -34.56 -27.36
CA ALA A 92 -53.54 -33.50 -26.60
C ALA A 92 -53.55 -32.22 -27.40
N VAL A 93 -54.36 -31.26 -26.94
CA VAL A 93 -54.29 -29.89 -27.40
C VAL A 93 -53.31 -29.15 -26.50
N TYR A 94 -52.26 -28.60 -27.09
CA TYR A 94 -51.20 -27.90 -26.38
C TYR A 94 -51.46 -26.40 -26.44
N TYR A 95 -51.43 -25.76 -25.28
CA TYR A 95 -51.60 -24.31 -25.14
C TYR A 95 -50.27 -23.71 -24.68
N CYS A 96 -49.85 -22.65 -25.35
CA CYS A 96 -48.79 -21.79 -24.85
C CYS A 96 -49.43 -20.69 -24.01
N ALA A 97 -48.88 -20.47 -22.82
CA ALA A 97 -49.41 -19.49 -21.88
C ALA A 97 -48.27 -18.67 -21.31
N THR A 98 -48.60 -17.46 -20.85
CA THR A 98 -47.65 -16.57 -20.21
C THR A 98 -47.82 -16.67 -18.70
N GLY A 99 -46.72 -16.96 -18.01
CA GLY A 99 -46.68 -17.10 -16.57
C GLY A 99 -45.98 -18.37 -16.17
N GLY A 100 -46.13 -18.73 -14.90
CA GLY A 100 -45.49 -19.91 -14.35
C GLY A 100 -44.43 -19.53 -13.33
N MET A 101 -43.72 -18.44 -13.59
CA MET A 101 -42.72 -17.94 -12.66
C MET A 101 -42.45 -16.49 -13.03
N SER A 102 -41.52 -15.87 -12.31
CA SER A 102 -41.10 -14.51 -12.61
C SER A 102 -39.68 -14.34 -12.09
N SER A 103 -39.07 -13.22 -12.44
CA SER A 103 -37.74 -12.94 -11.96
C SER A 103 -37.78 -12.58 -10.48
N ALA A 104 -36.61 -12.57 -9.85
CA ALA A 104 -36.51 -12.20 -8.44
C ALA A 104 -36.87 -10.74 -8.20
N LEU A 105 -36.80 -9.91 -9.24
CA LEU A 105 -37.09 -8.49 -9.17
C LEU A 105 -38.55 -8.18 -9.53
N GLN A 106 -39.42 -9.19 -9.49
CA GLN A 106 -40.82 -9.04 -9.87
C GLN A 106 -41.68 -9.79 -8.87
N SER A 107 -42.95 -9.41 -8.82
CA SER A 107 -43.89 -10.12 -7.96
C SER A 107 -44.09 -11.54 -8.48
N SER A 108 -44.49 -12.43 -7.56
CA SER A 108 -44.70 -13.83 -7.91
C SER A 108 -45.86 -13.97 -8.90
N LYS A 109 -45.61 -14.72 -9.97
CA LYS A 109 -46.60 -14.96 -11.02
C LYS A 109 -46.80 -16.47 -11.16
N TYR A 110 -47.06 -17.16 -10.05
CA TYR A 110 -47.32 -18.59 -10.06
C TYR A 110 -48.73 -18.88 -10.57
N TYR A 111 -48.93 -18.56 -11.85
CA TYR A 111 -50.21 -18.74 -12.52
C TYR A 111 -50.01 -18.41 -13.98
N PHE A 112 -50.93 -18.89 -14.81
CA PHE A 112 -50.88 -18.73 -16.26
C PHE A 112 -51.90 -17.67 -16.65
N ASP A 113 -51.41 -16.46 -16.91
CA ASP A 113 -52.29 -15.29 -17.06
C ASP A 113 -53.01 -15.30 -18.41
N PHE A 114 -52.25 -15.32 -19.50
CA PHE A 114 -52.77 -15.23 -20.85
C PHE A 114 -52.50 -16.53 -21.57
N TRP A 115 -53.57 -17.19 -22.04
CA TRP A 115 -53.50 -18.46 -22.74
C TRP A 115 -53.54 -18.24 -24.26
N GLY A 116 -53.10 -19.27 -24.98
CA GLY A 116 -53.17 -19.28 -26.43
C GLY A 116 -54.39 -20.04 -26.94
N GLN A 117 -54.50 -20.11 -28.27
CA GLN A 117 -55.63 -20.80 -28.88
C GLN A 117 -55.56 -22.30 -28.62
N GLY A 118 -54.51 -22.95 -29.10
CA GLY A 118 -54.33 -24.38 -28.94
C GLY A 118 -53.78 -24.99 -30.22
N ALA A 119 -53.08 -26.12 -30.06
CA ALA A 119 -52.54 -26.86 -31.20
C ALA A 119 -52.75 -28.36 -30.94
N LEU A 120 -53.49 -29.01 -31.83
CA LEU A 120 -53.87 -30.40 -31.63
C LEU A 120 -52.75 -31.31 -32.13
N VAL A 121 -52.23 -32.16 -31.24
CA VAL A 121 -51.24 -33.18 -31.57
C VAL A 121 -51.89 -34.53 -31.33
N THR A 122 -51.82 -35.40 -32.33
CA THR A 122 -52.36 -36.76 -32.27
C THR A 122 -51.28 -37.76 -32.65
N VAL A 123 -51.13 -38.79 -31.82
CA VAL A 123 -50.14 -39.84 -32.04
C VAL A 123 -50.87 -41.14 -32.38
N ALA B 1 -52.29 -35.15 -7.98
CA ALA B 1 -53.37 -34.34 -8.53
C ALA B 1 -54.24 -33.79 -7.41
N LEU B 2 -55.17 -32.91 -7.77
CA LEU B 2 -56.09 -32.28 -6.83
C LEU B 2 -57.48 -32.87 -7.02
N THR B 3 -58.07 -33.34 -5.93
CA THR B 3 -59.41 -33.91 -5.99
C THR B 3 -60.43 -32.78 -6.13
N GLN B 4 -61.31 -32.91 -7.12
CA GLN B 4 -62.32 -31.92 -7.44
C GLN B 4 -63.61 -32.65 -7.76
N PRO B 5 -64.78 -32.08 -7.42
CA PRO B 5 -66.04 -32.73 -7.79
C PRO B 5 -66.24 -32.68 -9.31
N PRO B 6 -66.67 -33.78 -9.96
CA PRO B 6 -66.84 -33.71 -11.41
C PRO B 6 -67.94 -32.75 -11.87
N SER B 7 -68.90 -32.43 -11.02
CA SER B 7 -70.04 -31.61 -11.44
C SER B 7 -70.59 -30.83 -10.25
N VAL B 8 -71.07 -29.63 -10.53
CA VAL B 8 -71.78 -28.80 -9.57
C VAL B 8 -72.95 -28.16 -10.32
N SER B 9 -74.13 -28.18 -9.69
CA SER B 9 -75.36 -27.71 -10.31
C SER B 9 -75.91 -26.51 -9.54
N GLY B 10 -76.54 -25.60 -10.29
CA GLY B 10 -77.17 -24.44 -9.70
C GLY B 10 -78.16 -23.83 -10.66
N SER B 11 -78.84 -22.80 -10.18
CA SER B 11 -79.80 -22.02 -10.96
C SER B 11 -79.39 -20.56 -10.92
N PRO B 12 -79.86 -19.74 -11.88
CA PRO B 12 -79.52 -18.31 -11.85
C PRO B 12 -79.98 -17.64 -10.56
N GLY B 13 -79.12 -16.76 -10.04
CA GLY B 13 -79.40 -15.98 -8.86
C GLY B 13 -78.85 -16.54 -7.56
N GLN B 14 -78.52 -17.83 -7.52
CA GLN B 14 -78.01 -18.44 -6.30
C GLN B 14 -76.49 -18.24 -6.27
N SER B 15 -75.82 -18.94 -5.35
CA SER B 15 -74.36 -18.94 -5.25
C SER B 15 -73.88 -20.36 -5.00
N VAL B 16 -72.92 -20.81 -5.80
CA VAL B 16 -72.38 -22.16 -5.72
C VAL B 16 -70.90 -22.07 -5.33
N THR B 17 -70.38 -23.19 -4.83
CA THR B 17 -69.01 -23.27 -4.35
C THR B 17 -68.40 -24.58 -4.86
N ILE B 18 -67.34 -24.46 -5.65
CA ILE B 18 -66.60 -25.61 -6.17
C ILE B 18 -65.36 -25.79 -5.29
N SER B 19 -65.20 -26.98 -4.72
CA SER B 19 -64.11 -27.29 -3.82
C SER B 19 -62.93 -27.88 -4.57
N CYS B 20 -61.78 -27.92 -3.89
CA CYS B 20 -60.54 -28.45 -4.47
C CYS B 20 -59.67 -28.94 -3.31
N THR B 21 -59.65 -30.25 -3.11
CA THR B 21 -58.86 -30.87 -2.05
C THR B 21 -57.50 -31.28 -2.61
N GLY B 22 -56.44 -30.93 -1.88
CA GLY B 22 -55.09 -31.26 -2.28
C GLY B 22 -54.27 -31.72 -1.10
N THR B 23 -53.05 -32.17 -1.40
CA THR B 23 -52.14 -32.63 -0.36
C THR B 23 -51.60 -31.44 0.42
N SER B 24 -51.13 -31.71 1.64
CA SER B 24 -50.53 -30.66 2.46
C SER B 24 -49.29 -30.07 1.81
N SER B 25 -48.62 -30.81 0.93
CA SER B 25 -47.37 -30.34 0.33
C SER B 25 -47.59 -29.25 -0.71
N ASP B 26 -48.80 -29.11 -1.25
CA ASP B 26 -49.08 -28.18 -2.34
C ASP B 26 -50.02 -27.06 -1.93
N ILE B 27 -51.22 -27.38 -1.46
CA ILE B 27 -52.17 -26.35 -1.06
C ILE B 27 -51.96 -25.95 0.40
N GLY B 28 -51.55 -26.89 1.25
CA GLY B 28 -51.25 -26.57 2.63
C GLY B 28 -49.91 -25.93 2.87
N SER B 29 -49.06 -25.84 1.84
CA SER B 29 -47.72 -25.28 1.97
C SER B 29 -47.55 -23.92 1.29
N TYR B 30 -48.26 -23.69 0.19
CA TYR B 30 -48.12 -22.47 -0.61
C TYR B 30 -49.48 -21.84 -0.84
N ASN B 31 -49.53 -20.52 -0.76
CA ASN B 31 -50.75 -19.75 -1.06
C ASN B 31 -50.78 -19.33 -2.53
N TYR B 32 -50.57 -20.31 -3.42
CA TYR B 32 -50.65 -20.11 -4.87
C TYR B 32 -51.61 -21.15 -5.41
N VAL B 33 -52.90 -20.82 -5.35
CA VAL B 33 -53.97 -21.64 -5.91
C VAL B 33 -54.76 -20.76 -6.86
N SER B 34 -55.01 -21.26 -8.07
CA SER B 34 -55.63 -20.49 -9.13
C SER B 34 -56.74 -21.30 -9.77
N TRP B 35 -57.71 -20.58 -10.34
CA TRP B 35 -58.90 -21.17 -10.96
C TRP B 35 -59.05 -20.64 -12.37
N TYR B 36 -59.22 -21.56 -13.32
CA TYR B 36 -59.43 -21.26 -14.72
C TYR B 36 -60.83 -21.69 -15.15
N GLN B 37 -61.38 -20.95 -16.11
CA GLN B 37 -62.68 -21.26 -16.70
C GLN B 37 -62.45 -21.56 -18.17
N GLN B 38 -62.77 -22.78 -18.59
CA GLN B 38 -62.70 -23.20 -19.98
C GLN B 38 -64.12 -23.43 -20.48
N HIS B 39 -64.62 -22.48 -21.25
CA HIS B 39 -65.85 -22.72 -21.99
C HIS B 39 -65.62 -23.87 -22.97
N PRO B 40 -66.65 -24.65 -23.30
CA PRO B 40 -66.43 -25.77 -24.23
C PRO B 40 -65.92 -25.29 -25.59
N GLY B 41 -64.86 -25.93 -26.07
CA GLY B 41 -64.33 -25.67 -27.39
C GLY B 41 -63.44 -24.46 -27.51
N LYS B 42 -63.06 -23.81 -26.42
CA LYS B 42 -62.18 -22.64 -26.45
C LYS B 42 -61.10 -22.79 -25.38
N ALA B 43 -60.14 -21.87 -25.41
CA ALA B 43 -59.01 -21.93 -24.50
C ALA B 43 -59.44 -21.60 -23.07
N PRO B 44 -58.66 -21.99 -22.07
CA PRO B 44 -58.97 -21.59 -20.69
C PRO B 44 -58.74 -20.10 -20.49
N LYS B 45 -59.38 -19.58 -19.43
CA LYS B 45 -59.27 -18.18 -19.04
C LYS B 45 -59.07 -18.12 -17.53
N LEU B 46 -58.06 -17.36 -17.10
CA LEU B 46 -57.80 -17.21 -15.67
C LEU B 46 -58.93 -16.43 -15.02
N MET B 47 -59.58 -17.05 -14.03
CA MET B 47 -60.60 -16.38 -13.24
C MET B 47 -60.11 -15.96 -11.87
N ILE B 48 -59.23 -16.72 -11.24
CA ILE B 48 -58.70 -16.39 -9.92
C ILE B 48 -57.25 -16.80 -9.87
N TYR B 49 -56.41 -15.98 -9.22
CA TYR B 49 -55.03 -16.32 -8.96
C TYR B 49 -54.68 -15.94 -7.53
N ASP B 50 -53.66 -16.61 -6.98
CA ASP B 50 -53.18 -16.37 -5.63
C ASP B 50 -54.32 -16.50 -4.62
N VAL B 51 -55.11 -17.56 -4.78
CA VAL B 51 -56.22 -17.91 -3.90
C VAL B 51 -57.36 -16.90 -4.03
N THR B 52 -57.11 -15.65 -3.64
CA THR B 52 -58.16 -14.64 -3.53
C THR B 52 -58.16 -13.62 -4.67
N GLN B 53 -57.00 -13.32 -5.25
CA GLN B 53 -56.91 -12.20 -6.18
C GLN B 53 -57.63 -12.52 -7.49
N ARG B 54 -58.06 -11.46 -8.17
CA ARG B 54 -58.81 -11.50 -9.41
C ARG B 54 -58.02 -10.83 -10.53
N PRO B 55 -58.07 -11.34 -11.78
CA PRO B 55 -57.47 -10.58 -12.87
C PRO B 55 -58.27 -9.34 -13.23
N SER B 56 -57.82 -8.61 -14.25
CA SER B 56 -58.56 -7.48 -14.79
C SER B 56 -59.54 -7.98 -15.84
N GLY B 57 -60.79 -7.51 -15.77
CA GLY B 57 -61.84 -8.00 -16.63
C GLY B 57 -62.64 -9.16 -16.05
N VAL B 58 -62.49 -9.46 -14.77
CA VAL B 58 -63.22 -10.52 -14.09
C VAL B 58 -64.10 -9.89 -13.03
N SER B 59 -65.38 -10.25 -13.02
CA SER B 59 -66.34 -9.66 -12.10
C SER B 59 -66.09 -10.14 -10.67
N ASP B 60 -66.67 -9.38 -9.73
CA ASP B 60 -66.62 -9.74 -8.31
C ASP B 60 -67.45 -10.99 -8.02
N ARG B 61 -68.29 -11.43 -8.97
CA ARG B 61 -69.07 -12.65 -8.77
C ARG B 61 -68.19 -13.86 -8.53
N PHE B 62 -67.02 -13.91 -9.17
CA PHE B 62 -66.05 -14.97 -8.92
C PHE B 62 -65.17 -14.57 -7.74
N SER B 63 -65.07 -15.46 -6.74
CA SER B 63 -64.23 -15.22 -5.58
C SER B 63 -63.58 -16.52 -5.17
N GLY B 64 -62.46 -16.41 -4.44
CA GLY B 64 -61.73 -17.57 -4.01
C GLY B 64 -61.39 -17.49 -2.54
N SER B 65 -61.19 -18.66 -1.94
CA SER B 65 -60.82 -18.76 -0.54
C SER B 65 -60.07 -20.08 -0.32
N LYS B 66 -59.41 -20.17 0.84
CA LYS B 66 -58.65 -21.36 1.20
C LYS B 66 -58.85 -21.66 2.68
N SER B 67 -58.78 -22.94 3.01
CA SER B 67 -58.88 -23.41 4.38
C SER B 67 -58.07 -24.68 4.48
N GLY B 68 -56.95 -24.63 5.19
CA GLY B 68 -56.09 -25.78 5.35
C GLY B 68 -55.56 -26.27 4.01
N ASN B 69 -55.98 -27.47 3.61
CA ASN B 69 -55.56 -28.10 2.38
C ASN B 69 -56.63 -28.04 1.30
N THR B 70 -57.70 -27.25 1.50
CA THR B 70 -58.84 -27.22 0.58
C THR B 70 -59.09 -25.80 0.14
N ALA B 71 -59.09 -25.58 -1.18
CA ALA B 71 -59.36 -24.28 -1.77
C ALA B 71 -60.70 -24.30 -2.48
N SER B 72 -61.45 -23.20 -2.36
CA SER B 72 -62.81 -23.12 -2.86
C SER B 72 -62.98 -21.89 -3.75
N LEU B 73 -63.78 -22.06 -4.81
CA LEU B 73 -64.18 -20.98 -5.70
C LEU B 73 -65.68 -20.79 -5.56
N THR B 74 -66.09 -19.58 -5.18
CA THR B 74 -67.50 -19.23 -5.03
C THR B 74 -67.91 -18.39 -6.24
N ILE B 75 -68.96 -18.84 -6.92
CA ILE B 75 -69.58 -18.11 -8.03
C ILE B 75 -70.97 -17.71 -7.58
N SER B 76 -71.23 -16.41 -7.54
CA SER B 76 -72.50 -15.84 -7.12
C SER B 76 -73.21 -15.20 -8.31
N GLY B 77 -74.53 -15.18 -8.25
CA GLY B 77 -75.33 -14.63 -9.33
C GLY B 77 -75.11 -15.39 -10.64
N LEU B 78 -75.52 -16.65 -10.66
CA LEU B 78 -75.24 -17.50 -11.81
C LEU B 78 -75.94 -16.98 -13.06
N GLN B 79 -75.26 -17.15 -14.20
CA GLN B 79 -75.76 -16.71 -15.49
C GLN B 79 -75.51 -17.80 -16.52
N ALA B 80 -76.02 -17.57 -17.74
CA ALA B 80 -75.89 -18.55 -18.80
C ALA B 80 -74.43 -18.76 -19.19
N ASP B 81 -73.65 -17.67 -19.26
CA ASP B 81 -72.26 -17.78 -19.69
C ASP B 81 -71.40 -18.59 -18.72
N ASP B 82 -71.83 -18.74 -17.46
CA ASP B 82 -71.02 -19.43 -16.46
C ASP B 82 -70.87 -20.92 -16.74
N GLU B 83 -71.67 -21.50 -17.63
CA GLU B 83 -71.54 -22.90 -17.97
C GLU B 83 -70.18 -23.15 -18.59
N ALA B 84 -69.32 -23.87 -17.90
CA ALA B 84 -67.95 -24.10 -18.35
C ALA B 84 -67.35 -25.24 -17.53
N ASP B 85 -66.11 -25.60 -17.89
CA ASP B 85 -65.29 -26.48 -17.09
C ASP B 85 -64.37 -25.64 -16.23
N TYR B 86 -64.52 -25.74 -14.91
CA TYR B 86 -63.72 -24.96 -13.97
C TYR B 86 -62.58 -25.82 -13.46
N TYR B 87 -61.36 -25.41 -13.75
CA TYR B 87 -60.16 -26.16 -13.42
C TYR B 87 -59.42 -25.52 -12.25
N CYS B 88 -59.02 -26.35 -11.30
CA CYS B 88 -58.15 -26.00 -10.19
C CYS B 88 -56.69 -26.13 -10.63
N SER B 89 -55.84 -25.27 -10.07
CA SER B 89 -54.40 -25.39 -10.28
C SER B 89 -53.68 -24.98 -9.00
N ALA B 90 -52.63 -25.71 -8.67
CA ALA B 90 -51.84 -25.45 -7.47
C ALA B 90 -50.37 -25.59 -7.78
N TYR B 91 -49.56 -24.70 -7.21
CA TYR B 91 -48.11 -24.77 -7.31
C TYR B 91 -47.62 -25.76 -6.26
N ALA B 92 -47.08 -26.90 -6.71
CA ALA B 92 -46.75 -28.00 -5.83
C ALA B 92 -45.29 -28.03 -5.37
N GLY B 93 -44.49 -27.03 -5.74
CA GLY B 93 -43.12 -26.92 -5.27
C GLY B 93 -42.12 -26.98 -6.41
N ARG B 94 -40.84 -26.98 -6.01
CA ARG B 94 -39.75 -26.91 -6.98
C ARG B 94 -39.70 -28.15 -7.86
N GLN B 95 -39.93 -29.33 -7.27
CA GLN B 95 -39.76 -30.57 -8.03
C GLN B 95 -40.90 -30.77 -9.03
N THR B 96 -42.12 -30.87 -8.52
CA THR B 96 -43.33 -30.87 -9.33
C THR B 96 -43.92 -29.47 -9.26
N PHE B 97 -44.00 -28.79 -10.40
CA PHE B 97 -44.34 -27.38 -10.38
C PHE B 97 -45.83 -27.16 -10.19
N TYR B 98 -46.65 -27.60 -11.16
CA TYR B 98 -48.08 -27.32 -11.18
C TYR B 98 -48.87 -28.61 -11.29
N ILE B 99 -49.90 -28.71 -10.46
CA ILE B 99 -50.84 -29.83 -10.49
C ILE B 99 -52.23 -29.25 -10.71
N PHE B 100 -52.94 -29.77 -11.71
CA PHE B 100 -54.28 -29.35 -12.05
C PHE B 100 -55.29 -30.36 -11.49
N GLY B 101 -56.39 -29.84 -10.96
CA GLY B 101 -57.48 -30.71 -10.56
C GLY B 101 -58.35 -31.12 -11.74
N GLY B 102 -59.11 -32.19 -11.55
CA GLY B 102 -60.04 -32.61 -12.58
C GLY B 102 -61.10 -31.54 -12.81
N GLY B 103 -61.46 -31.35 -14.09
CA GLY B 103 -62.40 -30.31 -14.43
C GLY B 103 -63.76 -30.54 -13.81
N THR B 104 -64.42 -29.44 -13.45
CA THR B 104 -65.75 -29.46 -12.85
C THR B 104 -66.72 -28.78 -13.81
N ARG B 105 -67.78 -29.48 -14.18
CA ARG B 105 -68.80 -28.95 -15.06
C ARG B 105 -69.83 -28.19 -14.23
N LEU B 106 -70.11 -26.95 -14.63
CA LEU B 106 -71.17 -26.15 -14.03
C LEU B 106 -72.39 -26.18 -14.94
N THR B 107 -73.54 -26.54 -14.37
CA THR B 107 -74.81 -26.58 -15.07
C THR B 107 -75.73 -25.52 -14.48
N VAL B 108 -76.26 -24.66 -15.35
CA VAL B 108 -77.12 -23.55 -14.94
C VAL B 108 -78.53 -23.76 -15.48
N ASN C 38 -41.82 -13.12 2.25
CA ASN C 38 -42.20 -12.41 1.03
C ASN C 38 -40.98 -11.80 0.35
N LEU C 39 -40.28 -10.91 1.05
CA LEU C 39 -39.12 -10.21 0.52
C LEU C 39 -37.93 -10.42 1.45
N TRP C 40 -36.74 -10.44 0.85
CA TRP C 40 -35.51 -10.76 1.56
C TRP C 40 -34.42 -9.79 1.13
N VAL C 41 -33.49 -9.53 2.04
CA VAL C 41 -32.35 -8.67 1.75
C VAL C 41 -31.47 -9.37 0.72
N THR C 42 -31.08 -8.64 -0.32
CA THR C 42 -30.14 -9.11 -1.33
C THR C 42 -29.03 -8.09 -1.44
N VAL C 43 -27.79 -8.58 -1.46
CA VAL C 43 -26.60 -7.75 -1.47
C VAL C 43 -26.11 -7.65 -2.91
N TYR C 44 -25.91 -6.43 -3.38
CA TYR C 44 -25.38 -6.15 -4.71
C TYR C 44 -24.06 -5.42 -4.56
N TYR C 45 -23.05 -5.86 -5.32
CA TYR C 45 -21.75 -5.22 -5.36
C TYR C 45 -21.48 -4.76 -6.79
N GLY C 46 -20.91 -3.56 -6.92
CA GLY C 46 -20.83 -2.90 -8.20
C GLY C 46 -21.99 -1.97 -8.48
N VAL C 47 -22.73 -1.57 -7.45
CA VAL C 47 -23.92 -0.73 -7.64
C VAL C 47 -23.48 0.65 -8.11
N PRO C 48 -24.15 1.28 -9.11
CA PRO C 48 -23.74 2.64 -9.51
C PRO C 48 -24.32 3.73 -8.61
N VAL C 49 -23.69 3.91 -7.45
CA VAL C 49 -24.06 4.94 -6.48
C VAL C 49 -22.80 5.66 -6.06
N TRP C 50 -22.91 6.97 -5.85
CA TRP C 50 -21.78 7.78 -5.42
C TRP C 50 -22.23 8.79 -4.37
N LYS C 51 -21.25 9.35 -3.68
CA LYS C 51 -21.44 10.41 -2.71
C LYS C 51 -20.44 11.53 -2.98
N ASP C 52 -20.67 12.69 -2.37
CA ASP C 52 -19.71 13.78 -2.45
C ASP C 52 -18.56 13.50 -1.49
N ALA C 53 -17.33 13.67 -1.98
CA ALA C 53 -16.15 13.44 -1.14
C ALA C 53 -14.98 14.25 -1.70
N GLU C 54 -13.91 14.29 -0.91
CA GLU C 54 -12.68 14.97 -1.26
C GLU C 54 -11.54 13.95 -1.27
N THR C 55 -10.65 14.08 -2.25
CA THR C 55 -9.53 13.16 -2.38
C THR C 55 -8.37 13.88 -3.06
N THR C 56 -7.21 13.23 -3.06
CA THR C 56 -6.04 13.73 -3.78
C THR C 56 -6.09 13.22 -5.23
N LEU C 57 -6.11 14.17 -6.17
CA LEU C 57 -6.16 13.88 -7.61
C LEU C 57 -4.78 13.95 -8.24
N PHE C 58 -4.37 12.88 -8.91
CA PHE C 58 -3.10 12.87 -9.64
C PHE C 58 -3.28 13.60 -10.97
N CYS C 59 -2.17 14.10 -11.53
CA CYS C 59 -2.27 14.91 -12.78
C CYS C 59 -1.68 14.15 -13.98
N ALA C 60 -2.42 14.05 -15.07
CA ALA C 60 -1.93 13.41 -16.28
C ALA C 60 -1.47 14.55 -17.19
N SER C 61 -0.40 14.32 -17.95
CA SER C 61 0.08 15.30 -18.91
C SER C 61 0.85 14.62 -20.03
N ASP C 62 0.63 15.07 -21.27
CA ASP C 62 1.34 14.51 -22.41
C ASP C 62 2.85 14.70 -22.24
N ALA C 63 3.27 15.89 -21.83
CA ALA C 63 4.67 16.20 -21.51
C ALA C 63 5.62 15.90 -22.67
N LYS C 64 5.20 16.20 -23.90
CA LYS C 64 6.10 16.04 -25.02
C LYS C 64 7.08 17.22 -25.05
N ALA C 65 8.15 17.06 -25.84
CA ALA C 65 9.15 18.10 -26.12
C ALA C 65 10.22 18.10 -25.04
N TYR C 66 11.35 18.77 -25.31
CA TYR C 66 12.49 18.98 -24.40
C TYR C 66 13.44 17.79 -24.41
N GLU C 67 14.73 18.08 -24.43
CA GLU C 67 15.76 17.06 -24.39
C GLU C 67 17.10 17.66 -23.92
N HIS C 71 12.46 20.48 -17.81
CA HIS C 71 12.61 21.92 -17.67
C HIS C 71 11.21 22.55 -17.67
N ASN C 72 10.31 21.98 -16.87
CA ASN C 72 8.93 22.45 -16.77
C ASN C 72 8.56 22.67 -15.31
N VAL C 73 8.05 23.87 -15.01
CA VAL C 73 7.74 24.26 -13.63
C VAL C 73 6.79 23.29 -12.95
N TRP C 74 5.99 22.54 -13.72
CA TRP C 74 5.00 21.62 -13.17
C TRP C 74 5.30 20.17 -13.48
N ALA C 75 5.14 19.72 -14.73
CA ALA C 75 5.18 18.29 -15.03
C ALA C 75 6.62 17.83 -15.14
N THR C 76 7.27 17.71 -13.99
CA THR C 76 8.58 17.08 -13.87
C THR C 76 8.76 16.28 -12.59
N HIS C 77 8.03 16.61 -11.52
CA HIS C 77 8.10 15.90 -10.25
C HIS C 77 6.76 15.39 -9.73
N ALA C 78 5.64 15.97 -10.15
CA ALA C 78 4.33 15.69 -9.57
C ALA C 78 3.40 14.89 -10.45
N CYS C 79 3.31 15.27 -11.71
CA CYS C 79 2.30 14.65 -12.60
C CYS C 79 2.87 13.44 -13.36
N VAL C 80 2.07 12.81 -14.23
CA VAL C 80 2.43 11.56 -14.92
C VAL C 80 1.97 11.60 -16.39
N PRO C 81 2.35 10.64 -17.26
CA PRO C 81 1.93 10.72 -18.67
C PRO C 81 0.43 10.69 -18.89
N THR C 82 0.02 11.11 -20.09
CA THR C 82 -1.39 11.28 -20.42
C THR C 82 -2.07 9.93 -20.71
N ASP C 83 -3.27 10.02 -21.27
CA ASP C 83 -4.10 8.86 -21.64
C ASP C 83 -4.35 8.91 -23.15
N PRO C 84 -3.86 7.96 -23.96
CA PRO C 84 -4.18 8.00 -25.41
C PRO C 84 -5.66 8.15 -25.75
N ASN C 85 -6.55 7.47 -25.02
CA ASN C 85 -7.98 7.45 -25.32
C ASN C 85 -8.74 8.14 -24.17
N PRO C 86 -9.01 9.45 -24.25
CA PRO C 86 -9.84 10.07 -23.22
C PRO C 86 -11.30 9.64 -23.34
N GLN C 87 -11.75 8.79 -22.42
CA GLN C 87 -13.08 8.19 -22.49
C GLN C 87 -14.03 8.96 -21.60
N GLU C 88 -15.13 9.42 -22.18
CA GLU C 88 -16.19 10.13 -21.47
C GLU C 88 -17.50 9.39 -21.68
N ILE C 89 -18.18 9.08 -20.58
CA ILE C 89 -19.45 8.34 -20.62
C ILE C 89 -20.54 9.30 -20.16
N HIS C 90 -21.55 9.50 -21.01
CA HIS C 90 -22.67 10.37 -20.65
C HIS C 90 -23.61 9.62 -19.72
N LEU C 91 -23.86 10.16 -18.53
CA LEU C 91 -24.76 9.52 -17.58
C LEU C 91 -26.18 10.03 -17.85
N GLU C 92 -26.93 9.24 -18.62
CA GLU C 92 -28.29 9.57 -19.00
C GLU C 92 -29.22 9.36 -17.80
N ASN C 93 -30.30 10.14 -17.78
CA ASN C 93 -31.28 10.19 -16.68
C ASN C 93 -30.57 10.54 -15.36
N VAL C 94 -29.51 11.35 -15.40
CA VAL C 94 -28.77 11.76 -14.19
C VAL C 94 -28.75 13.27 -14.01
N THR C 95 -29.36 13.75 -12.93
CA THR C 95 -29.30 15.15 -12.52
C THR C 95 -28.48 15.24 -11.24
N GLU C 96 -27.40 16.03 -11.26
CA GLU C 96 -26.43 16.06 -10.15
C GLU C 96 -26.21 17.49 -9.67
N GLU C 97 -26.17 17.67 -8.36
CA GLU C 97 -25.95 19.00 -7.78
C GLU C 97 -24.46 19.32 -7.80
N PHE C 98 -24.10 20.45 -8.41
CA PHE C 98 -22.74 20.96 -8.48
C PHE C 98 -22.62 22.24 -7.66
N ASN C 99 -21.39 22.55 -7.27
CA ASN C 99 -21.08 23.78 -6.55
C ASN C 99 -19.62 24.12 -6.82
N MET C 100 -19.37 25.06 -7.74
CA MET C 100 -18.01 25.44 -8.05
C MET C 100 -17.33 26.17 -6.89
N TRP C 101 -18.10 26.74 -5.98
CA TRP C 101 -17.57 27.55 -4.89
C TRP C 101 -17.20 26.73 -3.66
N LYS C 102 -17.50 25.43 -3.64
CA LYS C 102 -17.05 24.50 -2.62
C LYS C 102 -16.44 23.26 -3.28
N ASN C 103 -15.61 23.50 -4.28
CA ASN C 103 -14.93 22.45 -5.03
C ASN C 103 -13.52 22.31 -4.48
N ASN C 104 -13.21 21.12 -3.94
CA ASN C 104 -11.89 20.88 -3.39
C ASN C 104 -10.82 20.69 -4.45
N MET C 105 -11.22 20.46 -5.71
CA MET C 105 -10.23 20.37 -6.77
C MET C 105 -9.50 21.70 -6.95
N VAL C 106 -10.20 22.81 -6.73
CA VAL C 106 -9.59 24.12 -6.83
C VAL C 106 -8.53 24.30 -5.74
N GLU C 107 -8.85 23.89 -4.52
CA GLU C 107 -7.88 23.99 -3.42
C GLU C 107 -6.68 23.09 -3.68
N GLN C 108 -6.93 21.88 -4.19
CA GLN C 108 -5.84 20.96 -4.51
C GLN C 108 -4.94 21.56 -5.58
N MET C 109 -5.53 22.20 -6.60
CA MET C 109 -4.73 22.81 -7.65
C MET C 109 -3.92 23.98 -7.10
N HIS C 110 -4.51 24.76 -6.19
CA HIS C 110 -3.78 25.86 -5.56
C HIS C 110 -2.54 25.35 -4.83
N THR C 111 -2.74 24.35 -3.96
CA THR C 111 -1.62 23.79 -3.22
C THR C 111 -0.58 23.19 -4.15
N ASP C 112 -1.03 22.45 -5.17
CA ASP C 112 -0.10 21.81 -6.10
C ASP C 112 0.73 22.85 -6.85
N ILE C 113 0.09 23.91 -7.33
CA ILE C 113 0.81 24.92 -8.12
C ILE C 113 1.80 25.67 -7.24
N ILE C 114 1.43 26.01 -6.01
CA ILE C 114 2.39 26.67 -5.11
C ILE C 114 3.57 25.75 -4.83
N SER C 115 3.29 24.49 -4.51
CA SER C 115 4.36 23.55 -4.17
C SER C 115 5.27 23.31 -5.37
N LEU C 116 4.70 23.25 -6.57
CA LEU C 116 5.47 23.04 -7.78
C LEU C 116 6.33 24.25 -8.12
N TRP C 117 5.83 25.46 -7.86
CA TRP C 117 6.67 26.64 -7.97
C TRP C 117 7.86 26.56 -7.02
N ASP C 118 7.61 26.20 -5.76
CA ASP C 118 8.68 26.10 -4.79
C ASP C 118 9.71 25.04 -5.18
N GLN C 119 9.23 23.89 -5.66
CA GLN C 119 10.13 22.81 -6.03
C GLN C 119 10.98 23.21 -7.23
N SER C 120 10.36 23.88 -8.22
CA SER C 120 11.14 24.35 -9.36
C SER C 120 12.18 25.38 -8.95
N LEU C 121 11.88 26.19 -7.94
CA LEU C 121 12.82 27.21 -7.50
C LEU C 121 13.87 26.69 -6.53
N LYS C 122 13.69 25.50 -5.98
CA LYS C 122 14.67 24.98 -5.01
C LYS C 122 16.06 24.79 -5.60
N PRO C 123 16.23 24.08 -6.74
CA PRO C 123 17.58 23.84 -7.28
C PRO C 123 18.05 24.94 -8.25
N CYS C 124 18.21 26.15 -7.72
CA CYS C 124 18.64 27.29 -8.52
C CYS C 124 19.55 28.18 -7.66
N VAL C 125 20.06 29.24 -8.27
CA VAL C 125 21.09 30.07 -7.65
C VAL C 125 20.44 31.00 -6.64
N LYS C 126 20.91 30.93 -5.39
CA LYS C 126 20.52 31.88 -4.35
C LYS C 126 21.29 33.17 -4.56
N LEU C 127 20.58 34.30 -4.57
CA LEU C 127 21.14 35.60 -4.93
C LEU C 127 21.31 36.48 -3.69
N THR C 128 21.80 35.88 -2.60
CA THR C 128 22.04 36.62 -1.38
C THR C 128 23.26 37.55 -1.44
N PRO C 129 24.30 37.34 -2.27
CA PRO C 129 25.36 38.36 -2.35
C PRO C 129 25.00 39.58 -3.18
N LEU C 130 23.76 39.73 -3.61
CA LEU C 130 23.32 40.87 -4.39
C LEU C 130 22.52 41.85 -3.54
N CYS C 131 22.45 41.62 -2.22
CA CYS C 131 21.86 42.56 -1.28
C CYS C 131 22.99 43.43 -0.73
N VAL C 132 23.43 44.36 -1.55
CA VAL C 132 24.53 45.27 -1.24
C VAL C 132 24.12 46.65 -1.74
N THR C 133 24.88 47.66 -1.33
CA THR C 133 24.59 49.01 -1.81
C THR C 133 24.85 49.08 -3.31
N LEU C 134 23.92 49.72 -4.02
CA LEU C 134 23.97 49.89 -5.46
C LEU C 134 24.06 51.36 -5.79
N GLN C 135 25.11 51.77 -6.51
CA GLN C 135 25.25 53.16 -6.93
C GLN C 135 24.59 53.26 -8.30
N CYS C 136 23.47 53.99 -8.38
CA CYS C 136 22.62 53.98 -9.56
C CYS C 136 22.47 55.37 -10.16
N THR C 137 22.46 55.41 -11.49
CA THR C 137 22.23 56.62 -12.26
C THR C 137 21.17 56.33 -13.32
N ASN C 138 20.65 57.38 -13.95
CA ASN C 138 19.73 57.16 -15.06
C ASN C 138 20.47 56.67 -16.30
N VAL C 139 19.74 55.97 -17.16
CA VAL C 139 20.30 55.35 -18.35
C VAL C 139 20.57 56.41 -19.39
N THR C 140 21.82 56.49 -19.86
CA THR C 140 22.21 57.50 -20.83
C THR C 140 21.73 57.18 -22.24
N ASN C 141 21.35 55.93 -22.50
CA ASN C 141 20.86 55.54 -23.81
C ASN C 141 19.60 56.33 -24.18
N ASN C 142 19.31 56.36 -25.48
CA ASN C 142 18.11 57.03 -25.98
C ASN C 142 16.86 56.42 -25.35
N ILE C 143 16.15 57.22 -24.57
CA ILE C 143 14.99 56.76 -23.80
C ILE C 143 13.81 57.66 -24.13
N THR C 144 12.67 57.05 -24.42
CA THR C 144 11.44 57.80 -24.62
C THR C 144 11.00 58.45 -23.30
N ASP C 145 10.19 59.51 -23.44
CA ASP C 145 9.75 60.25 -22.26
C ASP C 145 8.95 59.39 -21.31
N ASP C 146 8.16 58.45 -21.84
CA ASP C 146 7.39 57.56 -20.97
C ASP C 146 8.30 56.68 -20.12
N MET C 147 9.41 56.23 -20.70
CA MET C 147 10.33 55.31 -20.02
C MET C 147 11.42 56.02 -19.23
N ARG C 148 11.28 57.32 -18.97
CA ARG C 148 12.28 58.07 -18.24
C ARG C 148 12.17 57.77 -16.76
N GLY C 149 13.25 57.27 -16.16
CA GLY C 149 13.27 56.90 -14.76
C GLY C 149 12.88 55.46 -14.49
N GLU C 150 12.35 54.74 -15.48
CA GLU C 150 11.92 53.37 -15.27
C GLU C 150 13.11 52.43 -15.09
N LEU C 151 14.21 52.69 -15.78
CA LEU C 151 15.39 51.85 -15.78
C LEU C 151 16.56 52.61 -15.16
N LYS C 152 17.34 51.92 -14.34
CA LYS C 152 18.49 52.51 -13.66
C LYS C 152 19.72 51.66 -13.94
N ASN C 153 20.83 52.35 -14.21
CA ASN C 153 22.12 51.71 -14.44
C ASN C 153 22.85 51.73 -13.09
N CYS C 154 23.03 50.55 -12.50
CA CYS C 154 23.52 50.41 -11.13
C CYS C 154 24.85 49.66 -11.10
N SER C 155 25.86 50.26 -10.49
CA SER C 155 27.18 49.67 -10.32
C SER C 155 27.36 49.22 -8.87
N PHE C 156 27.97 48.05 -8.69
CA PHE C 156 28.08 47.46 -7.36
C PHE C 156 29.21 46.44 -7.33
N ASN C 157 29.67 46.14 -6.12
CA ASN C 157 30.72 45.15 -5.87
C ASN C 157 30.07 43.79 -5.65
N MET C 158 30.65 42.77 -6.28
CA MET C 158 30.14 41.41 -6.23
C MET C 158 31.26 40.43 -5.92
N THR C 159 30.85 39.28 -5.36
CA THR C 159 31.76 38.18 -5.12
C THR C 159 32.19 37.55 -6.44
N THR C 160 33.35 36.91 -6.43
CA THR C 160 33.89 36.17 -7.55
C THR C 160 33.93 34.69 -7.20
N GLU C 161 34.49 33.88 -8.09
CA GLU C 161 34.67 32.47 -7.78
C GLU C 161 35.64 32.28 -6.62
N LEU C 162 36.63 33.16 -6.51
CA LEU C 162 37.53 33.17 -5.37
C LEU C 162 36.96 34.08 -4.29
N ARG C 163 36.83 33.57 -3.08
CA ARG C 163 36.15 34.33 -2.03
C ARG C 163 36.96 35.53 -1.58
N ASP C 164 38.27 35.58 -1.83
CA ASP C 164 39.12 36.66 -1.36
C ASP C 164 39.24 37.79 -2.38
N LYS C 165 38.56 37.69 -3.53
CA LYS C 165 38.60 38.71 -4.58
C LYS C 165 37.19 39.20 -4.86
N ARG C 166 37.06 40.48 -5.17
CA ARG C 166 35.79 41.12 -5.51
C ARG C 166 35.87 41.70 -6.91
N GLN C 167 34.72 41.83 -7.55
CA GLN C 167 34.60 42.38 -8.91
C GLN C 167 33.67 43.58 -8.88
N LYS C 168 33.98 44.58 -9.69
CA LYS C 168 33.10 45.73 -9.90
C LYS C 168 32.26 45.44 -11.15
N VAL C 169 30.95 45.29 -10.96
CA VAL C 169 30.02 44.95 -12.03
C VAL C 169 28.94 46.03 -12.11
N HIS C 170 28.19 46.02 -13.22
CA HIS C 170 27.09 46.95 -13.39
C HIS C 170 25.94 46.20 -14.06
N ALA C 171 24.72 46.64 -13.77
CA ALA C 171 23.53 45.96 -14.26
C ALA C 171 22.43 46.98 -14.41
N LEU C 172 21.47 46.67 -15.26
CA LEU C 172 20.28 47.49 -15.46
C LEU C 172 19.16 46.90 -14.62
N PHE C 173 18.53 47.73 -13.79
CA PHE C 173 17.45 47.32 -12.92
C PHE C 173 16.26 48.22 -13.11
N TYR C 174 15.07 47.64 -13.18
CA TYR C 174 13.85 48.42 -13.26
C TYR C 174 13.62 49.17 -11.95
N LYS C 175 13.00 50.34 -12.05
CA LYS C 175 12.82 51.20 -10.87
C LYS C 175 11.92 50.55 -9.83
N LEU C 176 11.02 49.64 -10.26
CA LEU C 176 10.14 48.96 -9.33
C LEU C 176 10.85 47.90 -8.50
N ASP C 177 12.07 47.53 -8.86
CA ASP C 177 12.88 46.57 -8.13
C ASP C 177 13.88 47.22 -7.17
N ILE C 178 13.92 48.56 -7.10
CA ILE C 178 15.03 49.29 -6.50
C ILE C 178 14.47 50.34 -5.53
N VAL C 179 14.85 50.24 -4.27
CA VAL C 179 14.45 51.16 -3.21
C VAL C 179 15.64 52.01 -2.77
N PRO C 180 15.50 53.34 -2.64
CA PRO C 180 16.62 54.15 -2.12
C PRO C 180 16.93 53.81 -0.66
N ILE C 181 18.21 53.60 -0.34
CA ILE C 181 18.54 53.20 1.03
C ILE C 181 18.18 54.32 2.02
N ASN C 182 18.27 55.58 1.59
CA ASN C 182 17.94 56.73 2.42
C ASN C 182 17.25 57.77 1.54
N GLU C 183 16.75 58.81 2.20
CA GLU C 183 16.09 59.90 1.48
C GLU C 183 17.11 60.77 0.78
N SER C 188 22.77 55.91 -3.73
CA SER C 188 22.87 54.61 -3.09
C SER C 188 21.48 53.98 -2.98
N TYR C 189 21.30 52.86 -3.66
CA TYR C 189 20.05 52.12 -3.69
C TYR C 189 20.26 50.68 -3.23
N ARG C 190 19.16 49.94 -3.12
CA ARG C 190 19.16 48.55 -2.69
C ARG C 190 18.02 47.84 -3.39
N LEU C 191 18.12 46.54 -3.56
CA LEU C 191 16.98 45.82 -4.11
C LEU C 191 15.80 45.94 -3.14
N ILE C 192 14.62 45.58 -3.64
CA ILE C 192 13.39 45.90 -2.91
C ILE C 192 13.19 44.95 -1.74
N ASN C 193 13.60 43.69 -1.87
CA ASN C 193 13.30 42.66 -0.89
C ASN C 193 14.39 42.52 0.18
N CYS C 194 15.45 43.33 0.13
CA CYS C 194 16.57 43.12 1.05
C CYS C 194 16.16 43.33 2.50
N ASN C 195 15.21 44.22 2.75
CA ASN C 195 14.75 44.42 4.13
C ASN C 195 13.98 43.20 4.65
N THR C 196 13.26 42.49 3.77
CA THR C 196 12.25 41.53 4.19
C THR C 196 12.57 40.09 3.81
N ALA C 197 13.08 39.83 2.61
CA ALA C 197 13.15 38.47 2.09
C ALA C 197 14.46 38.21 1.38
N ALA C 198 14.88 36.95 1.41
CA ALA C 198 15.99 36.48 0.60
C ALA C 198 15.48 36.15 -0.81
N ILE C 199 16.39 36.27 -1.79
CA ILE C 199 16.04 36.21 -3.20
C ILE C 199 16.77 35.06 -3.85
N THR C 200 16.07 34.35 -4.73
CA THR C 200 16.61 33.20 -5.46
C THR C 200 16.40 33.40 -6.95
N GLN C 201 17.46 33.26 -7.73
CA GLN C 201 17.31 33.38 -9.17
C GLN C 201 16.54 32.20 -9.73
N ALA C 202 15.61 32.49 -10.64
CA ALA C 202 14.93 31.42 -11.35
C ALA C 202 15.88 30.84 -12.38
N CYS C 203 15.88 29.52 -12.50
CA CYS C 203 16.77 28.85 -13.43
C CYS C 203 16.40 29.25 -14.86
N PRO C 204 17.31 29.81 -15.67
CA PRO C 204 16.90 30.25 -17.01
C PRO C 204 16.41 29.13 -17.90
N LYS C 205 16.94 27.92 -17.72
CA LYS C 205 16.50 26.80 -18.54
C LYS C 205 15.03 26.47 -18.29
N VAL C 206 14.59 26.55 -17.04
CA VAL C 206 13.20 26.28 -16.72
C VAL C 206 12.32 27.37 -17.31
N SER C 207 11.31 26.96 -18.08
CA SER C 207 10.44 27.88 -18.79
C SER C 207 9.13 28.06 -18.03
N PHE C 208 8.59 29.28 -18.08
CA PHE C 208 7.35 29.63 -17.39
C PHE C 208 6.12 29.49 -18.28
N GLU C 209 6.23 28.77 -19.40
CA GLU C 209 5.10 28.66 -20.32
C GLU C 209 4.12 27.62 -19.77
N PRO C 210 2.84 27.97 -19.54
CA PRO C 210 1.89 26.96 -19.08
C PRO C 210 1.71 25.85 -20.12
N ILE C 211 1.72 24.61 -19.63
CA ILE C 211 1.35 23.44 -20.43
C ILE C 211 0.06 22.86 -19.83
N PRO C 212 -0.85 22.28 -20.62
CA PRO C 212 -2.08 21.75 -20.02
C PRO C 212 -1.80 20.60 -19.06
N ILE C 213 -2.60 20.54 -17.99
CA ILE C 213 -2.57 19.45 -17.03
C ILE C 213 -4.01 18.96 -16.84
N HIS C 214 -4.19 17.64 -16.85
CA HIS C 214 -5.50 17.02 -16.66
C HIS C 214 -5.55 16.44 -15.25
N TYR C 215 -6.57 16.77 -14.48
CA TYR C 215 -6.69 16.25 -13.12
C TYR C 215 -7.54 14.98 -13.13
N CYS C 216 -6.92 13.87 -12.73
CA CYS C 216 -7.50 12.54 -12.77
C CYS C 216 -7.71 12.02 -11.36
N ALA C 217 -8.80 11.24 -11.18
CA ALA C 217 -9.20 10.64 -9.92
C ALA C 217 -8.62 9.25 -9.75
N PRO C 218 -8.35 8.80 -8.53
CA PRO C 218 -7.86 7.43 -8.33
C PRO C 218 -9.02 6.44 -8.40
N ALA C 219 -8.70 5.16 -8.18
CA ALA C 219 -9.71 4.12 -8.19
C ALA C 219 -10.68 4.30 -7.02
N GLY C 220 -11.94 3.94 -7.27
CA GLY C 220 -12.99 4.17 -6.31
C GLY C 220 -13.54 5.59 -6.30
N PHE C 221 -13.05 6.46 -7.17
CA PHE C 221 -13.52 7.82 -7.30
C PHE C 221 -13.80 8.11 -8.77
N ALA C 222 -14.66 9.10 -9.01
CA ALA C 222 -15.01 9.51 -10.36
C ALA C 222 -15.06 11.03 -10.42
N ILE C 223 -14.88 11.56 -11.63
CA ILE C 223 -15.04 12.98 -11.92
C ILE C 223 -16.27 13.12 -12.79
N LEU C 224 -17.29 13.81 -12.26
CA LEU C 224 -18.50 14.13 -12.99
C LEU C 224 -18.34 15.50 -13.64
N LYS C 225 -18.63 15.58 -14.93
CA LYS C 225 -18.59 16.81 -15.70
C LYS C 225 -20.01 17.25 -16.01
N CYS C 226 -20.30 18.52 -15.72
CA CYS C 226 -21.58 19.12 -16.09
C CYS C 226 -21.50 19.59 -17.54
N LYS C 227 -22.33 19.00 -18.39
CA LYS C 227 -22.34 19.32 -19.82
C LYS C 227 -23.37 20.38 -20.19
N ASP C 228 -24.11 20.92 -19.23
CA ASP C 228 -25.04 22.00 -19.51
C ASP C 228 -24.29 23.26 -19.90
N LYS C 229 -24.76 23.92 -20.97
CA LYS C 229 -24.08 25.08 -21.55
C LYS C 229 -24.54 26.41 -20.95
N LYS C 230 -25.58 26.41 -20.11
CA LYS C 230 -26.05 27.61 -19.43
C LYS C 230 -25.77 27.54 -17.94
N PHE C 231 -24.88 26.64 -17.52
CA PHE C 231 -24.71 26.37 -16.10
C PHE C 231 -23.86 27.46 -15.47
N ASN C 232 -24.34 27.99 -14.35
CA ASN C 232 -23.62 29.03 -13.60
C ASN C 232 -22.80 28.45 -12.45
N GLY C 233 -22.59 27.13 -12.43
CA GLY C 233 -21.67 26.49 -11.51
C GLY C 233 -22.25 26.12 -10.16
N THR C 234 -23.53 26.37 -9.93
CA THR C 234 -24.19 26.01 -8.68
C THR C 234 -25.58 25.47 -9.00
N GLY C 235 -25.98 24.43 -8.27
CA GLY C 235 -27.31 23.88 -8.39
C GLY C 235 -27.33 22.61 -9.21
N PRO C 236 -28.52 22.15 -9.60
CA PRO C 236 -28.62 20.89 -10.35
C PRO C 236 -28.21 21.06 -11.79
N CYS C 237 -27.39 20.13 -12.28
CA CYS C 237 -27.02 20.01 -13.67
C CYS C 237 -27.74 18.79 -14.25
N PRO C 238 -28.62 18.92 -15.26
CA PRO C 238 -29.32 17.74 -15.78
C PRO C 238 -28.49 16.89 -16.71
N SER C 239 -27.60 17.52 -17.47
CA SER C 239 -26.76 16.83 -18.45
C SER C 239 -25.39 16.60 -17.82
N VAL C 240 -25.16 15.38 -17.34
CA VAL C 240 -23.95 14.99 -16.64
C VAL C 240 -23.25 13.88 -17.39
N SER C 241 -21.92 13.90 -17.37
CA SER C 241 -21.10 12.81 -17.86
C SER C 241 -20.06 12.49 -16.80
N THR C 242 -19.32 11.41 -17.02
CA THR C 242 -18.20 11.02 -16.17
C THR C 242 -16.96 10.89 -17.05
N VAL C 243 -15.83 11.37 -16.52
CA VAL C 243 -14.58 11.44 -17.26
C VAL C 243 -13.47 10.88 -16.38
N GLN C 244 -12.44 10.35 -17.04
CA GLN C 244 -11.26 9.89 -16.30
C GLN C 244 -10.46 11.07 -15.77
N CYS C 245 -10.29 12.11 -16.59
CA CYS C 245 -9.51 13.29 -16.25
C CYS C 245 -10.23 14.52 -16.75
N THR C 246 -9.89 15.67 -16.14
CA THR C 246 -10.40 16.94 -16.62
C THR C 246 -9.76 17.27 -17.97
N HIS C 247 -10.26 18.34 -18.59
CA HIS C 247 -9.67 18.79 -19.85
C HIS C 247 -8.29 19.39 -19.58
N GLY C 248 -7.56 19.65 -20.67
CA GLY C 248 -6.27 20.28 -20.54
C GLY C 248 -6.39 21.69 -20.02
N ILE C 249 -5.99 21.90 -18.77
CA ILE C 249 -6.10 23.19 -18.10
C ILE C 249 -4.70 23.78 -17.98
N LYS C 250 -4.46 24.90 -18.65
CA LYS C 250 -3.18 25.59 -18.56
C LYS C 250 -3.13 26.37 -17.25
N PRO C 251 -2.14 26.12 -16.36
CA PRO C 251 -2.10 26.90 -15.11
C PRO C 251 -1.60 28.32 -15.35
N VAL C 252 -2.45 29.15 -15.96
CA VAL C 252 -2.07 30.51 -16.32
C VAL C 252 -2.22 31.40 -15.11
N VAL C 253 -1.13 32.03 -14.69
CA VAL C 253 -1.11 32.91 -13.53
C VAL C 253 -1.31 34.34 -14.06
N SER C 254 -2.45 34.95 -13.71
CA SER C 254 -2.76 36.29 -14.18
C SER C 254 -3.80 36.92 -13.27
N THR C 255 -3.92 38.25 -13.37
CA THR C 255 -4.89 39.03 -12.60
C THR C 255 -5.72 39.88 -13.55
N GLN C 256 -7.01 40.05 -13.20
CA GLN C 256 -7.96 40.92 -13.89
C GLN C 256 -8.42 40.42 -15.25
N LEU C 257 -7.80 39.36 -15.77
CA LEU C 257 -8.11 38.86 -17.11
C LEU C 257 -7.67 37.40 -17.16
N LEU C 258 -8.54 36.54 -17.66
CA LEU C 258 -8.27 35.11 -17.76
C LEU C 258 -7.75 34.82 -19.17
N LEU C 259 -6.45 34.51 -19.27
CA LEU C 259 -5.77 34.32 -20.54
C LEU C 259 -5.67 32.83 -20.84
N ASN C 260 -5.92 32.47 -22.11
CA ASN C 260 -5.79 31.08 -22.56
C ASN C 260 -6.69 30.12 -21.79
N GLY C 261 -7.84 30.61 -21.32
CA GLY C 261 -8.80 29.76 -20.65
C GLY C 261 -9.80 29.19 -21.63
N SER C 262 -10.76 28.45 -21.09
CA SER C 262 -11.85 27.92 -21.88
C SER C 262 -12.87 29.02 -22.17
N LEU C 263 -13.63 28.83 -23.25
CA LEU C 263 -14.64 29.77 -23.70
C LEU C 263 -16.03 29.19 -23.51
N ALA C 264 -16.98 30.06 -23.19
CA ALA C 264 -18.37 29.64 -23.08
C ALA C 264 -18.89 29.23 -24.45
N GLU C 265 -19.81 28.26 -24.44
CA GLU C 265 -20.25 27.66 -25.69
C GLU C 265 -21.33 28.50 -26.37
N GLU C 266 -22.25 29.05 -25.60
CA GLU C 266 -23.41 29.76 -26.13
C GLU C 266 -23.37 31.26 -25.88
N GLU C 267 -23.20 31.68 -24.63
CA GLU C 267 -23.31 33.08 -24.25
C GLU C 267 -22.26 33.41 -23.21
N VAL C 268 -22.07 34.72 -22.98
CA VAL C 268 -21.21 35.16 -21.90
C VAL C 268 -21.84 34.75 -20.57
N MET C 269 -21.04 34.16 -19.69
CA MET C 269 -21.53 33.59 -18.44
C MET C 269 -21.03 34.43 -17.27
N ILE C 270 -21.97 34.89 -16.45
CA ILE C 270 -21.69 35.64 -15.23
C ILE C 270 -21.89 34.67 -14.06
N ARG C 271 -20.85 34.47 -13.25
CA ARG C 271 -20.90 33.55 -12.12
C ARG C 271 -20.39 34.24 -10.86
N SER C 272 -21.05 34.00 -9.75
CA SER C 272 -20.66 34.61 -8.49
C SER C 272 -21.21 33.77 -7.35
N LYS C 273 -20.42 33.65 -6.28
CA LYS C 273 -20.89 32.92 -5.10
C LYS C 273 -22.14 33.57 -4.53
N ASP C 274 -22.17 34.90 -4.51
CA ASP C 274 -23.38 35.64 -4.19
C ASP C 274 -23.33 36.93 -5.01
N ILE C 275 -24.19 37.02 -6.03
CA ILE C 275 -24.18 38.18 -6.89
C ILE C 275 -24.63 39.44 -6.15
N ARG C 276 -25.36 39.28 -5.04
CA ARG C 276 -25.77 40.42 -4.23
C ARG C 276 -24.68 40.87 -3.27
N ASN C 277 -23.66 40.05 -3.04
CA ASN C 277 -22.56 40.39 -2.14
C ASN C 277 -21.45 41.05 -2.95
N ASN C 278 -21.11 42.30 -2.60
CA ASN C 278 -20.04 42.99 -3.29
C ASN C 278 -18.66 42.46 -2.91
N ALA C 279 -18.54 41.77 -1.78
CA ALA C 279 -17.28 41.20 -1.36
C ALA C 279 -16.89 39.96 -2.14
N LYS C 280 -17.80 39.41 -2.94
CA LYS C 280 -17.53 38.21 -3.72
C LYS C 280 -17.19 38.61 -5.15
N ASN C 281 -16.13 38.01 -5.69
CA ASN C 281 -15.72 38.31 -7.04
C ASN C 281 -16.70 37.72 -8.05
N ILE C 282 -16.83 38.40 -9.18
CA ILE C 282 -17.69 37.98 -10.29
C ILE C 282 -16.78 37.44 -11.38
N LEU C 283 -16.95 36.17 -11.72
CA LEU C 283 -16.21 35.54 -12.81
C LEU C 283 -17.03 35.66 -14.08
N VAL C 284 -16.45 36.30 -15.10
CA VAL C 284 -17.08 36.49 -16.40
C VAL C 284 -16.34 35.59 -17.38
N GLN C 285 -17.08 34.73 -18.07
CA GLN C 285 -16.55 33.85 -19.10
C GLN C 285 -17.08 34.30 -20.44
N PHE C 286 -16.17 34.51 -21.39
CA PHE C 286 -16.57 34.97 -22.71
C PHE C 286 -16.99 33.79 -23.58
N ASN C 287 -17.81 34.09 -24.59
CA ASN C 287 -18.19 33.13 -25.61
C ASN C 287 -17.34 33.26 -26.86
N THR C 288 -16.84 34.46 -27.14
CA THR C 288 -15.83 34.72 -28.15
C THR C 288 -14.65 35.41 -27.48
N PRO C 289 -13.42 35.01 -27.73
CA PRO C 289 -12.29 35.64 -27.03
C PRO C 289 -11.87 36.96 -27.67
N VAL C 290 -11.13 37.74 -26.89
CA VAL C 290 -10.53 38.99 -27.36
C VAL C 290 -9.02 38.78 -27.44
N GLN C 291 -8.46 38.91 -28.64
CA GLN C 291 -7.03 38.73 -28.79
C GLN C 291 -6.28 39.89 -28.14
N ILE C 292 -5.16 39.57 -27.48
CA ILE C 292 -4.31 40.56 -26.83
C ILE C 292 -2.88 40.33 -27.30
N ASN C 293 -2.26 41.43 -27.76
CA ASN C 293 -0.94 41.47 -28.39
C ASN C 293 -0.01 42.19 -27.42
N CYS C 294 0.86 41.46 -26.72
CA CYS C 294 1.77 42.05 -25.76
C CYS C 294 3.20 41.99 -26.27
N THR C 295 4.01 42.99 -25.88
CA THR C 295 5.39 43.04 -26.33
C THR C 295 6.22 43.95 -25.43
N ARG C 296 7.50 43.61 -25.31
CA ARG C 296 8.53 44.47 -24.75
C ARG C 296 9.49 44.83 -25.88
N PRO C 297 9.41 46.04 -26.47
CA PRO C 297 10.19 46.32 -27.69
C PRO C 297 11.71 46.35 -27.49
N ASN C 298 12.20 46.42 -26.25
CA ASN C 298 13.63 46.53 -26.00
C ASN C 298 14.38 45.28 -26.45
N ASN C 299 15.39 45.48 -27.31
CA ASN C 299 16.34 44.43 -27.68
C ASN C 299 17.30 44.31 -26.50
N ASN C 300 17.22 43.20 -25.76
CA ASN C 300 17.89 43.07 -24.48
C ASN C 300 19.00 42.03 -24.51
N THR C 301 20.03 42.27 -23.70
CA THR C 301 21.13 41.35 -23.50
C THR C 301 20.97 40.60 -22.18
N ARG C 302 21.76 39.55 -22.01
CA ARG C 302 21.83 38.77 -20.77
C ARG C 302 23.30 38.59 -20.42
N LYS C 303 23.84 39.45 -19.56
CA LYS C 303 25.23 39.31 -19.14
C LYS C 303 25.35 38.31 -17.99
N SER C 304 26.31 37.39 -18.14
CA SER C 304 26.58 36.37 -17.14
C SER C 304 27.70 36.83 -16.22
N ILE C 305 27.47 36.76 -14.91
CA ILE C 305 28.43 37.18 -13.89
C ILE C 305 28.65 35.99 -12.97
N ARG C 306 29.89 35.51 -12.88
CA ARG C 306 30.20 34.37 -12.03
C ARG C 306 30.30 34.84 -10.59
N ILE C 307 29.23 34.61 -9.82
CA ILE C 307 29.16 35.12 -8.45
C ILE C 307 29.80 34.15 -7.45
N GLY C 308 29.86 32.86 -7.79
CA GLY C 308 30.31 31.84 -6.88
C GLY C 308 31.11 30.77 -7.59
N PRO C 309 31.45 29.69 -6.90
CA PRO C 309 32.26 28.63 -7.53
C PRO C 309 31.64 28.05 -8.79
N GLY C 310 30.32 27.87 -8.81
CA GLY C 310 29.61 27.42 -9.99
C GLY C 310 28.31 28.16 -10.22
N GLN C 311 28.11 29.27 -9.50
CA GLN C 311 26.87 30.03 -9.51
C GLN C 311 27.00 31.22 -10.45
N TRP C 312 25.93 31.50 -11.19
CA TRP C 312 25.90 32.56 -12.18
C TRP C 312 24.72 33.48 -11.90
N PHE C 313 24.96 34.78 -12.06
CA PHE C 313 23.94 35.82 -11.96
C PHE C 313 23.75 36.39 -13.36
N TYR C 314 22.52 36.38 -13.84
CA TYR C 314 22.19 36.82 -15.20
C TYR C 314 21.54 38.19 -15.10
N ALA C 315 22.31 39.23 -15.40
CA ALA C 315 21.83 40.60 -15.38
C ALA C 315 21.45 41.04 -16.80
N THR C 316 20.81 42.20 -16.88
CA THR C 316 20.38 42.74 -18.17
C THR C 316 21.55 43.32 -18.95
N GLY C 317 22.29 44.24 -18.35
CA GLY C 317 23.50 44.75 -18.96
C GLY C 317 23.33 45.92 -19.91
N ASP C 318 22.78 45.68 -21.09
CA ASP C 318 22.73 46.71 -22.13
C ASP C 318 21.54 46.46 -23.05
N ILE C 319 21.17 47.50 -23.79
CA ILE C 319 20.06 47.47 -24.72
C ILE C 319 20.57 47.98 -26.07
N ILE C 320 20.29 47.22 -27.12
CA ILE C 320 20.76 47.55 -28.46
C ILE C 320 19.66 48.34 -29.15
N GLY C 321 19.90 49.62 -29.35
CA GLY C 321 18.95 50.50 -30.02
C GLY C 321 18.14 51.34 -29.05
N ASP C 322 17.00 51.81 -29.56
CA ASP C 322 16.15 52.68 -28.76
C ASP C 322 15.47 51.90 -27.65
N ILE C 323 14.96 52.64 -26.66
CA ILE C 323 14.28 52.10 -25.50
C ILE C 323 12.84 52.61 -25.52
N ARG C 324 11.89 51.70 -25.47
CA ARG C 324 10.47 52.03 -25.51
C ARG C 324 9.73 51.23 -24.45
N GLN C 325 8.54 51.71 -24.11
CA GLN C 325 7.73 51.08 -23.07
C GLN C 325 7.13 49.78 -23.57
N ALA C 326 7.13 48.76 -22.71
CA ALA C 326 6.38 47.55 -22.99
C ALA C 326 4.88 47.85 -22.92
N HIS C 327 4.10 47.13 -23.74
CA HIS C 327 2.69 47.47 -23.85
C HIS C 327 1.92 46.29 -24.40
N CYS C 328 0.59 46.36 -24.23
CA CYS C 328 -0.34 45.36 -24.76
C CYS C 328 -1.45 46.05 -25.53
N ASN C 329 -1.68 45.61 -26.77
CA ASN C 329 -2.77 46.11 -27.60
C ASN C 329 -3.93 45.13 -27.59
N VAL C 330 -5.15 45.68 -27.54
CA VAL C 330 -6.36 44.91 -27.82
C VAL C 330 -7.17 45.68 -28.85
N SER C 331 -8.02 44.95 -29.57
CA SER C 331 -8.88 45.58 -30.56
C SER C 331 -9.98 46.37 -29.86
N LYS C 332 -10.15 47.64 -30.27
CA LYS C 332 -11.17 48.48 -29.66
C LYS C 332 -12.57 47.96 -29.94
N ALA C 333 -12.83 47.56 -31.19
CA ALA C 333 -14.16 47.08 -31.56
C ALA C 333 -14.49 45.75 -30.87
N THR C 334 -13.52 44.83 -30.84
CA THR C 334 -13.74 43.55 -30.17
C THR C 334 -14.02 43.76 -28.69
N TRP C 335 -13.24 44.63 -28.04
CA TRP C 335 -13.46 44.91 -26.63
C TRP C 335 -14.84 45.54 -26.43
N ASN C 336 -15.25 46.40 -27.37
CA ASN C 336 -16.58 47.03 -27.29
C ASN C 336 -17.70 46.02 -27.36
N GLU C 337 -17.63 45.08 -28.31
CA GLU C 337 -18.72 44.10 -28.38
C GLU C 337 -18.68 43.13 -27.21
N THR C 338 -17.49 42.77 -26.73
CA THR C 338 -17.41 41.93 -25.55
C THR C 338 -17.99 42.61 -24.31
N LEU C 339 -17.66 43.89 -24.10
CA LEU C 339 -18.22 44.60 -22.95
C LEU C 339 -19.72 44.81 -23.09
N GLY C 340 -20.22 45.00 -24.31
CA GLY C 340 -21.65 45.05 -24.50
C GLY C 340 -22.34 43.76 -24.11
N LYS C 341 -21.75 42.63 -24.50
CA LYS C 341 -22.29 41.34 -24.09
C LYS C 341 -22.24 41.16 -22.56
N VAL C 342 -21.13 41.58 -21.95
CA VAL C 342 -21.01 41.46 -20.50
C VAL C 342 -22.06 42.31 -19.80
N VAL C 343 -22.32 43.51 -20.31
CA VAL C 343 -23.35 44.38 -19.74
C VAL C 343 -24.72 43.74 -19.90
N LYS C 344 -24.99 43.18 -21.08
CA LYS C 344 -26.27 42.52 -21.32
C LYS C 344 -26.50 41.40 -20.33
N GLN C 345 -25.46 40.63 -20.03
CA GLN C 345 -25.61 39.52 -19.08
C GLN C 345 -25.64 39.99 -17.63
N LEU C 346 -24.96 41.10 -17.31
CA LEU C 346 -25.03 41.62 -15.95
C LEU C 346 -26.39 42.22 -15.64
N ARG C 347 -27.05 42.79 -16.64
CA ARG C 347 -28.37 43.38 -16.41
C ARG C 347 -29.42 42.33 -16.06
N LYS C 348 -29.16 41.05 -16.37
CA LYS C 348 -30.07 40.00 -15.93
C LYS C 348 -30.13 39.93 -14.41
N HIS C 349 -28.98 40.09 -13.75
CA HIS C 349 -28.92 40.06 -12.29
C HIS C 349 -29.19 41.41 -11.66
N PHE C 350 -28.78 42.51 -12.29
CA PHE C 350 -28.83 43.84 -11.70
C PHE C 350 -29.91 44.72 -12.30
N GLY C 351 -30.90 44.14 -12.98
CA GLY C 351 -32.00 44.91 -13.53
C GLY C 351 -31.73 45.37 -14.95
N ASN C 352 -32.83 45.57 -15.69
CA ASN C 352 -32.72 45.83 -17.12
C ASN C 352 -32.49 47.31 -17.44
N ASN C 353 -32.89 48.21 -16.54
CA ASN C 353 -32.76 49.64 -16.77
C ASN C 353 -31.55 50.27 -16.08
N THR C 354 -30.74 49.49 -15.38
CA THR C 354 -29.62 50.06 -14.63
C THR C 354 -28.43 50.37 -15.54
N ILE C 355 -27.65 51.35 -15.12
CA ILE C 355 -26.48 51.81 -15.85
C ILE C 355 -25.27 51.04 -15.34
N ILE C 356 -24.56 50.38 -16.25
CA ILE C 356 -23.41 49.55 -15.89
C ILE C 356 -22.14 50.33 -16.20
N ARG C 357 -21.36 50.61 -15.16
CA ARG C 357 -20.16 51.43 -15.28
C ARG C 357 -18.94 50.55 -15.10
N PHE C 358 -17.96 50.71 -15.99
CA PHE C 358 -16.66 50.04 -15.89
C PHE C 358 -15.62 51.09 -15.54
N ALA C 359 -14.99 50.91 -14.38
CA ALA C 359 -13.95 51.78 -13.88
C ALA C 359 -12.74 50.94 -13.51
N ASN C 360 -11.58 51.57 -13.45
CA ASN C 360 -10.36 50.85 -13.12
C ASN C 360 -10.32 50.50 -11.63
N SER C 361 -9.31 49.71 -11.26
CA SER C 361 -9.23 49.19 -9.91
C SER C 361 -9.11 50.30 -8.89
N SER C 362 -9.72 50.10 -7.72
CA SER C 362 -9.70 51.13 -6.68
C SER C 362 -8.35 51.20 -5.99
N GLY C 363 -7.69 50.07 -5.79
CA GLY C 363 -6.39 50.06 -5.16
C GLY C 363 -5.92 48.66 -4.85
N GLY C 364 -4.71 48.58 -4.31
CA GLY C 364 -4.05 47.35 -3.94
C GLY C 364 -2.62 47.33 -4.44
N ASP C 365 -2.02 46.15 -4.41
CA ASP C 365 -0.66 45.99 -4.91
C ASP C 365 -0.63 46.15 -6.42
N LEU C 366 0.59 46.19 -6.98
CA LEU C 366 0.75 46.25 -8.42
C LEU C 366 0.22 45.00 -9.10
N GLU C 367 0.18 43.87 -8.40
CA GLU C 367 -0.37 42.65 -8.98
C GLU C 367 -1.86 42.80 -9.26
N VAL C 368 -2.60 43.45 -8.35
CA VAL C 368 -4.06 43.49 -8.44
C VAL C 368 -4.54 44.80 -9.05
N THR C 369 -3.76 45.88 -8.92
CA THR C 369 -4.14 47.13 -9.55
C THR C 369 -3.88 47.15 -11.06
N THR C 370 -3.17 46.15 -11.58
CA THR C 370 -2.85 46.06 -13.00
C THR C 370 -3.08 44.63 -13.46
N HIS C 371 -3.24 44.48 -14.76
CA HIS C 371 -3.24 43.16 -15.37
C HIS C 371 -1.82 42.63 -15.29
N SER C 372 -1.55 41.84 -14.26
CA SER C 372 -0.24 41.23 -14.06
C SER C 372 -0.24 39.85 -14.70
N PHE C 373 0.83 39.53 -15.42
CA PHE C 373 0.94 38.24 -16.06
C PHE C 373 2.39 37.99 -16.43
N ASN C 374 2.63 36.88 -17.12
CA ASN C 374 3.98 36.46 -17.46
C ASN C 374 3.90 35.61 -18.72
N CYS C 375 4.42 36.12 -19.82
CA CYS C 375 4.62 35.33 -21.02
C CYS C 375 5.87 35.82 -21.73
N GLY C 376 6.64 34.89 -22.28
CA GLY C 376 7.96 35.17 -22.78
C GLY C 376 9.06 35.04 -21.75
N GLY C 377 8.71 34.78 -20.49
CA GLY C 377 9.69 34.65 -19.41
C GLY C 377 9.81 35.87 -18.53
N GLU C 378 9.24 37.00 -18.91
CA GLU C 378 9.33 38.25 -18.17
C GLU C 378 7.95 38.62 -17.63
N PHE C 379 7.95 39.33 -16.51
CA PHE C 379 6.73 39.56 -15.73
C PHE C 379 6.21 40.96 -16.02
N PHE C 380 5.05 41.01 -16.69
CA PHE C 380 4.38 42.23 -17.12
C PHE C 380 3.34 42.65 -16.10
N TYR C 381 3.18 43.97 -15.96
CA TYR C 381 2.13 44.57 -15.15
C TYR C 381 1.55 45.71 -15.98
N CYS C 382 0.35 45.51 -16.53
CA CYS C 382 -0.20 46.39 -17.55
C CYS C 382 -1.37 47.20 -17.00
N ASP C 383 -1.33 48.51 -17.20
CA ASP C 383 -2.38 49.39 -16.74
C ASP C 383 -3.62 49.18 -17.61
N THR C 384 -4.66 48.58 -17.03
CA THR C 384 -5.91 48.32 -17.72
C THR C 384 -6.92 49.45 -17.55
N SER C 385 -6.44 50.66 -17.25
CA SER C 385 -7.34 51.80 -17.11
C SER C 385 -8.07 52.12 -18.41
N GLY C 386 -7.45 51.80 -19.56
CA GLY C 386 -8.13 51.96 -20.83
C GLY C 386 -9.11 50.86 -21.18
N LEU C 387 -8.96 49.68 -20.58
CA LEU C 387 -9.89 48.59 -20.82
C LEU C 387 -11.24 48.85 -20.15
N PHE C 388 -11.19 49.32 -18.91
CA PHE C 388 -12.35 49.50 -18.03
C PHE C 388 -12.47 51.02 -17.89
N ASN C 389 -13.21 51.69 -18.66
CA ASN C 389 -13.43 53.16 -18.57
C ASN C 389 -14.61 53.38 -19.48
N SER C 390 -15.75 53.27 -19.03
CA SER C 390 -17.01 53.34 -19.78
C SER C 390 -18.23 53.45 -18.86
N THR C 391 -19.32 53.94 -19.44
CA THR C 391 -20.63 54.01 -18.79
C THR C 391 -21.65 53.53 -19.81
N TRP C 392 -22.35 52.44 -19.51
CA TRP C 392 -23.31 51.83 -20.42
C TRP C 392 -24.73 52.14 -19.93
N ILE C 393 -25.45 52.96 -20.69
CA ILE C 393 -26.83 53.33 -20.42
C ILE C 393 -27.74 52.28 -21.03
N SER C 394 -28.85 51.99 -20.34
CA SER C 394 -29.78 50.96 -20.79
C SER C 394 -30.58 51.46 -21.99
N ASN C 395 -30.11 51.17 -23.20
CA ASN C 395 -30.79 51.60 -24.42
C ASN C 395 -30.38 50.73 -25.60
N ASP C 408 -8.15 50.47 -35.41
CA ASP C 408 -7.89 51.12 -34.13
C ASP C 408 -7.64 50.08 -33.04
N SER C 409 -7.05 50.50 -31.94
CA SER C 409 -6.72 49.59 -30.85
C SER C 409 -6.57 50.38 -29.56
N ILE C 410 -6.69 49.68 -28.44
CA ILE C 410 -6.43 50.22 -27.11
C ILE C 410 -5.06 49.71 -26.69
N THR C 411 -4.16 50.63 -26.35
CA THR C 411 -2.81 50.31 -25.90
C THR C 411 -2.74 50.48 -24.37
N LEU C 412 -2.31 49.42 -23.71
CA LEU C 412 -2.18 49.37 -22.26
C LEU C 412 -0.70 49.46 -21.91
N PRO C 413 -0.22 50.52 -21.25
CA PRO C 413 1.20 50.57 -20.87
C PRO C 413 1.53 49.50 -19.84
N CYS C 414 2.68 48.86 -20.02
CA CYS C 414 3.13 47.76 -19.16
C CYS C 414 4.49 48.07 -18.58
N ARG C 415 4.64 47.75 -17.29
CA ARG C 415 5.90 47.84 -16.58
C ARG C 415 6.39 46.43 -16.26
N ILE C 416 7.67 46.21 -16.45
CA ILE C 416 8.30 44.90 -16.25
C ILE C 416 8.88 44.87 -14.85
N LYS C 417 8.91 43.68 -14.25
CA LYS C 417 9.56 43.50 -12.96
C LYS C 417 10.31 42.17 -12.92
N GLN C 418 11.44 42.19 -12.21
CA GLN C 418 12.30 41.02 -12.08
C GLN C 418 12.29 40.41 -10.69
N ILE C 419 11.99 41.19 -9.65
CA ILE C 419 11.82 40.67 -8.30
C ILE C 419 10.32 40.49 -8.07
N ILE C 420 9.90 39.24 -7.89
CA ILE C 420 8.50 38.88 -7.80
C ILE C 420 8.30 38.01 -6.55
N ASN C 421 7.29 38.36 -5.76
CA ASN C 421 6.77 37.48 -4.72
C ASN C 421 5.41 37.06 -5.25
N MET C 422 5.35 35.87 -5.85
CA MET C 422 4.15 35.47 -6.57
C MET C 422 3.01 35.15 -5.61
N TRP C 423 3.31 34.44 -4.52
CA TRP C 423 2.29 33.94 -3.60
C TRP C 423 2.43 34.56 -2.22
N GLN C 424 3.09 35.72 -2.15
CA GLN C 424 3.22 36.54 -0.95
C GLN C 424 3.70 35.74 0.26
N ARG C 425 4.69 34.89 0.03
CA ARG C 425 5.27 34.14 1.12
C ARG C 425 6.23 35.06 1.88
N ILE C 426 6.59 34.65 3.09
CA ILE C 426 7.39 35.48 3.98
C ILE C 426 8.82 34.97 3.86
N GLY C 427 9.75 35.89 3.60
CA GLY C 427 11.16 35.54 3.55
C GLY C 427 11.60 34.88 2.26
N GLN C 428 10.78 34.92 1.21
CA GLN C 428 11.13 34.33 -0.08
C GLN C 428 10.74 35.24 -1.22
N ALA C 429 11.69 35.50 -2.12
CA ALA C 429 11.44 36.22 -3.36
C ALA C 429 12.23 35.55 -4.47
N MET C 430 11.86 35.86 -5.72
CA MET C 430 12.52 35.29 -6.89
C MET C 430 13.02 36.42 -7.77
N TYR C 431 14.20 36.23 -8.32
CA TYR C 431 14.74 37.08 -9.38
C TYR C 431 14.48 36.41 -10.73
N ALA C 432 13.73 37.09 -11.60
CA ALA C 432 13.49 36.59 -12.95
C ALA C 432 14.64 37.01 -13.84
N PRO C 433 15.42 36.09 -14.43
CA PRO C 433 16.50 36.51 -15.32
C PRO C 433 15.95 37.19 -16.56
N PRO C 434 16.71 38.10 -17.17
CA PRO C 434 16.23 38.74 -18.40
C PRO C 434 16.27 37.76 -19.57
N ILE C 435 15.48 38.09 -20.58
CA ILE C 435 15.33 37.27 -21.79
C ILE C 435 16.07 37.97 -22.92
N GLN C 436 16.91 37.22 -23.63
CA GLN C 436 17.64 37.78 -24.75
C GLN C 436 16.71 38.01 -25.94
N GLY C 437 16.70 39.23 -26.46
CA GLY C 437 15.98 39.57 -27.67
C GLY C 437 14.76 40.43 -27.40
N VAL C 438 13.79 40.35 -28.30
CA VAL C 438 12.52 41.07 -28.17
C VAL C 438 11.45 40.03 -27.90
N ILE C 439 10.73 40.20 -26.79
CA ILE C 439 9.65 39.29 -26.40
C ILE C 439 8.34 39.86 -26.89
N ARG C 440 7.62 39.05 -27.67
CA ARG C 440 6.25 39.33 -28.09
C ARG C 440 5.39 38.18 -27.57
N CYS C 441 4.08 38.30 -27.73
CA CYS C 441 3.17 37.41 -27.01
C CYS C 441 1.77 37.67 -27.52
N VAL C 442 1.02 36.59 -27.75
CA VAL C 442 -0.36 36.66 -28.21
C VAL C 442 -1.19 35.73 -27.34
N SER C 443 -2.30 36.25 -26.82
CA SER C 443 -3.14 35.46 -25.93
C SER C 443 -4.61 35.76 -26.21
N ASN C 444 -5.47 34.87 -25.71
CA ASN C 444 -6.92 35.04 -25.78
C ASN C 444 -7.38 35.51 -24.41
N ILE C 445 -7.86 36.74 -24.30
CA ILE C 445 -8.65 37.12 -23.15
C ILE C 445 -9.96 36.34 -23.26
N THR C 446 -10.17 35.40 -22.34
CA THR C 446 -11.36 34.56 -22.32
C THR C 446 -12.27 34.84 -21.12
N GLY C 447 -11.95 35.82 -20.30
CA GLY C 447 -12.80 36.12 -19.16
C GLY C 447 -12.24 37.25 -18.35
N LEU C 448 -13.00 37.62 -17.32
CA LEU C 448 -12.65 38.68 -16.39
C LEU C 448 -12.95 38.24 -14.96
N ILE C 449 -12.27 38.91 -14.03
CA ILE C 449 -12.58 38.81 -12.60
C ILE C 449 -12.92 40.23 -12.17
N LEU C 450 -14.17 40.46 -11.78
CA LEU C 450 -14.69 41.78 -11.46
C LEU C 450 -15.10 41.84 -10.00
N THR C 451 -15.25 43.07 -9.52
CA THR C 451 -15.74 43.35 -8.17
C THR C 451 -16.70 44.52 -8.29
N ARG C 452 -17.91 44.35 -7.76
CA ARG C 452 -18.90 45.41 -7.78
C ARG C 452 -18.68 46.36 -6.62
N ASP C 453 -18.88 47.65 -6.88
CA ASP C 453 -18.73 48.67 -5.84
C ASP C 453 -19.93 48.62 -4.90
N GLY C 454 -19.65 48.57 -3.60
CA GLY C 454 -20.69 48.56 -2.60
C GLY C 454 -21.04 49.95 -2.10
N GLY C 455 -22.07 50.00 -1.27
CA GLY C 455 -22.48 51.26 -0.66
C GLY C 455 -22.89 52.31 -1.66
N SER C 456 -23.48 51.92 -2.78
CA SER C 456 -23.83 52.87 -3.83
C SER C 456 -24.94 53.80 -3.34
N THR C 457 -24.67 55.11 -3.38
CA THR C 457 -25.71 56.09 -3.04
C THR C 457 -26.76 56.15 -4.13
N ASP C 458 -26.34 56.00 -5.39
CA ASP C 458 -27.24 56.04 -6.53
C ASP C 458 -27.68 54.62 -6.87
N SER C 459 -28.99 54.37 -6.82
CA SER C 459 -29.52 53.04 -7.06
C SER C 459 -29.67 52.72 -8.54
N THR C 460 -29.59 53.72 -9.43
CA THR C 460 -29.77 53.47 -10.86
C THR C 460 -28.54 52.89 -11.52
N THR C 461 -27.35 53.08 -10.95
CA THR C 461 -26.09 52.70 -11.56
C THR C 461 -25.36 51.67 -10.71
N GLU C 462 -24.65 50.77 -11.39
CA GLU C 462 -23.77 49.80 -10.76
C GLU C 462 -22.39 49.90 -11.40
N THR C 463 -21.36 49.87 -10.56
CA THR C 463 -19.98 50.02 -10.98
C THR C 463 -19.22 48.74 -10.73
N PHE C 464 -18.51 48.26 -11.75
CA PHE C 464 -17.70 47.05 -11.68
C PHE C 464 -16.26 47.40 -12.02
N ARG C 465 -15.32 46.92 -11.21
CA ARG C 465 -13.91 47.20 -11.33
C ARG C 465 -13.14 45.90 -11.49
N PRO C 466 -11.93 45.92 -12.06
CA PRO C 466 -11.13 44.70 -12.10
C PRO C 466 -10.75 44.22 -10.70
N SER C 467 -10.51 42.92 -10.59
CA SER C 467 -10.12 42.30 -9.34
C SER C 467 -9.21 41.13 -9.66
N GLY C 468 -8.83 40.40 -8.62
CA GLY C 468 -7.98 39.25 -8.75
C GLY C 468 -7.10 39.09 -7.52
N GLY C 469 -5.87 38.63 -7.75
CA GLY C 469 -4.93 38.38 -6.68
C GLY C 469 -5.01 36.97 -6.15
N ASP C 470 -6.20 36.55 -5.74
CA ASP C 470 -6.43 35.17 -5.33
C ASP C 470 -6.62 34.32 -6.57
N MET C 471 -5.59 33.53 -6.92
CA MET C 471 -5.64 32.71 -8.13
C MET C 471 -6.52 31.48 -7.97
N ARG C 472 -7.09 31.22 -6.79
CA ARG C 472 -8.05 30.14 -6.68
C ARG C 472 -9.28 30.40 -7.55
N ASP C 473 -9.57 31.67 -7.83
CA ASP C 473 -10.64 32.03 -8.75
C ASP C 473 -10.21 31.94 -10.21
N ASN C 474 -8.91 31.95 -10.49
CA ASN C 474 -8.45 31.82 -11.87
C ASN C 474 -8.72 30.41 -12.38
N TRP C 475 -8.53 29.41 -11.54
CA TRP C 475 -8.80 28.01 -11.87
C TRP C 475 -10.15 27.53 -11.38
N ARG C 476 -10.88 28.33 -10.61
CA ARG C 476 -12.31 28.08 -10.48
C ARG C 476 -13.03 28.30 -11.80
N SER C 477 -12.54 29.23 -12.63
CA SER C 477 -13.10 29.44 -13.94
C SER C 477 -12.94 28.24 -14.86
N GLU C 478 -11.96 27.38 -14.59
CA GLU C 478 -11.72 26.17 -15.39
C GLU C 478 -12.34 24.93 -14.77
N LEU C 479 -12.33 24.81 -13.44
CA LEU C 479 -12.83 23.63 -12.74
C LEU C 479 -14.27 23.79 -12.28
N TYR C 480 -15.00 24.75 -12.84
CA TYR C 480 -16.37 24.98 -12.38
C TYR C 480 -17.30 23.82 -12.73
N LYS C 481 -17.04 23.12 -13.84
CA LYS C 481 -17.95 22.09 -14.33
C LYS C 481 -17.63 20.70 -13.82
N TYR C 482 -16.56 20.53 -13.03
CA TYR C 482 -16.11 19.23 -12.56
C TYR C 482 -16.47 19.05 -11.08
N LYS C 483 -16.66 17.79 -10.71
CA LYS C 483 -17.02 17.43 -9.34
C LYS C 483 -16.47 16.06 -9.04
N VAL C 484 -15.76 15.91 -7.94
CA VAL C 484 -15.23 14.62 -7.51
C VAL C 484 -16.29 13.92 -6.69
N VAL C 485 -16.60 12.68 -7.06
CA VAL C 485 -17.56 11.85 -6.36
C VAL C 485 -16.90 10.52 -6.02
N LYS C 486 -17.52 9.82 -5.07
CA LYS C 486 -16.94 8.68 -4.39
C LYS C 486 -17.87 7.51 -4.53
N ILE C 487 -17.42 6.45 -5.19
CA ILE C 487 -18.30 5.34 -5.57
C ILE C 487 -18.60 4.50 -4.34
N GLU C 488 -19.88 4.22 -4.12
CA GLU C 488 -20.37 3.36 -3.04
C GLU C 488 -20.89 2.07 -3.68
N PRO C 489 -20.02 1.09 -3.97
CA PRO C 489 -20.45 -0.04 -4.81
C PRO C 489 -21.34 -1.05 -4.12
N LEU C 490 -21.55 -0.95 -2.81
CA LEU C 490 -22.29 -1.94 -2.06
C LEU C 490 -23.70 -1.42 -1.77
N GLY C 491 -24.71 -2.17 -2.23
CA GLY C 491 -26.09 -1.84 -1.98
C GLY C 491 -26.85 -3.05 -1.48
N VAL C 492 -27.95 -2.78 -0.80
CA VAL C 492 -28.85 -3.82 -0.29
C VAL C 492 -30.26 -3.46 -0.73
N ALA C 493 -31.00 -4.44 -1.26
CA ALA C 493 -32.33 -4.18 -1.78
C ALA C 493 -33.19 -5.43 -1.56
N PRO C 494 -34.52 -5.28 -1.55
CA PRO C 494 -35.39 -6.45 -1.42
C PRO C 494 -35.56 -7.20 -2.73
N THR C 495 -35.45 -8.53 -2.66
CA THR C 495 -35.84 -9.39 -3.76
C THR C 495 -36.56 -10.59 -3.17
N ARG C 496 -37.28 -11.30 -4.04
CA ARG C 496 -37.98 -12.50 -3.62
C ARG C 496 -37.05 -13.68 -3.37
N CYS C 497 -35.77 -13.57 -3.72
CA CYS C 497 -34.87 -14.71 -3.61
C CYS C 497 -34.44 -14.91 -2.16
N LYS C 498 -34.29 -16.17 -1.77
CA LYS C 498 -33.93 -16.55 -0.41
C LYS C 498 -32.77 -17.52 -0.47
N ARG C 499 -31.76 -17.28 0.37
CA ARG C 499 -30.65 -18.23 0.47
C ARG C 499 -31.15 -19.56 1.02
N ARG C 500 -30.58 -20.64 0.51
CA ARG C 500 -30.96 -21.97 0.96
C ARG C 500 -30.42 -22.22 2.38
N VAL D 7 -12.09 -0.88 -20.20
CA VAL D 7 -12.28 -0.99 -18.76
C VAL D 7 -13.23 0.11 -18.31
N PHE D 8 -12.88 1.37 -18.61
CA PHE D 8 -13.70 2.50 -18.21
C PHE D 8 -14.99 2.62 -19.00
N LEU D 9 -15.13 1.91 -20.11
CA LEU D 9 -16.33 2.01 -20.92
C LEU D 9 -17.55 1.57 -20.13
N GLY D 10 -18.64 2.35 -20.26
CA GLY D 10 -19.86 2.06 -19.55
C GLY D 10 -19.81 2.30 -18.06
N PHE D 11 -18.74 2.91 -17.54
CA PHE D 11 -18.61 3.13 -16.11
C PHE D 11 -19.68 4.11 -15.65
N LEU D 12 -20.55 3.67 -14.74
CA LEU D 12 -21.67 4.46 -14.22
C LEU D 12 -22.68 4.82 -15.30
N GLY D 13 -22.63 4.16 -16.47
CA GLY D 13 -23.56 4.48 -17.52
C GLY D 13 -25.00 4.18 -17.16
N ALA D 14 -25.22 3.15 -16.35
CA ALA D 14 -26.54 2.80 -15.85
C ALA D 14 -26.86 3.48 -14.53
N ALA D 15 -26.17 4.58 -14.21
CA ALA D 15 -26.43 5.27 -12.96
C ALA D 15 -27.83 5.85 -12.92
N GLY D 16 -28.32 6.31 -14.07
CA GLY D 16 -29.68 6.78 -14.23
C GLY D 16 -30.68 5.74 -14.70
N SER D 17 -30.23 4.51 -14.93
CA SER D 17 -31.13 3.42 -15.28
C SER D 17 -31.94 3.00 -14.04
N THR D 18 -32.97 2.19 -14.28
CA THR D 18 -33.65 1.58 -13.16
C THR D 18 -32.70 0.62 -12.43
N MET D 19 -33.02 0.34 -11.16
CA MET D 19 -32.16 -0.57 -10.40
C MET D 19 -32.13 -1.95 -11.02
N GLY D 20 -33.26 -2.40 -11.56
CA GLY D 20 -33.28 -3.67 -12.23
C GLY D 20 -32.38 -3.69 -13.44
N ALA D 21 -32.38 -2.61 -14.23
CA ALA D 21 -31.54 -2.53 -15.41
C ALA D 21 -30.08 -2.25 -15.07
N ALA D 22 -29.82 -1.50 -14.01
CA ALA D 22 -28.45 -1.23 -13.60
C ALA D 22 -27.81 -2.44 -12.92
N SER D 23 -28.62 -3.40 -12.46
CA SER D 23 -28.07 -4.61 -11.85
C SER D 23 -27.43 -5.56 -12.87
N MET D 24 -27.62 -5.35 -14.17
CA MET D 24 -26.95 -6.16 -15.20
C MET D 24 -25.59 -5.60 -15.60
N THR D 25 -25.14 -4.50 -15.00
CA THR D 25 -23.89 -3.85 -15.36
C THR D 25 -22.94 -3.73 -14.16
N LEU D 26 -23.09 -4.62 -13.17
CA LEU D 26 -22.32 -4.49 -11.94
C LEU D 26 -20.82 -4.67 -12.15
N THR D 27 -20.42 -5.39 -13.19
CA THR D 27 -19.00 -5.66 -13.38
C THR D 27 -18.23 -4.47 -13.92
N VAL D 28 -18.90 -3.54 -14.59
CA VAL D 28 -18.17 -2.37 -15.09
C VAL D 28 -17.82 -1.46 -13.92
N GLN D 29 -18.69 -1.38 -12.91
CA GLN D 29 -18.42 -0.58 -11.73
C GLN D 29 -17.63 -1.35 -10.69
N ALA D 30 -17.50 -2.67 -10.81
CA ALA D 30 -16.66 -3.44 -9.90
C ALA D 30 -15.22 -3.55 -10.39
N ARG D 31 -15.01 -3.61 -11.70
CA ARG D 31 -13.65 -3.61 -12.26
C ARG D 31 -12.93 -2.28 -12.04
N ASN D 32 -13.66 -1.18 -11.82
CA ASN D 32 -13.09 0.15 -11.76
C ASN D 32 -12.73 0.59 -10.34
N LEU D 33 -12.86 -0.29 -9.36
CA LEU D 33 -12.50 0.02 -7.98
C LEU D 33 -11.08 -0.39 -7.63
N LEU D 34 -10.34 -0.97 -8.58
CA LEU D 34 -8.98 -1.48 -8.36
C LEU D 34 -8.10 -0.93 -9.48
N SER D 35 -7.48 0.21 -9.23
CA SER D 35 -6.62 0.90 -10.19
C SER D 35 -7.22 1.00 -11.58
N THR D 58 9.48 12.15 -3.95
CA THR D 58 8.83 13.44 -3.88
C THR D 58 7.55 13.35 -3.05
N VAL D 59 6.98 14.51 -2.69
CA VAL D 59 5.75 14.50 -1.91
C VAL D 59 4.59 13.98 -2.75
N TRP D 60 4.56 14.30 -4.04
CA TRP D 60 3.47 13.86 -4.90
C TRP D 60 3.51 12.35 -5.12
N GLY D 61 4.69 11.75 -5.11
CA GLY D 61 4.77 10.30 -5.09
C GLY D 61 4.10 9.72 -3.87
N ILE D 62 4.30 10.35 -2.71
CA ILE D 62 3.63 9.91 -1.49
C ILE D 62 2.13 10.11 -1.61
N LYS D 63 1.70 11.19 -2.28
CA LYS D 63 0.27 11.42 -2.48
C LYS D 63 -0.35 10.32 -3.33
N GLN D 64 0.29 9.98 -4.45
CA GLN D 64 -0.23 8.91 -5.31
C GLN D 64 -0.23 7.58 -4.57
N LEU D 65 0.83 7.30 -3.80
CA LEU D 65 0.89 6.06 -3.03
C LEU D 65 -0.20 6.01 -1.98
N GLN D 66 -0.47 7.14 -1.31
CA GLN D 66 -1.55 7.17 -0.33
C GLN D 66 -2.89 6.91 -1.00
N ALA D 67 -3.11 7.49 -2.19
CA ALA D 67 -4.35 7.23 -2.91
C ALA D 67 -4.49 5.76 -3.26
N ARG D 68 -3.42 5.15 -3.77
CA ARG D 68 -3.46 3.75 -4.16
C ARG D 68 -3.70 2.85 -2.95
N VAL D 69 -3.00 3.13 -1.84
CA VAL D 69 -3.16 2.32 -0.64
C VAL D 69 -4.58 2.45 -0.09
N LEU D 70 -5.12 3.67 -0.09
CA LEU D 70 -6.48 3.89 0.38
C LEU D 70 -7.48 3.13 -0.46
N ALA D 71 -7.32 3.16 -1.79
CA ALA D 71 -8.20 2.39 -2.66
C ALA D 71 -8.13 0.91 -2.35
N VAL D 72 -6.92 0.40 -2.13
CA VAL D 72 -6.73 -1.03 -1.85
C VAL D 72 -7.45 -1.40 -0.56
N GLU D 73 -7.23 -0.64 0.51
CA GLU D 73 -7.81 -1.06 1.79
C GLU D 73 -9.32 -0.85 1.81
N ARG D 74 -9.81 0.13 1.06
CA ARG D 74 -11.25 0.29 0.91
C ARG D 74 -11.88 -0.91 0.21
N TYR D 75 -11.28 -1.32 -0.92
CA TYR D 75 -11.75 -2.50 -1.62
C TYR D 75 -11.73 -3.71 -0.70
N LEU D 76 -10.67 -3.84 0.11
CA LEU D 76 -10.59 -4.99 1.02
C LEU D 76 -11.61 -4.90 2.15
N ARG D 77 -11.94 -3.70 2.61
CA ARG D 77 -13.00 -3.57 3.61
C ARG D 77 -14.35 -3.99 3.03
N ASP D 78 -14.63 -3.61 1.78
CA ASP D 78 -15.87 -4.04 1.15
C ASP D 78 -15.91 -5.55 0.95
N GLN D 79 -14.79 -6.14 0.52
CA GLN D 79 -14.74 -7.59 0.35
C GLN D 79 -14.86 -8.31 1.69
N GLN D 80 -14.28 -7.74 2.75
CA GLN D 80 -14.45 -8.33 4.08
C GLN D 80 -15.90 -8.30 4.52
N LEU D 81 -16.59 -7.18 4.25
CA LEU D 81 -18.01 -7.09 4.57
C LEU D 81 -18.80 -8.14 3.82
N LEU D 82 -18.49 -8.33 2.54
CA LEU D 82 -19.15 -9.38 1.76
C LEU D 82 -18.85 -10.76 2.31
N GLY D 83 -17.62 -10.98 2.79
CA GLY D 83 -17.21 -12.29 3.22
C GLY D 83 -17.71 -12.69 4.60
N ILE D 84 -17.92 -11.72 5.50
CA ILE D 84 -18.49 -12.06 6.81
C ILE D 84 -19.98 -12.35 6.68
N TRP D 85 -20.59 -11.97 5.58
CA TRP D 85 -21.87 -12.53 5.16
C TRP D 85 -21.56 -13.73 4.25
N GLY D 86 -22.58 -14.30 3.62
CA GLY D 86 -22.35 -15.44 2.75
C GLY D 86 -22.04 -15.05 1.33
N CYS D 87 -21.60 -13.82 1.11
CA CYS D 87 -21.54 -13.19 -0.20
C CYS D 87 -20.13 -13.06 -0.73
N SER D 88 -19.26 -14.01 -0.40
CA SER D 88 -17.86 -13.93 -0.82
C SER D 88 -17.73 -14.28 -2.30
N GLY D 89 -17.00 -13.45 -3.04
CA GLY D 89 -16.81 -13.67 -4.45
C GLY D 89 -18.08 -13.62 -5.26
N LYS D 90 -19.03 -12.77 -4.86
CA LYS D 90 -20.32 -12.65 -5.51
C LYS D 90 -20.69 -11.18 -5.64
N LEU D 91 -21.22 -10.80 -6.79
CA LEU D 91 -21.73 -9.47 -7.04
C LEU D 91 -23.23 -9.38 -6.76
N ILE D 92 -23.94 -10.50 -6.75
CA ILE D 92 -25.33 -10.60 -6.32
C ILE D 92 -25.40 -11.77 -5.36
N CYS D 93 -25.88 -11.54 -4.14
CA CYS D 93 -25.90 -12.56 -3.10
C CYS D 93 -27.23 -12.52 -2.38
N CYS D 94 -27.98 -13.62 -2.45
CA CYS D 94 -29.23 -13.74 -1.72
C CYS D 94 -28.94 -14.18 -0.29
N THR D 95 -29.69 -13.63 0.65
CA THR D 95 -29.47 -13.81 2.08
C THR D 95 -30.73 -14.40 2.73
N ASN D 96 -30.66 -14.57 4.05
CA ASN D 96 -31.77 -15.06 4.86
C ASN D 96 -32.30 -13.98 5.81
N VAL D 97 -32.04 -12.71 5.52
CA VAL D 97 -32.54 -11.60 6.32
C VAL D 97 -33.87 -11.16 5.71
N PRO D 98 -34.99 -11.23 6.43
CA PRO D 98 -36.25 -10.78 5.82
C PRO D 98 -36.23 -9.28 5.64
N TRP D 99 -37.00 -8.81 4.66
CA TRP D 99 -37.15 -7.37 4.48
C TRP D 99 -38.21 -6.84 5.44
N ASN D 100 -37.89 -5.76 6.10
CA ASN D 100 -38.78 -5.09 7.04
C ASN D 100 -39.42 -3.91 6.33
N SER D 101 -40.74 -3.77 6.48
CA SER D 101 -41.44 -2.67 5.84
C SER D 101 -41.21 -1.35 6.56
N SER D 102 -40.46 -1.35 7.66
CA SER D 102 -40.04 -0.12 8.31
C SER D 102 -38.86 0.51 7.57
N TRP D 103 -38.21 -0.21 6.67
CA TRP D 103 -37.09 0.31 5.88
C TRP D 103 -37.57 0.84 4.54
N SER D 104 -38.55 0.16 3.93
CA SER D 104 -39.16 0.59 2.68
C SER D 104 -40.39 -0.28 2.40
N ASN D 105 -41.54 0.36 2.16
CA ASN D 105 -42.81 -0.32 1.94
C ASN D 105 -43.26 -0.26 0.47
N ARG D 106 -42.27 -0.12 -0.42
CA ARG D 106 -42.58 -0.08 -1.88
C ARG D 106 -42.67 -1.53 -2.38
N ASN D 107 -43.41 -1.76 -3.45
CA ASN D 107 -43.47 -3.14 -4.03
C ASN D 107 -42.35 -3.27 -5.07
N LEU D 108 -41.94 -4.36 -5.44
CA LEU D 108 -40.75 -4.70 -6.26
C LEU D 108 -40.77 -3.85 -7.54
N SER D 109 -41.96 -3.63 -8.12
CA SER D 109 -42.03 -2.84 -9.34
C SER D 109 -41.56 -1.41 -9.13
N GLU D 110 -41.94 -0.76 -8.03
CA GLU D 110 -41.48 0.59 -7.77
C GLU D 110 -39.98 0.64 -7.56
N ILE D 111 -39.40 -0.45 -7.05
CA ILE D 111 -37.98 -0.45 -6.70
C ILE D 111 -37.13 -0.78 -7.92
N TRP D 112 -37.46 -1.87 -8.61
CA TRP D 112 -36.60 -2.42 -9.65
C TRP D 112 -36.97 -1.95 -11.06
N ASP D 113 -38.07 -1.20 -11.22
CA ASP D 113 -38.54 -0.77 -12.53
C ASP D 113 -38.88 0.72 -12.61
N ASN D 114 -38.95 1.42 -11.47
CA ASN D 114 -39.31 2.83 -11.44
C ASN D 114 -38.26 3.71 -10.77
N MET D 115 -37.39 3.13 -9.95
CA MET D 115 -36.40 3.85 -9.16
C MET D 115 -35.01 3.49 -9.63
N THR D 116 -34.05 4.36 -9.36
CA THR D 116 -32.64 4.13 -9.63
C THR D 116 -31.90 3.85 -8.32
N TRP D 117 -30.66 3.37 -8.46
CA TRP D 117 -29.90 2.97 -7.27
C TRP D 117 -29.52 4.17 -6.42
N LEU D 118 -29.29 5.33 -7.04
CA LEU D 118 -28.97 6.53 -6.26
C LEU D 118 -30.17 6.96 -5.41
N GLN D 119 -31.37 6.97 -5.99
CA GLN D 119 -32.56 7.30 -5.22
C GLN D 119 -32.80 6.28 -4.12
N TRP D 120 -32.59 5.00 -4.41
CA TRP D 120 -32.75 3.95 -3.41
C TRP D 120 -31.75 4.13 -2.27
N ASP D 121 -30.51 4.47 -2.59
CA ASP D 121 -29.52 4.71 -1.54
C ASP D 121 -29.92 5.92 -0.69
N LYS D 122 -30.40 6.99 -1.32
CA LYS D 122 -30.88 8.13 -0.55
C LYS D 122 -32.02 7.74 0.37
N GLU D 123 -32.89 6.84 -0.08
CA GLU D 123 -34.05 6.46 0.71
C GLU D 123 -33.67 5.52 1.86
N ILE D 124 -32.69 4.64 1.66
CA ILE D 124 -32.40 3.53 2.55
C ILE D 124 -31.13 3.72 3.37
N SER D 125 -30.42 4.84 3.20
CA SER D 125 -29.16 5.05 3.92
C SER D 125 -29.34 5.14 5.44
N ASN D 126 -30.54 5.48 5.91
CA ASN D 126 -30.75 5.62 7.34
C ASN D 126 -30.82 4.27 8.05
N TYR D 127 -31.15 3.21 7.31
CA TYR D 127 -31.28 1.86 7.86
C TYR D 127 -30.14 0.94 7.43
N THR D 128 -29.26 1.40 6.52
CA THR D 128 -28.19 0.58 5.97
C THR D 128 -27.39 -0.13 7.06
N GLN D 129 -27.06 0.59 8.14
CA GLN D 129 -26.27 -0.02 9.21
C GLN D 129 -27.07 -1.09 9.94
N ILE D 130 -28.37 -0.87 10.13
CA ILE D 130 -29.21 -1.90 10.73
C ILE D 130 -29.23 -3.14 9.85
N ILE D 131 -29.34 -2.95 8.55
CA ILE D 131 -29.37 -4.08 7.62
C ILE D 131 -28.05 -4.83 7.64
N TYR D 132 -26.93 -4.10 7.66
CA TYR D 132 -25.61 -4.74 7.73
C TYR D 132 -25.46 -5.51 9.03
N GLY D 133 -25.90 -4.90 10.13
CA GLY D 133 -25.84 -5.58 11.41
C GLY D 133 -26.65 -6.85 11.41
N LEU D 134 -27.84 -6.83 10.82
CA LEU D 134 -28.65 -8.04 10.74
C LEU D 134 -28.02 -9.07 9.81
N LEU D 135 -27.37 -8.62 8.74
CA LEU D 135 -26.71 -9.54 7.82
C LEU D 135 -25.60 -10.30 8.52
N GLU D 136 -24.88 -9.71 9.42
CA GLU D 136 -23.73 -10.41 10.05
C GLU D 136 -24.10 -10.86 11.47
N GLU D 137 -25.31 -10.52 11.96
CA GLU D 137 -25.62 -10.88 13.34
C GLU D 137 -25.95 -12.36 13.45
N SER D 138 -26.97 -12.78 12.73
CA SER D 138 -27.61 -14.07 12.91
C SER D 138 -27.50 -14.96 11.69
N GLN D 139 -27.73 -14.41 10.49
CA GLN D 139 -27.90 -15.27 9.34
C GLN D 139 -26.59 -15.96 8.97
N ASN D 140 -25.52 -15.21 8.71
CA ASN D 140 -24.29 -15.88 8.33
C ASN D 140 -23.67 -16.58 9.53
N GLN D 141 -23.73 -15.97 10.71
CA GLN D 141 -23.10 -16.58 11.88
C GLN D 141 -23.84 -17.86 12.31
N GLN D 142 -25.16 -17.79 12.46
CA GLN D 142 -25.90 -19.00 12.82
C GLN D 142 -25.92 -20.01 11.69
N GLU D 143 -25.91 -19.56 10.43
CA GLU D 143 -25.82 -20.48 9.31
C GLU D 143 -24.51 -21.26 9.39
N LYS D 144 -23.40 -20.55 9.45
CA LYS D 144 -22.09 -21.19 9.58
C LYS D 144 -22.05 -22.16 10.75
N ASN D 145 -22.59 -21.77 11.91
CA ASN D 145 -22.54 -22.67 13.05
C ASN D 145 -23.40 -23.91 12.80
N GLU D 146 -24.54 -23.71 12.13
CA GLU D 146 -25.43 -24.82 11.81
C GLU D 146 -24.84 -25.74 10.75
N GLN D 147 -24.03 -25.21 9.83
CA GLN D 147 -23.29 -26.04 8.89
C GLN D 147 -22.10 -26.73 9.55
N ASP D 148 -21.51 -26.09 10.56
CA ASP D 148 -20.56 -26.80 11.42
C ASP D 148 -21.22 -28.02 12.04
N LEU D 149 -22.46 -27.87 12.49
CA LEU D 149 -23.14 -28.97 13.16
C LEU D 149 -23.73 -30.00 12.21
N LEU D 150 -24.15 -29.56 11.02
CA LEU D 150 -24.69 -30.49 10.04
C LEU D 150 -23.61 -31.35 9.39
N ALA D 151 -22.35 -30.96 9.53
CA ALA D 151 -21.21 -31.76 9.07
C ALA D 151 -20.76 -32.78 10.12
N LEU D 152 -21.63 -33.13 11.06
CA LEU D 152 -21.38 -34.14 12.07
C LEU D 152 -22.21 -35.39 11.87
N ASP D 153 -23.48 -35.21 11.54
CA ASP D 153 -24.44 -36.30 11.48
C ASP D 153 -24.05 -37.34 10.45
N GLN E 1 -7.02 33.09 20.74
CA GLN E 1 -7.81 34.24 21.27
C GLN E 1 -7.58 35.47 20.40
N VAL E 2 -8.59 35.82 19.61
CA VAL E 2 -8.50 36.90 18.64
C VAL E 2 -8.59 38.23 19.37
N GLN E 3 -7.66 39.13 19.06
CA GLN E 3 -7.65 40.50 19.57
C GLN E 3 -7.62 41.45 18.38
N VAL E 4 -8.51 42.44 18.40
CA VAL E 4 -8.55 43.50 17.40
C VAL E 4 -8.33 44.81 18.14
N VAL E 5 -7.11 45.33 18.08
CA VAL E 5 -6.75 46.59 18.70
C VAL E 5 -6.84 47.68 17.64
N GLN E 6 -7.14 48.90 18.09
CA GLN E 6 -7.32 50.03 17.19
C GLN E 6 -6.59 51.25 17.75
N SER E 7 -6.29 52.19 16.87
CA SER E 7 -5.56 53.39 17.26
C SER E 7 -6.43 54.27 18.16
N GLY E 8 -5.77 55.22 18.82
CA GLY E 8 -6.44 56.08 19.77
C GLY E 8 -7.28 57.17 19.10
N ALA E 9 -8.15 57.77 19.91
CA ALA E 9 -9.00 58.85 19.43
C ALA E 9 -8.15 60.04 19.00
N GLU E 10 -8.64 60.76 17.98
CA GLU E 10 -7.89 61.87 17.39
C GLU E 10 -8.80 63.07 17.16
N VAL E 11 -8.19 64.25 17.16
CA VAL E 11 -8.86 65.51 16.86
C VAL E 11 -8.16 66.15 15.68
N LYS E 12 -8.92 66.47 14.63
CA LYS E 12 -8.41 67.06 13.40
C LYS E 12 -9.19 68.33 13.06
N LYS E 13 -8.91 68.90 11.89
CA LYS E 13 -9.49 70.15 11.44
C LYS E 13 -10.13 69.96 10.08
N PRO E 14 -11.05 70.84 9.67
CA PRO E 14 -11.58 70.78 8.30
C PRO E 14 -10.47 70.86 7.27
N GLY E 15 -10.49 69.92 6.32
CA GLY E 15 -9.48 69.84 5.29
C GLY E 15 -8.25 69.03 5.65
N ALA E 16 -8.19 68.51 6.87
CA ALA E 16 -7.04 67.71 7.30
C ALA E 16 -7.18 66.29 6.77
N SER E 17 -6.34 65.39 7.26
CA SER E 17 -6.38 63.98 6.88
C SER E 17 -6.06 63.14 8.10
N VAL E 18 -6.89 62.13 8.34
CA VAL E 18 -6.74 61.23 9.48
C VAL E 18 -6.31 59.88 8.94
N LYS E 19 -5.55 59.14 9.75
CA LYS E 19 -4.99 57.85 9.36
C LYS E 19 -5.16 56.88 10.53
N VAL E 20 -6.28 56.16 10.53
CA VAL E 20 -6.58 55.20 11.59
C VAL E 20 -5.87 53.91 11.23
N SER E 21 -5.78 52.98 12.17
CA SER E 21 -5.07 51.71 12.00
C SER E 21 -5.84 50.66 12.75
N CYS E 22 -5.40 49.40 12.66
CA CYS E 22 -6.17 48.32 13.28
C CYS E 22 -5.28 47.07 13.40
N LYS E 23 -4.60 46.94 14.53
CA LYS E 23 -3.83 45.73 14.79
C LYS E 23 -4.79 44.58 15.06
N ALA E 24 -4.55 43.45 14.39
CA ALA E 24 -5.43 42.29 14.49
C ALA E 24 -4.58 41.04 14.63
N SER E 25 -4.66 40.40 15.80
CA SER E 25 -3.86 39.24 16.14
C SER E 25 -4.77 38.09 16.56
N GLY E 26 -4.24 36.87 16.42
CA GLY E 26 -4.94 35.66 16.82
C GLY E 26 -5.49 34.84 15.68
N TYR E 27 -5.30 35.26 14.44
CA TYR E 27 -5.85 34.57 13.27
C TYR E 27 -4.95 34.88 12.08
N THR E 28 -5.18 34.15 10.99
CA THR E 28 -4.44 34.40 9.75
C THR E 28 -4.95 35.69 9.12
N PHE E 29 -4.09 36.72 9.14
CA PHE E 29 -4.48 38.06 8.71
C PHE E 29 -5.01 38.08 7.28
N THR E 30 -4.44 37.25 6.40
CA THR E 30 -4.79 37.28 4.99
C THR E 30 -6.00 36.41 4.64
N ASP E 31 -6.59 35.71 5.62
CA ASP E 31 -7.77 34.89 5.36
C ASP E 31 -9.08 35.65 5.52
N HIS E 32 -9.10 36.69 6.35
CA HIS E 32 -10.30 37.45 6.65
C HIS E 32 -10.16 38.86 6.09
N TYR E 33 -11.25 39.42 5.59
CA TYR E 33 -11.25 40.81 5.16
C TYR E 33 -11.11 41.73 6.37
N ILE E 34 -11.00 43.03 6.12
CA ILE E 34 -11.10 44.04 7.17
C ILE E 34 -12.04 45.11 6.65
N HIS E 35 -13.20 45.24 7.30
CA HIS E 35 -14.19 46.24 6.96
C HIS E 35 -14.04 47.43 7.90
N TRP E 36 -14.42 48.60 7.40
CA TRP E 36 -14.37 49.85 8.14
C TRP E 36 -15.76 50.45 8.14
N VAL E 37 -16.29 50.65 9.36
CA VAL E 37 -17.64 51.12 9.62
C VAL E 37 -17.57 52.29 10.60
N ARG E 38 -18.15 53.42 10.24
CA ARG E 38 -18.17 54.60 11.11
C ARG E 38 -19.57 54.81 11.68
N GLN E 39 -19.64 55.03 12.99
CA GLN E 39 -20.87 55.40 13.69
C GLN E 39 -20.79 56.86 14.10
N ALA E 40 -21.69 57.69 13.54
CA ALA E 40 -21.75 59.07 13.95
C ALA E 40 -22.31 59.17 15.37
N PRO E 41 -22.11 60.31 16.05
CA PRO E 41 -22.60 60.44 17.43
C PRO E 41 -24.11 60.28 17.52
N GLY E 42 -24.54 59.24 18.23
CA GLY E 42 -25.95 58.98 18.41
C GLY E 42 -26.70 58.69 17.13
N GLN E 43 -26.10 57.91 16.24
CA GLN E 43 -26.71 57.54 14.97
C GLN E 43 -26.39 56.08 14.67
N GLY E 44 -26.98 55.57 13.59
CA GLY E 44 -26.76 54.19 13.21
C GLY E 44 -25.42 53.96 12.53
N LEU E 45 -25.09 52.68 12.37
CA LEU E 45 -23.83 52.31 11.75
C LEU E 45 -23.87 52.60 10.25
N GLU E 46 -22.72 53.05 9.72
CA GLU E 46 -22.56 53.31 8.29
C GLU E 46 -21.28 52.63 7.83
N TRP E 47 -21.37 51.91 6.73
CA TRP E 47 -20.27 51.10 6.22
C TRP E 47 -19.41 51.94 5.28
N MET E 48 -18.11 52.03 5.58
CA MET E 48 -17.19 52.80 4.77
C MET E 48 -16.62 51.95 3.65
N GLY E 49 -16.02 50.82 3.99
CA GLY E 49 -15.40 50.03 2.94
C GLY E 49 -14.86 48.73 3.48
N TRP E 50 -14.24 47.95 2.60
CA TRP E 50 -13.43 46.83 3.04
C TRP E 50 -12.12 46.80 2.26
N ILE E 51 -11.14 46.14 2.86
CA ILE E 51 -9.88 45.81 2.22
C ILE E 51 -9.66 44.30 2.38
N ASN E 52 -9.17 43.67 1.32
CA ASN E 52 -8.73 42.29 1.38
C ASN E 52 -7.26 42.30 1.78
N PRO E 53 -6.89 41.81 2.97
CA PRO E 53 -5.47 41.87 3.36
C PRO E 53 -4.58 40.97 2.52
N TYR E 54 -5.12 40.09 1.69
CA TYR E 54 -4.29 39.21 0.89
C TYR E 54 -3.42 40.03 -0.05
N ARG E 55 -4.02 40.68 -1.05
CA ARG E 55 -3.27 41.47 -2.01
C ARG E 55 -3.69 42.94 -2.02
N GLY E 56 -4.42 43.39 -1.01
CA GLY E 56 -4.73 44.80 -0.86
C GLY E 56 -5.91 45.28 -1.67
N GLY E 57 -6.72 44.38 -2.22
CA GLY E 57 -7.92 44.78 -2.93
C GLY E 57 -8.86 45.54 -2.04
N THR E 58 -9.39 46.66 -2.52
CA THR E 58 -10.22 47.56 -1.74
C THR E 58 -11.55 47.79 -2.43
N ASN E 59 -12.60 47.92 -1.62
CA ASN E 59 -13.92 48.37 -2.06
C ASN E 59 -14.37 49.49 -1.15
N TYR E 60 -14.78 50.60 -1.76
CA TYR E 60 -15.18 51.80 -1.03
C TYR E 60 -16.64 52.11 -1.30
N ALA E 61 -17.31 52.68 -0.31
CA ALA E 61 -18.66 53.19 -0.54
C ALA E 61 -18.58 54.37 -1.50
N GLN E 62 -19.66 54.59 -2.24
CA GLN E 62 -19.63 55.57 -3.33
C GLN E 62 -19.34 56.97 -2.84
N LYS E 63 -19.91 57.35 -1.70
CA LYS E 63 -19.73 58.71 -1.20
C LYS E 63 -18.30 58.96 -0.73
N PHE E 64 -17.56 57.92 -0.35
CA PHE E 64 -16.18 58.04 0.08
C PHE E 64 -15.16 57.85 -1.04
N GLN E 65 -15.58 57.60 -2.29
CA GLN E 65 -14.62 57.40 -3.36
C GLN E 65 -13.90 58.71 -3.67
N GLY E 66 -12.56 58.65 -3.65
CA GLY E 66 -11.71 59.79 -3.84
C GLY E 66 -11.13 60.35 -2.55
N ARG E 67 -11.82 60.14 -1.43
CA ARG E 67 -11.40 60.65 -0.13
C ARG E 67 -10.83 59.59 0.79
N VAL E 68 -11.30 58.35 0.70
CA VAL E 68 -10.87 57.27 1.58
C VAL E 68 -9.87 56.40 0.84
N THR E 69 -8.94 55.84 1.60
CA THR E 69 -7.90 54.97 1.04
C THR E 69 -7.54 53.96 2.11
N MET E 70 -7.85 52.69 1.86
CA MET E 70 -7.52 51.61 2.79
C MET E 70 -6.23 50.94 2.35
N THR E 71 -5.38 50.62 3.33
CA THR E 71 -4.08 50.03 3.09
C THR E 71 -3.83 49.02 4.20
N ARG E 72 -2.68 48.35 4.14
CA ARG E 72 -2.39 47.25 5.05
C ARG E 72 -0.89 47.16 5.25
N ASP E 73 -0.51 46.39 6.27
CA ASP E 73 0.85 45.91 6.43
C ASP E 73 0.72 44.51 7.03
N THR E 74 1.09 43.50 6.24
CA THR E 74 0.90 42.12 6.63
C THR E 74 1.98 41.66 7.60
N SER E 75 3.17 42.28 7.57
CA SER E 75 4.25 41.87 8.46
C SER E 75 3.85 42.09 9.92
N ILE E 76 3.20 43.22 10.23
CA ILE E 76 2.75 43.53 11.58
C ILE E 76 1.25 43.32 11.75
N ASN E 77 0.57 42.77 10.73
CA ASN E 77 -0.85 42.39 10.81
C ASN E 77 -1.72 43.59 11.23
N THR E 78 -1.60 44.68 10.49
CA THR E 78 -2.42 45.87 10.76
C THR E 78 -2.99 46.44 9.47
N ALA E 79 -4.27 46.83 9.53
CA ALA E 79 -4.93 47.51 8.42
C ALA E 79 -5.10 48.99 8.73
N TYR E 80 -4.68 49.84 7.79
CA TYR E 80 -4.82 51.29 7.91
C TYR E 80 -5.98 51.79 7.06
N MET E 81 -6.56 52.91 7.48
CA MET E 81 -7.61 53.59 6.72
C MET E 81 -7.37 55.09 6.82
N GLU E 82 -7.13 55.73 5.68
CA GLU E 82 -6.85 57.16 5.60
C GLU E 82 -8.06 57.88 5.01
N LEU E 83 -8.56 58.88 5.73
CA LEU E 83 -9.66 59.71 5.25
C LEU E 83 -9.15 61.14 5.11
N SER E 84 -9.22 61.66 3.89
CA SER E 84 -8.75 62.99 3.53
C SER E 84 -9.93 63.91 3.21
N ARG E 85 -9.65 65.21 3.13
CA ARG E 85 -10.67 66.25 2.94
C ARG E 85 -11.75 66.14 4.02
N LEU E 86 -11.31 66.12 5.27
CA LEU E 86 -12.22 65.97 6.39
C LEU E 86 -13.22 67.13 6.47
N ARG E 87 -14.45 66.81 6.85
CA ARG E 87 -15.52 67.78 7.06
C ARG E 87 -16.13 67.53 8.43
N PHE E 88 -17.05 68.43 8.83
CA PHE E 88 -17.61 68.37 10.18
C PHE E 88 -18.42 67.11 10.43
N ASP E 89 -19.17 66.63 9.43
CA ASP E 89 -19.97 65.42 9.61
C ASP E 89 -19.11 64.18 9.80
N ASP E 90 -17.82 64.22 9.44
CA ASP E 90 -16.96 63.07 9.58
C ASP E 90 -16.64 62.73 11.03
N THR E 91 -17.04 63.59 11.98
CA THR E 91 -16.89 63.26 13.40
C THR E 91 -17.66 61.98 13.71
N ALA E 92 -16.94 60.95 14.18
CA ALA E 92 -17.57 59.66 14.37
C ALA E 92 -16.60 58.72 15.07
N VAL E 93 -17.14 57.59 15.53
CA VAL E 93 -16.36 56.48 16.06
C VAL E 93 -16.16 55.50 14.91
N TYR E 94 -14.91 55.33 14.49
CA TYR E 94 -14.53 54.50 13.36
C TYR E 94 -14.10 53.15 13.91
N TYR E 95 -14.78 52.08 13.48
CA TYR E 95 -14.47 50.72 13.89
C TYR E 95 -13.93 49.93 12.71
N CYS E 96 -13.05 48.98 13.03
CA CYS E 96 -12.52 48.02 12.07
C CYS E 96 -13.10 46.65 12.41
N ALA E 97 -14.06 46.20 11.60
CA ALA E 97 -14.72 44.93 11.81
C ALA E 97 -13.98 43.82 11.05
N ARG E 98 -13.86 42.66 11.69
CA ARG E 98 -13.21 41.50 11.08
C ARG E 98 -14.29 40.46 10.80
N PRO E 99 -14.72 40.26 9.56
CA PRO E 99 -15.67 39.17 9.30
C PRO E 99 -15.03 37.81 9.55
N LYS E 100 -15.90 36.80 9.71
CA LYS E 100 -15.42 35.43 9.83
C LYS E 100 -14.74 35.00 8.53
N ASP E 101 -14.16 33.80 8.56
CA ASP E 101 -13.37 33.23 7.47
C ASP E 101 -14.02 33.46 6.12
N CYS E 102 -13.33 34.20 5.25
CA CYS E 102 -13.90 34.63 3.99
C CYS E 102 -13.90 33.55 2.92
N SER E 103 -13.11 32.50 3.08
CA SER E 103 -13.01 31.47 2.04
C SER E 103 -14.34 30.78 1.83
N GLY E 104 -14.95 30.26 2.89
CA GLY E 104 -16.18 29.49 2.78
C GLY E 104 -17.40 30.12 3.40
N GLY E 105 -17.35 31.43 3.69
CA GLY E 105 -18.50 32.15 4.18
C GLY E 105 -18.58 33.53 3.58
N SER E 106 -19.65 34.24 3.93
CA SER E 106 -19.76 35.64 3.55
C SER E 106 -18.71 36.46 4.28
N CYS E 107 -18.29 37.55 3.65
CA CYS E 107 -17.29 38.45 4.22
C CYS E 107 -17.95 39.62 4.93
N TYR E 108 -19.10 39.38 5.57
CA TYR E 108 -19.89 40.47 6.13
C TYR E 108 -20.47 40.19 7.52
N ASP E 109 -20.47 38.95 8.00
CA ASP E 109 -20.83 38.67 9.39
C ASP E 109 -19.61 38.88 10.26
N PHE E 110 -19.70 39.82 11.20
CA PHE E 110 -18.55 40.35 11.93
C PHE E 110 -18.54 39.78 13.34
N ASP E 111 -17.58 38.91 13.64
CA ASP E 111 -17.39 38.45 15.01
C ASP E 111 -16.74 39.53 15.86
N TYR E 112 -15.52 39.91 15.50
CA TYR E 112 -14.68 40.78 16.32
C TYR E 112 -14.68 42.18 15.72
N TRP E 113 -15.31 43.12 16.43
CA TRP E 113 -15.42 44.49 15.95
C TRP E 113 -14.27 45.38 16.42
N GLY E 114 -13.51 44.94 17.42
CA GLY E 114 -12.44 45.76 17.96
C GLY E 114 -12.96 46.99 18.67
N GLN E 115 -12.08 47.69 19.38
CA GLN E 115 -12.46 48.94 20.00
C GLN E 115 -12.68 50.01 18.92
N GLY E 116 -13.36 51.08 19.30
CA GLY E 116 -13.62 52.18 18.40
C GLY E 116 -12.47 53.18 18.36
N THR E 117 -12.60 54.16 17.48
CA THR E 117 -11.66 55.28 17.43
C THR E 117 -12.46 56.55 17.17
N LEU E 118 -12.50 57.44 18.15
CA LEU E 118 -13.29 58.67 18.05
C LEU E 118 -12.47 59.73 17.33
N VAL E 119 -12.87 60.05 16.11
CA VAL E 119 -12.31 61.14 15.33
C VAL E 119 -13.24 62.33 15.47
N THR E 120 -12.69 63.48 15.88
CA THR E 120 -13.45 64.71 16.05
C THR E 120 -12.91 65.77 15.10
N VAL E 121 -13.77 66.26 14.21
CA VAL E 121 -13.43 67.32 13.27
C VAL E 121 -14.03 68.62 13.80
N SER E 122 -13.17 69.59 14.09
CA SER E 122 -13.61 70.87 14.64
C SER E 122 -12.62 71.95 14.25
N SER E 123 -13.10 73.19 14.30
CA SER E 123 -12.28 74.36 13.96
C SER E 123 -11.71 74.99 15.23
N ASN F 1 -28.77 49.85 -3.29
CA ASN F 1 -28.50 48.38 -3.26
C ASN F 1 -29.73 47.71 -2.59
N ILE F 2 -29.55 46.89 -1.56
CA ILE F 2 -30.67 46.24 -0.88
C ILE F 2 -31.10 47.14 0.27
N GLN F 3 -32.27 47.77 0.13
CA GLN F 3 -32.84 48.56 1.20
C GLN F 3 -33.43 47.65 2.27
N MET F 4 -33.39 48.13 3.52
CA MET F 4 -33.91 47.41 4.66
C MET F 4 -34.84 48.30 5.47
N THR F 5 -35.84 47.67 6.09
CA THR F 5 -36.72 48.35 7.05
C THR F 5 -36.76 47.50 8.32
N GLN F 6 -36.36 48.09 9.44
CA GLN F 6 -36.32 47.41 10.74
C GLN F 6 -37.35 48.05 11.65
N SER F 7 -38.24 47.23 12.21
CA SER F 7 -39.29 47.66 13.11
C SER F 7 -39.33 46.77 14.34
N PRO F 8 -39.84 47.28 15.49
CA PRO F 8 -40.31 48.64 15.77
C PRO F 8 -39.15 49.62 15.94
N SER F 9 -39.33 50.89 15.59
CA SER F 9 -38.22 51.84 15.68
C SER F 9 -37.75 52.02 17.12
N SER F 10 -38.68 52.06 18.06
CA SER F 10 -38.36 52.11 19.48
C SER F 10 -39.35 51.23 20.22
N LEU F 11 -38.84 50.40 21.13
CA LEU F 11 -39.66 49.46 21.90
C LEU F 11 -39.32 49.58 23.38
N SER F 12 -40.36 49.61 24.20
CA SER F 12 -40.24 49.59 25.65
C SER F 12 -41.02 48.38 26.17
N ALA F 13 -40.33 47.51 26.93
CA ALA F 13 -40.94 46.29 27.43
C ALA F 13 -40.36 45.97 28.80
N SER F 14 -41.19 45.38 29.65
CA SER F 14 -40.79 44.97 30.98
C SER F 14 -40.08 43.61 30.95
N VAL F 15 -39.43 43.28 32.06
CA VAL F 15 -38.66 42.05 32.14
C VAL F 15 -39.59 40.85 31.97
N GLY F 16 -39.05 39.77 31.41
CA GLY F 16 -39.76 38.51 31.29
C GLY F 16 -40.46 38.28 29.97
N ASP F 17 -41.03 39.33 29.37
CA ASP F 17 -41.76 39.16 28.13
C ASP F 17 -40.78 38.94 26.97
N ARG F 18 -41.32 38.53 25.83
CA ARG F 18 -40.51 38.35 24.62
C ARG F 18 -40.50 39.62 23.79
N VAL F 19 -39.36 39.85 23.11
CA VAL F 19 -39.18 40.96 22.19
C VAL F 19 -38.98 40.37 20.81
N THR F 20 -39.82 40.79 19.86
CA THR F 20 -39.77 40.34 18.47
C THR F 20 -39.51 41.54 17.58
N ILE F 21 -38.31 41.61 17.00
CA ILE F 21 -37.91 42.67 16.07
C ILE F 21 -37.93 42.07 14.68
N THR F 22 -38.43 42.83 13.70
CA THR F 22 -38.59 42.35 12.33
C THR F 22 -37.79 43.21 11.37
N CYS F 23 -36.99 42.56 10.53
CA CYS F 23 -36.26 43.21 9.44
C CYS F 23 -36.82 42.72 8.11
N GLN F 24 -37.14 43.66 7.23
CA GLN F 24 -37.69 43.38 5.91
C GLN F 24 -36.73 43.92 4.85
N ALA F 25 -36.21 43.02 4.03
CA ALA F 25 -35.28 43.37 2.97
C ALA F 25 -36.03 43.85 1.73
N SER F 26 -35.29 44.40 0.78
CA SER F 26 -35.86 44.90 -0.46
C SER F 26 -35.91 43.84 -1.56
N GLN F 27 -35.38 42.64 -1.33
CA GLN F 27 -35.39 41.57 -2.32
C GLN F 27 -34.95 40.29 -1.62
N ASP F 28 -34.97 39.19 -2.38
CA ASP F 28 -34.49 37.91 -1.86
C ASP F 28 -33.00 38.00 -1.56
N ILE F 29 -32.63 37.71 -0.31
CA ILE F 29 -31.26 37.73 0.15
C ILE F 29 -30.84 36.38 0.76
N SER F 30 -31.58 35.32 0.46
CA SER F 30 -31.38 33.98 1.02
C SER F 30 -31.38 34.11 2.55
N ASN F 31 -30.34 33.65 3.26
CA ASN F 31 -30.29 33.68 4.71
C ASN F 31 -29.15 34.56 5.24
N TYR F 32 -28.59 35.43 4.39
CA TYR F 32 -27.40 36.19 4.76
C TYR F 32 -27.83 37.50 5.43
N LEU F 33 -28.41 37.36 6.62
CA LEU F 33 -28.75 38.49 7.47
C LEU F 33 -28.21 38.24 8.87
N ASN F 34 -27.61 39.27 9.46
CA ASN F 34 -26.94 39.18 10.75
C ASN F 34 -27.58 40.14 11.74
N TRP F 35 -27.63 39.72 13.00
CA TRP F 35 -28.16 40.53 14.10
C TRP F 35 -27.04 40.81 15.09
N TYR F 36 -26.82 42.10 15.35
CA TYR F 36 -25.80 42.61 16.25
C TYR F 36 -26.46 43.34 17.42
N GLN F 37 -25.77 43.31 18.56
CA GLN F 37 -26.14 44.06 19.75
C GLN F 37 -25.06 45.09 20.06
N GLN F 38 -25.47 46.33 20.31
CA GLN F 38 -24.54 47.42 20.64
C GLN F 38 -25.00 48.07 21.93
N LYS F 39 -24.24 47.88 23.01
CA LYS F 39 -24.44 48.62 24.23
C LYS F 39 -23.92 50.05 24.03
N PRO F 40 -24.43 51.03 24.80
CA PRO F 40 -23.89 52.38 24.68
C PRO F 40 -22.42 52.43 25.06
N GLY F 41 -21.63 53.13 24.26
CA GLY F 41 -20.21 53.25 24.51
C GLY F 41 -19.38 52.02 24.22
N LYS F 42 -19.94 51.03 23.52
CA LYS F 42 -19.23 49.80 23.19
C LYS F 42 -19.53 49.44 21.73
N ALA F 43 -18.65 48.64 21.16
CA ALA F 43 -18.79 48.23 19.77
C ALA F 43 -19.94 47.25 19.63
N PRO F 44 -20.50 47.10 18.43
CA PRO F 44 -21.54 46.08 18.24
C PRO F 44 -20.97 44.68 18.48
N LYS F 45 -21.85 43.79 18.92
CA LYS F 45 -21.49 42.40 19.20
C LYS F 45 -22.46 41.51 18.44
N LEU F 46 -21.91 40.61 17.62
CA LEU F 46 -22.73 39.75 16.78
C LEU F 46 -23.39 38.68 17.62
N LEU F 47 -24.73 38.61 17.53
CA LEU F 47 -25.50 37.54 18.16
C LEU F 47 -25.90 36.47 17.17
N ILE F 48 -26.53 36.85 16.05
CA ILE F 48 -27.02 35.88 15.06
C ILE F 48 -26.29 36.12 13.76
N TYR F 49 -25.73 35.05 13.19
CA TYR F 49 -25.13 35.07 11.87
C TYR F 49 -25.85 34.05 10.98
N ASP F 50 -26.04 34.42 9.71
CA ASP F 50 -26.81 33.64 8.75
C ASP F 50 -28.28 33.47 9.16
N ALA F 51 -28.78 34.36 10.03
CA ALA F 51 -30.19 34.52 10.35
C ALA F 51 -30.78 33.39 11.20
N SER F 52 -30.01 32.32 11.45
CA SER F 52 -30.45 31.23 12.32
C SER F 52 -29.39 30.76 13.30
N ASN F 53 -28.11 30.81 12.95
CA ASN F 53 -27.06 30.29 13.81
C ASN F 53 -26.75 31.29 14.92
N LEU F 54 -26.34 30.75 16.07
CA LEU F 54 -26.08 31.53 17.27
C LEU F 54 -24.58 31.61 17.49
N GLU F 55 -24.08 32.83 17.68
CA GLU F 55 -22.66 33.02 17.96
C GLU F 55 -22.31 32.38 19.29
N THR F 56 -21.12 31.77 19.35
CA THR F 56 -20.70 31.09 20.56
C THR F 56 -20.49 32.09 21.68
N GLY F 57 -20.87 31.69 22.89
CA GLY F 57 -20.83 32.57 24.05
C GLY F 57 -22.08 33.39 24.26
N VAL F 58 -23.04 33.34 23.34
CA VAL F 58 -24.29 34.09 23.47
C VAL F 58 -25.26 33.24 24.28
N PRO F 59 -26.01 33.79 25.24
CA PRO F 59 -27.03 32.98 25.91
C PRO F 59 -28.12 32.56 24.94
N SER F 60 -28.70 31.38 25.19
CA SER F 60 -29.66 30.78 24.28
C SER F 60 -30.97 31.54 24.18
N ARG F 61 -31.24 32.50 25.08
CA ARG F 61 -32.48 33.26 24.99
C ARG F 61 -32.56 34.09 23.71
N PHE F 62 -31.42 34.42 23.11
CA PHE F 62 -31.42 35.09 21.81
C PHE F 62 -31.59 34.05 20.70
N SER F 63 -32.46 34.36 19.75
CA SER F 63 -32.69 33.46 18.62
C SER F 63 -33.14 34.29 17.42
N GLY F 64 -32.98 33.71 16.24
CA GLY F 64 -33.39 34.38 15.02
C GLY F 64 -33.89 33.37 14.01
N SER F 65 -34.88 33.78 13.22
CA SER F 65 -35.45 32.91 12.20
C SER F 65 -35.98 33.78 11.07
N GLY F 66 -35.77 33.31 9.84
CA GLY F 66 -36.23 34.08 8.70
C GLY F 66 -35.63 33.58 7.42
N SER F 67 -36.12 34.14 6.33
CA SER F 67 -35.62 33.79 5.00
C SER F 67 -36.18 34.79 4.00
N GLY F 68 -35.65 34.71 2.78
CA GLY F 68 -36.15 35.49 1.67
C GLY F 68 -36.08 36.97 1.95
N THR F 69 -37.26 37.55 2.19
CA THR F 69 -37.41 38.97 2.46
C THR F 69 -37.58 39.28 3.94
N HIS F 70 -38.12 38.36 4.73
CA HIS F 70 -38.58 38.65 6.09
C HIS F 70 -37.75 37.88 7.11
N PHE F 71 -37.29 38.59 8.15
CA PHE F 71 -36.48 38.00 9.21
C PHE F 71 -36.97 38.54 10.55
N THR F 72 -36.86 37.68 11.58
CA THR F 72 -37.33 37.99 12.92
C THR F 72 -36.26 37.62 13.93
N PHE F 73 -36.03 38.52 14.88
CA PHE F 73 -35.14 38.33 16.02
C PHE F 73 -36.00 38.24 17.27
N THR F 74 -35.78 37.20 18.07
CA THR F 74 -36.59 36.92 19.25
C THR F 74 -35.67 36.85 20.45
N ILE F 75 -35.96 37.68 21.47
CA ILE F 75 -35.35 37.56 22.79
C ILE F 75 -36.46 37.13 23.73
N SER F 76 -36.37 35.90 24.24
CA SER F 76 -37.47 35.33 25.00
C SER F 76 -37.68 36.04 26.33
N ARG F 77 -36.60 36.32 27.06
CA ARG F 77 -36.66 37.00 28.34
C ARG F 77 -35.76 38.23 28.33
N LEU F 78 -36.34 39.39 28.67
CA LEU F 78 -35.59 40.65 28.74
C LEU F 78 -34.86 40.72 30.09
N GLN F 79 -33.81 39.90 30.19
CA GLN F 79 -32.96 39.93 31.36
C GLN F 79 -32.22 41.27 31.48
N PRO F 80 -31.86 41.69 32.70
CA PRO F 80 -31.30 43.04 32.87
C PRO F 80 -29.99 43.29 32.14
N GLU F 81 -29.21 42.26 31.83
CA GLU F 81 -27.97 42.52 31.08
C GLU F 81 -28.22 42.94 29.62
N ASP F 82 -29.43 42.71 29.06
CA ASP F 82 -29.68 42.88 27.62
C ASP F 82 -30.06 44.30 27.13
N ILE F 83 -30.02 45.38 27.91
CA ILE F 83 -30.50 46.66 27.36
C ILE F 83 -29.45 47.19 26.39
N ALA F 84 -29.80 47.25 25.11
CA ALA F 84 -28.87 47.65 24.07
C ALA F 84 -29.66 47.94 22.80
N THR F 85 -29.00 48.61 21.84
CA THR F 85 -29.59 48.80 20.52
C THR F 85 -29.29 47.58 19.65
N TYR F 86 -30.31 47.05 19.00
CA TYR F 86 -30.21 45.87 18.14
C TYR F 86 -30.30 46.27 16.68
N TYR F 87 -29.36 45.76 15.87
CA TYR F 87 -29.28 46.08 14.45
C TYR F 87 -29.36 44.81 13.63
N CYS F 88 -30.10 44.87 12.52
CA CYS F 88 -29.99 43.88 11.45
C CYS F 88 -29.04 44.40 10.37
N GLN F 89 -28.46 43.47 9.62
CA GLN F 89 -27.50 43.82 8.58
C GLN F 89 -27.62 42.82 7.45
N VAL F 90 -27.69 43.34 6.22
CA VAL F 90 -27.45 42.58 5.00
C VAL F 90 -26.32 43.28 4.24
N TYR F 91 -25.24 42.54 4.00
CA TYR F 91 -24.07 43.00 3.25
C TYR F 91 -23.61 44.35 3.81
N GLU F 92 -23.46 45.39 2.98
CA GLU F 92 -22.97 46.68 3.47
C GLU F 92 -24.02 47.44 4.28
N THR F 93 -25.29 47.08 4.18
CA THR F 93 -26.37 47.86 4.75
C THR F 93 -26.63 47.44 6.19
N PHE F 94 -26.73 48.42 7.08
CA PHE F 94 -27.11 48.23 8.47
C PHE F 94 -28.51 48.77 8.70
N GLY F 95 -29.28 48.07 9.51
CA GLY F 95 -30.61 48.53 9.83
C GLY F 95 -30.60 49.82 10.61
N GLN F 96 -31.76 50.49 10.62
CA GLN F 96 -31.88 51.75 11.35
C GLN F 96 -31.68 51.55 12.85
N GLY F 97 -31.97 50.37 13.35
CA GLY F 97 -31.73 50.04 14.75
C GLY F 97 -32.94 50.26 15.62
N THR F 98 -33.08 49.42 16.64
CA THR F 98 -34.13 49.52 17.63
C THR F 98 -33.51 49.41 19.01
N LYS F 99 -34.01 50.23 19.94
CA LYS F 99 -33.51 50.27 21.31
C LYS F 99 -34.61 49.71 22.23
N VAL F 100 -34.32 48.57 22.86
CA VAL F 100 -35.20 48.10 23.91
C VAL F 100 -35.10 49.04 25.11
N GLU F 101 -36.10 48.95 26.00
CA GLU F 101 -36.12 49.80 27.18
C GLU F 101 -36.96 49.13 28.25
N ILE F 102 -36.61 49.43 29.50
CA ILE F 102 -37.25 48.82 30.66
C ILE F 102 -38.32 49.75 31.21
N GLU G 1 -31.29 -35.51 39.42
CA GLU G 1 -31.82 -34.12 39.54
C GLU G 1 -32.51 -33.65 38.26
N VAL G 2 -32.17 -34.28 37.14
CA VAL G 2 -32.78 -33.92 35.86
C VAL G 2 -34.25 -34.31 35.88
N GLN G 3 -35.11 -33.38 35.45
CA GLN G 3 -36.55 -33.61 35.39
C GLN G 3 -37.07 -33.04 34.08
N LEU G 4 -37.91 -33.82 33.39
CA LEU G 4 -38.54 -33.42 32.13
C LEU G 4 -40.01 -33.79 32.21
N VAL G 5 -40.88 -32.77 32.32
CA VAL G 5 -42.31 -32.99 32.56
C VAL G 5 -43.06 -32.57 31.30
N GLU G 6 -43.86 -33.48 30.76
CA GLU G 6 -44.65 -33.24 29.56
C GLU G 6 -46.07 -32.83 29.92
N THR G 7 -46.59 -31.83 29.21
CA THR G 7 -47.94 -31.34 29.37
C THR G 7 -48.57 -31.11 28.01
N GLY G 8 -49.86 -31.42 27.90
CA GLY G 8 -50.62 -31.26 26.67
C GLY G 8 -51.13 -32.55 26.06
N GLY G 9 -50.87 -33.71 26.66
CA GLY G 9 -51.42 -34.95 26.12
C GLY G 9 -52.91 -35.05 26.42
N GLY G 10 -53.66 -35.46 25.42
CA GLY G 10 -55.10 -35.57 25.58
C GLY G 10 -55.75 -36.22 24.40
N LEU G 11 -57.04 -35.94 24.24
CA LEU G 11 -57.85 -36.48 23.15
C LEU G 11 -58.05 -35.41 22.10
N VAL G 12 -57.88 -35.79 20.83
CA VAL G 12 -58.06 -34.89 19.70
C VAL G 12 -58.71 -35.68 18.57
N GLN G 13 -59.64 -35.04 17.87
CA GLN G 13 -60.32 -35.70 16.77
C GLN G 13 -59.36 -35.93 15.60
N PRO G 14 -59.63 -36.93 14.75
CA PRO G 14 -58.79 -37.08 13.54
C PRO G 14 -58.84 -35.83 12.67
N GLY G 15 -57.67 -35.49 12.12
CA GLY G 15 -57.53 -34.26 11.38
C GLY G 15 -57.36 -33.01 12.22
N GLY G 16 -57.28 -33.15 13.54
CA GLY G 16 -57.17 -32.01 14.43
C GLY G 16 -55.73 -31.56 14.58
N SER G 17 -55.47 -30.89 15.70
CA SER G 17 -54.14 -30.36 15.98
C SER G 17 -53.89 -30.43 17.48
N LEU G 18 -52.61 -30.41 17.85
CA LEU G 18 -52.25 -30.50 19.26
C LEU G 18 -50.83 -29.98 19.46
N LYS G 19 -50.63 -29.24 20.54
CA LYS G 19 -49.31 -28.72 20.93
C LYS G 19 -48.89 -29.40 22.23
N LEU G 20 -47.90 -30.29 22.14
CA LEU G 20 -47.27 -30.85 23.33
C LEU G 20 -46.14 -29.94 23.77
N SER G 21 -45.93 -29.88 25.09
CA SER G 21 -44.85 -29.10 25.66
C SER G 21 -44.12 -29.95 26.68
N CYS G 22 -42.83 -29.65 26.87
CA CYS G 22 -41.98 -30.38 27.81
C CYS G 22 -41.11 -29.37 28.52
N ARG G 23 -41.26 -29.28 29.84
CA ARG G 23 -40.51 -28.37 30.68
C ARG G 23 -39.39 -29.11 31.37
N ALA G 24 -38.17 -28.56 31.29
CA ALA G 24 -36.97 -29.22 31.76
C ALA G 24 -36.37 -28.44 32.93
N SER G 25 -35.78 -29.19 33.86
CA SER G 25 -35.10 -28.59 35.00
C SER G 25 -33.99 -29.53 35.46
N GLY G 26 -33.06 -28.98 36.24
CA GLY G 26 -31.97 -29.74 36.83
C GLY G 26 -30.71 -29.81 36.00
N TYR G 27 -30.65 -29.11 34.86
CA TYR G 27 -29.47 -29.14 34.01
C TYR G 27 -29.53 -27.95 33.06
N THR G 28 -28.41 -27.71 32.38
CA THR G 28 -28.34 -26.66 31.37
C THR G 28 -29.18 -27.08 30.16
N PHE G 29 -30.35 -26.46 30.00
CA PHE G 29 -31.23 -26.80 28.90
C PHE G 29 -30.61 -26.46 27.55
N SER G 30 -29.94 -25.30 27.47
CA SER G 30 -29.41 -24.82 26.20
C SER G 30 -28.18 -25.58 25.73
N SER G 31 -27.63 -26.48 26.53
CA SER G 31 -26.44 -27.24 26.17
C SER G 31 -26.76 -28.65 25.67
N PHE G 32 -28.03 -28.97 25.43
CA PHE G 32 -28.49 -30.31 25.10
C PHE G 32 -29.41 -30.28 23.89
N ALA G 33 -29.18 -31.20 22.96
CA ALA G 33 -30.15 -31.46 21.92
C ALA G 33 -31.33 -32.24 22.50
N MET G 34 -32.52 -31.95 22.01
CA MET G 34 -33.74 -32.57 22.48
C MET G 34 -34.37 -33.42 21.39
N SER G 35 -35.22 -34.36 21.81
CA SER G 35 -35.87 -35.27 20.88
C SER G 35 -37.24 -35.63 21.40
N TRP G 36 -38.12 -35.97 20.47
CA TRP G 36 -39.45 -36.51 20.77
C TRP G 36 -39.51 -37.93 20.21
N VAL G 37 -39.84 -38.88 21.08
CA VAL G 37 -39.93 -40.30 20.75
C VAL G 37 -41.29 -40.80 21.24
N ARG G 38 -42.05 -41.45 20.36
CA ARG G 38 -43.39 -41.91 20.67
C ARG G 38 -43.44 -43.43 20.73
N GLN G 39 -44.25 -43.95 21.65
CA GLN G 39 -44.54 -45.38 21.75
C GLN G 39 -46.04 -45.58 21.68
N ALA G 40 -46.51 -46.26 20.65
CA ALA G 40 -47.90 -46.66 20.62
C ALA G 40 -48.16 -47.71 21.72
N PRO G 41 -49.40 -47.81 22.21
CA PRO G 41 -49.62 -48.51 23.50
C PRO G 41 -49.15 -49.96 23.52
N GLY G 42 -49.53 -50.76 22.52
CA GLY G 42 -49.09 -52.14 22.43
C GLY G 42 -47.77 -52.37 21.72
N LYS G 43 -47.23 -51.34 21.06
CA LYS G 43 -46.03 -51.47 20.22
C LYS G 43 -44.83 -50.86 20.93
N GLY G 44 -43.70 -50.83 20.22
CA GLY G 44 -42.45 -50.34 20.77
C GLY G 44 -42.20 -48.88 20.46
N LEU G 45 -40.98 -48.44 20.80
CA LEU G 45 -40.60 -47.05 20.67
C LEU G 45 -40.37 -46.68 19.20
N GLU G 46 -40.65 -45.42 18.87
CA GLU G 46 -40.42 -44.90 17.53
C GLU G 46 -39.95 -43.45 17.64
N TRP G 47 -38.81 -43.15 17.04
CA TRP G 47 -38.28 -41.80 17.03
C TRP G 47 -39.14 -40.91 16.15
N VAL G 48 -39.57 -39.77 16.70
CA VAL G 48 -40.45 -38.84 15.98
C VAL G 48 -39.63 -37.68 15.43
N SER G 49 -38.95 -36.94 16.30
CA SER G 49 -38.28 -35.73 15.85
C SER G 49 -37.10 -35.40 16.76
N LEU G 50 -36.26 -34.48 16.29
CA LEU G 50 -35.01 -34.12 16.93
C LEU G 50 -34.73 -32.65 16.66
N ILE G 51 -34.18 -31.96 17.65
CA ILE G 51 -33.79 -30.55 17.52
C ILE G 51 -32.46 -30.34 18.23
N ASN G 52 -31.60 -29.51 17.63
CA ASN G 52 -30.27 -29.27 18.16
C ASN G 52 -30.35 -28.38 19.40
N ASP G 53 -29.17 -28.11 19.98
CA ASP G 53 -29.11 -27.38 21.24
C ASP G 53 -29.55 -25.93 21.07
N ARG G 54 -29.20 -25.30 19.95
CA ARG G 54 -29.57 -23.92 19.72
C ARG G 54 -30.99 -23.75 19.17
N GLY G 55 -31.63 -24.82 18.74
CA GLY G 55 -32.97 -24.73 18.19
C GLY G 55 -33.06 -24.32 16.74
N GLY G 56 -31.95 -24.37 16.00
CA GLY G 56 -31.94 -23.93 14.62
C GLY G 56 -32.15 -25.06 13.62
N LEU G 57 -31.74 -26.27 14.00
CA LEU G 57 -31.83 -27.45 13.15
C LEU G 57 -32.91 -28.38 13.69
N THR G 58 -33.81 -28.80 12.80
CA THR G 58 -34.92 -29.67 13.15
C THR G 58 -34.97 -30.83 12.16
N PHE G 59 -35.08 -32.05 12.69
CA PHE G 59 -35.15 -33.26 11.89
C PHE G 59 -36.39 -34.04 12.30
N TYR G 60 -37.03 -34.69 11.33
CA TYR G 60 -38.25 -35.46 11.56
C TYR G 60 -38.17 -36.78 10.82
N VAL G 61 -38.88 -37.78 11.34
CA VAL G 61 -39.11 -38.99 10.58
C VAL G 61 -40.07 -38.70 9.44
N ASP G 62 -39.88 -39.39 8.32
CA ASP G 62 -40.61 -39.06 7.09
C ASP G 62 -42.11 -39.21 7.23
N SER G 63 -42.60 -39.99 8.20
CA SER G 63 -44.03 -40.17 8.37
C SER G 63 -44.73 -38.90 8.87
N VAL G 64 -43.99 -37.97 9.46
CA VAL G 64 -44.56 -36.76 10.05
C VAL G 64 -43.81 -35.52 9.57
N LYS G 65 -43.17 -35.62 8.39
CA LYS G 65 -42.23 -34.60 7.98
C LYS G 65 -42.91 -33.24 7.78
N GLY G 66 -43.97 -33.21 6.98
CA GLY G 66 -44.68 -31.98 6.71
C GLY G 66 -45.72 -31.58 7.74
N ARG G 67 -45.99 -32.45 8.72
CA ARG G 67 -47.09 -32.26 9.66
C ARG G 67 -46.62 -31.80 11.03
N PHE G 68 -45.53 -32.35 11.55
CA PHE G 68 -45.04 -32.02 12.87
C PHE G 68 -44.03 -30.89 12.79
N THR G 69 -43.88 -30.18 13.90
CA THR G 69 -42.93 -29.07 13.99
C THR G 69 -42.38 -29.05 15.41
N ILE G 70 -41.10 -29.36 15.55
CA ILE G 70 -40.41 -29.30 16.84
C ILE G 70 -39.78 -27.93 16.98
N SER G 71 -39.83 -27.39 18.20
CA SER G 71 -39.24 -26.09 18.49
C SER G 71 -38.84 -26.09 19.95
N ARG G 72 -38.07 -25.08 20.34
CA ARG G 72 -37.65 -24.95 21.73
C ARG G 72 -37.43 -23.49 22.05
N ASP G 73 -37.53 -23.19 23.34
CA ASP G 73 -37.19 -21.89 23.89
C ASP G 73 -36.25 -22.14 25.06
N ASN G 74 -35.00 -21.68 24.91
CA ASN G 74 -33.99 -21.91 25.92
C ASN G 74 -34.15 -20.96 27.09
N SER G 75 -34.71 -19.78 26.85
CA SER G 75 -34.94 -18.84 27.94
C SER G 75 -35.93 -19.40 28.93
N LYS G 76 -37.00 -20.04 28.42
CA LYS G 76 -38.06 -20.57 29.25
C LYS G 76 -37.83 -22.04 29.63
N ASN G 77 -36.80 -22.68 29.08
CA ASN G 77 -36.54 -24.10 29.24
C ASN G 77 -37.76 -24.93 28.86
N THR G 78 -38.23 -24.72 27.63
CA THR G 78 -39.39 -25.44 27.11
C THR G 78 -39.09 -26.02 25.75
N LEU G 79 -39.69 -27.18 25.48
CA LEU G 79 -39.58 -27.87 24.19
C LEU G 79 -40.99 -28.13 23.70
N SER G 80 -41.34 -27.57 22.54
CA SER G 80 -42.68 -27.66 21.99
C SER G 80 -42.68 -28.58 20.77
N LEU G 81 -43.80 -29.29 20.61
CA LEU G 81 -44.06 -30.11 19.44
C LEU G 81 -45.47 -29.80 18.96
N GLN G 82 -45.57 -29.04 17.87
CA GLN G 82 -46.84 -28.75 17.23
C GLN G 82 -47.17 -29.85 16.25
N MET G 83 -48.42 -30.31 16.27
CA MET G 83 -48.88 -31.42 15.47
C MET G 83 -50.13 -30.96 14.73
N HIS G 84 -50.12 -31.12 13.40
CA HIS G 84 -51.20 -30.70 12.53
C HIS G 84 -51.63 -31.87 11.65
N SER G 85 -52.91 -31.88 11.29
CA SER G 85 -53.49 -32.93 10.45
C SER G 85 -53.23 -34.31 11.05
N LEU G 86 -53.63 -34.47 12.30
CA LEU G 86 -53.35 -35.69 13.03
C LEU G 86 -54.10 -36.87 12.43
N ARG G 87 -53.38 -37.97 12.20
CA ARG G 87 -53.93 -39.20 11.65
C ARG G 87 -54.11 -40.22 12.77
N ASP G 88 -54.67 -41.37 12.41
CA ASP G 88 -54.92 -42.41 13.41
C ASP G 88 -53.63 -43.09 13.87
N GLY G 89 -52.58 -43.06 13.06
CA GLY G 89 -51.32 -43.67 13.42
C GLY G 89 -50.49 -42.92 14.44
N ASP G 90 -50.90 -41.70 14.79
CA ASP G 90 -50.17 -40.88 15.76
C ASP G 90 -50.61 -41.12 17.20
N THR G 91 -51.51 -42.08 17.45
CA THR G 91 -51.92 -42.40 18.81
C THR G 91 -50.75 -43.05 19.54
N ALA G 92 -50.23 -42.37 20.56
CA ALA G 92 -49.05 -42.88 21.25
C ALA G 92 -48.80 -42.05 22.51
N VAL G 93 -47.93 -42.59 23.37
CA VAL G 93 -47.35 -41.84 24.47
C VAL G 93 -46.07 -41.20 23.95
N TYR G 94 -46.00 -39.88 24.02
CA TYR G 94 -44.86 -39.11 23.52
C TYR G 94 -43.95 -38.75 24.69
N TYR G 95 -42.67 -39.05 24.54
CA TYR G 95 -41.64 -38.73 25.52
C TYR G 95 -40.72 -37.66 24.94
N CYS G 96 -40.45 -36.63 25.74
CA CYS G 96 -39.37 -35.70 25.45
C CYS G 96 -38.11 -36.22 26.14
N ALA G 97 -37.01 -36.26 25.39
CA ALA G 97 -35.74 -36.78 25.88
C ALA G 97 -34.62 -35.83 25.50
N THR G 98 -33.53 -35.89 26.25
CA THR G 98 -32.34 -35.10 25.99
C THR G 98 -31.32 -35.98 25.29
N GLY G 99 -30.85 -35.51 24.12
CA GLY G 99 -29.87 -36.19 23.31
C GLY G 99 -30.33 -36.26 21.88
N GLY G 100 -29.65 -37.10 21.11
CA GLY G 100 -29.93 -37.25 19.69
C GLY G 100 -28.79 -36.73 18.85
N MET G 101 -28.17 -35.65 19.28
CA MET G 101 -27.00 -35.10 18.59
C MET G 101 -26.28 -34.20 19.58
N SER G 102 -25.22 -33.56 19.11
CA SER G 102 -24.49 -32.60 19.92
C SER G 102 -23.79 -31.64 18.97
N SER G 103 -23.23 -30.58 19.54
CA SER G 103 -22.51 -29.62 18.73
C SER G 103 -21.17 -30.22 18.27
N ALA G 104 -20.55 -29.56 17.30
CA ALA G 104 -19.25 -30.00 16.80
C ALA G 104 -18.17 -29.89 17.87
N LEU G 105 -18.37 -29.05 18.87
CA LEU G 105 -17.42 -28.83 19.95
C LEU G 105 -17.68 -29.72 21.15
N GLN G 106 -18.43 -30.81 20.97
CA GLN G 106 -18.80 -31.72 22.04
C GLN G 106 -18.68 -33.15 21.54
N SER G 107 -18.56 -34.07 22.49
CA SER G 107 -18.53 -35.48 22.14
C SER G 107 -19.88 -35.90 21.57
N SER G 108 -19.85 -36.97 20.76
CA SER G 108 -21.06 -37.47 20.12
C SER G 108 -22.04 -37.99 21.17
N LYS G 109 -23.29 -37.56 21.05
CA LYS G 109 -24.35 -37.96 21.96
C LYS G 109 -25.49 -38.59 21.16
N TYR G 110 -25.15 -39.57 20.31
CA TYR G 110 -26.15 -40.27 19.50
C TYR G 110 -26.90 -41.28 20.37
N TYR G 111 -27.66 -40.74 21.32
CA TYR G 111 -28.45 -41.53 22.25
C TYR G 111 -29.29 -40.57 23.08
N PHE G 112 -30.34 -41.10 23.68
CA PHE G 112 -31.29 -40.32 24.47
C PHE G 112 -31.02 -40.59 25.94
N ASP G 113 -30.34 -39.66 26.60
CA ASP G 113 -29.80 -39.89 27.93
C ASP G 113 -30.90 -39.84 28.99
N PHE G 114 -31.61 -38.72 29.09
CA PHE G 114 -32.62 -38.48 30.11
C PHE G 114 -33.98 -38.39 29.44
N TRP G 115 -34.90 -39.27 29.85
CA TRP G 115 -36.25 -39.33 29.32
C TRP G 115 -37.23 -38.59 30.22
N GLY G 116 -38.39 -38.25 29.64
CA GLY G 116 -39.47 -37.64 30.38
C GLY G 116 -40.52 -38.65 30.81
N GLN G 117 -41.56 -38.15 31.48
CA GLN G 117 -42.62 -39.03 31.97
C GLN G 117 -43.40 -39.62 30.80
N GLY G 118 -44.05 -38.78 30.00
CA GLY G 118 -44.86 -39.21 28.89
C GLY G 118 -46.13 -38.38 28.80
N ALA G 119 -46.67 -38.28 27.58
CA ALA G 119 -47.92 -37.58 27.33
C ALA G 119 -48.74 -38.40 26.34
N LEU G 120 -49.93 -38.82 26.75
CA LEU G 120 -50.76 -39.70 25.95
C LEU G 120 -51.58 -38.89 24.96
N VAL G 121 -51.41 -39.17 23.67
CA VAL G 121 -52.20 -38.58 22.59
C VAL G 121 -53.01 -39.69 21.95
N THR G 122 -54.31 -39.48 21.83
CA THR G 122 -55.23 -40.43 21.20
C THR G 122 -56.01 -39.73 20.11
N VAL G 123 -56.07 -40.36 18.94
CA VAL G 123 -56.79 -39.82 17.79
C VAL G 123 -58.00 -40.72 17.51
N ALA H 1 -36.24 -51.11 10.36
CA ALA H 1 -36.25 -51.45 11.78
C ALA H 1 -35.18 -52.49 12.09
N LEU H 2 -34.99 -52.77 13.37
CA LEU H 2 -34.01 -53.72 13.86
C LEU H 2 -34.73 -54.97 14.35
N THR H 3 -34.31 -56.12 13.83
CA THR H 3 -34.92 -57.38 14.25
C THR H 3 -34.41 -57.74 15.65
N GLN H 4 -35.35 -58.05 16.54
CA GLN H 4 -35.07 -58.37 17.94
C GLN H 4 -35.96 -59.53 18.34
N PRO H 5 -35.49 -60.43 19.21
CA PRO H 5 -36.37 -61.51 19.68
C PRO H 5 -37.48 -60.95 20.57
N PRO H 6 -38.74 -61.38 20.41
CA PRO H 6 -39.79 -60.82 21.26
C PRO H 6 -39.64 -61.16 22.74
N SER H 7 -38.93 -62.23 23.08
CA SER H 7 -38.86 -62.66 24.47
C SER H 7 -37.54 -63.39 24.73
N VAL H 8 -37.02 -63.22 25.93
CA VAL H 8 -35.86 -63.95 26.42
C VAL H 8 -36.15 -64.33 27.86
N SER H 9 -35.85 -65.58 28.22
CA SER H 9 -36.16 -66.13 29.53
C SER H 9 -34.89 -66.50 30.26
N GLY H 10 -34.92 -66.35 31.58
CA GLY H 10 -33.80 -66.73 32.43
C GLY H 10 -34.25 -66.86 33.87
N SER H 11 -33.31 -67.28 34.70
CA SER H 11 -33.48 -67.42 36.14
C SER H 11 -32.44 -66.59 36.86
N PRO H 12 -32.66 -66.24 38.13
CA PRO H 12 -31.65 -65.47 38.87
C PRO H 12 -30.33 -66.20 38.94
N GLY H 13 -29.24 -65.44 38.79
CA GLY H 13 -27.89 -65.94 38.89
C GLY H 13 -27.23 -66.30 37.57
N GLN H 14 -28.00 -66.51 36.50
CA GLN H 14 -27.44 -66.87 35.21
C GLN H 14 -27.08 -65.58 34.46
N SER H 15 -26.77 -65.72 33.16
CA SER H 15 -26.50 -64.58 32.30
C SER H 15 -27.19 -64.81 30.96
N VAL H 16 -27.94 -63.82 30.51
CA VAL H 16 -28.70 -63.89 29.26
C VAL H 16 -28.16 -62.84 28.30
N THR H 17 -28.46 -63.05 27.02
CA THR H 17 -27.98 -62.18 25.94
C THR H 17 -29.13 -61.91 24.99
N ILE H 18 -29.50 -60.64 24.84
CA ILE H 18 -30.53 -60.21 23.91
C ILE H 18 -29.84 -59.68 22.66
N SER H 19 -30.19 -60.23 21.51
CA SER H 19 -29.57 -59.88 20.25
C SER H 19 -30.36 -58.77 19.55
N CYS H 20 -29.74 -58.17 18.53
CA CYS H 20 -30.34 -57.09 17.76
C CYS H 20 -29.68 -57.10 16.38
N THR H 21 -30.40 -57.63 15.40
CA THR H 21 -29.93 -57.70 14.02
C THR H 21 -30.42 -56.48 13.25
N GLY H 22 -29.51 -55.84 12.52
CA GLY H 22 -29.84 -54.67 11.73
C GLY H 22 -29.16 -54.72 10.38
N THR H 23 -29.52 -53.75 9.54
CA THR H 23 -28.93 -53.65 8.22
C THR H 23 -27.49 -53.17 8.32
N SER H 24 -26.71 -53.44 7.27
CA SER H 24 -25.33 -52.97 7.22
C SER H 24 -25.25 -51.45 7.23
N SER H 25 -26.30 -50.76 6.78
CA SER H 25 -26.25 -49.31 6.69
C SER H 25 -26.33 -48.61 8.04
N ASP H 26 -26.80 -49.29 9.09
CA ASP H 26 -27.04 -48.68 10.39
C ASP H 26 -26.12 -49.24 11.47
N ILE H 27 -26.15 -50.54 11.71
CA ILE H 27 -25.30 -51.14 12.73
C ILE H 27 -23.92 -51.51 12.16
N GLY H 28 -23.87 -51.89 10.89
CA GLY H 28 -22.59 -52.19 10.26
C GLY H 28 -21.82 -50.98 9.80
N SER H 29 -22.39 -49.79 9.88
CA SER H 29 -21.76 -48.55 9.43
C SER H 29 -21.33 -47.63 10.56
N TYR H 30 -22.09 -47.61 11.67
CA TYR H 30 -21.85 -46.70 12.77
C TYR H 30 -21.79 -47.47 14.08
N ASN H 31 -20.86 -47.09 14.94
CA ASN H 31 -20.74 -47.66 16.29
C ASN H 31 -21.55 -46.85 17.30
N TYR H 32 -22.83 -46.61 16.97
CA TYR H 32 -23.77 -45.92 17.85
C TYR H 32 -24.99 -46.82 17.99
N VAL H 33 -24.90 -47.79 18.90
CA VAL H 33 -26.01 -48.67 19.24
C VAL H 33 -26.23 -48.56 20.75
N SER H 34 -27.49 -48.38 21.14
CA SER H 34 -27.84 -48.12 22.52
C SER H 34 -29.01 -49.00 22.93
N TRP H 35 -29.07 -49.28 24.23
CA TRP H 35 -30.08 -50.16 24.82
C TRP H 35 -30.79 -49.44 25.95
N TYR H 36 -32.13 -49.46 25.90
CA TYR H 36 -32.99 -48.87 26.90
C TYR H 36 -33.78 -49.95 27.63
N GLN H 37 -34.08 -49.70 28.89
CA GLN H 37 -34.90 -50.59 29.71
C GLN H 37 -36.15 -49.81 30.10
N GLN H 38 -37.31 -50.32 29.69
CA GLN H 38 -38.60 -49.76 30.05
C GLN H 38 -39.31 -50.76 30.95
N HIS H 39 -39.32 -50.47 32.24
CA HIS H 39 -40.19 -51.21 33.14
C HIS H 39 -41.65 -50.96 32.73
N PRO H 40 -42.55 -51.92 32.95
CA PRO H 40 -43.95 -51.71 32.55
C PRO H 40 -44.56 -50.50 33.24
N GLY H 41 -45.19 -49.63 32.43
CA GLY H 41 -45.92 -48.50 32.96
C GLY H 41 -45.10 -47.29 33.32
N LYS H 42 -43.80 -47.26 33.00
CA LYS H 42 -42.93 -46.13 33.28
C LYS H 42 -42.10 -45.80 32.05
N ALA H 43 -41.37 -44.69 32.13
CA ALA H 43 -40.59 -44.21 31.00
C ALA H 43 -39.38 -45.11 30.76
N PRO H 44 -38.80 -45.08 29.56
CA PRO H 44 -37.55 -45.83 29.35
C PRO H 44 -36.39 -45.22 30.10
N LYS H 45 -35.35 -46.04 30.29
CA LYS H 45 -34.12 -45.64 30.96
C LYS H 45 -32.94 -46.16 30.15
N LEU H 46 -31.99 -45.28 29.88
CA LEU H 46 -30.80 -45.67 29.12
C LEU H 46 -29.95 -46.62 29.96
N MET H 47 -29.72 -47.82 29.43
CA MET H 47 -28.84 -48.79 30.07
C MET H 47 -27.47 -48.88 29.41
N ILE H 48 -27.41 -48.72 28.09
CA ILE H 48 -26.13 -48.80 27.36
C ILE H 48 -26.18 -47.78 26.23
N TYR H 49 -25.03 -47.12 25.99
CA TYR H 49 -24.88 -46.23 24.85
C TYR H 49 -23.53 -46.48 24.21
N ASP H 50 -23.43 -46.15 22.93
CA ASP H 50 -22.21 -46.31 22.13
C ASP H 50 -21.70 -47.75 22.21
N VAL H 51 -22.63 -48.69 22.04
CA VAL H 51 -22.36 -50.13 22.00
C VAL H 51 -21.94 -50.63 23.39
N THR H 52 -20.79 -50.17 23.88
CA THR H 52 -20.19 -50.71 25.09
C THR H 52 -20.35 -49.82 26.32
N GLN H 53 -20.43 -48.50 26.14
CA GLN H 53 -20.36 -47.60 27.29
C GLN H 53 -21.63 -47.69 28.12
N ARG H 54 -21.49 -47.35 29.41
CA ARG H 54 -22.54 -47.40 30.41
C ARG H 54 -22.81 -46.00 30.95
N PRO H 55 -24.08 -45.64 31.25
CA PRO H 55 -24.30 -44.37 31.95
C PRO H 55 -23.86 -44.42 33.41
N SER H 56 -24.06 -43.31 34.13
CA SER H 56 -23.81 -43.27 35.56
C SER H 56 -25.05 -43.75 36.30
N GLY H 57 -24.86 -44.63 37.28
CA GLY H 57 -25.95 -45.27 37.98
C GLY H 57 -26.41 -46.58 37.39
N VAL H 58 -25.64 -47.17 36.47
CA VAL H 58 -25.95 -48.45 35.85
C VAL H 58 -24.86 -49.44 36.26
N SER H 59 -25.27 -50.61 36.74
CA SER H 59 -24.33 -51.60 37.22
C SER H 59 -23.55 -52.24 36.07
N ASP H 60 -22.43 -52.88 36.44
CA ASP H 60 -21.62 -53.63 35.49
C ASP H 60 -22.35 -54.87 34.98
N ARG H 61 -23.46 -55.27 35.63
CA ARG H 61 -24.22 -56.42 35.18
C ARG H 61 -24.73 -56.25 33.76
N PHE H 62 -25.07 -55.02 33.36
CA PHE H 62 -25.45 -54.72 31.99
C PHE H 62 -24.20 -54.42 31.18
N SER H 63 -24.05 -55.11 30.05
CA SER H 63 -22.90 -54.90 29.16
C SER H 63 -23.38 -55.01 27.72
N GLY H 64 -22.62 -54.41 26.81
CA GLY H 64 -22.97 -54.42 25.41
C GLY H 64 -21.78 -54.81 24.56
N SER H 65 -22.09 -55.33 23.37
CA SER H 65 -21.06 -55.72 22.41
C SER H 65 -21.67 -55.68 21.02
N LYS H 66 -20.80 -55.71 20.01
CA LYS H 66 -21.21 -55.69 18.62
C LYS H 66 -20.35 -56.64 17.81
N SER H 67 -20.95 -57.19 16.74
CA SER H 67 -20.25 -58.08 15.83
C SER H 67 -20.91 -57.91 14.48
N GLY H 68 -20.19 -57.32 13.53
CA GLY H 68 -20.73 -57.10 12.20
C GLY H 68 -21.97 -56.23 12.23
N ASN H 69 -23.10 -56.81 11.86
CA ASN H 69 -24.39 -56.11 11.82
C ASN H 69 -25.28 -56.45 13.00
N THR H 70 -24.77 -57.13 14.03
CA THR H 70 -25.57 -57.63 15.14
C THR H 70 -24.99 -57.11 16.44
N ALA H 71 -25.82 -56.43 17.24
CA ALA H 71 -25.43 -55.91 18.54
C ALA H 71 -26.15 -56.67 19.64
N SER H 72 -25.44 -56.95 20.72
CA SER H 72 -25.94 -57.80 21.80
C SER H 72 -25.81 -57.08 23.14
N LEU H 73 -26.80 -57.30 24.00
CA LEU H 73 -26.80 -56.83 25.38
C LEU H 73 -26.77 -58.04 26.29
N THR H 74 -25.75 -58.13 27.13
CA THR H 74 -25.61 -59.20 28.10
C THR H 74 -25.99 -58.68 29.47
N ILE H 75 -26.94 -59.39 30.11
CA ILE H 75 -27.35 -59.11 31.48
C ILE H 75 -26.95 -60.31 32.33
N SER H 76 -26.09 -60.07 33.31
CA SER H 76 -25.58 -61.11 34.20
C SER H 76 -26.13 -60.90 35.61
N GLY H 77 -26.25 -62.00 36.35
CA GLY H 77 -26.80 -61.94 37.68
C GLY H 77 -28.23 -61.43 37.70
N LEU H 78 -29.14 -62.19 37.11
CA LEU H 78 -30.51 -61.73 36.95
C LEU H 78 -31.19 -61.53 38.30
N GLN H 79 -32.05 -60.51 38.37
CA GLN H 79 -32.77 -60.16 39.57
C GLN H 79 -34.22 -59.86 39.22
N ALA H 80 -35.03 -59.62 40.25
CA ALA H 80 -36.45 -59.37 40.04
C ALA H 80 -36.68 -58.08 39.27
N ASP H 81 -35.90 -57.03 39.58
CA ASP H 81 -36.09 -55.74 38.92
C ASP H 81 -35.80 -55.78 37.43
N ASP H 82 -35.03 -56.77 36.96
CA ASP H 82 -34.64 -56.82 35.56
C ASP H 82 -35.82 -57.09 34.62
N GLU H 83 -36.96 -57.53 35.13
CA GLU H 83 -38.13 -57.77 34.29
C GLU H 83 -38.56 -56.46 33.66
N ALA H 84 -38.41 -56.33 32.34
CA ALA H 84 -38.72 -55.09 31.64
C ALA H 84 -38.78 -55.39 30.15
N ASP H 85 -39.11 -54.35 29.38
CA ASP H 85 -38.99 -54.36 27.92
C ASP H 85 -37.67 -53.72 27.55
N TYR H 86 -36.79 -54.49 26.91
CA TYR H 86 -35.47 -54.01 26.53
C TYR H 86 -35.50 -53.63 25.06
N TYR H 87 -35.28 -52.35 24.78
CA TYR H 87 -35.37 -51.80 23.43
C TYR H 87 -33.99 -51.51 22.87
N CYS H 88 -33.78 -51.93 21.62
CA CYS H 88 -32.61 -51.61 20.83
C CYS H 88 -32.82 -50.28 20.12
N SER H 89 -31.73 -49.54 19.93
CA SER H 89 -31.76 -48.32 19.14
C SER H 89 -30.46 -48.18 18.38
N ALA H 90 -30.55 -47.75 17.13
CA ALA H 90 -29.38 -47.57 16.27
C ALA H 90 -29.51 -46.28 15.49
N TYR H 91 -28.38 -45.58 15.36
CA TYR H 91 -28.31 -44.38 14.52
C TYR H 91 -28.12 -44.82 13.07
N ALA H 92 -29.14 -44.57 12.24
CA ALA H 92 -29.17 -45.10 10.88
C ALA H 92 -28.65 -44.14 9.82
N GLY H 93 -28.15 -42.97 10.20
CA GLY H 93 -27.55 -42.04 9.28
C GLY H 93 -28.29 -40.71 9.21
N ARG H 94 -27.83 -39.87 8.29
CA ARG H 94 -28.35 -38.50 8.19
C ARG H 94 -29.81 -38.49 7.77
N GLN H 95 -30.19 -39.37 6.84
CA GLN H 95 -31.54 -39.30 6.29
C GLN H 95 -32.56 -39.84 7.29
N THR H 96 -32.42 -41.11 7.67
CA THR H 96 -33.19 -41.71 8.76
C THR H 96 -32.29 -41.73 9.98
N PHE H 97 -32.70 -41.01 11.04
CA PHE H 97 -31.78 -40.81 12.16
C PHE H 97 -31.71 -42.03 13.06
N TYR H 98 -32.82 -42.40 13.70
CA TYR H 98 -32.84 -43.44 14.70
C TYR H 98 -33.89 -44.49 14.36
N ILE H 99 -33.48 -45.76 14.47
CA ILE H 99 -34.38 -46.90 14.28
C ILE H 99 -34.34 -47.72 15.56
N PHE H 100 -35.52 -48.00 16.10
CA PHE H 100 -35.67 -48.79 17.31
C PHE H 100 -36.07 -50.22 16.94
N GLY H 101 -35.49 -51.18 17.65
CA GLY H 101 -35.92 -52.56 17.51
C GLY H 101 -37.17 -52.85 18.31
N GLY H 102 -37.84 -53.94 17.93
CA GLY H 102 -39.01 -54.36 18.70
C GLY H 102 -38.62 -54.74 20.12
N GLY H 103 -39.48 -54.37 21.06
CA GLY H 103 -39.16 -54.61 22.46
C GLY H 103 -39.05 -56.08 22.78
N THR H 104 -38.15 -56.40 23.70
CA THR H 104 -37.90 -57.77 24.15
C THR H 104 -38.29 -57.86 25.62
N ARG H 105 -39.17 -58.80 25.94
CA ARG H 105 -39.60 -59.03 27.31
C ARG H 105 -38.63 -59.99 28.00
N LEU H 106 -38.14 -59.59 29.17
CA LEU H 106 -37.31 -60.44 30.01
C LEU H 106 -38.17 -61.02 31.11
N THR H 107 -38.14 -62.35 31.25
CA THR H 107 -38.86 -63.07 32.29
C THR H 107 -37.85 -63.72 33.23
N VAL H 108 -37.99 -63.44 34.52
CA VAL H 108 -37.08 -63.93 35.54
C VAL H 108 -37.80 -64.90 36.48
N ASN I 38 -12.70 -39.61 13.99
CA ASN I 38 -13.18 -39.10 15.27
C ASN I 38 -13.12 -37.57 15.30
N LEU I 39 -11.91 -37.02 15.16
CA LEU I 39 -11.69 -35.59 15.22
C LEU I 39 -10.98 -35.13 13.96
N TRP I 40 -11.27 -33.90 13.56
CA TRP I 40 -10.79 -33.34 12.30
C TRP I 40 -10.32 -31.92 12.54
N VAL I 41 -9.34 -31.49 11.73
CA VAL I 41 -8.84 -30.13 11.79
C VAL I 41 -9.94 -29.18 11.33
N THR I 42 -10.18 -28.12 12.10
CA THR I 42 -11.10 -27.05 11.74
C THR I 42 -10.36 -25.74 11.86
N VAL I 43 -10.53 -24.90 10.84
CA VAL I 43 -9.82 -23.64 10.71
C VAL I 43 -10.75 -22.53 11.20
N TYR I 44 -10.27 -21.72 12.13
CA TYR I 44 -10.99 -20.57 12.66
C TYR I 44 -10.22 -19.31 12.31
N TYR I 45 -10.93 -18.30 11.83
CA TYR I 45 -10.36 -16.99 11.53
C TYR I 45 -11.07 -15.94 12.37
N GLY I 46 -10.30 -15.00 12.91
CA GLY I 46 -10.80 -14.11 13.93
C GLY I 46 -10.55 -14.59 15.33
N VAL I 47 -9.63 -15.52 15.51
CA VAL I 47 -9.37 -16.11 16.84
C VAL I 47 -8.73 -15.05 17.73
N PRO I 48 -9.15 -14.90 19.02
CA PRO I 48 -8.50 -13.90 19.89
C PRO I 48 -7.19 -14.41 20.51
N VAL I 49 -6.13 -14.37 19.70
CA VAL I 49 -4.79 -14.77 20.12
C VAL I 49 -3.82 -13.68 19.66
N TRP I 50 -2.82 -13.40 20.49
CA TRP I 50 -1.82 -12.40 20.17
C TRP I 50 -0.44 -12.90 20.59
N LYS I 51 0.58 -12.22 20.07
CA LYS I 51 1.97 -12.47 20.41
C LYS I 51 2.65 -11.13 20.70
N ASP I 52 3.83 -11.20 21.31
CA ASP I 52 4.63 -10.00 21.52
C ASP I 52 5.31 -9.60 20.21
N ALA I 53 5.22 -8.32 19.87
CA ALA I 53 5.85 -7.83 18.65
C ALA I 53 6.14 -6.34 18.77
N GLU I 54 6.89 -5.82 17.81
CA GLU I 54 7.25 -4.42 17.72
C GLU I 54 6.73 -3.85 16.42
N THR I 55 6.21 -2.62 16.47
CA THR I 55 5.65 -1.98 15.29
C THR I 55 5.79 -0.47 15.44
N THR I 56 5.52 0.24 14.35
CA THR I 56 5.47 1.70 14.36
C THR I 56 4.07 2.15 14.77
N LEU I 57 3.99 2.92 15.86
CA LEU I 57 2.74 3.43 16.40
C LEU I 57 2.50 4.88 15.97
N PHE I 58 1.35 5.15 15.36
CA PHE I 58 0.98 6.52 14.99
C PHE I 58 0.46 7.25 16.23
N CYS I 59 0.53 8.59 16.20
CA CYS I 59 0.12 9.37 17.41
C CYS I 59 -1.18 10.14 17.14
N ALA I 60 -2.16 10.02 18.04
CA ALA I 60 -3.41 10.75 17.94
C ALA I 60 -3.26 11.95 18.86
N SER I 61 -3.82 13.09 18.47
CA SER I 61 -3.82 14.27 19.33
C SER I 61 -4.99 15.18 18.98
N ASP I 62 -5.63 15.73 20.02
CA ASP I 62 -6.75 16.65 19.79
C ASP I 62 -6.30 17.86 18.98
N ALA I 63 -5.14 18.42 19.33
CA ALA I 63 -4.52 19.52 18.59
C ALA I 63 -5.45 20.73 18.41
N LYS I 64 -6.21 21.07 19.45
CA LYS I 64 -7.02 22.27 19.38
C LYS I 64 -6.13 23.49 19.61
N ALA I 65 -6.67 24.67 19.28
CA ALA I 65 -6.06 25.99 19.55
C ALA I 65 -5.11 26.35 18.40
N TYR I 66 -4.71 27.63 18.34
CA TYR I 66 -3.75 28.20 17.39
C TYR I 66 -4.41 28.55 16.07
N GLU I 67 -4.06 29.72 15.53
CA GLU I 67 -4.57 30.17 14.24
C GLU I 67 -3.64 31.24 13.66
N HIS I 71 2.10 25.64 15.17
CA HIS I 71 3.17 26.20 15.98
C HIS I 71 3.39 25.29 17.19
N ASN I 72 3.50 23.98 16.94
CA ASN I 72 3.69 22.98 17.97
C ASN I 72 4.86 22.08 17.62
N VAL I 73 5.80 21.95 18.56
CA VAL I 73 7.04 21.19 18.32
C VAL I 73 6.78 19.76 17.88
N TRP I 74 5.61 19.20 18.22
CA TRP I 74 5.27 17.82 17.91
C TRP I 74 4.11 17.70 16.92
N ALA I 75 2.88 17.99 17.33
CA ALA I 75 1.71 17.66 16.51
C ALA I 75 1.51 18.72 15.44
N THR I 76 2.38 18.66 14.43
CA THR I 76 2.23 19.45 13.20
C THR I 76 2.67 18.72 11.95
N HIS I 77 3.58 17.74 12.06
CA HIS I 77 4.05 16.96 10.93
C HIS I 77 3.92 15.45 11.10
N ALA I 78 3.83 14.94 12.34
CA ALA I 78 3.90 13.51 12.60
C ALA I 78 2.60 12.87 13.03
N CYS I 79 1.90 13.54 13.94
CA CYS I 79 0.71 12.90 14.55
C CYS I 79 -0.58 13.29 13.80
N VAL I 80 -1.75 12.83 14.26
CA VAL I 80 -3.03 13.01 13.56
C VAL I 80 -4.15 13.33 14.56
N PRO I 81 -5.37 13.70 14.15
CA PRO I 81 -6.42 14.05 15.11
C PRO I 81 -6.81 12.92 16.06
N THR I 82 -7.47 13.30 17.16
CA THR I 82 -7.79 12.37 18.24
C THR I 82 -8.98 11.47 17.87
N ASP I 83 -9.51 10.79 18.89
CA ASP I 83 -10.66 9.89 18.78
C ASP I 83 -11.77 10.39 19.69
N PRO I 84 -12.94 10.84 19.17
CA PRO I 84 -14.02 11.27 20.09
C PRO I 84 -14.36 10.27 21.20
N ASN I 85 -14.40 8.97 20.90
CA ASN I 85 -14.83 7.95 21.85
C ASN I 85 -13.64 7.04 22.16
N PRO I 86 -12.86 7.32 23.23
CA PRO I 86 -11.80 6.38 23.60
C PRO I 86 -12.37 5.11 24.21
N GLN I 87 -12.33 4.01 23.46
CA GLN I 87 -12.95 2.76 23.84
C GLN I 87 -11.91 1.84 24.47
N GLU I 88 -12.18 1.37 25.68
CA GLU I 88 -11.34 0.44 26.40
C GLU I 88 -12.15 -0.79 26.76
N ILE I 89 -11.65 -1.96 26.41
CA ILE I 89 -12.33 -3.23 26.66
C ILE I 89 -11.51 -3.99 27.68
N HIS I 90 -12.14 -4.35 28.81
CA HIS I 90 -11.45 -5.12 29.84
C HIS I 90 -11.40 -6.57 29.42
N LEU I 91 -10.19 -7.14 29.34
CA LEU I 91 -10.04 -8.55 28.97
C LEU I 91 -10.10 -9.38 30.24
N GLU I 92 -11.28 -9.92 30.52
CA GLU I 92 -11.53 -10.73 31.69
C GLU I 92 -10.91 -12.12 31.51
N ASN I 93 -10.52 -12.73 32.62
CA ASN I 93 -9.82 -14.02 32.68
C ASN I 93 -8.52 -13.93 31.85
N VAL I 94 -7.87 -12.76 31.82
CA VAL I 94 -6.61 -12.59 31.07
C VAL I 94 -5.47 -12.12 31.98
N THR I 95 -4.43 -12.95 32.12
CA THR I 95 -3.19 -12.60 32.81
C THR I 95 -2.08 -12.50 31.76
N GLU I 96 -1.43 -11.33 31.68
CA GLU I 96 -0.46 -11.05 30.61
C GLU I 96 0.87 -10.60 31.20
N GLU I 97 1.97 -11.11 30.66
CA GLU I 97 3.30 -10.73 31.12
C GLU I 97 3.71 -9.40 30.50
N PHE I 98 4.05 -8.42 31.35
CA PHE I 98 4.52 -7.11 30.94
C PHE I 98 5.98 -6.93 31.33
N ASN I 99 6.65 -6.01 30.63
CA ASN I 99 8.04 -5.67 30.93
C ASN I 99 8.25 -4.23 30.44
N MET I 100 8.23 -3.28 31.38
CA MET I 100 8.44 -1.89 31.01
C MET I 100 9.86 -1.62 30.55
N TRP I 101 10.82 -2.47 30.92
CA TRP I 101 12.22 -2.26 30.61
C TRP I 101 12.64 -2.82 29.26
N LYS I 102 11.76 -3.53 28.56
CA LYS I 102 11.96 -3.96 27.18
C LYS I 102 10.74 -3.61 26.36
N ASN I 103 10.26 -2.37 26.52
CA ASN I 103 9.11 -1.85 25.80
C ASN I 103 9.61 -1.01 24.64
N ASN I 104 9.27 -1.44 23.41
CA ASN I 104 9.70 -0.70 22.23
C ASN I 104 8.93 0.60 22.02
N MET I 105 7.80 0.77 22.72
CA MET I 105 7.08 2.04 22.61
C MET I 105 7.93 3.19 23.16
N VAL I 106 8.73 2.90 24.19
CA VAL I 106 9.61 3.91 24.75
C VAL I 106 10.67 4.33 23.74
N GLU I 107 11.27 3.35 23.05
CA GLU I 107 12.27 3.66 22.03
C GLU I 107 11.64 4.44 20.88
N GLN I 108 10.44 4.05 20.47
CA GLN I 108 9.75 4.75 19.40
C GLN I 108 9.46 6.20 19.81
N MET I 109 9.06 6.41 21.06
CA MET I 109 8.80 7.78 21.53
C MET I 109 10.09 8.59 21.57
N HIS I 110 11.20 7.97 21.98
CA HIS I 110 12.49 8.65 21.98
C HIS I 110 12.86 9.13 20.58
N THR I 111 12.80 8.22 19.61
CA THR I 111 13.15 8.58 18.24
C THR I 111 12.20 9.65 17.70
N ASP I 112 10.90 9.50 17.98
CA ASP I 112 9.91 10.46 17.48
C ASP I 112 10.16 11.85 18.05
N ILE I 113 10.41 11.93 19.36
CA ILE I 113 10.60 13.23 20.00
C ILE I 113 11.87 13.90 19.50
N ILE I 114 12.97 13.13 19.34
CA ILE I 114 14.20 13.72 18.79
C ILE I 114 13.95 14.24 17.37
N SER I 115 13.32 13.42 16.54
CA SER I 115 13.09 13.80 15.15
C SER I 115 12.17 15.00 15.05
N LEU I 116 11.17 15.07 15.94
CA LEU I 116 10.24 16.19 15.94
C LEU I 116 10.91 17.48 16.43
N TRP I 117 11.83 17.37 17.38
CA TRP I 117 12.64 18.53 17.74
C TRP I 117 13.45 19.02 16.54
N ASP I 118 14.12 18.10 15.84
CA ASP I 118 14.91 18.48 14.68
C ASP I 118 14.06 19.12 13.59
N GLN I 119 12.88 18.55 13.33
CA GLN I 119 12.01 19.08 12.28
C GLN I 119 11.50 20.47 12.66
N SER I 120 11.14 20.67 13.93
CA SER I 120 10.71 21.99 14.37
C SER I 120 11.84 23.01 14.25
N LEU I 121 13.08 22.57 14.46
CA LEU I 121 14.21 23.49 14.39
C LEU I 121 14.72 23.72 12.97
N LYS I 122 14.31 22.89 12.00
CA LYS I 122 14.82 23.05 10.64
C LYS I 122 14.44 24.39 10.02
N PRO I 123 13.16 24.81 10.01
CA PRO I 123 12.78 26.07 9.35
C PRO I 123 12.87 27.28 10.28
N CYS I 124 14.08 27.60 10.73
CA CYS I 124 14.30 28.73 11.63
C CYS I 124 15.64 29.38 11.29
N VAL I 125 15.95 30.46 11.99
CA VAL I 125 17.11 31.29 11.65
C VAL I 125 18.39 30.62 12.15
N LYS I 126 19.32 30.39 11.23
CA LYS I 126 20.66 29.92 11.57
C LYS I 126 21.47 31.11 12.08
N LEU I 127 22.11 30.93 13.25
CA LEU I 127 22.78 32.01 13.96
C LEU I 127 24.30 31.88 13.83
N THR I 128 24.77 31.56 12.63
CA THR I 128 26.19 31.45 12.38
C THR I 128 26.93 32.80 12.34
N PRO I 129 26.32 33.95 12.01
CA PRO I 129 27.08 35.21 12.12
C PRO I 129 27.23 35.74 13.53
N LEU I 130 26.84 34.98 14.56
CA LEU I 130 26.96 35.39 15.95
C LEU I 130 28.13 34.68 16.64
N CYS I 131 28.94 33.94 15.87
CA CYS I 131 30.17 33.35 16.37
C CYS I 131 31.31 34.31 16.03
N VAL I 132 31.37 35.39 16.80
CA VAL I 132 32.36 36.46 16.63
C VAL I 132 32.85 36.84 18.02
N THR I 133 33.92 37.63 18.05
CA THR I 133 34.42 38.09 19.34
C THR I 133 33.39 39.03 19.98
N LEU I 134 33.17 38.83 21.27
CA LEU I 134 32.21 39.61 22.06
C LEU I 134 32.96 40.35 23.15
N GLN I 135 32.85 41.68 23.18
CA GLN I 135 33.47 42.48 24.23
C GLN I 135 32.45 42.61 25.34
N CYS I 136 32.71 41.99 26.49
CA CYS I 136 31.72 41.86 27.55
C CYS I 136 32.18 42.51 28.84
N THR I 137 31.22 43.13 29.53
CA THR I 137 31.43 43.73 30.84
C THR I 137 30.30 43.26 31.75
N ASN I 138 30.46 43.50 33.05
CA ASN I 138 29.37 43.20 33.97
C ASN I 138 28.24 44.20 33.84
N VAL I 139 27.04 43.76 34.21
CA VAL I 139 25.83 44.55 34.06
C VAL I 139 25.80 45.63 35.12
N THR I 140 25.67 46.89 34.69
CA THR I 140 25.68 48.02 35.61
C THR I 140 24.36 48.17 36.36
N ASN I 141 23.30 47.53 35.89
CA ASN I 141 22.00 47.62 36.54
C ASN I 141 22.08 47.05 37.96
N ASN I 142 21.10 47.43 38.78
CA ASN I 142 21.01 46.93 40.15
C ASN I 142 20.89 45.41 40.15
N ILE I 143 21.92 44.74 40.70
CA ILE I 143 22.02 43.28 40.68
C ILE I 143 22.20 42.80 42.11
N THR I 144 21.44 41.79 42.50
CA THR I 144 21.63 41.15 43.78
C THR I 144 22.96 40.41 43.83
N ASP I 145 23.45 40.18 45.05
CA ASP I 145 24.75 39.54 45.21
C ASP I 145 24.78 38.14 44.64
N ASP I 146 23.66 37.42 44.72
CA ASP I 146 23.60 36.07 44.15
C ASP I 146 23.78 36.11 42.63
N MET I 147 23.20 37.11 41.98
CA MET I 147 23.21 37.22 40.52
C MET I 147 24.42 37.99 39.98
N ARG I 148 25.45 38.22 40.80
CA ARG I 148 26.62 38.96 40.36
C ARG I 148 27.50 38.06 39.51
N GLY I 149 27.76 38.49 38.27
CA GLY I 149 28.54 37.72 37.33
C GLY I 149 27.74 36.77 36.47
N GLU I 150 26.46 36.55 36.78
CA GLU I 150 25.65 35.62 36.00
C GLU I 150 25.33 36.16 34.63
N LEU I 151 25.13 37.48 34.52
CA LEU I 151 24.74 38.14 33.28
C LEU I 151 25.86 39.07 32.82
N LYS I 152 26.11 39.08 31.52
CA LYS I 152 27.17 39.90 30.92
C LYS I 152 26.57 40.72 29.80
N ASN I 153 26.97 41.99 29.75
CA ASN I 153 26.56 42.92 28.71
C ASN I 153 27.66 42.90 27.66
N CYS I 154 27.34 42.35 26.47
CA CYS I 154 28.33 42.06 25.43
C CYS I 154 28.03 42.86 24.17
N SER I 155 29.02 43.61 23.70
CA SER I 155 28.94 44.39 22.47
C SER I 155 29.73 43.70 21.36
N PHE I 156 29.17 43.70 20.15
CA PHE I 156 29.77 42.96 19.05
C PHE I 156 29.27 43.51 17.71
N ASN I 157 30.04 43.21 16.66
CA ASN I 157 29.71 43.60 15.30
C ASN I 157 28.88 42.49 14.65
N MET I 158 27.81 42.89 13.95
CA MET I 158 26.89 41.97 13.32
C MET I 158 26.61 42.39 11.89
N THR I 159 26.22 41.39 11.09
CA THR I 159 25.78 41.63 9.72
C THR I 159 24.46 42.37 9.71
N THR I 160 24.20 43.08 8.62
CA THR I 160 22.95 43.78 8.37
C THR I 160 22.24 43.12 7.19
N GLU I 161 21.12 43.71 6.77
CA GLU I 161 20.44 43.22 5.58
C GLU I 161 21.31 43.39 4.35
N LEU I 162 22.11 44.46 4.31
CA LEU I 162 23.08 44.66 3.24
C LEU I 162 24.39 44.02 3.65
N ARG I 163 24.93 43.16 2.79
CA ARG I 163 26.12 42.40 3.17
C ARG I 163 27.37 43.26 3.29
N ASP I 164 27.38 44.46 2.69
CA ASP I 164 28.55 45.31 2.70
C ASP I 164 28.57 46.29 3.88
N LYS I 165 27.56 46.23 4.76
CA LYS I 165 27.47 47.11 5.92
C LYS I 165 27.39 46.27 7.19
N ARG I 166 28.00 46.77 8.26
CA ARG I 166 28.00 46.12 9.56
C ARG I 166 27.36 47.04 10.59
N GLN I 167 26.80 46.46 11.65
CA GLN I 167 26.17 47.17 12.73
C GLN I 167 26.84 46.84 14.05
N LYS I 168 26.95 47.82 14.93
CA LYS I 168 27.43 47.61 16.29
C LYS I 168 26.21 47.40 17.19
N VAL I 169 26.08 46.20 17.75
CA VAL I 169 24.93 45.83 18.57
C VAL I 169 25.44 45.37 19.93
N HIS I 170 24.52 45.27 20.89
CA HIS I 170 24.86 44.79 22.22
C HIS I 170 23.71 43.91 22.70
N ALA I 171 24.05 42.94 23.55
CA ALA I 171 23.08 41.96 24.01
C ALA I 171 23.50 41.49 25.40
N LEU I 172 22.52 41.00 26.15
CA LEU I 172 22.76 40.42 27.46
C LEU I 172 22.84 38.91 27.30
N PHE I 173 23.91 38.30 27.80
CA PHE I 173 24.13 36.88 27.71
C PHE I 173 24.43 36.32 29.09
N TYR I 174 23.83 35.18 29.40
CA TYR I 174 24.13 34.50 30.65
C TYR I 174 25.56 33.97 30.64
N LYS I 175 26.17 33.93 31.82
CA LYS I 175 27.58 33.54 31.91
C LYS I 175 27.79 32.09 31.49
N LEU I 176 26.76 31.24 31.60
CA LEU I 176 26.87 29.85 31.21
C LEU I 176 26.89 29.66 29.70
N ASP I 177 26.54 30.69 28.93
CA ASP I 177 26.56 30.67 27.47
C ASP I 177 27.83 31.26 26.87
N ILE I 178 28.77 31.74 27.70
CA ILE I 178 29.84 32.62 27.26
C ILE I 178 31.18 32.09 27.80
N VAL I 179 32.10 31.77 26.89
CA VAL I 179 33.43 31.26 27.22
C VAL I 179 34.47 32.34 26.89
N PRO I 180 35.43 32.63 27.78
CA PRO I 180 36.51 33.59 27.43
C PRO I 180 37.40 33.04 26.32
N ILE I 181 37.67 33.84 25.30
CA ILE I 181 38.47 33.34 24.18
C ILE I 181 39.88 32.98 24.63
N ASN I 182 40.41 33.70 25.63
CA ASN I 182 41.73 33.45 26.17
C ASN I 182 41.69 33.66 27.68
N GLU I 183 42.79 33.32 28.34
CA GLU I 183 42.90 33.50 29.78
C GLU I 183 43.09 34.97 30.11
N SER I 188 37.32 39.94 25.89
CA SER I 188 36.95 39.26 24.65
C SER I 188 36.42 37.87 24.97
N TYR I 189 35.16 37.64 24.66
CA TYR I 189 34.47 36.37 24.91
C TYR I 189 33.89 35.83 23.61
N ARG I 190 33.33 34.62 23.69
CA ARG I 190 32.73 33.93 22.55
C ARG I 190 31.59 33.08 23.09
N LEU I 191 30.61 32.79 22.24
CA LEU I 191 29.58 31.86 22.68
C LEU I 191 30.21 30.49 22.97
N ILE I 192 29.45 29.64 23.64
CA ILE I 192 30.04 28.42 24.19
C ILE I 192 30.24 27.37 23.10
N ASN I 193 29.36 27.32 22.10
CA ASN I 193 29.37 26.26 21.10
C ASN I 193 30.20 26.60 19.88
N CYS I 194 30.85 27.77 19.83
CA CYS I 194 31.54 28.17 18.61
C CYS I 194 32.69 27.24 18.28
N ASN I 195 33.35 26.65 19.28
CA ASN I 195 34.42 25.72 19.00
C ASN I 195 33.90 24.43 18.37
N THR I 196 32.69 24.00 18.74
CA THR I 196 32.22 22.64 18.47
C THR I 196 31.04 22.56 17.53
N ALA I 197 30.05 23.44 17.66
CA ALA I 197 28.77 23.27 16.96
C ALA I 197 28.26 24.58 16.40
N ALA I 198 27.49 24.46 15.31
CA ALA I 198 26.74 25.57 14.76
C ALA I 198 25.42 25.70 15.52
N ILE I 199 24.90 26.92 15.55
CA ILE I 199 23.77 27.28 16.42
C ILE I 199 22.62 27.78 15.56
N THR I 200 21.41 27.36 15.92
CA THR I 200 20.20 27.74 15.20
C THR I 200 19.19 28.33 16.18
N GLN I 201 18.67 29.51 15.87
CA GLN I 201 17.66 30.11 16.74
C GLN I 201 16.37 29.31 16.67
N ALA I 202 15.77 29.08 17.83
CA ALA I 202 14.43 28.50 17.86
C ALA I 202 13.42 29.54 17.43
N CYS I 203 12.46 29.12 16.62
CA CYS I 203 11.45 30.05 16.12
C CYS I 203 10.61 30.55 17.29
N PRO I 204 10.51 31.86 17.55
CA PRO I 204 9.76 32.31 18.74
C PRO I 204 8.29 31.94 18.70
N LYS I 205 7.69 31.85 17.51
CA LYS I 205 6.29 31.48 17.42
C LYS I 205 6.05 30.06 17.92
N VAL I 206 6.97 29.14 17.61
CA VAL I 206 6.85 27.77 18.06
C VAL I 206 7.00 27.72 19.57
N SER I 207 6.03 27.12 20.25
CA SER I 207 5.99 27.07 21.71
C SER I 207 6.50 25.71 22.19
N PHE I 208 7.19 25.72 23.33
CA PHE I 208 7.76 24.53 23.93
C PHE I 208 6.85 23.89 24.97
N GLU I 209 5.57 24.24 24.99
CA GLU I 209 4.66 23.72 26.00
C GLU I 209 4.25 22.30 25.61
N PRO I 210 4.48 21.28 26.44
CA PRO I 210 4.01 19.93 26.10
C PRO I 210 2.49 19.88 25.97
N ILE I 211 2.03 19.22 24.91
CA ILE I 211 0.62 18.88 24.74
C ILE I 211 0.50 17.36 24.79
N PRO I 212 -0.59 16.78 25.31
CA PRO I 212 -0.66 15.31 25.36
C PRO I 212 -0.68 14.69 23.98
N ILE I 213 -0.03 13.52 23.87
CA ILE I 213 -0.05 12.70 22.66
C ILE I 213 -0.42 11.28 23.06
N HIS I 214 -1.33 10.67 22.30
CA HIS I 214 -1.77 9.30 22.53
C HIS I 214 -1.13 8.40 21.48
N TYR I 215 -0.48 7.33 21.91
CA TYR I 215 0.16 6.41 20.97
C TYR I 215 -0.81 5.29 20.61
N CYS I 216 -1.16 5.21 19.33
CA CYS I 216 -2.15 4.28 18.81
C CYS I 216 -1.48 3.28 17.88
N ALA I 217 -2.01 2.03 17.91
CA ALA I 217 -1.53 0.90 17.12
C ALA I 217 -2.25 0.82 15.78
N PRO I 218 -1.60 0.30 14.73
CA PRO I 218 -2.30 0.12 13.45
C PRO I 218 -3.17 -1.13 13.49
N ALA I 219 -3.80 -1.43 12.36
CA ALA I 219 -4.63 -2.62 12.24
C ALA I 219 -3.79 -3.88 12.35
N GLY I 220 -4.37 -4.91 12.95
CA GLY I 220 -3.66 -6.13 13.23
C GLY I 220 -2.79 -6.08 14.47
N PHE I 221 -2.79 -4.97 15.20
CA PHE I 221 -2.05 -4.81 16.44
C PHE I 221 -2.98 -4.25 17.50
N ALA I 222 -2.63 -4.49 18.76
CA ALA I 222 -3.39 -4.00 19.89
C ALA I 222 -2.44 -3.47 20.95
N ILE I 223 -2.96 -2.57 21.79
CA ILE I 223 -2.25 -2.07 22.96
C ILE I 223 -2.97 -2.61 24.18
N LEU I 224 -2.26 -3.45 24.96
CA LEU I 224 -2.76 -3.97 26.22
C LEU I 224 -2.30 -3.06 27.34
N LYS I 225 -3.25 -2.66 28.19
CA LYS I 225 -2.99 -1.84 29.36
C LYS I 225 -3.11 -2.70 30.62
N CYS I 226 -2.11 -2.61 31.48
CA CYS I 226 -2.16 -3.27 32.79
C CYS I 226 -2.90 -2.37 33.76
N LYS I 227 -4.04 -2.85 34.26
CA LYS I 227 -4.88 -2.08 35.17
C LYS I 227 -4.59 -2.36 36.64
N ASP I 228 -3.62 -3.23 36.95
CA ASP I 228 -3.24 -3.48 38.33
C ASP I 228 -2.60 -2.23 38.93
N LYS I 229 -3.01 -1.88 40.15
CA LYS I 229 -2.58 -0.66 40.82
C LYS I 229 -1.33 -0.83 41.66
N LYS I 230 -0.85 -2.06 41.84
CA LYS I 230 0.38 -2.34 42.58
C LYS I 230 1.48 -2.84 41.64
N PHE I 231 1.32 -2.63 40.33
CA PHE I 231 2.21 -3.25 39.37
C PHE I 231 3.50 -2.46 39.29
N ASN I 232 4.62 -3.18 39.37
CA ASN I 232 5.95 -2.58 39.28
C ASN I 232 6.54 -2.66 37.88
N GLY I 233 5.70 -2.96 36.87
CA GLY I 233 6.09 -2.88 35.48
C GLY I 233 6.75 -4.10 34.90
N THR I 234 6.92 -5.17 35.68
CA THR I 234 7.51 -6.41 35.20
C THR I 234 6.73 -7.57 35.79
N GLY I 235 6.53 -8.61 34.98
CA GLY I 235 5.90 -9.83 35.43
C GLY I 235 4.44 -9.91 35.00
N PRO I 236 3.70 -10.86 35.58
CA PRO I 236 2.30 -11.04 35.15
C PRO I 236 1.39 -9.96 35.75
N CYS I 237 0.54 -9.40 34.89
CA CYS I 237 -0.52 -8.49 35.27
C CYS I 237 -1.85 -9.24 35.16
N PRO I 238 -2.63 -9.44 36.25
CA PRO I 238 -3.88 -10.19 36.13
C PRO I 238 -5.03 -9.37 35.54
N SER I 239 -5.05 -8.07 35.82
CA SER I 239 -6.12 -7.18 35.37
C SER I 239 -5.62 -6.44 34.13
N VAL I 240 -6.05 -6.91 32.95
CA VAL I 240 -5.61 -6.40 31.67
C VAL I 240 -6.81 -5.87 30.90
N SER I 241 -6.60 -4.79 30.15
CA SER I 241 -7.57 -4.28 29.20
C SER I 241 -6.86 -4.04 27.88
N THR I 242 -7.63 -3.72 26.85
CA THR I 242 -7.12 -3.34 25.54
C THR I 242 -7.68 -1.98 25.18
N VAL I 243 -6.82 -1.14 24.59
CA VAL I 243 -7.15 0.25 24.29
C VAL I 243 -6.73 0.54 22.86
N GLN I 244 -7.42 1.50 22.25
CA GLN I 244 -7.01 1.94 20.92
C GLN I 244 -5.73 2.76 20.99
N CYS I 245 -5.63 3.65 21.98
CA CYS I 245 -4.49 4.54 22.14
C CYS I 245 -4.14 4.63 23.62
N THR I 246 -2.89 5.02 23.88
CA THR I 246 -2.47 5.28 25.25
C THR I 246 -3.16 6.55 25.77
N HIS I 247 -2.98 6.81 27.06
CA HIS I 247 -3.53 8.03 27.63
C HIS I 247 -2.75 9.23 27.12
N GLY I 248 -3.27 10.42 27.41
CA GLY I 248 -2.59 11.64 27.03
C GLY I 248 -1.29 11.80 27.77
N ILE I 249 -0.17 11.61 27.08
CA ILE I 249 1.17 11.66 27.66
C ILE I 249 1.82 12.96 27.20
N LYS I 250 2.11 13.85 28.13
CA LYS I 250 2.80 15.09 27.81
C LYS I 250 4.29 14.80 27.66
N PRO I 251 4.91 15.10 26.50
CA PRO I 251 6.35 14.83 26.39
C PRO I 251 7.19 15.84 27.16
N VAL I 252 7.18 15.73 28.48
CA VAL I 252 7.85 16.69 29.34
C VAL I 252 9.32 16.31 29.44
N VAL I 253 10.19 17.23 29.02
CA VAL I 253 11.63 17.02 29.03
C VAL I 253 12.16 17.60 30.35
N SER I 254 12.67 16.74 31.22
CA SER I 254 13.17 17.17 32.52
C SER I 254 14.12 16.13 33.08
N THR I 255 14.90 16.54 34.08
CA THR I 255 15.84 15.68 34.77
C THR I 255 15.61 15.73 36.28
N GLN I 256 15.80 14.60 36.94
CA GLN I 256 15.73 14.46 38.40
C GLN I 256 14.33 14.54 38.98
N LEU I 257 13.33 14.91 38.19
CA LEU I 257 11.98 15.10 38.68
C LEU I 257 11.04 14.97 37.50
N LEU I 258 9.98 14.19 37.67
CA LEU I 258 8.99 13.95 36.62
C LEU I 258 7.84 14.93 36.82
N LEU I 259 7.74 15.91 35.93
CA LEU I 259 6.76 17.00 36.04
C LEU I 259 5.57 16.70 35.15
N ASN I 260 4.36 16.96 35.65
CA ASN I 260 3.13 16.78 34.89
C ASN I 260 2.94 15.35 34.39
N GLY I 261 3.45 14.38 35.13
CA GLY I 261 3.26 12.98 34.79
C GLY I 261 2.01 12.42 35.46
N SER I 262 1.80 11.13 35.25
CA SER I 262 0.72 10.43 35.92
C SER I 262 1.09 10.12 37.36
N LEU I 263 0.06 9.95 38.18
CA LEU I 263 0.22 9.66 39.61
C LEU I 263 -0.22 8.24 39.92
N ALA I 264 0.47 7.63 40.87
CA ALA I 264 0.08 6.31 41.33
C ALA I 264 -1.27 6.38 42.02
N GLU I 265 -2.04 5.28 41.91
CA GLU I 265 -3.41 5.29 42.38
C GLU I 265 -3.51 5.04 43.87
N GLU I 266 -2.69 4.12 44.39
CA GLU I 266 -2.77 3.67 45.77
C GLU I 266 -1.59 4.12 46.62
N GLU I 267 -0.37 3.83 46.19
CA GLU I 267 0.82 4.06 47.01
C GLU I 267 1.96 4.53 46.11
N VAL I 268 3.01 5.06 46.75
CA VAL I 268 4.23 5.40 46.03
C VAL I 268 4.84 4.12 45.47
N MET I 269 5.21 4.15 44.20
CA MET I 269 5.69 2.97 43.48
C MET I 269 7.17 3.13 43.18
N ILE I 270 7.96 2.15 43.62
CA ILE I 270 9.39 2.07 43.35
C ILE I 270 9.58 1.03 42.26
N ARG I 271 10.20 1.41 41.15
CA ARG I 271 10.41 0.53 40.01
C ARG I 271 11.85 0.60 39.56
N SER I 272 12.44 -0.55 39.24
CA SER I 272 13.82 -0.60 38.80
C SER I 272 14.03 -1.88 38.00
N LYS I 273 14.85 -1.77 36.95
CA LYS I 273 15.17 -2.96 36.15
C LYS I 273 15.85 -4.00 37.02
N ASP I 274 16.74 -3.57 37.91
CA ASP I 274 17.30 -4.44 38.93
C ASP I 274 17.56 -3.56 40.14
N ILE I 275 16.76 -3.76 41.19
CA ILE I 275 16.89 -2.94 42.39
C ILE I 275 18.20 -3.20 43.10
N ARG I 276 18.81 -4.37 42.88
CA ARG I 276 20.11 -4.68 43.47
C ARG I 276 21.26 -4.07 42.68
N ASN I 277 21.03 -3.65 41.44
CA ASN I 277 22.07 -3.06 40.60
C ASN I 277 22.06 -1.55 40.81
N ASN I 278 23.18 -0.99 41.26
CA ASN I 278 23.27 0.44 41.45
C ASN I 278 23.40 1.19 40.13
N ALA I 279 23.80 0.52 39.06
CA ALA I 279 23.90 1.15 37.76
C ALA I 279 22.55 1.39 37.10
N LYS I 280 21.47 0.83 37.63
CA LYS I 280 20.14 0.99 37.07
C LYS I 280 19.40 2.07 37.84
N ASN I 281 18.76 2.97 37.10
CA ASN I 281 18.00 4.05 37.73
C ASN I 281 16.75 3.50 38.39
N ILE I 282 16.34 4.17 39.48
CA ILE I 282 15.13 3.84 40.22
C ILE I 282 14.09 4.90 39.88
N LEU I 283 12.97 4.47 39.30
CA LEU I 283 11.86 5.35 38.99
C LEU I 283 10.88 5.33 40.17
N VAL I 284 10.63 6.49 40.75
CA VAL I 284 9.72 6.65 41.87
C VAL I 284 8.50 7.39 41.34
N GLN I 285 7.32 6.81 41.53
CA GLN I 285 6.05 7.41 41.14
C GLN I 285 5.28 7.77 42.39
N PHE I 286 4.84 9.02 42.49
CA PHE I 286 4.12 9.47 43.66
C PHE I 286 2.64 9.12 43.55
N ASN I 287 2.00 9.03 44.71
CA ASN I 287 0.55 8.86 44.79
C ASN I 287 -0.17 10.18 44.99
N THR I 288 0.49 11.14 45.65
CA THR I 288 0.05 12.51 45.74
C THR I 288 1.16 13.41 45.20
N PRO I 289 0.88 14.39 44.35
CA PRO I 289 1.96 15.20 43.78
C PRO I 289 2.42 16.30 44.74
N VAL I 290 3.61 16.81 44.45
CA VAL I 290 4.17 17.96 45.16
C VAL I 290 4.18 19.15 44.22
N GLN I 291 3.46 20.21 44.56
CA GLN I 291 3.42 21.37 43.70
C GLN I 291 4.77 22.09 43.71
N ILE I 292 5.20 22.57 42.55
CA ILE I 292 6.45 23.31 42.40
C ILE I 292 6.15 24.61 41.68
N ASN I 293 6.61 25.72 42.27
CA ASN I 293 6.36 27.10 41.87
C ASN I 293 7.67 27.66 41.33
N CYS I 294 7.82 27.77 40.01
CA CYS I 294 9.05 28.28 39.42
C CYS I 294 8.83 29.65 38.81
N THR I 295 9.88 30.48 38.83
CA THR I 295 9.77 31.83 38.30
C THR I 295 11.15 32.40 37.99
N ARG I 296 11.19 33.27 36.97
CA ARG I 296 12.32 34.14 36.69
C ARG I 296 11.85 35.57 36.93
N PRO I 297 12.20 36.21 38.07
CA PRO I 297 11.59 37.51 38.40
C PRO I 297 11.97 38.66 37.46
N ASN I 298 12.99 38.51 36.62
CA ASN I 298 13.45 39.59 35.75
C ASN I 298 12.39 39.97 34.73
N ASN I 299 12.04 41.25 34.70
CA ASN I 299 11.19 41.83 33.65
C ASN I 299 12.10 42.03 32.44
N ASN I 300 11.90 41.22 31.40
CA ASN I 300 12.86 41.12 30.30
C ASN I 300 12.30 41.67 28.99
N THR I 301 13.20 42.21 28.17
CA THR I 301 12.88 42.69 26.83
C THR I 301 13.34 41.67 25.79
N ARG I 302 12.88 41.87 24.56
CA ARG I 302 13.30 41.07 23.41
C ARG I 302 13.63 42.04 22.27
N LYS I 303 14.91 42.37 22.12
CA LYS I 303 15.31 43.26 21.03
C LYS I 303 15.50 42.47 19.74
N SER I 304 14.92 42.99 18.66
CA SER I 304 15.01 42.39 17.34
C SER I 304 16.16 43.03 16.57
N ILE I 305 17.04 42.21 16.01
CA ILE I 305 18.20 42.66 15.24
C ILE I 305 18.13 41.99 13.88
N ARG I 306 18.05 42.79 12.82
CA ARG I 306 17.96 42.23 11.46
C ARG I 306 19.35 41.81 11.01
N ILE I 307 19.62 40.51 11.09
CA ILE I 307 20.96 40.00 10.80
C ILE I 307 21.14 39.71 9.31
N GLY I 308 20.04 39.45 8.58
CA GLY I 308 20.11 39.04 7.20
C GLY I 308 18.98 39.64 6.39
N PRO I 309 18.82 39.21 5.15
CA PRO I 309 17.76 39.79 4.30
C PRO I 309 16.37 39.67 4.88
N GLY I 310 16.06 38.54 5.52
CA GLY I 310 14.79 38.36 6.21
C GLY I 310 14.94 37.67 7.54
N GLN I 311 16.17 37.57 8.04
CA GLN I 311 16.50 36.83 9.25
C GLN I 311 16.61 37.79 10.42
N TRP I 312 16.10 37.37 11.57
CA TRP I 312 16.08 38.18 12.78
C TRP I 312 16.73 37.42 13.92
N PHE I 313 17.50 38.14 14.72
CA PHE I 313 18.12 37.64 15.94
C PHE I 313 17.44 38.34 17.11
N TYR I 314 16.90 37.56 18.04
CA TYR I 314 16.15 38.08 19.19
C TYR I 314 17.04 37.99 20.42
N ALA I 315 17.61 39.12 20.82
CA ALA I 315 18.47 39.20 21.99
C ALA I 315 17.67 39.72 23.18
N THR I 316 18.29 39.64 24.36
CA THR I 316 17.63 40.09 25.58
C THR I 316 17.59 41.61 25.68
N GLY I 317 18.75 42.24 25.59
CA GLY I 317 18.80 43.69 25.53
C GLY I 317 18.86 44.41 26.87
N ASP I 318 17.75 44.43 27.59
CA ASP I 318 17.65 45.24 28.81
C ASP I 318 16.65 44.62 29.77
N ILE I 319 16.75 45.02 31.04
CA ILE I 319 15.89 44.54 32.10
C ILE I 319 15.30 45.76 32.81
N ILE I 320 13.98 45.76 32.98
CA ILE I 320 13.27 46.88 33.58
C ILE I 320 13.13 46.59 35.06
N GLY I 321 13.88 47.33 35.88
CA GLY I 321 13.83 47.18 37.32
C GLY I 321 14.98 46.37 37.87
N ASP I 322 14.78 45.84 39.07
CA ASP I 322 15.82 45.09 39.75
C ASP I 322 16.04 43.74 39.07
N ILE I 323 17.18 43.13 39.37
CA ILE I 323 17.59 41.85 38.83
C ILE I 323 17.71 40.88 40.00
N ARG I 324 17.01 39.75 39.91
CA ARG I 324 17.02 38.74 40.96
C ARG I 324 17.16 37.36 40.33
N GLN I 325 17.57 36.41 41.15
CA GLN I 325 17.82 35.05 40.69
C GLN I 325 16.50 34.33 40.42
N ALA I 326 16.46 33.57 39.33
CA ALA I 326 15.36 32.66 39.08
C ALA I 326 15.40 31.52 40.09
N HIS I 327 14.22 31.01 40.46
CA HIS I 327 14.17 30.04 41.55
C HIS I 327 12.88 29.26 41.48
N CYS I 328 12.87 28.12 42.19
CA CYS I 328 11.70 27.26 42.32
C CYS I 328 11.42 26.96 43.78
N ASN I 329 10.19 27.21 44.23
CA ASN I 329 9.75 26.89 45.58
C ASN I 329 8.96 25.59 45.59
N VAL I 330 9.19 24.77 46.62
CA VAL I 330 8.31 23.65 46.94
C VAL I 330 7.95 23.74 48.41
N SER I 331 6.83 23.13 48.77
CA SER I 331 6.40 23.11 50.16
C SER I 331 7.29 22.17 50.96
N LYS I 332 7.80 22.68 52.09
CA LYS I 332 8.67 21.85 52.93
C LYS I 332 7.92 20.67 53.52
N ALA I 333 6.70 20.90 54.02
CA ALA I 333 5.93 19.82 54.63
C ALA I 333 5.52 18.76 53.61
N THR I 334 5.07 19.21 52.43
CA THR I 334 4.68 18.28 51.38
C THR I 334 5.87 17.43 50.95
N TRP I 335 7.03 18.07 50.77
CA TRP I 335 8.23 17.33 50.39
C TRP I 335 8.61 16.34 51.49
N ASN I 336 8.43 16.75 52.76
CA ASN I 336 8.72 15.85 53.88
C ASN I 336 7.84 14.62 53.89
N GLU I 337 6.54 14.78 53.69
CA GLU I 337 5.69 13.59 53.70
C GLU I 337 5.92 12.73 52.47
N THR I 338 6.19 13.35 51.31
CA THR I 338 6.52 12.56 50.13
C THR I 338 7.81 11.76 50.31
N LEU I 339 8.85 12.38 50.87
CA LEU I 339 10.09 11.65 51.10
C LEU I 339 9.92 10.57 52.15
N GLY I 340 9.08 10.80 53.16
CA GLY I 340 8.78 9.74 54.11
C GLY I 340 8.12 8.54 53.44
N LYS I 341 7.17 8.81 52.55
CA LYS I 341 6.55 7.72 51.80
C LYS I 341 7.55 6.99 50.92
N VAL I 342 8.44 7.74 50.26
CA VAL I 342 9.45 7.13 49.40
C VAL I 342 10.38 6.25 50.22
N VAL I 343 10.76 6.71 51.42
CA VAL I 343 11.61 5.91 52.29
C VAL I 343 10.89 4.64 52.74
N LYS I 344 9.61 4.78 53.09
CA LYS I 344 8.82 3.62 53.51
C LYS I 344 8.79 2.57 52.40
N GLN I 345 8.63 3.01 51.15
CA GLN I 345 8.58 2.05 50.04
C GLN I 345 9.96 1.52 49.65
N LEU I 346 11.02 2.31 49.85
CA LEU I 346 12.36 1.81 49.57
C LEU I 346 12.80 0.77 50.59
N ARG I 347 12.35 0.90 51.84
CA ARG I 347 12.72 -0.07 52.85
C ARG I 347 12.14 -1.45 52.59
N LYS I 348 11.12 -1.55 51.75
CA LYS I 348 10.61 -2.86 51.35
C LYS I 348 11.68 -3.65 50.59
N HIS I 349 12.44 -2.97 49.73
CA HIS I 349 13.49 -3.60 48.96
C HIS I 349 14.83 -3.64 49.69
N PHE I 350 15.13 -2.62 50.50
CA PHE I 350 16.44 -2.47 51.12
C PHE I 350 16.44 -2.76 52.62
N GLY I 351 15.42 -3.45 53.12
CA GLY I 351 15.38 -3.81 54.53
C GLY I 351 14.67 -2.78 55.37
N ASN I 352 14.09 -3.25 56.49
CA ASN I 352 13.24 -2.41 57.31
C ASN I 352 14.01 -1.54 58.30
N ASN I 353 15.22 -1.97 58.69
CA ASN I 353 16.01 -1.25 59.68
C ASN I 353 17.10 -0.38 59.07
N THR I 354 17.21 -0.31 57.75
CA THR I 354 18.29 0.44 57.12
C THR I 354 17.99 1.94 57.09
N ILE I 355 19.06 2.72 57.10
CA ILE I 355 18.97 4.18 57.09
C ILE I 355 19.00 4.65 55.64
N ILE I 356 18.00 5.42 55.25
CA ILE I 356 17.86 5.89 53.87
C ILE I 356 18.33 7.34 53.81
N ARG I 357 19.38 7.59 53.04
CA ARG I 357 20.00 8.91 52.96
C ARG I 357 19.72 9.51 51.60
N PHE I 358 19.30 10.77 51.58
CA PHE I 358 19.12 11.54 50.36
C PHE I 358 20.20 12.60 50.29
N ALA I 359 21.02 12.50 49.24
CA ALA I 359 22.12 13.41 48.98
C ALA I 359 21.99 13.93 47.56
N ASN I 360 22.62 15.06 47.28
CA ASN I 360 22.54 15.65 45.96
C ASN I 360 23.41 14.86 44.98
N SER I 361 23.30 15.23 43.70
CA SER I 361 23.96 14.49 42.64
C SER I 361 25.48 14.50 42.81
N SER I 362 26.12 13.39 42.46
CA SER I 362 27.57 13.28 42.62
C SER I 362 28.31 14.08 41.56
N GLY I 363 27.79 14.12 40.33
CA GLY I 363 28.43 14.89 39.29
C GLY I 363 27.79 14.62 37.94
N GLY I 364 28.31 15.33 36.95
CA GLY I 364 27.87 15.26 35.57
C GLY I 364 27.68 16.64 34.99
N ASP I 365 26.99 16.70 33.85
CA ASP I 365 26.71 17.97 33.21
C ASP I 365 25.69 18.77 34.04
N LEU I 366 25.49 20.03 33.64
CA LEU I 366 24.48 20.85 34.31
C LEU I 366 23.08 20.30 34.11
N GLU I 367 22.85 19.54 33.04
CA GLU I 367 21.54 18.93 32.83
C GLU I 367 21.22 17.91 33.91
N VAL I 368 22.21 17.11 34.32
CA VAL I 368 21.99 15.98 35.21
C VAL I 368 22.34 16.33 36.66
N THR I 369 23.25 17.29 36.87
CA THR I 369 23.56 17.72 38.22
C THR I 369 22.50 18.64 38.81
N THR I 370 21.55 19.11 38.01
CA THR I 370 20.49 19.99 38.46
C THR I 370 19.17 19.52 37.87
N HIS I 371 18.09 19.94 38.50
CA HIS I 371 16.76 19.76 37.92
C HIS I 371 16.67 20.69 36.72
N SER I 372 16.94 20.15 35.54
CA SER I 372 16.86 20.91 34.30
C SER I 372 15.48 20.71 33.70
N PHE I 373 14.88 21.80 33.23
CA PHE I 373 13.57 21.73 32.63
C PHE I 373 13.33 23.00 31.82
N ASN I 374 12.12 23.12 31.29
CA ASN I 374 11.77 24.23 30.40
C ASN I 374 10.27 24.46 30.50
N CYS I 375 9.87 25.57 31.08
CA CYS I 375 8.49 26.01 31.03
C CYS I 375 8.46 27.53 31.00
N GLY I 376 7.55 28.08 30.21
CA GLY I 376 7.54 29.48 29.89
C GLY I 376 8.36 29.85 28.67
N GLY I 377 9.07 28.88 28.08
CA GLY I 377 9.91 29.13 26.92
C GLY I 377 11.39 29.25 27.22
N GLU I 378 11.78 29.37 28.49
CA GLU I 378 13.16 29.53 28.90
C GLU I 378 13.62 28.29 29.66
N PHE I 379 14.92 28.02 29.58
CA PHE I 379 15.48 26.75 30.05
C PHE I 379 16.12 26.95 31.41
N PHE I 380 15.49 26.34 32.43
CA PHE I 380 15.89 26.44 33.83
C PHE I 380 16.78 25.26 34.20
N TYR I 381 17.73 25.53 35.10
CA TYR I 381 18.59 24.51 35.70
C TYR I 381 18.65 24.83 37.18
N CYS I 382 17.95 24.05 38.00
CA CYS I 382 17.71 24.38 39.40
C CYS I 382 18.49 23.46 40.33
N ASP I 383 19.21 24.05 41.26
CA ASP I 383 19.99 23.30 42.23
C ASP I 383 19.04 22.62 43.22
N THR I 384 18.93 21.30 43.12
CA THR I 384 18.08 20.51 44.00
C THR I 384 18.81 20.02 45.24
N SER I 385 19.90 20.69 45.63
CA SER I 385 20.64 20.29 46.82
C SER I 385 19.80 20.42 48.07
N GLY I 386 18.82 21.34 48.08
CA GLY I 386 17.88 21.45 49.19
C GLY I 386 16.78 20.42 49.19
N LEU I 387 16.46 19.84 48.03
CA LEU I 387 15.43 18.81 47.96
C LEU I 387 15.91 17.51 48.56
N PHE I 388 17.15 17.13 48.25
CA PHE I 388 17.75 15.85 48.59
C PHE I 388 18.86 16.22 49.59
N ASN I 389 18.62 16.22 50.84
CA ASN I 389 19.63 16.51 51.89
C ASN I 389 18.94 16.06 53.16
N SER I 390 19.06 14.88 53.51
CA SER I 390 18.38 14.23 54.64
C SER I 390 18.96 12.86 54.95
N THR I 391 18.71 12.41 56.19
CA THR I 391 19.06 11.08 56.66
C THR I 391 17.85 10.55 57.43
N TRP I 392 17.25 9.46 56.95
CA TRP I 392 16.05 8.88 57.53
C TRP I 392 16.43 7.62 58.30
N ILE I 393 16.30 7.68 59.64
CA ILE I 393 16.57 6.55 60.53
C ILE I 393 15.29 5.73 60.64
N SER I 394 15.45 4.41 60.75
CA SER I 394 14.31 3.50 60.83
C SER I 394 13.65 3.58 62.20
N ASN I 395 12.64 4.43 62.32
CA ASN I 395 11.93 4.60 63.58
C ASN I 395 10.54 5.17 63.35
N ASP I 408 6.15 27.69 55.34
CA ASP I 408 7.56 27.53 55.00
C ASP I 408 7.70 26.86 53.64
N SER I 409 8.89 26.97 53.04
CA SER I 409 9.13 26.41 51.72
C SER I 409 10.62 26.22 51.53
N ILE I 410 10.97 25.35 50.58
CA ILE I 410 12.34 25.13 50.15
C ILE I 410 12.50 25.86 48.83
N THR I 411 13.48 26.76 48.75
CA THR I 411 13.79 27.53 47.56
C THR I 411 15.03 26.94 46.88
N LEU I 412 14.88 26.60 45.61
CA LEU I 412 15.94 26.02 44.79
C LEU I 412 16.45 27.09 43.84
N PRO I 413 17.70 27.55 43.95
CA PRO I 413 18.21 28.54 42.99
C PRO I 413 18.31 27.95 41.59
N CYS I 414 17.91 28.74 40.60
CA CYS I 414 17.88 28.31 39.21
C CYS I 414 18.70 29.26 38.34
N ARG I 415 19.46 28.67 37.43
CA ARG I 415 20.22 29.39 36.41
C ARG I 415 19.58 29.14 35.05
N ILE I 416 19.46 30.20 34.26
CA ILE I 416 18.84 30.15 32.95
C ILE I 416 19.93 29.96 31.90
N LYS I 417 19.59 29.28 30.81
CA LYS I 417 20.51 29.14 29.69
C LYS I 417 19.76 29.27 28.37
N GLN I 418 20.45 29.86 27.39
CA GLN I 418 19.89 30.08 26.06
C GLN I 418 20.51 29.21 24.99
N ILE I 419 21.75 28.76 25.17
CA ILE I 419 22.38 27.81 24.26
C ILE I 419 22.23 26.42 24.87
N ILE I 420 21.48 25.56 24.20
CA ILE I 420 21.12 24.24 24.71
C ILE I 420 21.43 23.20 23.65
N ASN I 421 22.11 22.13 24.06
CA ASN I 421 22.23 20.92 23.27
C ASN I 421 21.37 19.91 24.02
N MET I 422 20.14 19.72 23.56
CA MET I 422 19.18 18.95 24.32
C MET I 422 19.52 17.46 24.30
N TRP I 423 19.89 16.94 23.12
CA TRP I 423 20.10 15.51 22.92
C TRP I 423 21.55 15.20 22.57
N GLN I 424 22.46 16.12 22.93
CA GLN I 424 23.90 15.94 22.82
C GLN I 424 24.34 15.49 21.43
N ARG I 425 23.73 16.10 20.41
CA ARG I 425 24.12 15.80 19.05
C ARG I 425 25.41 16.55 18.74
N ILE I 426 26.09 16.13 17.67
CA ILE I 426 27.40 16.67 17.33
C ILE I 426 27.18 17.70 16.25
N GLY I 427 27.72 18.90 16.45
CA GLY I 427 27.64 19.94 15.45
C GLY I 427 26.32 20.66 15.39
N GLN I 428 25.45 20.50 16.40
CA GLN I 428 24.16 21.18 16.43
C GLN I 428 23.86 21.72 17.82
N ALA I 429 23.51 23.00 17.89
CA ALA I 429 23.03 23.63 19.12
C ALA I 429 21.87 24.55 18.77
N MET I 430 21.11 24.94 19.78
CA MET I 430 19.96 25.81 19.61
C MET I 430 20.12 27.03 20.50
N TYR I 431 19.74 28.19 19.98
CA TYR I 431 19.60 29.41 20.76
C TYR I 431 18.14 29.59 21.11
N ALA I 432 17.84 29.63 22.41
CA ALA I 432 16.49 29.88 22.87
C ALA I 432 16.25 31.39 22.94
N PRO I 433 15.32 31.97 22.18
CA PRO I 433 15.10 33.41 22.28
C PRO I 433 14.55 33.78 23.64
N PRO I 434 14.81 34.99 24.12
CA PRO I 434 14.25 35.41 25.40
C PRO I 434 12.75 35.64 25.31
N ILE I 435 12.11 35.59 26.47
CA ILE I 435 10.66 35.75 26.60
C ILE I 435 10.39 37.12 27.20
N GLN I 436 9.47 37.86 26.57
CA GLN I 436 9.12 39.18 27.08
C GLN I 436 8.27 39.06 28.34
N GLY I 437 8.70 39.72 29.40
CA GLY I 437 7.93 39.82 30.62
C GLY I 437 8.53 39.01 31.76
N VAL I 438 7.69 38.61 32.71
CA VAL I 438 8.08 37.78 33.83
C VAL I 438 7.45 36.41 33.63
N ILE I 439 8.28 35.37 33.61
CA ILE I 439 7.82 33.99 33.41
C ILE I 439 7.66 33.35 34.78
N ARG I 440 6.45 32.85 35.04
CA ARG I 440 6.14 32.04 36.20
C ARG I 440 5.64 30.69 35.67
N CYS I 441 5.43 29.74 36.58
CA CYS I 441 5.25 28.36 36.16
C CYS I 441 4.85 27.55 37.38
N VAL I 442 3.87 26.66 37.21
CA VAL I 442 3.38 25.78 38.26
C VAL I 442 3.30 24.38 37.69
N SER I 443 3.88 23.42 38.41
CA SER I 443 3.90 22.04 37.93
C SER I 443 3.69 21.09 39.09
N ASN I 444 3.35 19.84 38.75
CA ASN I 444 3.21 18.76 39.72
C ASN I 444 4.48 17.92 39.63
N ILE I 445 5.30 17.91 40.67
CA ILE I 445 6.31 16.86 40.80
C ILE I 445 5.52 15.58 41.08
N THR I 446 5.55 14.64 40.13
CA THR I 446 4.85 13.37 40.23
C THR I 446 5.79 12.18 40.35
N GLY I 447 7.10 12.40 40.43
CA GLY I 447 8.01 11.29 40.55
C GLY I 447 9.44 11.76 40.58
N LEU I 448 10.34 10.79 40.75
CA LEU I 448 11.77 11.02 40.81
C LEU I 448 12.49 9.96 39.99
N ILE I 449 13.72 10.30 39.58
CA ILE I 449 14.66 9.36 39.00
C ILE I 449 15.88 9.38 39.92
N LEU I 450 16.14 8.27 40.60
CA LEU I 450 17.18 8.16 41.60
C LEU I 450 18.25 7.17 41.16
N THR I 451 19.39 7.26 41.82
CA THR I 451 20.50 6.33 41.63
C THR I 451 21.07 6.02 43.00
N ARG I 452 21.17 4.73 43.32
CA ARG I 452 21.72 4.31 44.60
C ARG I 452 23.24 4.28 44.55
N ASP I 453 23.88 4.70 45.64
CA ASP I 453 25.32 4.70 45.72
C ASP I 453 25.83 3.27 45.91
N GLY I 454 26.80 2.87 45.08
CA GLY I 454 27.39 1.56 45.17
C GLY I 454 28.62 1.53 46.04
N GLY I 455 29.13 0.32 46.27
CA GLY I 455 30.36 0.16 47.03
C GLY I 455 30.27 0.66 48.45
N SER I 456 29.10 0.56 49.08
CA SER I 456 28.91 1.10 50.41
C SER I 456 29.73 0.30 51.42
N THR I 457 30.60 1.00 52.15
CA THR I 457 31.36 0.35 53.21
C THR I 457 30.45 0.03 54.40
N ASP I 458 29.48 0.90 54.67
CA ASP I 458 28.54 0.71 55.76
C ASP I 458 27.30 0.01 55.23
N SER I 459 26.99 -1.16 55.79
CA SER I 459 25.85 -1.95 55.34
C SER I 459 24.53 -1.49 55.94
N THR I 460 24.55 -0.67 56.98
CA THR I 460 23.31 -0.23 57.61
C THR I 460 22.60 0.87 56.86
N THR I 461 23.32 1.63 56.03
CA THR I 461 22.78 2.81 55.37
C THR I 461 22.82 2.65 53.85
N GLU I 462 21.82 3.23 53.18
CA GLU I 462 21.77 3.30 51.73
C GLU I 462 21.55 4.75 51.33
N THR I 463 22.29 5.18 50.31
CA THR I 463 22.26 6.56 49.84
C THR I 463 21.71 6.60 48.42
N PHE I 464 20.73 7.48 48.20
CA PHE I 464 20.09 7.68 46.91
C PHE I 464 20.27 9.13 46.50
N ARG I 465 20.68 9.34 45.25
CA ARG I 465 20.96 10.65 44.69
C ARG I 465 20.10 10.88 43.46
N PRO I 466 19.86 12.14 43.08
CA PRO I 466 19.13 12.38 41.82
C PRO I 466 19.89 11.87 40.62
N SER I 467 19.14 11.55 39.57
CA SER I 467 19.71 11.07 38.31
C SER I 467 18.83 11.54 37.17
N GLY I 468 19.17 11.10 35.97
CA GLY I 468 18.41 11.46 34.79
C GLY I 468 19.35 11.53 33.58
N GLY I 469 19.03 12.47 32.69
CA GLY I 469 19.79 12.65 31.47
C GLY I 469 19.23 11.85 30.32
N ASP I 470 19.10 10.53 30.51
CA ASP I 470 18.46 9.68 29.53
C ASP I 470 16.95 9.80 29.69
N MET I 471 16.31 10.51 28.76
CA MET I 471 14.88 10.75 28.83
C MET I 471 14.05 9.53 28.44
N ARG I 472 14.67 8.43 28.02
CA ARG I 472 13.91 7.22 27.79
C ARG I 472 13.28 6.72 29.08
N ASP I 473 13.87 7.06 30.23
CA ASP I 473 13.28 6.74 31.52
C ASP I 473 12.21 7.74 31.93
N ASN I 474 12.19 8.93 31.33
CA ASN I 474 11.14 9.90 31.66
C ASN I 474 9.79 9.42 31.14
N TRP I 475 9.78 8.83 29.95
CA TRP I 475 8.57 8.27 29.34
C TRP I 475 8.43 6.78 29.56
N ARG I 476 9.44 6.11 30.13
CA ARG I 476 9.17 4.80 30.70
C ARG I 476 8.24 4.91 31.90
N SER I 477 8.31 6.02 32.64
CA SER I 477 7.40 6.25 33.75
C SER I 477 5.95 6.39 33.31
N GLU I 478 5.71 6.76 32.05
CA GLU I 478 4.37 6.89 31.50
C GLU I 478 3.91 5.66 30.74
N LEU I 479 4.82 5.01 30.00
CA LEU I 479 4.48 3.87 29.16
C LEU I 479 4.74 2.53 29.85
N TYR I 480 4.86 2.53 31.19
CA TYR I 480 5.17 1.29 31.89
C TYR I 480 4.01 0.30 31.82
N LYS I 481 2.77 0.78 31.75
CA LYS I 481 1.60 -0.09 31.83
C LYS I 481 1.10 -0.56 30.47
N TYR I 482 1.72 -0.12 29.38
CA TYR I 482 1.27 -0.45 28.03
C TYR I 482 2.18 -1.48 27.39
N LYS I 483 1.60 -2.25 26.47
CA LYS I 483 2.32 -3.31 25.78
C LYS I 483 1.70 -3.48 24.40
N VAL I 484 2.53 -3.48 23.36
CA VAL I 484 2.06 -3.70 22.01
C VAL I 484 2.06 -5.19 21.75
N VAL I 485 0.92 -5.71 21.28
CA VAL I 485 0.76 -7.11 20.93
C VAL I 485 0.23 -7.20 19.51
N LYS I 486 0.37 -8.39 18.94
CA LYS I 486 0.21 -8.63 17.52
C LYS I 486 -0.80 -9.75 17.34
N ILE I 487 -1.93 -9.44 16.71
CA ILE I 487 -3.06 -10.37 16.66
C ILE I 487 -2.75 -11.48 15.67
N GLU I 488 -2.94 -12.73 16.11
CA GLU I 488 -2.79 -13.92 15.29
C GLU I 488 -4.18 -14.51 15.03
N PRO I 489 -4.93 -14.01 14.04
CA PRO I 489 -6.35 -14.37 13.95
C PRO I 489 -6.64 -15.77 13.45
N LEU I 490 -5.63 -16.51 13.00
CA LEU I 490 -5.83 -17.82 12.39
C LEU I 490 -5.47 -18.91 13.39
N GLY I 491 -6.44 -19.77 13.69
CA GLY I 491 -6.22 -20.91 14.58
C GLY I 491 -6.75 -22.18 13.96
N VAL I 492 -6.23 -23.30 14.44
CA VAL I 492 -6.66 -24.62 14.02
C VAL I 492 -6.93 -25.45 15.27
N ALA I 493 -8.08 -26.13 15.30
CA ALA I 493 -8.48 -26.88 16.48
C ALA I 493 -9.25 -28.12 16.04
N PRO I 494 -9.32 -29.16 16.89
CA PRO I 494 -10.12 -30.33 16.54
C PRO I 494 -11.61 -30.12 16.77
N THR I 495 -12.41 -30.54 15.80
CA THR I 495 -13.85 -30.65 15.99
C THR I 495 -14.32 -31.93 15.32
N ARG I 496 -15.52 -32.36 15.69
CA ARG I 496 -16.10 -33.55 15.08
C ARG I 496 -16.56 -33.32 13.65
N CYS I 497 -16.58 -32.08 13.16
CA CYS I 497 -17.13 -31.81 11.85
C CYS I 497 -16.13 -32.21 10.77
N LYS I 498 -16.66 -32.70 9.65
CA LYS I 498 -15.86 -33.18 8.53
C LYS I 498 -16.38 -32.56 7.25
N ARG I 499 -15.47 -32.04 6.43
CA ARG I 499 -15.86 -31.53 5.13
C ARG I 499 -16.41 -32.65 4.27
N ARG I 500 -17.43 -32.34 3.47
CA ARG I 500 -18.02 -33.32 2.58
C ARG I 500 -17.07 -33.63 1.43
N VAL J 7 -17.13 -0.72 16.17
CA VAL J 7 -16.16 -1.58 15.50
C VAL J 7 -15.23 -2.17 16.55
N PHE J 8 -14.57 -1.30 17.32
CA PHE J 8 -13.64 -1.75 18.34
C PHE J 8 -14.32 -2.39 19.54
N LEU J 9 -15.64 -2.23 19.69
CA LEU J 9 -16.33 -2.79 20.84
C LEU J 9 -16.19 -4.32 20.86
N GLY J 10 -15.93 -4.85 22.05
CA GLY J 10 -15.76 -6.28 22.21
C GLY J 10 -14.49 -6.85 21.61
N PHE J 11 -13.57 -6.01 21.14
CA PHE J 11 -12.34 -6.50 20.52
C PHE J 11 -11.50 -7.23 21.56
N LEU J 12 -11.24 -8.51 21.31
CA LEU J 12 -10.49 -9.38 22.21
C LEU J 12 -11.18 -9.57 23.55
N GLY J 13 -12.47 -9.23 23.66
CA GLY J 13 -13.16 -9.37 24.93
C GLY J 13 -13.29 -10.82 25.37
N ALA J 14 -13.40 -11.73 24.41
CA ALA J 14 -13.45 -13.16 24.68
C ALA J 14 -12.06 -13.80 24.68
N ALA J 15 -11.01 -13.00 24.85
CA ALA J 15 -9.66 -13.56 24.85
C ALA J 15 -9.44 -14.50 26.01
N GLY J 16 -10.05 -14.20 27.15
CA GLY J 16 -10.05 -15.07 28.31
C GLY J 16 -11.22 -16.02 28.41
N SER J 17 -12.14 -15.99 27.46
CA SER J 17 -13.24 -16.94 27.42
C SER J 17 -12.71 -18.32 27.01
N THR J 18 -13.56 -19.33 27.17
CA THR J 18 -13.23 -20.62 26.60
C THR J 18 -13.20 -20.53 25.07
N MET J 19 -12.49 -21.48 24.45
CA MET J 19 -12.41 -21.46 22.99
C MET J 19 -13.79 -21.63 22.36
N GLY J 20 -14.63 -22.46 22.96
CA GLY J 20 -15.97 -22.60 22.46
C GLY J 20 -16.75 -21.31 22.52
N ALA J 21 -16.62 -20.58 23.63
CA ALA J 21 -17.33 -19.30 23.79
C ALA J 21 -16.69 -18.18 22.96
N ALA J 22 -15.37 -18.20 22.81
CA ALA J 22 -14.71 -17.19 22.00
C ALA J 22 -14.92 -17.41 20.51
N SER J 23 -15.33 -18.62 20.10
CA SER J 23 -15.61 -18.88 18.69
C SER J 23 -16.90 -18.23 18.21
N MET J 24 -17.75 -17.70 19.09
CA MET J 24 -18.94 -16.97 18.68
C MET J 24 -18.69 -15.47 18.46
N THR J 25 -17.45 -15.00 18.64
CA THR J 25 -17.12 -13.59 18.53
C THR J 25 -16.03 -13.33 17.49
N LEU J 26 -15.91 -14.23 16.50
CA LEU J 26 -14.81 -14.13 15.55
C LEU J 26 -14.88 -12.88 14.68
N THR J 27 -16.07 -12.32 14.49
CA THR J 27 -16.20 -11.18 13.59
C THR J 27 -15.70 -9.89 14.20
N VAL J 28 -15.67 -9.79 15.53
CA VAL J 28 -15.17 -8.56 16.14
C VAL J 28 -13.66 -8.49 15.97
N GLN J 29 -12.98 -9.64 16.02
CA GLN J 29 -11.54 -9.69 15.82
C GLN J 29 -11.17 -9.80 14.35
N ALA J 30 -12.12 -10.11 13.47
CA ALA J 30 -11.84 -10.12 12.03
C ALA J 30 -12.08 -8.77 11.38
N ARG J 31 -13.06 -8.00 11.86
CA ARG J 31 -13.28 -6.64 11.37
C ARG J 31 -12.14 -5.69 11.73
N ASN J 32 -11.35 -6.00 12.76
CA ASN J 32 -10.36 -5.09 13.28
C ASN J 32 -8.97 -5.30 12.68
N LEU J 33 -8.84 -6.18 11.69
CA LEU J 33 -7.57 -6.42 11.02
C LEU J 33 -7.39 -5.57 9.77
N LEU J 34 -8.38 -4.74 9.43
CA LEU J 34 -8.36 -3.92 8.22
C LEU J 34 -8.71 -2.49 8.63
N SER J 35 -7.68 -1.70 8.90
CA SER J 35 -7.82 -0.30 9.33
C SER J 35 -8.87 -0.11 10.43
N THR J 58 6.41 13.82 4.58
CA THR J 58 7.23 13.71 5.78
C THR J 58 7.61 12.26 6.03
N VAL J 59 8.56 12.04 6.94
CA VAL J 59 8.97 10.67 7.26
C VAL J 59 7.85 9.93 7.98
N TRP J 60 7.10 10.63 8.84
CA TRP J 60 6.02 9.98 9.59
C TRP J 60 4.86 9.59 8.69
N GLY J 61 4.64 10.33 7.61
CA GLY J 61 3.71 9.88 6.60
C GLY J 61 4.13 8.56 5.99
N ILE J 62 5.43 8.40 5.74
CA ILE J 62 5.95 7.14 5.23
C ILE J 62 5.79 6.05 6.28
N LYS J 63 5.95 6.38 7.56
CA LYS J 63 5.76 5.41 8.61
C LYS J 63 4.32 4.90 8.66
N GLN J 64 3.36 5.83 8.61
CA GLN J 64 1.95 5.43 8.61
C GLN J 64 1.61 4.62 7.38
N LEU J 65 2.14 5.03 6.22
CA LEU J 65 1.89 4.28 4.99
C LEU J 65 2.49 2.88 5.06
N GLN J 66 3.69 2.75 5.64
CA GLN J 66 4.29 1.43 5.80
C GLN J 66 3.44 0.56 6.71
N ALA J 67 2.92 1.13 7.80
CA ALA J 67 2.05 0.38 8.68
C ALA J 67 0.79 -0.09 7.96
N ARG J 68 0.16 0.80 7.19
CA ARG J 68 -1.06 0.45 6.47
C ARG J 68 -0.80 -0.62 5.42
N VAL J 69 0.30 -0.48 4.67
CA VAL J 69 0.63 -1.45 3.65
C VAL J 69 0.94 -2.81 4.27
N LEU J 70 1.67 -2.81 5.39
CA LEU J 70 1.98 -4.06 6.07
C LEU J 70 0.72 -4.75 6.55
N ALA J 71 -0.22 -3.99 7.12
CA ALA J 71 -1.49 -4.58 7.55
C ALA J 71 -2.23 -5.18 6.37
N VAL J 72 -2.25 -4.48 5.24
CA VAL J 72 -2.96 -4.96 4.05
C VAL J 72 -2.35 -6.28 3.58
N GLU J 73 -1.03 -6.33 3.43
CA GLU J 73 -0.44 -7.54 2.85
C GLU J 73 -0.49 -8.70 3.85
N ARG J 74 -0.47 -8.41 5.15
CA ARG J 74 -0.66 -9.46 6.14
C ARG J 74 -2.06 -10.05 6.05
N TYR J 75 -3.08 -9.19 5.97
CA TYR J 75 -4.44 -9.67 5.82
C TYR J 75 -4.56 -10.51 4.56
N LEU J 76 -3.91 -10.07 3.47
CA LEU J 76 -3.99 -10.83 2.23
C LEU J 76 -3.24 -12.15 2.30
N ARG J 77 -2.15 -12.21 3.06
CA ARG J 77 -1.47 -13.48 3.27
C ARG J 77 -2.36 -14.46 4.04
N ASP J 78 -3.06 -13.97 5.05
CA ASP J 78 -3.98 -14.84 5.78
C ASP J 78 -5.12 -15.31 4.90
N GLN J 79 -5.68 -14.41 4.09
CA GLN J 79 -6.76 -14.80 3.18
C GLN J 79 -6.27 -15.77 2.12
N GLN J 80 -5.03 -15.61 1.64
CA GLN J 80 -4.46 -16.57 0.70
C GLN J 80 -4.31 -17.94 1.35
N LEU J 81 -3.87 -17.98 2.60
CA LEU J 81 -3.76 -19.25 3.30
C LEU J 81 -5.12 -19.91 3.43
N LEU J 82 -6.15 -19.12 3.76
CA LEU J 82 -7.51 -19.67 3.83
C LEU J 82 -7.98 -20.17 2.46
N GLY J 83 -7.60 -19.47 1.39
CA GLY J 83 -8.09 -19.81 0.07
C GLY J 83 -7.40 -20.99 -0.58
N ILE J 84 -6.14 -21.23 -0.26
CA ILE J 84 -5.47 -22.43 -0.80
C ILE J 84 -5.95 -23.68 -0.09
N TRP J 85 -6.60 -23.53 1.06
CA TRP J 85 -7.46 -24.56 1.62
C TRP J 85 -8.87 -24.32 1.09
N GLY J 86 -9.85 -25.06 1.59
CA GLY J 86 -11.22 -24.87 1.14
C GLY J 86 -11.97 -23.82 1.92
N CYS J 87 -11.25 -22.93 2.58
CA CYS J 87 -11.80 -22.04 3.61
C CYS J 87 -11.92 -20.60 3.15
N SER J 88 -12.18 -20.38 1.86
CA SER J 88 -12.25 -19.02 1.33
C SER J 88 -13.55 -18.35 1.74
N GLY J 89 -13.44 -17.13 2.25
CA GLY J 89 -14.62 -16.38 2.69
C GLY J 89 -15.34 -17.03 3.84
N LYS J 90 -14.61 -17.69 4.74
CA LYS J 90 -15.19 -18.39 5.87
C LYS J 90 -14.36 -18.11 7.11
N LEU J 91 -15.04 -17.86 8.22
CA LEU J 91 -14.41 -17.70 9.53
C LEU J 91 -14.34 -19.01 10.31
N ILE J 92 -15.18 -19.98 9.96
CA ILE J 92 -15.10 -21.36 10.47
C ILE J 92 -15.19 -22.27 9.26
N CYS J 93 -14.20 -23.15 9.10
CA CYS J 93 -14.11 -24.00 7.92
C CYS J 93 -13.73 -25.41 8.35
N CYS J 94 -14.62 -26.37 8.09
CA CYS J 94 -14.33 -27.76 8.36
C CYS J 94 -13.53 -28.34 7.20
N THR J 95 -12.56 -29.20 7.54
CA THR J 95 -11.60 -29.76 6.59
C THR J 95 -11.69 -31.29 6.61
N ASN J 96 -10.82 -31.90 5.80
CA ASN J 96 -10.69 -33.36 5.71
C ASN J 96 -9.35 -33.85 6.26
N VAL J 97 -8.70 -33.05 7.10
CA VAL J 97 -7.43 -33.45 7.73
C VAL J 97 -7.77 -34.08 9.08
N PRO J 98 -7.43 -35.35 9.31
CA PRO J 98 -7.77 -35.93 10.62
C PRO J 98 -6.91 -35.30 11.70
N TRP J 99 -7.41 -35.31 12.92
CA TRP J 99 -6.62 -34.83 14.04
C TRP J 99 -5.71 -35.95 14.54
N ASN J 100 -4.45 -35.62 14.74
CA ASN J 100 -3.44 -36.55 15.23
C ASN J 100 -3.27 -36.33 16.73
N SER J 101 -3.25 -37.41 17.48
CA SER J 101 -3.09 -37.29 18.92
C SER J 101 -1.65 -36.97 19.33
N SER J 102 -0.74 -36.88 18.36
CA SER J 102 0.61 -36.40 18.61
C SER J 102 0.65 -34.88 18.73
N TRP J 103 -0.42 -34.18 18.32
CA TRP J 103 -0.50 -32.73 18.41
C TRP J 103 -1.20 -32.31 19.69
N SER J 104 -2.24 -33.05 20.09
CA SER J 104 -2.95 -32.82 21.34
C SER J 104 -3.90 -33.99 21.60
N ASN J 105 -3.81 -34.59 22.79
CA ASN J 105 -4.60 -35.75 23.18
C ASN J 105 -5.70 -35.41 24.18
N ARG J 106 -6.13 -34.15 24.15
CA ARG J 106 -7.23 -33.71 25.06
C ARG J 106 -8.56 -34.05 24.40
N ASN J 107 -9.61 -34.24 25.20
CA ASN J 107 -10.95 -34.51 24.60
C ASN J 107 -11.66 -33.16 24.38
N LEU J 108 -12.59 -33.04 23.61
CA LEU J 108 -13.26 -31.81 23.11
C LEU J 108 -13.65 -30.93 24.31
N SER J 109 -14.08 -31.55 25.41
CA SER J 109 -14.48 -30.76 26.57
C SER J 109 -13.32 -29.96 27.16
N GLU J 110 -12.12 -30.56 27.25
CA GLU J 110 -10.98 -29.84 27.77
C GLU J 110 -10.59 -28.70 26.84
N ILE J 111 -10.85 -28.84 25.55
CA ILE J 111 -10.40 -27.86 24.57
C ILE J 111 -11.41 -26.71 24.47
N TRP J 112 -12.68 -27.05 24.26
CA TRP J 112 -13.70 -26.05 23.92
C TRP J 112 -14.47 -25.54 25.13
N ASP J 113 -14.25 -26.09 26.33
CA ASP J 113 -14.99 -25.70 27.52
C ASP J 113 -14.12 -25.42 28.74
N ASN J 114 -12.81 -25.76 28.69
CA ASN J 114 -11.90 -25.57 29.81
C ASN J 114 -10.69 -24.72 29.46
N MET J 115 -10.35 -24.60 28.18
CA MET J 115 -9.15 -23.91 27.71
C MET J 115 -9.56 -22.68 26.91
N THR J 116 -8.64 -21.73 26.81
CA THR J 116 -8.80 -20.54 25.99
C THR J 116 -7.93 -20.65 24.75
N TRP J 117 -8.18 -19.75 23.79
CA TRP J 117 -7.46 -19.83 22.52
C TRP J 117 -5.99 -19.49 22.67
N LEU J 118 -5.65 -18.61 23.62
CA LEU J 118 -4.24 -18.29 23.85
C LEU J 118 -3.48 -19.50 24.40
N GLN J 119 -4.07 -20.21 25.37
CA GLN J 119 -3.45 -21.42 25.89
C GLN J 119 -3.34 -22.49 24.81
N TRP J 120 -4.38 -22.62 23.99
CA TRP J 120 -4.36 -23.59 22.90
C TRP J 120 -3.25 -23.26 21.89
N ASP J 121 -3.10 -21.98 21.56
CA ASP J 121 -2.03 -21.58 20.66
C ASP J 121 -0.67 -21.87 21.25
N LYS J 122 -0.48 -21.59 22.55
CA LYS J 122 0.78 -21.93 23.21
C LYS J 122 1.04 -23.43 23.15
N GLU J 123 0.00 -24.23 23.27
CA GLU J 123 0.17 -25.69 23.28
C GLU J 123 0.45 -26.24 21.87
N ILE J 124 -0.15 -25.66 20.84
CA ILE J 124 -0.20 -26.23 19.50
C ILE J 124 0.72 -25.52 18.51
N SER J 125 1.43 -24.47 18.93
CA SER J 125 2.27 -23.71 18.00
C SER J 125 3.42 -24.53 17.42
N ASN J 126 3.83 -25.60 18.09
CA ASN J 126 4.96 -26.39 17.61
C ASN J 126 4.58 -27.26 16.42
N TYR J 127 3.29 -27.55 16.25
CA TYR J 127 2.77 -28.38 15.17
C TYR J 127 2.01 -27.58 14.12
N THR J 128 1.76 -26.29 14.37
CA THR J 128 0.96 -25.45 13.48
C THR J 128 1.41 -25.57 12.03
N GLN J 129 2.72 -25.55 11.79
CA GLN J 129 3.22 -25.62 10.42
C GLN J 129 2.94 -26.98 9.80
N ILE J 130 3.04 -28.05 10.60
CA ILE J 130 2.69 -29.37 10.10
C ILE J 130 1.22 -29.42 9.72
N ILE J 131 0.36 -28.83 10.55
CA ILE J 131 -1.07 -28.82 10.27
C ILE J 131 -1.37 -28.02 9.01
N TYR J 132 -0.73 -26.86 8.85
CA TYR J 132 -0.91 -26.06 7.65
C TYR J 132 -0.44 -26.81 6.41
N GLY J 133 0.71 -27.46 6.52
CA GLY J 133 1.22 -28.25 5.43
C GLY J 133 0.26 -29.36 5.03
N LEU J 134 -0.32 -30.04 6.01
CA LEU J 134 -1.29 -31.09 5.72
C LEU J 134 -2.57 -30.52 5.12
N LEU J 135 -2.98 -29.33 5.58
CA LEU J 135 -4.17 -28.69 5.05
C LEU J 135 -4.01 -28.38 3.57
N GLU J 136 -2.86 -28.00 3.11
CA GLU J 136 -2.70 -27.61 1.69
C GLU J 136 -2.00 -28.73 0.89
N GLU J 137 -1.57 -29.82 1.58
CA GLU J 137 -0.84 -30.84 0.84
C GLU J 137 -1.78 -31.68 0.00
N SER J 138 -2.73 -32.33 0.65
CA SER J 138 -3.53 -33.39 0.06
C SER J 138 -5.01 -33.04 0.02
N GLN J 139 -5.55 -32.47 1.09
CA GLN J 139 -7.01 -32.37 1.19
C GLN J 139 -7.55 -31.39 0.17
N ASN J 140 -7.10 -30.13 0.20
CA ASN J 140 -7.66 -29.20 -0.78
C ASN J 140 -7.16 -29.49 -2.18
N GLN J 141 -5.89 -29.88 -2.32
CA GLN J 141 -5.35 -30.13 -3.65
C GLN J 141 -5.97 -31.38 -4.29
N GLN J 142 -6.00 -32.50 -3.56
CA GLN J 142 -6.63 -33.69 -4.13
C GLN J 142 -8.14 -33.53 -4.23
N GLU J 143 -8.76 -32.78 -3.31
CA GLU J 143 -10.19 -32.52 -3.44
C GLU J 143 -10.47 -31.77 -4.73
N LYS J 144 -9.80 -30.64 -4.93
CA LYS J 144 -9.95 -29.87 -6.15
C LYS J 144 -9.72 -30.72 -7.39
N ASN J 145 -8.68 -31.56 -7.39
CA ASN J 145 -8.43 -32.37 -8.58
C ASN J 145 -9.56 -33.39 -8.78
N GLU J 146 -10.08 -33.93 -7.67
CA GLU J 146 -11.16 -34.89 -7.74
C GLU J 146 -12.47 -34.24 -8.18
N GLN J 147 -12.68 -32.97 -7.84
CA GLN J 147 -13.83 -32.23 -8.34
C GLN J 147 -13.64 -31.82 -9.79
N ASP J 148 -12.40 -31.58 -10.20
CA ASP J 148 -12.09 -31.46 -11.63
C ASP J 148 -12.53 -32.71 -12.37
N LEU J 149 -12.27 -33.88 -11.79
CA LEU J 149 -12.59 -35.13 -12.47
C LEU J 149 -14.06 -35.53 -12.33
N LEU J 150 -14.70 -35.16 -11.23
CA LEU J 150 -16.12 -35.47 -11.05
C LEU J 150 -17.01 -34.60 -11.92
N ALA J 151 -16.48 -33.50 -12.45
CA ALA J 151 -17.19 -32.65 -13.39
C ALA J 151 -17.04 -33.13 -14.84
N LEU J 152 -16.69 -34.40 -15.04
CA LEU J 152 -16.58 -35.02 -16.35
C LEU J 152 -17.66 -36.05 -16.61
N ASP J 153 -17.97 -36.85 -15.60
CA ASP J 153 -18.86 -37.99 -15.74
C ASP J 153 -20.26 -37.55 -16.16
N GLN K 1 36.23 -3.68 15.76
CA GLN K 1 37.28 -4.16 16.70
C GLN K 1 37.48 -3.14 17.82
N VAL K 2 36.99 -3.48 19.01
CA VAL K 2 36.99 -2.56 20.14
C VAL K 2 38.40 -2.50 20.73
N GLN K 3 38.90 -1.29 20.94
CA GLN K 3 40.18 -1.03 21.59
C GLN K 3 39.94 -0.12 22.78
N VAL K 4 40.49 -0.50 23.94
CA VAL K 4 40.44 0.31 25.15
C VAL K 4 41.89 0.61 25.52
N VAL K 5 42.35 1.81 25.20
CA VAL K 5 43.69 2.26 25.53
C VAL K 5 43.62 3.06 26.82
N GLN K 6 44.71 3.03 27.58
CA GLN K 6 44.77 3.71 28.88
C GLN K 6 46.09 4.47 28.99
N SER K 7 46.10 5.46 29.87
CA SER K 7 47.28 6.29 30.07
C SER K 7 48.41 5.48 30.70
N GLY K 8 49.62 6.03 30.63
CA GLY K 8 50.80 5.36 31.12
C GLY K 8 50.90 5.37 32.63
N ALA K 9 51.78 4.50 33.14
CA ALA K 9 52.03 4.42 34.57
C ALA K 9 52.62 5.72 35.10
N GLU K 10 52.28 6.06 36.33
CA GLU K 10 52.67 7.33 36.94
C GLU K 10 53.18 7.11 38.36
N VAL K 11 54.03 8.04 38.80
CA VAL K 11 54.56 8.07 40.15
C VAL K 11 54.20 9.43 40.76
N LYS K 12 53.54 9.40 41.92
CA LYS K 12 53.09 10.60 42.61
C LYS K 12 53.57 10.58 44.07
N LYS K 13 53.13 11.54 44.87
CA LYS K 13 53.54 11.73 46.24
C LYS K 13 52.32 11.77 47.14
N PRO K 14 52.48 11.53 48.44
CA PRO K 14 51.36 11.71 49.37
C PRO K 14 50.79 13.13 49.30
N GLY K 15 49.48 13.22 49.15
CA GLY K 15 48.80 14.49 49.03
C GLY K 15 48.70 15.03 47.62
N ALA K 16 49.26 14.33 46.64
CA ALA K 16 49.22 14.78 45.25
C ALA K 16 47.87 14.41 44.65
N SER K 17 47.74 14.55 43.33
CA SER K 17 46.52 14.20 42.61
C SER K 17 46.90 13.59 41.27
N VAL K 18 46.31 12.44 40.96
CA VAL K 18 46.58 11.71 39.73
C VAL K 18 45.34 11.85 38.85
N LYS K 19 45.56 11.83 37.53
CA LYS K 19 44.48 12.00 36.55
C LYS K 19 44.69 10.97 35.43
N VAL K 20 44.06 9.81 35.60
CA VAL K 20 44.16 8.74 34.62
C VAL K 20 43.13 9.04 33.53
N SER K 21 43.23 8.34 32.40
CA SER K 21 42.36 8.55 31.25
C SER K 21 42.12 7.20 30.62
N CYS K 22 41.28 7.15 29.59
CA CYS K 22 40.92 5.86 29.00
C CYS K 22 40.30 6.09 27.61
N LYS K 23 41.14 6.06 26.58
CA LYS K 23 40.63 6.14 25.21
C LYS K 23 39.93 4.84 24.87
N ALA K 24 38.74 4.94 24.31
CA ALA K 24 37.92 3.77 24.00
C ALA K 24 37.31 3.95 22.62
N SER K 25 37.74 3.12 21.67
CA SER K 25 37.33 3.20 20.28
C SER K 25 36.76 1.86 19.83
N GLY K 26 35.92 1.92 18.79
CA GLY K 26 35.33 0.73 18.20
C GLY K 26 33.86 0.53 18.52
N TYR K 27 33.25 1.42 19.30
CA TYR K 27 31.86 1.27 19.72
C TYR K 27 31.30 2.66 20.00
N THR K 28 29.98 2.73 20.18
CA THR K 28 29.34 3.99 20.53
C THR K 28 29.66 4.33 21.98
N PHE K 29 30.48 5.38 22.16
CA PHE K 29 30.99 5.74 23.48
C PHE K 29 29.87 5.98 24.50
N THR K 30 28.76 6.56 24.05
CA THR K 30 27.68 6.94 24.96
C THR K 30 26.69 5.82 25.24
N ASP K 31 26.86 4.64 24.64
CA ASP K 31 25.98 3.50 24.88
C ASP K 31 26.42 2.64 26.06
N HIS K 32 27.71 2.61 26.35
CA HIS K 32 28.27 1.76 27.40
C HIS K 32 28.81 2.64 28.52
N TYR K 33 28.66 2.18 29.76
CA TYR K 33 29.26 2.87 30.88
C TYR K 33 30.79 2.74 30.81
N ILE K 34 31.48 3.40 31.74
CA ILE K 34 32.90 3.20 31.95
C ILE K 34 33.11 3.04 33.45
N HIS K 35 33.51 1.85 33.88
CA HIS K 35 33.79 1.56 35.27
C HIS K 35 35.28 1.67 35.52
N TRP K 36 35.64 2.00 36.76
CA TRP K 36 37.02 2.14 37.18
C TRP K 36 37.23 1.23 38.37
N VAL K 37 38.19 0.30 38.21
CA VAL K 37 38.51 -0.76 39.17
C VAL K 37 40.01 -0.74 39.41
N ARG K 38 40.43 -0.65 40.67
CA ARG K 38 41.83 -0.65 41.04
C ARG K 38 42.20 -1.98 41.69
N GLN K 39 43.31 -2.57 41.24
CA GLN K 39 43.90 -3.76 41.84
C GLN K 39 45.18 -3.38 42.57
N ALA K 40 45.20 -3.55 43.89
CA ALA K 40 46.40 -3.30 44.65
C ALA K 40 47.44 -4.39 44.34
N PRO K 41 48.71 -4.13 44.64
CA PRO K 41 49.76 -5.13 44.33
C PRO K 41 49.51 -6.46 45.04
N GLY K 42 49.28 -7.49 44.24
CA GLY K 42 49.06 -8.82 44.79
C GLY K 42 47.82 -8.94 45.65
N GLN K 43 46.73 -8.31 45.22
CA GLN K 43 45.47 -8.35 45.95
C GLN K 43 44.33 -8.45 44.95
N GLY K 44 43.11 -8.62 45.47
CA GLY K 44 41.95 -8.75 44.62
C GLY K 44 41.48 -7.43 44.04
N LEU K 45 40.56 -7.53 43.09
CA LEU K 45 40.03 -6.35 42.44
C LEU K 45 39.11 -5.58 43.37
N GLU K 46 39.17 -4.24 43.28
CA GLU K 46 38.32 -3.36 44.06
C GLU K 46 37.69 -2.34 43.11
N TRP K 47 36.39 -2.16 43.21
CA TRP K 47 35.63 -1.31 42.30
C TRP K 47 35.60 0.12 42.82
N MET K 48 36.07 1.05 42.01
CA MET K 48 36.11 2.46 42.39
C MET K 48 34.79 3.15 42.05
N GLY K 49 34.37 3.07 40.80
CA GLY K 49 33.16 3.79 40.43
C GLY K 49 32.78 3.52 39.00
N TRP K 50 31.70 4.15 38.56
CA TRP K 50 31.39 4.21 37.13
C TRP K 50 30.97 5.62 36.76
N ILE K 51 31.12 5.91 35.47
CA ILE K 51 30.59 7.12 34.84
C ILE K 51 29.74 6.68 33.65
N ASN K 52 28.61 7.35 33.47
CA ASN K 52 27.80 7.20 32.28
C ASN K 52 28.30 8.20 31.25
N PRO K 53 28.92 7.77 30.14
CA PRO K 53 29.43 8.77 29.17
C PRO K 53 28.33 9.57 28.48
N TYR K 54 27.06 9.21 28.62
CA TYR K 54 26.00 9.94 27.95
C TYR K 54 25.97 11.38 28.45
N ARG K 55 25.59 11.58 29.72
CA ARG K 55 25.50 12.92 30.30
C ARG K 55 26.41 13.10 31.51
N GLY K 56 27.35 12.19 31.72
CA GLY K 56 28.35 12.38 32.76
C GLY K 56 27.91 11.96 34.15
N GLY K 57 26.80 11.25 34.27
CA GLY K 57 26.38 10.75 35.57
C GLY K 57 27.41 9.83 36.17
N THR K 58 27.73 10.02 37.45
CA THR K 58 28.78 9.30 38.14
C THR K 58 28.25 8.62 39.39
N ASN K 59 28.79 7.44 39.68
CA ASN K 59 28.58 6.73 40.93
C ASN K 59 29.93 6.34 41.49
N TYR K 60 30.16 6.68 42.75
CA TYR K 60 31.44 6.44 43.42
C TYR K 60 31.24 5.49 44.58
N ALA K 61 32.26 4.68 44.86
CA ALA K 61 32.24 3.88 46.07
C ALA K 61 32.33 4.81 47.27
N GLN K 62 31.78 4.35 48.41
CA GLN K 62 31.62 5.24 49.56
C GLN K 62 32.96 5.73 50.09
N LYS K 63 33.98 4.86 50.10
CA LYS K 63 35.26 5.27 50.65
C LYS K 63 35.97 6.30 49.78
N PHE K 64 35.66 6.35 48.49
CA PHE K 64 36.25 7.32 47.58
C PHE K 64 35.43 8.60 47.42
N GLN K 65 34.30 8.74 48.09
CA GLN K 65 33.50 9.95 47.95
C GLN K 65 34.23 11.15 48.54
N GLY K 66 34.40 12.20 47.75
CA GLY K 66 35.12 13.39 48.11
C GLY K 66 36.52 13.45 47.52
N ARG K 67 37.11 12.30 47.22
CA ARG K 67 38.47 12.21 46.68
C ARG K 67 38.52 11.87 45.20
N VAL K 68 37.57 11.09 44.70
CA VAL K 68 37.57 10.65 43.31
C VAL K 68 36.58 11.50 42.53
N THR K 69 36.89 11.70 41.25
CA THR K 69 36.05 12.50 40.36
C THR K 69 36.22 11.94 38.97
N MET K 70 35.15 11.36 38.43
CA MET K 70 35.17 10.81 37.07
C MET K 70 34.57 11.83 36.11
N THR K 71 35.20 11.94 34.95
CA THR K 71 34.81 12.90 33.92
C THR K 71 35.00 12.23 32.57
N ARG K 72 34.67 12.95 31.50
CA ARG K 72 34.65 12.38 30.17
C ARG K 72 34.94 13.47 29.15
N ASP K 73 35.24 13.03 27.94
CA ASP K 73 35.22 13.90 26.76
C ASP K 73 34.72 13.01 25.62
N THR K 74 33.52 13.33 25.13
CA THR K 74 32.86 12.51 24.11
C THR K 74 33.43 12.77 22.73
N SER K 75 33.97 13.97 22.49
CA SER K 75 34.51 14.28 21.17
C SER K 75 35.67 13.36 20.82
N ILE K 76 36.56 13.09 21.78
CA ILE K 76 37.70 12.20 21.59
C ILE K 76 37.49 10.83 22.22
N ASN K 77 36.28 10.55 22.74
CA ASN K 77 35.90 9.23 23.25
C ASN K 77 36.88 8.75 24.34
N THR K 78 37.07 9.59 25.36
CA THR K 78 37.95 9.22 26.47
C THR K 78 37.30 9.54 27.81
N ALA K 79 37.42 8.63 28.77
CA ALA K 79 36.97 8.83 30.14
C ALA K 79 38.15 9.09 31.06
N TYR K 80 38.08 10.16 31.84
CA TYR K 80 39.11 10.50 32.82
C TYR K 80 38.64 10.14 34.23
N MET K 81 39.62 9.86 35.09
CA MET K 81 39.37 9.61 36.51
C MET K 81 40.46 10.28 37.32
N GLU K 82 40.08 11.23 38.17
CA GLU K 82 41.00 12.00 38.99
C GLU K 82 40.88 11.55 40.43
N LEU K 83 42.00 11.16 41.03
CA LEU K 83 42.06 10.78 42.45
C LEU K 83 42.96 11.77 43.17
N SER K 84 42.40 12.47 44.15
CA SER K 84 43.08 13.49 44.94
C SER K 84 43.29 13.00 46.37
N ARG K 85 44.12 13.73 47.12
CA ARG K 85 44.53 13.35 48.47
C ARG K 85 45.11 11.93 48.49
N LEU K 86 46.09 11.70 47.61
CA LEU K 86 46.69 10.38 47.49
C LEU K 86 47.37 9.95 48.78
N ARG K 87 47.28 8.65 49.08
CA ARG K 87 47.92 8.03 50.23
C ARG K 87 48.69 6.81 49.75
N PHE K 88 49.46 6.19 50.66
CA PHE K 88 50.33 5.10 50.29
C PHE K 88 49.57 3.87 49.80
N ASP K 89 48.41 3.57 50.39
CA ASP K 89 47.65 2.40 49.96
C ASP K 89 47.08 2.57 48.55
N ASP K 90 47.02 3.80 48.02
CA ASP K 90 46.47 4.03 46.70
C ASP K 90 47.37 3.49 45.59
N THR K 91 48.57 3.03 45.90
CA THR K 91 49.42 2.37 44.93
C THR K 91 48.70 1.17 44.36
N ALA K 92 48.47 1.16 43.05
CA ALA K 92 47.67 0.10 42.46
C ALA K 92 47.69 0.23 40.94
N VAL K 93 47.21 -0.82 40.27
CA VAL K 93 46.98 -0.82 38.83
C VAL K 93 45.51 -0.47 38.63
N TYR K 94 45.26 0.67 38.01
CA TYR K 94 43.93 1.21 37.80
C TYR K 94 43.50 0.83 36.40
N TYR K 95 42.38 0.11 36.28
CA TYR K 95 41.83 -0.31 35.00
C TYR K 95 40.51 0.39 34.75
N CYS K 96 40.22 0.63 33.47
CA CYS K 96 38.96 1.16 33.00
C CYS K 96 38.23 0.05 32.25
N ALA K 97 37.21 -0.51 32.89
CA ALA K 97 36.42 -1.58 32.33
C ALA K 97 35.24 -1.03 31.55
N ARG K 98 34.96 -1.63 30.40
CA ARG K 98 33.82 -1.24 29.57
C ARG K 98 32.79 -2.35 29.62
N PRO K 99 31.68 -2.19 30.34
CA PRO K 99 30.63 -3.22 30.28
C PRO K 99 30.01 -3.30 28.90
N LYS K 100 29.34 -4.44 28.65
CA LYS K 100 28.59 -4.59 27.40
C LYS K 100 27.44 -3.59 27.38
N ASP K 101 26.75 -3.55 26.24
CA ASP K 101 25.67 -2.60 25.94
C ASP K 101 24.74 -2.42 27.13
N CYS K 102 24.68 -1.19 27.64
CA CYS K 102 23.96 -0.92 28.88
C CYS K 102 22.46 -0.81 28.69
N SER K 103 21.99 -0.60 27.45
CA SER K 103 20.56 -0.40 27.22
C SER K 103 19.75 -1.62 27.64
N GLY K 104 20.11 -2.81 27.12
CA GLY K 104 19.36 -4.02 27.35
C GLY K 104 20.07 -5.08 28.17
N GLY K 105 21.15 -4.71 28.85
CA GLY K 105 21.84 -5.62 29.75
C GLY K 105 22.28 -4.91 31.01
N SER K 106 22.88 -5.69 31.91
CA SER K 106 23.50 -5.11 33.09
C SER K 106 24.73 -4.31 32.68
N CYS K 107 25.03 -3.28 33.46
CA CYS K 107 26.19 -2.42 33.22
C CYS K 107 27.40 -2.88 34.02
N TYR K 108 27.55 -4.20 34.21
CA TYR K 108 28.59 -4.72 35.09
C TYR K 108 29.34 -5.93 34.57
N ASP K 109 28.87 -6.59 33.51
CA ASP K 109 29.67 -7.63 32.85
C ASP K 109 30.62 -6.97 31.87
N PHE K 110 31.93 -7.16 32.08
CA PHE K 110 32.96 -6.37 31.41
C PHE K 110 33.63 -7.22 30.35
N ASP K 111 33.40 -6.89 29.09
CA ASP K 111 34.14 -7.54 28.00
C ASP K 111 35.57 -7.03 27.93
N TYR K 112 35.72 -5.74 27.67
CA TYR K 112 37.01 -5.13 27.36
C TYR K 112 37.50 -4.35 28.58
N TRP K 113 38.55 -4.85 29.22
CA TRP K 113 39.09 -4.24 30.41
C TRP K 113 40.18 -3.21 30.12
N GLY K 114 40.74 -3.22 28.91
CA GLY K 114 41.82 -2.31 28.59
C GLY K 114 43.09 -2.63 29.34
N GLN K 115 44.19 -2.00 28.96
CA GLN K 115 45.43 -2.16 29.71
C GLN K 115 45.31 -1.46 31.05
N GLY K 116 46.21 -1.81 31.97
CA GLY K 116 46.22 -1.21 33.29
C GLY K 116 47.02 0.09 33.31
N THR K 117 47.00 0.74 34.47
CA THR K 117 47.83 1.92 34.70
C THR K 117 48.37 1.85 36.12
N LEU K 118 49.68 1.67 36.26
CA LEU K 118 50.31 1.51 37.55
C LEU K 118 50.59 2.88 38.15
N VAL K 119 49.84 3.24 39.19
CA VAL K 119 50.08 4.44 39.97
C VAL K 119 50.83 4.05 41.23
N THR K 120 51.97 4.71 41.47
CA THR K 120 52.81 4.44 42.64
C THR K 120 52.89 5.70 43.49
N VAL K 121 52.44 5.59 44.74
CA VAL K 121 52.49 6.68 45.70
C VAL K 121 53.65 6.40 46.64
N SER K 122 54.63 7.31 46.67
CA SER K 122 55.82 7.14 47.49
C SER K 122 56.38 8.51 47.83
N SER K 123 57.18 8.53 48.91
CA SER K 123 57.81 9.77 49.37
C SER K 123 59.24 9.87 48.85
N ASN L 1 26.63 -4.22 50.96
CA ASN L 1 25.72 -4.54 49.81
C ASN L 1 25.59 -6.08 49.73
N ILE L 2 25.85 -6.71 48.59
CA ILE L 2 25.76 -8.16 48.46
C ILE L 2 27.15 -8.73 48.74
N GLN L 3 27.30 -9.39 49.89
CA GLN L 3 28.54 -10.07 50.23
C GLN L 3 28.64 -11.37 49.44
N MET L 4 29.89 -11.74 49.11
CA MET L 4 30.18 -12.96 48.37
C MET L 4 31.25 -13.78 49.09
N THR L 5 31.16 -15.10 48.95
CA THR L 5 32.19 -16.02 49.42
C THR L 5 32.55 -16.94 48.27
N GLN L 6 33.84 -16.93 47.88
CA GLN L 6 34.35 -17.75 46.78
C GLN L 6 35.30 -18.79 47.34
N SER L 7 35.04 -20.05 47.02
CA SER L 7 35.85 -21.17 47.47
C SER L 7 36.17 -22.10 46.31
N PRO L 8 37.27 -22.86 46.37
CA PRO L 8 38.33 -22.90 47.41
C PRO L 8 39.25 -21.69 47.30
N SER L 9 39.82 -21.22 48.41
CA SER L 9 40.66 -20.03 48.37
C SER L 9 41.90 -20.25 47.52
N SER L 10 42.50 -21.44 47.62
CA SER L 10 43.62 -21.82 46.77
C SER L 10 43.45 -23.28 46.39
N LEU L 11 43.64 -23.58 45.10
CA LEU L 11 43.47 -24.93 44.57
C LEU L 11 44.69 -25.30 43.74
N SER L 12 45.17 -26.52 43.94
CA SER L 12 46.25 -27.11 43.16
C SER L 12 45.73 -28.41 42.54
N ALA L 13 45.81 -28.51 41.21
CA ALA L 13 45.29 -29.67 40.50
C ALA L 13 46.16 -29.94 39.29
N SER L 14 46.29 -31.23 38.96
CA SER L 14 47.06 -31.66 37.80
C SER L 14 46.23 -31.56 36.53
N VAL L 15 46.91 -31.65 35.39
CA VAL L 15 46.27 -31.51 34.10
C VAL L 15 45.22 -32.61 33.92
N GLY L 16 44.16 -32.29 33.17
CA GLY L 16 43.15 -33.25 32.80
C GLY L 16 41.93 -33.28 33.69
N ASP L 17 42.11 -33.10 35.00
CA ASP L 17 40.97 -33.16 35.90
C ASP L 17 40.11 -31.91 35.76
N ARG L 18 38.92 -31.96 36.37
CA ARG L 18 38.02 -30.81 36.37
C ARG L 18 38.25 -29.96 37.62
N VAL L 19 38.06 -28.65 37.45
CA VAL L 19 38.14 -27.68 38.53
C VAL L 19 36.75 -27.08 38.71
N THR L 20 36.22 -27.17 39.92
CA THR L 20 34.90 -26.65 40.27
C THR L 20 35.07 -25.59 41.36
N ILE L 21 34.85 -24.33 41.01
CA ILE L 21 34.93 -23.20 41.94
C ILE L 21 33.50 -22.77 42.24
N THR L 22 33.21 -22.45 43.49
CA THR L 22 31.85 -22.12 43.94
C THR L 22 31.83 -20.72 44.52
N CYS L 23 30.89 -19.90 44.06
CA CYS L 23 30.61 -18.57 44.59
C CYS L 23 29.24 -18.59 45.24
N GLN L 24 29.17 -18.10 46.47
CA GLN L 24 27.92 -18.03 47.25
C GLN L 24 27.63 -16.57 47.57
N ALA L 25 26.50 -16.08 47.09
CA ALA L 25 26.08 -14.71 47.31
C ALA L 25 25.38 -14.58 48.66
N SER L 26 25.15 -13.34 49.06
CA SER L 26 24.48 -13.03 50.33
C SER L 26 22.97 -12.95 50.19
N GLN L 27 22.42 -13.05 48.98
CA GLN L 27 20.98 -12.98 48.77
C GLN L 27 20.70 -13.40 47.33
N ASP L 28 19.41 -13.43 46.98
CA ASP L 28 19.01 -13.74 45.61
C ASP L 28 19.50 -12.64 44.66
N ILE L 29 20.28 -13.03 43.67
CA ILE L 29 20.82 -12.12 42.66
C ILE L 29 20.43 -12.54 41.24
N SER L 30 19.40 -13.37 41.11
CA SER L 30 18.97 -13.95 39.82
C SER L 30 20.18 -14.61 39.16
N ASN L 31 20.54 -14.27 37.92
CA ASN L 31 21.64 -14.89 37.20
C ASN L 31 22.76 -13.90 36.89
N TYR L 32 22.78 -12.74 37.55
CA TYR L 32 23.72 -11.68 37.21
C TYR L 32 25.02 -11.87 37.99
N LEU L 33 25.73 -12.95 37.64
CA LEU L 33 27.06 -13.23 38.17
C LEU L 33 28.00 -13.53 37.01
N ASN L 34 29.20 -12.96 37.07
CA ASN L 34 30.18 -13.05 35.99
C ASN L 34 31.46 -13.68 36.50
N TRP L 35 32.11 -14.46 35.64
CA TRP L 35 33.38 -15.11 35.94
C TRP L 35 34.45 -14.57 35.00
N TYR L 36 35.52 -14.06 35.60
CA TYR L 36 36.67 -13.47 34.92
C TYR L 36 37.91 -14.29 35.21
N GLN L 37 38.83 -14.27 34.25
CA GLN L 37 40.16 -14.87 34.37
C GLN L 37 41.21 -13.76 34.28
N GLN L 38 42.16 -13.78 35.21
CA GLN L 38 43.25 -12.80 35.25
C GLN L 38 44.58 -13.55 35.32
N LYS L 39 45.34 -13.49 34.22
CA LYS L 39 46.71 -13.96 34.23
C LYS L 39 47.58 -12.95 34.98
N PRO L 40 48.72 -13.37 35.53
CA PRO L 40 49.60 -12.40 36.19
C PRO L 40 50.12 -11.36 35.19
N GLY L 41 50.09 -10.10 35.61
CA GLY L 41 50.55 -9.02 34.75
C GLY L 41 49.64 -8.66 33.61
N LYS L 42 48.39 -9.13 33.62
CA LYS L 42 47.43 -8.83 32.57
C LYS L 42 46.08 -8.52 33.20
N ALA L 43 45.24 -7.82 32.45
CA ALA L 43 43.94 -7.44 32.94
C ALA L 43 43.02 -8.66 33.01
N PRO L 44 41.96 -8.60 33.82
CA PRO L 44 41.00 -9.71 33.82
C PRO L 44 40.33 -9.86 32.46
N LYS L 45 39.95 -11.10 32.15
CA LYS L 45 39.29 -11.43 30.89
C LYS L 45 38.00 -12.17 31.23
N LEU L 46 36.88 -11.66 30.72
CA LEU L 46 35.58 -12.24 31.03
C LEU L 46 35.40 -13.54 30.28
N LEU L 47 35.11 -14.61 31.03
CA LEU L 47 34.76 -15.91 30.47
C LEU L 47 33.27 -16.15 30.47
N ILE L 48 32.60 -16.00 31.63
CA ILE L 48 31.17 -16.28 31.75
C ILE L 48 30.46 -14.99 32.13
N TYR L 49 29.42 -14.65 31.38
CA TYR L 49 28.53 -13.54 31.70
C TYR L 49 27.11 -14.07 31.86
N ASP L 50 26.39 -13.51 32.84
CA ASP L 50 25.06 -13.96 33.23
C ASP L 50 25.05 -15.40 33.75
N ALA L 51 26.21 -15.90 34.19
CA ALA L 51 26.36 -17.14 34.95
C ALA L 51 26.17 -18.41 34.12
N SER L 52 25.74 -18.28 32.86
CA SER L 52 25.61 -19.43 31.96
C SER L 52 26.16 -19.19 30.56
N ASN L 53 26.10 -17.97 30.04
CA ASN L 53 26.55 -17.70 28.68
C ASN L 53 28.07 -17.62 28.62
N LEU L 54 28.62 -18.01 27.47
CA LEU L 54 30.06 -18.09 27.25
C LEU L 54 30.47 -16.94 26.35
N GLU L 55 31.49 -16.19 26.77
CA GLU L 55 32.00 -15.10 25.97
C GLU L 55 32.61 -15.66 24.68
N THR L 56 32.41 -14.94 23.58
CA THR L 56 32.91 -15.41 22.30
C THR L 56 34.43 -15.41 22.29
N GLY L 57 35.01 -16.42 21.65
CA GLY L 57 36.45 -16.61 21.64
C GLY L 57 36.98 -17.44 22.80
N VAL L 58 36.14 -17.81 23.76
CA VAL L 58 36.55 -18.61 24.90
C VAL L 58 36.46 -20.08 24.49
N PRO L 59 37.44 -20.94 24.81
CA PRO L 59 37.25 -22.37 24.53
C PRO L 59 36.11 -22.95 25.35
N SER L 60 35.44 -23.95 24.76
CA SER L 60 34.23 -24.51 25.36
C SER L 60 34.49 -25.27 26.66
N ARG L 61 35.74 -25.56 27.01
CA ARG L 61 36.02 -26.26 28.26
C ARG L 61 35.61 -25.44 29.47
N PHE L 62 35.54 -24.12 29.35
CA PHE L 62 35.02 -23.27 30.42
C PHE L 62 33.50 -23.27 30.37
N SER L 63 32.88 -23.42 31.54
CA SER L 63 31.42 -23.39 31.63
C SER L 63 31.02 -22.90 33.01
N GLY L 64 29.80 -22.44 33.12
CA GLY L 64 29.28 -21.96 34.40
C GLY L 64 27.80 -22.25 34.50
N SER L 65 27.36 -22.54 35.73
CA SER L 65 25.95 -22.84 35.97
C SER L 65 25.61 -22.43 37.39
N GLY L 66 24.43 -21.86 37.57
CA GLY L 66 24.04 -21.44 38.90
C GLY L 66 22.84 -20.53 38.84
N SER L 67 22.34 -20.21 40.04
CA SER L 67 21.20 -19.31 40.17
C SER L 67 21.04 -18.94 41.64
N GLY L 68 20.16 -17.98 41.87
CA GLY L 68 19.79 -17.59 43.22
C GLY L 68 20.98 -17.14 44.03
N THR L 69 21.40 -18.01 44.96
CA THR L 69 22.51 -17.76 45.85
C THR L 69 23.78 -18.47 45.43
N HIS L 70 23.68 -19.61 44.74
CA HIS L 70 24.81 -20.51 44.52
C HIS L 70 25.17 -20.58 43.05
N PHE L 71 26.46 -20.44 42.75
CA PHE L 71 26.97 -20.49 41.39
C PHE L 71 28.25 -21.32 41.36
N THR L 72 28.46 -22.01 40.23
CA THR L 72 29.58 -22.90 40.05
C THR L 72 30.23 -22.65 38.70
N PHE L 73 31.56 -22.58 38.71
CA PHE L 73 32.39 -22.45 37.51
C PHE L 73 33.14 -23.77 37.33
N THR L 74 33.07 -24.33 36.13
CA THR L 74 33.65 -25.64 35.83
C THR L 74 34.62 -25.48 34.67
N ILE L 75 35.87 -25.88 34.89
CA ILE L 75 36.85 -26.05 33.82
C ILE L 75 37.11 -27.54 33.71
N SER L 76 36.68 -28.13 32.58
CA SER L 76 36.72 -29.58 32.46
C SER L 76 38.14 -30.13 32.40
N ARG L 77 39.01 -29.49 31.62
CA ARG L 77 40.41 -29.90 31.48
C ARG L 77 41.33 -28.73 31.79
N LEU L 78 42.26 -28.94 32.72
CA LEU L 78 43.25 -27.93 33.09
C LEU L 78 44.38 -27.94 32.06
N GLN L 79 44.07 -27.42 30.87
CA GLN L 79 45.07 -27.26 29.83
C GLN L 79 46.14 -26.24 30.25
N PRO L 80 47.36 -26.38 29.73
CA PRO L 80 48.46 -25.52 30.22
C PRO L 80 48.27 -24.03 29.99
N GLU L 81 47.46 -23.61 29.01
CA GLU L 81 47.24 -22.17 28.86
C GLU L 81 46.42 -21.55 29.99
N ASP L 82 45.68 -22.35 30.79
CA ASP L 82 44.71 -21.83 31.76
C ASP L 82 45.22 -21.40 33.15
N ILE L 83 46.53 -21.36 33.45
CA ILE L 83 46.90 -21.04 34.84
C ILE L 83 46.68 -19.54 35.07
N ALA L 84 45.73 -19.21 35.95
CA ALA L 84 45.35 -17.82 36.19
C ALA L 84 44.49 -17.77 37.45
N THR L 85 44.32 -16.56 37.98
CA THR L 85 43.39 -16.35 39.09
C THR L 85 41.99 -16.13 38.53
N TYR L 86 41.02 -16.85 39.09
CA TYR L 86 39.62 -16.78 38.66
C TYR L 86 38.78 -16.03 39.69
N TYR L 87 37.98 -15.08 39.22
CA TYR L 87 37.16 -14.23 40.07
C TYR L 87 35.70 -14.36 39.68
N CYS L 88 34.82 -14.42 40.69
CA CYS L 88 33.39 -14.18 40.49
C CYS L 88 33.07 -12.73 40.83
N GLN L 89 31.98 -12.24 40.25
CA GLN L 89 31.58 -10.85 40.44
C GLN L 89 30.06 -10.77 40.40
N VAL L 90 29.49 -10.07 41.38
CA VAL L 90 28.12 -9.58 41.34
C VAL L 90 28.17 -8.07 41.54
N TYR L 91 27.66 -7.33 40.55
CA TYR L 91 27.56 -5.87 40.55
C TYR L 91 28.93 -5.28 40.91
N GLU L 92 29.03 -4.41 41.92
CA GLU L 92 30.31 -3.79 42.26
C GLU L 92 31.27 -4.75 42.96
N THR L 93 30.78 -5.86 43.49
CA THR L 93 31.58 -6.73 44.35
C THR L 93 32.32 -7.75 43.50
N PHE L 94 33.62 -7.90 43.79
CA PHE L 94 34.46 -8.92 43.19
C PHE L 94 34.80 -9.97 44.24
N GLY L 95 34.83 -11.24 43.81
CA GLY L 95 35.18 -12.30 44.72
C GLY L 95 36.62 -12.20 45.18
N GLN L 96 36.91 -12.91 46.28
CA GLN L 96 38.27 -12.90 46.82
C GLN L 96 39.27 -13.50 45.85
N GLY L 97 38.82 -14.39 44.97
CA GLY L 97 39.66 -14.96 43.94
C GLY L 97 40.29 -16.27 44.36
N THR L 98 40.47 -17.15 43.37
CA THR L 98 41.11 -18.44 43.56
C THR L 98 42.15 -18.62 42.46
N LYS L 99 43.31 -19.16 42.83
CA LYS L 99 44.42 -19.39 41.91
C LYS L 99 44.57 -20.89 41.70
N VAL L 100 44.32 -21.36 40.48
CA VAL L 100 44.67 -22.73 40.15
C VAL L 100 46.19 -22.88 40.14
N GLU L 101 46.65 -24.13 40.22
CA GLU L 101 48.07 -24.39 40.20
C GLU L 101 48.31 -25.82 39.71
N ILE L 102 49.48 -26.01 39.10
CA ILE L 102 49.85 -27.29 38.49
C ILE L 102 50.72 -28.08 39.46
N GLU M 1 1.35 -56.28 -24.99
CA GLU M 1 2.28 -56.28 -23.83
C GLU M 1 1.55 -56.08 -22.50
N VAL M 2 0.35 -55.50 -22.55
CA VAL M 2 -0.43 -55.27 -21.34
C VAL M 2 -0.88 -56.61 -20.77
N GLN M 3 -0.70 -56.79 -19.46
CA GLN M 3 -1.09 -58.00 -18.77
C GLN M 3 -1.75 -57.62 -17.45
N LEU M 4 -2.89 -58.25 -17.15
CA LEU M 4 -3.64 -58.04 -15.92
C LEU M 4 -4.02 -59.40 -15.36
N VAL M 5 -3.39 -59.79 -14.26
CA VAL M 5 -3.55 -61.14 -13.70
C VAL M 5 -4.30 -61.01 -12.38
N GLU M 6 -5.41 -61.74 -12.27
CA GLU M 6 -6.25 -61.73 -11.07
C GLU M 6 -5.90 -62.91 -10.17
N THR M 7 -5.84 -62.63 -8.86
CA THR M 7 -5.57 -63.64 -7.85
C THR M 7 -6.52 -63.44 -6.67
N GLY M 8 -6.97 -64.55 -6.10
CA GLY M 8 -7.88 -64.53 -4.95
C GLY M 8 -9.26 -65.12 -5.22
N GLY M 9 -9.54 -65.59 -6.43
CA GLY M 9 -10.84 -66.22 -6.67
C GLY M 9 -10.89 -67.61 -6.04
N GLY M 10 -11.99 -67.90 -5.40
CA GLY M 10 -12.14 -69.18 -4.74
C GLY M 10 -13.54 -69.39 -4.21
N LEU M 11 -13.64 -70.26 -3.21
CA LEU M 11 -14.91 -70.60 -2.58
C LEU M 11 -15.01 -69.89 -1.24
N VAL M 12 -16.16 -69.31 -0.97
CA VAL M 12 -16.43 -68.60 0.28
C VAL M 12 -17.88 -68.88 0.67
N GLN M 13 -18.10 -69.08 1.97
CA GLN M 13 -19.43 -69.36 2.46
C GLN M 13 -20.32 -68.11 2.33
N PRO M 14 -21.65 -68.28 2.24
CA PRO M 14 -22.52 -67.11 2.25
C PRO M 14 -22.35 -66.29 3.53
N GLY M 15 -22.37 -64.97 3.37
CA GLY M 15 -22.08 -64.07 4.47
C GLY M 15 -20.61 -63.89 4.78
N GLY M 16 -19.72 -64.49 4.01
CA GLY M 16 -18.30 -64.40 4.25
C GLY M 16 -17.69 -63.15 3.66
N SER M 17 -16.39 -63.22 3.41
CA SER M 17 -15.65 -62.09 2.86
C SER M 17 -14.55 -62.61 1.95
N LEU M 18 -14.09 -61.75 1.06
CA LEU M 18 -13.06 -62.13 0.10
C LEU M 18 -12.37 -60.90 -0.47
N LYS M 19 -11.06 -60.97 -0.61
CA LYS M 19 -10.26 -59.89 -1.21
C LYS M 19 -9.69 -60.40 -2.53
N LEU M 20 -10.21 -59.87 -3.63
CA LEU M 20 -9.62 -60.11 -4.95
C LEU M 20 -8.54 -59.08 -5.21
N SER M 21 -7.50 -59.50 -5.94
CA SER M 21 -6.40 -58.62 -6.31
C SER M 21 -6.13 -58.80 -7.79
N CYS M 22 -5.61 -57.74 -8.41
CA CYS M 22 -5.28 -57.74 -9.83
C CYS M 22 -3.97 -57.01 -10.01
N ARG M 23 -2.96 -57.72 -10.51
CA ARG M 23 -1.63 -57.18 -10.74
C ARG M 23 -1.47 -56.84 -12.22
N ALA M 24 -0.99 -55.63 -12.50
CA ALA M 24 -0.92 -55.10 -13.85
C ALA M 24 0.54 -54.88 -14.25
N SER M 25 0.81 -55.10 -15.54
CA SER M 25 2.14 -54.87 -16.09
C SER M 25 2.01 -54.53 -17.56
N GLY M 26 3.08 -53.94 -18.10
CA GLY M 26 3.15 -53.59 -19.50
C GLY M 26 2.67 -52.21 -19.87
N TYR M 27 2.30 -51.39 -18.89
CA TYR M 27 1.82 -50.04 -19.16
C TYR M 27 1.89 -49.23 -17.87
N THR M 28 1.70 -47.92 -18.02
CA THR M 28 1.66 -47.02 -16.87
C THR M 28 0.38 -47.28 -16.08
N PHE M 29 0.51 -47.94 -14.93
CA PHE M 29 -0.66 -48.26 -14.12
C PHE M 29 -1.34 -47.00 -13.59
N SER M 30 -0.54 -46.02 -13.16
CA SER M 30 -1.08 -44.83 -12.52
C SER M 30 -1.77 -43.88 -13.49
N SER M 31 -1.69 -44.13 -14.80
CA SER M 31 -2.30 -43.26 -15.80
C SER M 31 -3.64 -43.78 -16.30
N PHE M 32 -4.20 -44.82 -15.66
CA PHE M 32 -5.40 -45.50 -16.14
C PHE M 32 -6.40 -45.68 -15.00
N ALA M 33 -7.66 -45.39 -15.29
CA ALA M 33 -8.73 -45.77 -14.40
C ALA M 33 -8.98 -47.28 -14.53
N MET M 34 -9.32 -47.91 -13.41
CA MET M 34 -9.54 -49.35 -13.37
C MET M 34 -11.00 -49.65 -13.04
N SER M 35 -11.43 -50.86 -13.38
CA SER M 35 -12.80 -51.28 -13.17
C SER M 35 -12.84 -52.76 -12.87
N TRP M 36 -13.87 -53.16 -12.14
CA TRP M 36 -14.19 -54.57 -11.90
C TRP M 36 -15.54 -54.86 -12.52
N VAL M 37 -15.57 -55.87 -13.38
CA VAL M 37 -16.77 -56.29 -14.12
C VAL M 37 -16.93 -57.79 -13.92
N ARG M 38 -18.11 -58.23 -13.49
CA ARG M 38 -18.36 -59.63 -13.18
C ARG M 38 -19.34 -60.23 -14.18
N GLN M 39 -19.12 -61.50 -14.51
CA GLN M 39 -20.02 -62.28 -15.35
C GLN M 39 -20.41 -63.55 -14.60
N ALA M 40 -21.69 -63.69 -14.27
CA ALA M 40 -22.16 -64.95 -13.73
C ALA M 40 -22.08 -66.03 -14.81
N PRO M 41 -21.94 -67.31 -14.42
CA PRO M 41 -21.49 -68.33 -15.40
C PRO M 41 -22.38 -68.47 -16.63
N GLY M 42 -23.70 -68.58 -16.45
CA GLY M 42 -24.60 -68.68 -17.58
C GLY M 42 -25.11 -67.36 -18.12
N LYS M 43 -24.84 -66.25 -17.44
CA LYS M 43 -25.37 -64.94 -17.78
C LYS M 43 -24.29 -64.08 -18.41
N GLY M 44 -24.64 -62.82 -18.69
CA GLY M 44 -23.74 -61.88 -19.35
C GLY M 44 -22.97 -61.02 -18.37
N LEU M 45 -22.26 -60.04 -18.94
CA LEU M 45 -21.38 -59.18 -18.16
C LEU M 45 -22.20 -58.17 -17.33
N GLU M 46 -21.65 -57.80 -16.18
CA GLU M 46 -22.25 -56.81 -15.31
C GLU M 46 -21.15 -55.97 -14.68
N TRP M 47 -21.25 -54.65 -14.84
CA TRP M 47 -20.28 -53.75 -14.23
C TRP M 47 -20.46 -53.72 -12.72
N VAL M 48 -19.36 -53.93 -11.99
CA VAL M 48 -19.40 -53.97 -10.53
C VAL M 48 -18.93 -52.64 -9.96
N SER M 49 -17.70 -52.23 -10.27
CA SER M 49 -17.13 -51.06 -9.64
C SER M 49 -16.10 -50.40 -10.54
N LEU M 50 -15.72 -49.18 -10.16
CA LEU M 50 -14.83 -48.34 -10.96
C LEU M 50 -14.02 -47.47 -10.01
N ILE M 51 -12.76 -47.23 -10.36
CA ILE M 51 -11.87 -46.36 -9.58
C ILE M 51 -11.03 -45.54 -10.54
N ASN M 52 -10.80 -44.27 -10.18
CA ASN M 52 -10.07 -43.36 -11.05
C ASN M 52 -8.58 -43.68 -11.02
N ASP M 53 -7.81 -42.90 -11.80
CA ASP M 53 -6.39 -43.18 -11.96
C ASP M 53 -5.62 -42.95 -10.66
N ARG M 54 -5.98 -41.92 -9.89
CA ARG M 54 -5.30 -41.61 -8.65
C ARG M 54 -5.78 -42.45 -7.47
N GLY M 55 -6.90 -43.15 -7.61
CA GLY M 55 -7.42 -43.96 -6.52
C GLY M 55 -8.23 -43.20 -5.49
N GLY M 56 -8.65 -41.98 -5.79
CA GLY M 56 -9.39 -41.17 -4.84
C GLY M 56 -10.89 -41.28 -4.97
N LEU M 57 -11.36 -41.54 -6.19
CA LEU M 57 -12.78 -41.63 -6.50
C LEU M 57 -13.15 -43.09 -6.77
N THR M 58 -14.20 -43.56 -6.10
CA THR M 58 -14.67 -44.93 -6.22
C THR M 58 -16.17 -44.92 -6.47
N PHE M 59 -16.60 -45.69 -7.47
CA PHE M 59 -18.01 -45.80 -7.84
C PHE M 59 -18.39 -47.27 -7.86
N TYR M 60 -19.62 -47.57 -7.45
CA TYR M 60 -20.12 -48.93 -7.38
C TYR M 60 -21.53 -48.99 -7.94
N VAL M 61 -21.90 -50.16 -8.44
CA VAL M 61 -23.30 -50.42 -8.75
C VAL M 61 -24.08 -50.56 -7.45
N ASP M 62 -25.34 -50.13 -7.47
CA ASP M 62 -26.13 -50.03 -6.24
C ASP M 62 -26.32 -51.38 -5.54
N SER M 63 -26.19 -52.49 -6.27
CA SER M 63 -26.37 -53.80 -5.65
C SER M 63 -25.27 -54.15 -4.66
N VAL M 64 -24.11 -53.50 -4.75
CA VAL M 64 -22.95 -53.82 -3.91
C VAL M 64 -22.39 -52.54 -3.29
N LYS M 65 -23.23 -51.51 -3.14
CA LYS M 65 -22.73 -50.19 -2.79
C LYS M 65 -22.08 -50.17 -1.42
N GLY M 66 -22.80 -50.65 -0.40
CA GLY M 66 -22.26 -50.67 0.96
C GLY M 66 -21.39 -51.85 1.30
N ARG M 67 -21.28 -52.83 0.40
CA ARG M 67 -20.61 -54.09 0.68
C ARG M 67 -19.22 -54.20 0.06
N PHE M 68 -19.07 -53.74 -1.17
CA PHE M 68 -17.80 -53.85 -1.88
C PHE M 68 -16.97 -52.59 -1.66
N THR M 69 -15.66 -52.73 -1.83
CA THR M 69 -14.74 -51.61 -1.68
C THR M 69 -13.60 -51.82 -2.66
N ILE M 70 -13.53 -50.96 -3.67
CA ILE M 70 -12.45 -50.98 -4.66
C ILE M 70 -11.35 -50.05 -4.18
N SER M 71 -10.10 -50.46 -4.38
CA SER M 71 -8.95 -49.66 -4.01
C SER M 71 -7.82 -50.01 -4.95
N ARG M 72 -6.76 -49.22 -4.89
CA ARG M 72 -5.60 -49.48 -5.74
C ARG M 72 -4.35 -48.93 -5.04
N ASP M 73 -3.21 -49.52 -5.43
CA ASP M 73 -1.90 -49.04 -5.02
C ASP M 73 -1.08 -48.90 -6.29
N ASN M 74 -0.72 -47.65 -6.63
CA ASN M 74 0.02 -47.40 -7.86
C ASN M 74 1.49 -47.73 -7.71
N SER M 75 2.01 -47.66 -6.48
CA SER M 75 3.40 -48.01 -6.26
C SER M 75 3.63 -49.48 -6.56
N LYS M 76 2.68 -50.33 -6.14
CA LYS M 76 2.80 -51.77 -6.28
C LYS M 76 2.14 -52.28 -7.56
N ASN M 77 1.45 -51.41 -8.30
CA ASN M 77 0.66 -51.78 -9.47
C ASN M 77 -0.33 -52.89 -9.15
N THR M 78 -1.16 -52.62 -8.13
CA THR M 78 -2.18 -53.57 -7.70
C THR M 78 -3.53 -52.89 -7.59
N LEU M 79 -4.58 -53.66 -7.89
CA LEU M 79 -5.96 -53.22 -7.78
C LEU M 79 -6.69 -54.23 -6.89
N SER M 80 -7.22 -53.77 -5.77
CA SER M 80 -7.87 -54.64 -4.79
C SER M 80 -9.37 -54.40 -4.81
N LEU M 81 -10.12 -55.48 -4.57
CA LEU M 81 -11.56 -55.43 -4.39
C LEU M 81 -11.90 -56.25 -3.14
N GLN M 82 -12.22 -55.55 -2.06
CA GLN M 82 -12.66 -56.18 -0.82
C GLN M 82 -14.17 -56.37 -0.89
N MET M 83 -14.61 -57.57 -0.50
CA MET M 83 -16.01 -57.96 -0.57
C MET M 83 -16.43 -58.46 0.80
N HIS M 84 -17.50 -57.90 1.33
CA HIS M 84 -18.02 -58.21 2.66
C HIS M 84 -19.50 -58.57 2.56
N SER M 85 -19.95 -59.44 3.46
CA SER M 85 -21.34 -59.89 3.50
C SER M 85 -21.77 -60.45 2.15
N LEU M 86 -21.01 -61.42 1.65
CA LEU M 86 -21.24 -61.96 0.32
C LEU M 86 -22.57 -62.70 0.26
N ARG M 87 -23.37 -62.39 -0.76
CA ARG M 87 -24.66 -63.02 -0.98
C ARG M 87 -24.53 -64.05 -2.11
N ASP M 88 -25.63 -64.75 -2.38
CA ASP M 88 -25.63 -65.78 -3.42
C ASP M 88 -25.55 -65.19 -4.82
N GLY M 89 -25.99 -63.94 -5.00
CA GLY M 89 -25.96 -63.30 -6.30
C GLY M 89 -24.60 -62.85 -6.77
N ASP M 90 -23.58 -62.91 -5.91
CA ASP M 90 -22.23 -62.48 -6.24
C ASP M 90 -21.39 -63.59 -6.87
N THR M 91 -21.96 -64.77 -7.10
CA THR M 91 -21.22 -65.86 -7.75
C THR M 91 -20.95 -65.48 -9.19
N ALA M 92 -19.68 -65.29 -9.54
CA ALA M 92 -19.34 -64.84 -10.89
C ALA M 92 -17.84 -64.92 -11.10
N VAL M 93 -17.45 -64.81 -12.36
CA VAL M 93 -16.05 -64.59 -12.74
C VAL M 93 -15.84 -63.08 -12.79
N TYR M 94 -14.91 -62.59 -11.99
CA TYR M 94 -14.60 -61.16 -11.89
C TYR M 94 -13.39 -60.84 -12.73
N TYR M 95 -13.52 -59.83 -13.59
CA TYR M 95 -12.45 -59.35 -14.44
C TYR M 95 -12.04 -57.95 -13.98
N CYS M 96 -10.74 -57.74 -13.84
CA CYS M 96 -10.19 -56.40 -13.69
C CYS M 96 -9.85 -55.88 -15.08
N ALA M 97 -10.29 -54.65 -15.37
CA ALA M 97 -10.09 -54.03 -16.67
C ALA M 97 -9.59 -52.61 -16.50
N THR M 98 -8.92 -52.11 -17.52
CA THR M 98 -8.43 -50.74 -17.55
C THR M 98 -9.40 -49.89 -18.36
N GLY M 99 -9.88 -48.80 -17.76
CA GLY M 99 -10.80 -47.87 -18.37
C GLY M 99 -11.96 -47.59 -17.45
N GLY M 100 -13.00 -46.98 -18.02
CA GLY M 100 -14.18 -46.60 -17.28
C GLY M 100 -14.30 -45.10 -17.16
N MET M 101 -13.18 -44.42 -17.00
CA MET M 101 -13.17 -42.96 -16.97
C MET M 101 -11.74 -42.52 -17.27
N SER M 102 -11.53 -41.21 -17.22
CA SER M 102 -10.20 -40.65 -17.39
C SER M 102 -10.17 -39.30 -16.69
N SER M 103 -8.97 -38.74 -16.59
CA SER M 103 -8.84 -37.44 -15.97
C SER M 103 -9.38 -36.36 -16.89
N ALA M 104 -9.58 -35.16 -16.33
CA ALA M 104 -10.06 -34.03 -17.12
C ALA M 104 -9.06 -33.61 -18.19
N LEU M 105 -7.79 -33.95 -18.01
CA LEU M 105 -6.72 -33.60 -18.92
C LEU M 105 -6.46 -34.69 -19.96
N GLN M 106 -7.42 -35.60 -20.16
CA GLN M 106 -7.27 -36.72 -21.07
C GLN M 106 -8.57 -36.89 -21.86
N SER M 107 -8.47 -37.56 -22.99
CA SER M 107 -9.65 -37.87 -23.76
C SER M 107 -10.54 -38.85 -23.01
N SER M 108 -11.84 -38.82 -23.34
CA SER M 108 -12.80 -39.68 -22.66
C SER M 108 -12.50 -41.15 -22.96
N LYS M 109 -12.48 -41.96 -21.91
CA LYS M 109 -12.21 -43.39 -22.02
C LYS M 109 -13.38 -44.15 -21.39
N TYR M 110 -14.61 -43.83 -21.82
CA TYR M 110 -15.80 -44.51 -21.33
C TYR M 110 -15.93 -45.89 -21.99
N TYR M 111 -14.97 -46.75 -21.66
CA TYR M 111 -14.92 -48.10 -22.19
C TYR M 111 -13.79 -48.83 -21.48
N PHE M 112 -13.83 -50.15 -21.53
CA PHE M 112 -12.87 -51.02 -20.86
C PHE M 112 -11.92 -51.58 -21.92
N ASP M 113 -10.73 -51.00 -22.00
CA ASP M 113 -9.82 -51.27 -23.11
C ASP M 113 -9.17 -52.64 -22.98
N PHE M 114 -8.45 -52.86 -21.88
CA PHE M 114 -7.68 -54.08 -21.65
C PHE M 114 -8.29 -54.83 -20.49
N TRP M 115 -8.69 -56.08 -20.75
CA TRP M 115 -9.31 -56.95 -19.76
C TRP M 115 -8.29 -57.90 -19.15
N GLY M 116 -8.65 -58.46 -17.99
CA GLY M 116 -7.85 -59.46 -17.32
C GLY M 116 -8.34 -60.88 -17.62
N GLN M 117 -7.65 -61.85 -17.02
CA GLN M 117 -8.02 -63.25 -17.23
C GLN M 117 -9.39 -63.55 -16.61
N GLY M 118 -9.49 -63.41 -15.30
CA GLY M 118 -10.72 -63.69 -14.57
C GLY M 118 -10.41 -64.39 -13.26
N ALA M 119 -11.31 -64.22 -12.29
CA ALA M 119 -11.21 -64.88 -10.99
C ALA M 119 -12.59 -65.37 -10.59
N LEU M 120 -12.72 -66.67 -10.39
CA LEU M 120 -14.01 -67.29 -10.11
C LEU M 120 -14.32 -67.20 -8.62
N VAL M 121 -15.43 -66.57 -8.28
CA VAL M 121 -15.94 -66.50 -6.91
C VAL M 121 -17.26 -67.24 -6.88
N THR M 122 -17.39 -68.17 -5.93
CA THR M 122 -18.61 -68.96 -5.74
C THR M 122 -19.05 -68.84 -4.28
N VAL M 123 -20.34 -68.56 -4.10
CA VAL M 123 -20.93 -68.42 -2.77
C VAL M 123 -21.90 -69.59 -2.54
N ALA N 1 -31.09 -52.26 -18.29
CA ALA N 1 -30.27 -53.05 -19.21
C ALA N 1 -30.58 -52.70 -20.65
N LEU N 2 -29.79 -53.24 -21.57
CA LEU N 2 -29.93 -53.00 -23.00
C LEU N 2 -30.49 -54.26 -23.65
N THR N 3 -31.58 -54.09 -24.41
CA THR N 3 -32.18 -55.22 -25.11
C THR N 3 -31.32 -55.59 -26.31
N GLN N 4 -30.99 -56.87 -26.41
CA GLN N 4 -30.13 -57.41 -27.47
C GLN N 4 -30.73 -58.73 -27.93
N PRO N 5 -30.62 -59.07 -29.21
CA PRO N 5 -31.11 -60.39 -29.66
C PRO N 5 -30.24 -61.50 -29.09
N PRO N 6 -30.81 -62.60 -28.58
CA PRO N 6 -29.95 -63.66 -28.03
C PRO N 6 -29.06 -64.35 -29.06
N SER N 7 -29.42 -64.30 -30.35
CA SER N 7 -28.67 -65.05 -31.35
C SER N 7 -28.78 -64.35 -32.70
N VAL N 8 -27.71 -64.43 -33.47
CA VAL N 8 -27.68 -63.97 -34.86
C VAL N 8 -26.91 -65.01 -35.65
N SER N 9 -27.43 -65.38 -36.81
CA SER N 9 -26.86 -66.44 -37.64
C SER N 9 -26.40 -65.88 -38.98
N GLY N 10 -25.32 -66.46 -39.51
CA GLY N 10 -24.81 -66.07 -40.80
C GLY N 10 -23.89 -67.16 -41.34
N SER N 11 -23.42 -66.93 -42.56
CA SER N 11 -22.49 -67.79 -43.26
C SER N 11 -21.26 -67.00 -43.65
N PRO N 12 -20.12 -67.64 -43.92
CA PRO N 12 -18.93 -66.89 -44.34
C PRO N 12 -19.17 -66.11 -45.62
N GLY N 13 -18.64 -64.89 -45.65
CA GLY N 13 -18.72 -64.01 -46.80
C GLY N 13 -19.84 -62.99 -46.77
N GLN N 14 -20.87 -63.19 -45.94
CA GLN N 14 -21.98 -62.27 -45.88
C GLN N 14 -21.64 -61.17 -44.86
N SER N 15 -22.63 -60.37 -44.49
CA SER N 15 -22.49 -59.33 -43.46
C SER N 15 -23.72 -59.35 -42.58
N VAL N 16 -23.50 -59.40 -41.27
CA VAL N 16 -24.57 -59.47 -40.28
C VAL N 16 -24.51 -58.21 -39.42
N THR N 17 -25.63 -57.93 -38.76
CA THR N 17 -25.79 -56.74 -37.93
C THR N 17 -26.47 -57.13 -36.63
N ILE N 18 -25.79 -56.91 -35.52
CA ILE N 18 -26.33 -57.16 -34.18
C ILE N 18 -26.80 -55.83 -33.61
N SER N 19 -28.07 -55.77 -33.22
CA SER N 19 -28.68 -54.56 -32.72
C SER N 19 -28.58 -54.48 -31.19
N CYS N 20 -28.84 -53.29 -30.66
CA CYS N 20 -28.78 -53.04 -29.22
C CYS N 20 -29.71 -51.87 -28.92
N THR N 21 -30.89 -52.18 -28.38
CA THR N 21 -31.88 -51.18 -28.03
C THR N 21 -31.71 -50.79 -26.57
N GLY N 22 -31.70 -49.48 -26.31
CA GLY N 22 -31.55 -48.98 -24.96
C GLY N 22 -32.49 -47.81 -24.71
N THR N 23 -32.52 -47.36 -23.46
CA THR N 23 -33.35 -46.24 -23.08
C THR N 23 -32.77 -44.94 -23.63
N SER N 24 -33.61 -43.92 -23.74
CA SER N 24 -33.15 -42.61 -24.19
C SER N 24 -32.13 -42.01 -23.24
N SER N 25 -32.14 -42.41 -21.97
CA SER N 25 -31.24 -41.81 -20.98
C SER N 25 -29.79 -42.27 -21.14
N ASP N 26 -29.54 -43.37 -21.84
CA ASP N 26 -28.20 -43.96 -21.93
C ASP N 26 -27.65 -43.91 -23.35
N ILE N 27 -28.34 -44.50 -24.32
CA ILE N 27 -27.87 -44.50 -25.70
C ILE N 27 -28.34 -43.26 -26.43
N GLY N 28 -29.53 -42.76 -26.10
CA GLY N 28 -30.02 -41.53 -26.72
C GLY N 28 -29.46 -40.26 -26.13
N SER N 29 -28.68 -40.35 -25.05
CA SER N 29 -28.11 -39.18 -24.38
C SER N 29 -26.61 -39.04 -24.56
N TYR N 30 -25.88 -40.16 -24.65
CA TYR N 30 -24.43 -40.16 -24.74
C TYR N 30 -23.97 -40.99 -25.91
N ASN N 31 -22.95 -40.51 -26.62
CA ASN N 31 -22.32 -41.23 -27.72
C ASN N 31 -21.15 -42.08 -27.22
N TYR N 32 -21.41 -42.87 -26.17
CA TYR N 32 -20.43 -43.81 -25.61
C TYR N 32 -21.10 -45.18 -25.58
N VAL N 33 -21.05 -45.87 -26.71
CA VAL N 33 -21.54 -47.24 -26.84
C VAL N 33 -20.39 -48.08 -27.37
N SER N 34 -20.14 -49.23 -26.73
CA SER N 34 -19.00 -50.06 -27.03
C SER N 34 -19.44 -51.51 -27.16
N TRP N 35 -18.66 -52.27 -27.94
CA TRP N 35 -18.96 -53.67 -28.23
C TRP N 35 -17.74 -54.52 -27.89
N TYR N 36 -17.97 -55.59 -27.14
CA TYR N 36 -16.96 -56.55 -26.74
C TYR N 36 -17.25 -57.91 -27.36
N GLN N 37 -16.18 -58.65 -27.64
CA GLN N 37 -16.28 -60.01 -28.17
C GLN N 37 -15.65 -60.93 -27.14
N GLN N 38 -16.45 -61.86 -26.61
CA GLN N 38 -15.99 -62.88 -25.68
C GLN N 38 -16.09 -64.23 -26.37
N HIS N 39 -14.94 -64.74 -26.81
CA HIS N 39 -14.88 -66.12 -27.25
C HIS N 39 -15.23 -67.02 -26.05
N PRO N 40 -15.81 -68.20 -26.29
CA PRO N 40 -16.17 -69.07 -25.16
C PRO N 40 -14.94 -69.46 -24.33
N GLY N 41 -15.04 -69.30 -23.02
CA GLY N 41 -14.00 -69.73 -22.11
C GLY N 41 -12.82 -68.80 -21.95
N LYS N 42 -12.88 -67.59 -22.52
CA LYS N 42 -11.78 -66.62 -22.40
C LYS N 42 -12.37 -65.25 -22.06
N ALA N 43 -11.47 -64.31 -21.76
CA ALA N 43 -11.89 -62.98 -21.34
C ALA N 43 -12.49 -62.21 -22.51
N PRO N 44 -13.27 -61.16 -22.24
CA PRO N 44 -13.76 -60.32 -23.34
C PRO N 44 -12.65 -59.50 -23.96
N LYS N 45 -12.91 -59.04 -25.18
CA LYS N 45 -11.99 -58.21 -25.95
C LYS N 45 -12.77 -57.06 -26.55
N LEU N 46 -12.26 -55.85 -26.39
CA LEU N 46 -12.91 -54.68 -26.96
C LEU N 46 -12.80 -54.71 -28.47
N MET N 47 -13.95 -54.70 -29.15
CA MET N 47 -14.01 -54.62 -30.60
C MET N 47 -14.37 -53.24 -31.12
N ILE N 48 -15.23 -52.52 -30.40
CA ILE N 48 -15.63 -51.18 -30.82
C ILE N 48 -15.80 -50.33 -29.57
N TYR N 49 -15.39 -49.05 -29.66
CA TYR N 49 -15.63 -48.08 -28.60
C TYR N 49 -16.08 -46.77 -29.23
N ASP N 50 -16.80 -45.97 -28.43
CA ASP N 50 -17.32 -44.67 -28.85
C ASP N 50 -18.15 -44.80 -30.13
N VAL N 51 -19.01 -45.82 -30.13
CA VAL N 51 -19.96 -46.08 -31.22
C VAL N 51 -19.22 -46.57 -32.46
N THR N 52 -18.39 -45.70 -33.06
CA THR N 52 -17.77 -45.97 -34.35
C THR N 52 -16.30 -46.36 -34.27
N GLN N 53 -15.57 -45.87 -33.27
CA GLN N 53 -14.12 -46.03 -33.28
C GLN N 53 -13.74 -47.48 -33.02
N ARG N 54 -12.54 -47.85 -33.51
CA ARG N 54 -11.98 -49.18 -33.42
C ARG N 54 -10.69 -49.17 -32.61
N PRO N 55 -10.40 -50.20 -31.79
CA PRO N 55 -9.08 -50.26 -31.17
C PRO N 55 -7.97 -50.60 -32.17
N SER N 56 -6.74 -50.71 -31.68
CA SER N 56 -5.62 -51.16 -32.49
C SER N 56 -5.56 -52.68 -32.46
N GLY N 57 -5.39 -53.29 -33.64
CA GLY N 57 -5.45 -54.72 -33.77
C GLY N 57 -6.82 -55.28 -34.10
N VAL N 58 -7.77 -54.44 -34.47
CA VAL N 58 -9.12 -54.85 -34.85
C VAL N 58 -9.33 -54.50 -36.31
N SER N 59 -9.80 -55.48 -37.08
CA SER N 59 -9.98 -55.30 -38.52
C SER N 59 -11.14 -54.35 -38.82
N ASP N 60 -11.14 -53.83 -40.05
CA ASP N 60 -12.23 -53.00 -40.55
C ASP N 60 -13.53 -53.79 -40.71
N ARG N 61 -13.46 -55.13 -40.66
CA ARG N 61 -14.66 -55.95 -40.77
C ARG N 61 -15.66 -55.64 -39.67
N PHE N 62 -15.19 -55.30 -38.47
CA PHE N 62 -16.05 -54.86 -37.39
C PHE N 62 -16.28 -53.36 -37.50
N SER N 63 -17.55 -52.96 -37.50
CA SER N 63 -17.90 -51.55 -37.57
C SER N 63 -19.11 -51.30 -36.67
N GLY N 64 -19.28 -50.04 -36.25
CA GLY N 64 -20.37 -49.68 -35.39
C GLY N 64 -21.10 -48.45 -35.89
N SER N 65 -22.36 -48.33 -35.49
CA SER N 65 -23.18 -47.20 -35.86
C SER N 65 -24.27 -47.02 -34.81
N LYS N 66 -24.91 -45.86 -34.83
CA LYS N 66 -25.98 -45.53 -33.89
C LYS N 66 -27.09 -44.80 -34.63
N SER N 67 -28.31 -44.98 -34.13
CA SER N 67 -29.48 -44.30 -34.67
C SER N 67 -30.47 -44.15 -33.52
N GLY N 68 -30.68 -42.91 -33.07
CA GLY N 68 -31.58 -42.66 -31.98
C GLY N 68 -31.15 -43.36 -30.71
N ASN N 69 -31.96 -44.32 -30.26
CA ASN N 69 -31.70 -45.09 -29.06
C ASN N 69 -31.17 -46.49 -29.35
N THR N 70 -30.81 -46.79 -30.59
CA THR N 70 -30.42 -48.13 -31.01
C THR N 70 -29.04 -48.09 -31.63
N ALA N 71 -28.12 -48.89 -31.10
CA ALA N 71 -26.76 -49.00 -31.60
C ALA N 71 -26.55 -50.36 -32.24
N SER N 72 -25.84 -50.39 -33.37
CA SER N 72 -25.67 -51.59 -34.17
C SER N 72 -24.19 -51.86 -34.42
N LEU N 73 -23.84 -53.15 -34.43
CA LEU N 73 -22.50 -53.62 -34.78
C LEU N 73 -22.63 -54.45 -36.04
N THR N 74 -21.93 -54.05 -37.10
CA THR N 74 -21.91 -54.75 -38.37
C THR N 74 -20.60 -55.53 -38.47
N ILE N 75 -20.73 -56.84 -38.72
CA ILE N 75 -19.58 -57.72 -38.96
C ILE N 75 -19.70 -58.21 -40.40
N SER N 76 -18.71 -57.89 -41.22
CA SER N 76 -18.66 -58.25 -42.62
C SER N 76 -17.56 -59.28 -42.86
N GLY N 77 -17.76 -60.11 -43.88
CA GLY N 77 -16.81 -61.16 -44.19
C GLY N 77 -16.65 -62.14 -43.04
N LEU N 78 -17.71 -62.88 -42.74
CA LEU N 78 -17.71 -63.75 -41.58
C LEU N 78 -16.68 -64.85 -41.72
N GLN N 79 -16.08 -65.23 -40.59
CA GLN N 79 -15.05 -66.25 -40.53
C GLN N 79 -15.31 -67.16 -39.34
N ALA N 80 -14.50 -68.21 -39.23
CA ALA N 80 -14.68 -69.18 -38.15
C ALA N 80 -14.43 -68.55 -36.79
N ASP N 81 -13.41 -67.69 -36.68
CA ASP N 81 -13.05 -67.09 -35.40
C ASP N 81 -14.15 -66.17 -34.87
N ASP N 82 -15.04 -65.67 -35.73
CA ASP N 82 -16.06 -64.73 -35.29
C ASP N 82 -17.09 -65.33 -34.35
N GLU N 83 -17.15 -66.66 -34.24
CA GLU N 83 -18.09 -67.30 -33.32
C GLU N 83 -17.75 -66.89 -31.90
N ALA N 84 -18.62 -66.11 -31.27
CA ALA N 84 -18.36 -65.60 -29.92
C ALA N 84 -19.66 -65.05 -29.35
N ASP N 85 -19.59 -64.60 -28.10
CA ASP N 85 -20.65 -63.84 -27.46
C ASP N 85 -20.32 -62.36 -27.61
N TYR N 86 -21.18 -61.62 -28.31
CA TYR N 86 -20.97 -60.20 -28.56
C TYR N 86 -21.81 -59.40 -27.56
N TYR N 87 -21.14 -58.64 -26.70
CA TYR N 87 -21.78 -57.90 -25.63
C TYR N 87 -21.82 -56.41 -25.96
N CYS N 88 -22.98 -55.81 -25.74
CA CYS N 88 -23.21 -54.38 -25.81
C CYS N 88 -22.87 -53.75 -24.46
N SER N 89 -22.38 -52.51 -24.49
CA SER N 89 -22.15 -51.75 -23.28
C SER N 89 -22.44 -50.28 -23.57
N ALA N 90 -23.10 -49.62 -22.60
CA ALA N 90 -23.45 -48.21 -22.75
C ALA N 90 -23.20 -47.49 -21.43
N TYR N 91 -22.68 -46.27 -21.54
CA TYR N 91 -22.49 -45.40 -20.38
C TYR N 91 -23.81 -44.73 -20.06
N ALA N 92 -24.41 -45.07 -18.92
CA ALA N 92 -25.77 -44.65 -18.59
C ALA N 92 -25.85 -43.40 -17.73
N GLY N 93 -24.72 -42.76 -17.42
CA GLY N 93 -24.70 -41.51 -16.69
C GLY N 93 -23.97 -41.61 -15.37
N ARG N 94 -24.03 -40.51 -14.63
CA ARG N 94 -23.27 -40.40 -13.38
C ARG N 94 -23.77 -41.39 -12.33
N GLN N 95 -25.09 -41.58 -12.23
CA GLN N 95 -25.64 -42.39 -11.16
C GLN N 95 -25.40 -43.87 -11.43
N THR N 96 -25.93 -44.38 -12.53
CA THR N 96 -25.63 -45.73 -13.02
C THR N 96 -24.62 -45.57 -14.14
N PHE N 97 -23.43 -46.14 -13.96
CA PHE N 97 -22.34 -45.85 -14.88
C PHE N 97 -22.48 -46.65 -16.17
N TYR N 98 -22.40 -47.97 -16.10
CA TYR N 98 -22.35 -48.83 -17.27
C TYR N 98 -23.44 -49.89 -17.20
N ILE N 99 -24.14 -50.06 -18.33
CA ILE N 99 -25.15 -51.10 -18.48
C ILE N 99 -24.75 -51.95 -19.67
N PHE N 100 -24.69 -53.27 -19.44
CA PHE N 100 -24.35 -54.23 -20.48
C PHE N 100 -25.62 -54.88 -21.02
N GLY N 101 -25.65 -55.08 -22.33
CA GLY N 101 -26.73 -55.84 -22.93
C GLY N 101 -26.50 -57.34 -22.80
N GLY N 102 -27.59 -58.10 -22.96
CA GLY N 102 -27.46 -59.54 -22.95
C GLY N 102 -26.62 -60.02 -24.11
N GLY N 103 -25.79 -61.04 -23.84
CA GLY N 103 -24.87 -61.51 -24.86
C GLY N 103 -25.60 -62.09 -26.05
N THR N 104 -25.00 -61.90 -27.23
CA THR N 104 -25.54 -62.39 -28.50
C THR N 104 -24.57 -63.42 -29.06
N ARG N 105 -25.07 -64.62 -29.33
CA ARG N 105 -24.28 -65.69 -29.91
C ARG N 105 -24.27 -65.55 -31.42
N LEU N 106 -23.08 -65.57 -32.01
CA LEU N 106 -22.91 -65.59 -33.45
C LEU N 106 -22.59 -67.00 -33.90
N THR N 107 -23.37 -67.51 -34.85
CA THR N 107 -23.17 -68.83 -35.44
C THR N 107 -22.77 -68.68 -36.90
N VAL N 108 -21.65 -69.30 -37.27
CA VAL N 108 -21.10 -69.20 -38.62
C VAL N 108 -21.15 -70.57 -39.29
N ASN O 38 -17.61 -30.80 -25.84
CA ASN O 38 -16.39 -31.60 -25.85
C ASN O 38 -15.35 -31.03 -24.89
N LEU O 39 -14.92 -29.79 -25.14
CA LEU O 39 -13.90 -29.13 -24.35
C LEU O 39 -14.43 -27.81 -23.84
N TRP O 40 -13.95 -27.42 -22.65
CA TRP O 40 -14.44 -26.25 -21.94
C TRP O 40 -13.26 -25.48 -21.38
N VAL O 41 -13.45 -24.15 -21.27
CA VAL O 41 -12.43 -23.30 -20.68
C VAL O 41 -12.29 -23.64 -19.20
N THR O 42 -11.05 -23.82 -18.75
CA THR O 42 -10.74 -24.02 -17.34
C THR O 42 -9.69 -23.01 -16.94
N VAL O 43 -9.91 -22.37 -15.80
CA VAL O 43 -9.06 -21.31 -15.29
C VAL O 43 -8.10 -21.89 -14.28
N TYR O 44 -6.82 -21.64 -14.46
CA TYR O 44 -5.76 -22.07 -13.56
C TYR O 44 -5.07 -20.85 -12.99
N TYR O 45 -4.86 -20.84 -11.68
CA TYR O 45 -4.14 -19.77 -11.00
C TYR O 45 -2.92 -20.38 -10.31
N GLY O 46 -1.80 -19.67 -10.39
CA GLY O 46 -0.52 -20.23 -10.00
C GLY O 46 0.23 -20.85 -11.15
N VAL O 47 -0.13 -20.52 -12.39
CA VAL O 47 0.49 -21.13 -13.56
C VAL O 47 1.94 -20.66 -13.66
N PRO O 48 2.93 -21.55 -13.96
CA PRO O 48 4.32 -21.06 -14.09
C PRO O 48 4.62 -20.47 -15.47
N VAL O 49 4.20 -19.22 -15.66
CA VAL O 49 4.43 -18.47 -16.88
C VAL O 49 4.94 -17.09 -16.49
N TRP O 50 5.87 -16.57 -17.29
CA TRP O 50 6.43 -15.25 -17.04
C TRP O 50 6.59 -14.49 -18.35
N LYS O 51 6.80 -13.19 -18.23
CA LYS O 51 7.07 -12.30 -19.35
C LYS O 51 8.26 -11.42 -18.99
N ASP O 52 8.83 -10.77 -20.00
CA ASP O 52 9.89 -9.79 -19.76
C ASP O 52 9.28 -8.49 -19.25
N ALA O 53 9.86 -7.95 -18.18
CA ALA O 53 9.37 -6.70 -17.62
C ALA O 53 10.49 -6.01 -16.86
N GLU O 54 10.22 -4.76 -16.47
CA GLU O 54 11.14 -3.94 -15.71
C GLU O 54 10.48 -3.54 -14.40
N THR O 55 11.26 -3.56 -13.31
CA THR O 55 10.74 -3.24 -11.99
C THR O 55 11.86 -2.66 -11.15
N THR O 56 11.50 -2.12 -9.99
CA THR O 56 12.47 -1.66 -9.00
C THR O 56 12.88 -2.83 -8.10
N LEU O 57 14.17 -3.12 -8.09
CA LEU O 57 14.74 -4.21 -7.29
C LEU O 57 15.34 -3.69 -6.00
N PHE O 58 14.92 -4.25 -4.87
CA PHE O 58 15.50 -3.89 -3.57
C PHE O 58 16.83 -4.63 -3.39
N CYS O 59 17.70 -4.09 -2.53
CA CYS O 59 19.05 -4.70 -2.37
C CYS O 59 19.19 -5.37 -0.99
N ALA O 60 19.64 -6.62 -0.96
CA ALA O 60 19.88 -7.33 0.29
C ALA O 60 21.37 -7.22 0.54
N SER O 61 21.76 -7.09 1.81
CA SER O 61 23.18 -7.07 2.17
C SER O 61 23.37 -7.54 3.61
N ASP O 62 24.41 -8.35 3.83
CA ASP O 62 24.69 -8.82 5.18
C ASP O 62 24.96 -7.65 6.13
N ALA O 63 25.74 -6.67 5.68
CA ALA O 63 26.01 -5.44 6.41
C ALA O 63 26.55 -5.68 7.82
N LYS O 64 27.43 -6.66 7.97
CA LYS O 64 28.07 -6.86 9.26
C LYS O 64 29.17 -5.82 9.44
N ALA O 65 29.63 -5.69 10.70
CA ALA O 65 30.78 -4.85 11.09
C ALA O 65 30.31 -3.43 11.35
N TYR O 66 31.15 -2.62 12.00
CA TYR O 66 30.97 -1.19 12.29
C TYR O 66 30.14 -0.99 13.56
N GLU O 67 30.56 -0.04 14.39
CA GLU O 67 29.84 0.30 15.61
C GLU O 67 30.25 1.70 16.08
N HIS O 71 28.43 3.68 8.36
CA HIS O 71 29.54 4.38 7.73
C HIS O 71 29.87 3.67 6.41
N ASN O 72 28.83 3.42 5.61
CA ASN O 72 28.96 2.73 4.33
C ASN O 72 28.26 3.53 3.24
N VAL O 73 28.99 3.82 2.16
CA VAL O 73 28.48 4.66 1.07
C VAL O 73 27.18 4.14 0.49
N TRP O 74 26.90 2.84 0.63
CA TRP O 74 25.71 2.22 0.05
C TRP O 74 24.75 1.70 1.11
N ALA O 75 25.08 0.61 1.80
CA ALA O 75 24.10 -0.07 2.64
C ALA O 75 23.97 0.65 3.98
N THR O 76 23.31 1.79 3.95
CA THR O 76 22.91 2.52 5.15
C THR O 76 21.56 3.20 5.03
N HIS O 77 21.11 3.54 3.82
CA HIS O 77 19.83 4.18 3.58
C HIS O 77 18.94 3.46 2.57
N ALA O 78 19.50 2.64 1.69
CA ALA O 78 18.76 2.06 0.57
C ALA O 78 18.48 0.59 0.67
N CYS O 79 19.49 -0.17 1.06
CA CYS O 79 19.37 -1.65 1.02
C CYS O 79 18.89 -2.21 2.39
N VAL O 80 18.76 -3.53 2.52
CA VAL O 80 18.19 -4.18 3.70
C VAL O 80 18.99 -5.45 4.06
N PRO O 81 18.76 -6.11 5.20
CA PRO O 81 19.57 -7.30 5.56
C PRO O 81 19.47 -8.45 4.57
N THR O 82 20.44 -9.36 4.67
CA THR O 82 20.57 -10.45 3.71
C THR O 82 19.55 -11.57 3.97
N ASP O 83 19.77 -12.71 3.31
CA ASP O 83 18.94 -13.91 3.42
C ASP O 83 19.80 -15.06 3.95
N PRO O 84 19.55 -15.61 5.16
CA PRO O 84 20.37 -16.76 5.60
C PRO O 84 20.48 -17.91 4.61
N ASN O 85 19.39 -18.25 3.91
CA ASN O 85 19.35 -19.40 3.01
C ASN O 85 19.15 -18.91 1.58
N PRO O 86 20.23 -18.67 0.80
CA PRO O 86 20.03 -18.32 -0.61
C PRO O 86 19.55 -19.52 -1.42
N GLN O 87 18.28 -19.51 -1.81
CA GLN O 87 17.65 -20.65 -2.47
C GLN O 87 17.64 -20.41 -3.97
N GLU O 88 18.20 -21.36 -4.71
CA GLU O 88 18.23 -21.34 -6.17
C GLU O 88 17.56 -22.60 -6.69
N ILE O 89 16.60 -22.45 -7.59
CA ILE O 89 15.85 -23.57 -8.16
C ILE O 89 16.21 -23.65 -9.63
N HIS O 90 16.72 -24.80 -10.06
CA HIS O 90 17.07 -25.00 -11.46
C HIS O 90 15.80 -25.27 -12.26
N LEU O 91 15.53 -24.46 -13.28
CA LEU O 91 14.35 -24.65 -14.12
C LEU O 91 14.73 -25.59 -15.26
N GLU O 92 14.42 -26.87 -15.07
CA GLU O 92 14.72 -27.90 -16.04
C GLU O 92 13.74 -27.80 -17.22
N ASN O 93 14.22 -28.22 -18.38
CA ASN O 93 13.50 -28.13 -19.67
C ASN O 93 13.13 -26.67 -19.94
N VAL O 94 13.95 -25.71 -19.52
CA VAL O 94 13.70 -24.28 -19.77
C VAL O 94 14.83 -23.61 -20.54
N THR O 95 14.52 -23.12 -21.74
CA THR O 95 15.43 -22.32 -22.56
C THR O 95 14.88 -20.90 -22.61
N GLU O 96 15.68 -19.92 -22.17
CA GLU O 96 15.21 -18.53 -22.01
C GLU O 96 16.12 -17.56 -22.75
N GLU O 97 15.53 -16.60 -23.46
CA GLU O 97 16.31 -15.61 -24.19
C GLU O 97 16.78 -14.51 -23.24
N PHE O 98 18.10 -14.29 -23.20
CA PHE O 98 18.73 -13.25 -22.39
C PHE O 98 19.33 -12.18 -23.31
N ASN O 99 19.52 -11.00 -22.73
CA ASN O 99 20.16 -9.89 -23.43
C ASN O 99 20.78 -8.98 -22.37
N MET O 100 22.10 -9.09 -22.18
CA MET O 100 22.78 -8.26 -21.20
C MET O 100 22.81 -6.80 -21.60
N TRP O 101 22.64 -6.49 -22.90
CA TRP O 101 22.75 -5.13 -23.40
C TRP O 101 21.44 -4.37 -23.35
N LYS O 102 20.34 -5.01 -22.98
CA LYS O 102 19.06 -4.36 -22.70
C LYS O 102 18.51 -4.84 -21.37
N ASN O 103 19.39 -4.86 -20.37
CA ASN O 103 19.05 -5.28 -19.01
C ASN O 103 18.81 -4.03 -18.17
N ASN O 104 17.58 -3.89 -17.66
CA ASN O 104 17.25 -2.73 -16.85
C ASN O 104 17.85 -2.80 -15.45
N MET O 105 18.33 -3.98 -15.01
CA MET O 105 18.99 -4.06 -13.72
C MET O 105 20.27 -3.23 -13.72
N VAL O 106 20.95 -3.16 -14.86
CA VAL O 106 22.15 -2.35 -14.97
C VAL O 106 21.83 -0.87 -14.80
N GLU O 107 20.75 -0.41 -15.45
CA GLU O 107 20.34 0.99 -15.32
C GLU O 107 19.92 1.29 -13.89
N GLN O 108 19.19 0.36 -13.26
CA GLN O 108 18.78 0.55 -11.87
C GLN O 108 19.99 0.64 -10.95
N MET O 109 21.01 -0.19 -11.20
CA MET O 109 22.22 -0.14 -10.38
C MET O 109 22.96 1.17 -10.59
N HIS O 110 23.00 1.66 -11.83
CA HIS O 110 23.64 2.95 -12.11
C HIS O 110 22.97 4.07 -11.32
N THR O 111 21.64 4.15 -11.42
CA THR O 111 20.91 5.20 -10.70
C THR O 111 21.10 5.06 -9.20
N ASP O 112 21.02 3.82 -8.69
CA ASP O 112 21.15 3.59 -7.26
C ASP O 112 22.54 4.01 -6.76
N ILE O 113 23.58 3.64 -7.49
CA ILE O 113 24.94 3.96 -7.05
C ILE O 113 25.19 5.46 -7.09
N ILE O 114 24.71 6.15 -8.12
CA ILE O 114 24.87 7.60 -8.17
C ILE O 114 24.13 8.25 -7.00
N SER O 115 22.89 7.84 -6.78
CA SER O 115 22.08 8.44 -5.72
C SER O 115 22.68 8.16 -4.35
N LEU O 116 23.24 6.96 -4.16
CA LEU O 116 23.86 6.60 -2.89
C LEU O 116 25.15 7.36 -2.65
N TRP O 117 25.92 7.64 -3.72
CA TRP O 117 27.06 8.54 -3.60
C TRP O 117 26.61 9.92 -3.14
N ASP O 118 25.57 10.46 -3.78
CA ASP O 118 25.08 11.79 -3.42
C ASP O 118 24.59 11.82 -1.97
N GLN O 119 23.85 10.79 -1.56
CA GLN O 119 23.32 10.75 -0.20
C GLN O 119 24.45 10.66 0.82
N SER O 120 25.46 9.84 0.54
CA SER O 120 26.59 9.76 1.45
C SER O 120 27.34 11.09 1.53
N LEU O 121 27.37 11.85 0.44
CA LEU O 121 28.08 13.11 0.45
C LEU O 121 27.25 14.27 0.99
N LYS O 122 25.94 14.10 1.15
CA LYS O 122 25.11 15.20 1.63
C LYS O 122 25.49 15.65 3.04
N PRO O 123 25.58 14.77 4.05
CA PRO O 123 25.88 15.22 5.42
C PRO O 123 27.38 15.28 5.73
N CYS O 124 28.09 16.16 5.02
CA CYS O 124 29.52 16.32 5.19
C CYS O 124 29.88 17.80 5.03
N VAL O 125 31.15 18.11 5.23
CA VAL O 125 31.61 19.50 5.29
C VAL O 125 31.71 20.07 3.87
N LYS O 126 31.00 21.18 3.64
CA LYS O 126 31.14 21.94 2.41
C LYS O 126 32.40 22.77 2.48
N LEU O 127 33.23 22.69 1.43
CA LEU O 127 34.56 23.29 1.42
C LEU O 127 34.59 24.53 0.53
N THR O 128 33.56 25.35 0.64
CA THR O 128 33.48 26.59 -0.13
C THR O 128 34.44 27.68 0.38
N PRO O 129 34.88 27.75 1.64
CA PRO O 129 35.90 28.76 1.99
C PRO O 129 37.32 28.41 1.56
N LEU O 130 37.52 27.34 0.77
CA LEU O 130 38.83 26.94 0.30
C LEU O 130 39.03 27.32 -1.16
N CYS O 131 38.09 28.07 -1.74
CA CYS O 131 38.23 28.63 -3.08
C CYS O 131 38.77 30.05 -2.92
N VAL O 132 40.06 30.12 -2.62
CA VAL O 132 40.77 31.38 -2.39
C VAL O 132 42.12 31.26 -3.09
N THR O 133 42.81 32.39 -3.20
CA THR O 133 44.14 32.36 -3.80
C THR O 133 45.09 31.56 -2.91
N LEU O 134 45.88 30.71 -3.55
CA LEU O 134 46.84 29.84 -2.88
C LEU O 134 48.24 30.20 -3.35
N GLN O 135 49.12 30.56 -2.42
CA GLN O 135 50.51 30.87 -2.76
C GLN O 135 51.28 29.56 -2.63
N CYS O 136 51.76 29.02 -3.74
CA CYS O 136 52.31 27.68 -3.80
C CYS O 136 53.76 27.67 -4.25
N THR O 137 54.55 26.80 -3.63
CA THR O 137 55.94 26.57 -3.98
C THR O 137 56.16 25.06 -4.11
N ASN O 138 57.29 24.67 -4.68
CA ASN O 138 57.63 23.25 -4.71
C ASN O 138 58.04 22.75 -3.33
N VAL O 139 57.86 21.45 -3.13
CA VAL O 139 58.10 20.81 -1.84
C VAL O 139 59.59 20.68 -1.63
N THR O 140 60.09 21.22 -0.51
CA THR O 140 61.51 21.19 -0.22
C THR O 140 61.98 19.83 0.26
N ASN O 141 61.08 18.96 0.69
CA ASN O 141 61.45 17.63 1.15
C ASN O 141 62.12 16.83 0.04
N ASN O 142 62.85 15.79 0.44
CA ASN O 142 63.50 14.90 -0.50
C ASN O 142 62.48 14.28 -1.45
N ILE O 143 62.59 14.61 -2.74
CA ILE O 143 61.63 14.19 -3.75
C ILE O 143 62.38 13.51 -4.87
N THR O 144 61.90 12.35 -5.29
CA THR O 144 62.45 11.67 -6.45
C THR O 144 62.17 12.48 -7.72
N ASP O 145 62.99 12.22 -8.75
CA ASP O 145 62.87 12.97 -10.00
C ASP O 145 61.52 12.77 -10.66
N ASP O 146 60.95 11.57 -10.53
CA ASP O 146 59.63 11.31 -11.12
C ASP O 146 58.56 12.17 -10.45
N MET O 147 58.66 12.37 -9.14
CA MET O 147 57.66 13.09 -8.36
C MET O 147 57.94 14.60 -8.28
N ARG O 148 58.83 15.13 -9.12
CA ARG O 148 59.16 16.54 -9.07
C ARG O 148 58.06 17.34 -9.75
N GLY O 149 57.46 18.28 -9.01
CA GLY O 149 56.36 19.08 -9.50
C GLY O 149 54.99 18.50 -9.25
N GLU O 150 54.90 17.23 -8.83
CA GLU O 150 53.61 16.61 -8.61
C GLU O 150 52.90 17.19 -7.38
N LEU O 151 53.66 17.54 -6.35
CA LEU O 151 53.13 18.03 -5.08
C LEU O 151 53.57 19.48 -4.89
N LYS O 152 52.64 20.30 -4.39
CA LYS O 152 52.89 21.72 -4.15
C LYS O 152 52.52 22.06 -2.71
N ASN O 153 53.38 22.84 -2.08
CA ASN O 153 53.17 23.32 -0.71
C ASN O 153 52.52 24.70 -0.85
N CYS O 154 51.25 24.80 -0.45
CA CYS O 154 50.43 25.98 -0.69
C CYS O 154 49.99 26.61 0.62
N SER O 155 50.27 27.90 0.79
CA SER O 155 49.87 28.68 1.95
C SER O 155 48.70 29.60 1.58
N PHE O 156 47.73 29.70 2.49
CA PHE O 156 46.51 30.45 2.20
C PHE O 156 45.82 30.85 3.51
N ASN O 157 44.95 31.86 3.38
CA ASN O 157 44.15 32.36 4.50
C ASN O 157 42.83 31.60 4.55
N MET O 158 42.44 31.20 5.76
CA MET O 158 41.24 30.43 5.99
C MET O 158 40.42 31.02 7.12
N THR O 159 39.12 30.71 7.08
CA THR O 159 38.21 31.08 8.15
C THR O 159 38.51 30.27 9.40
N THR O 160 38.14 30.83 10.55
CA THR O 160 38.25 30.17 11.84
C THR O 160 36.85 29.91 12.39
N GLU O 161 36.78 29.41 13.62
CA GLU O 161 35.48 29.23 14.25
C GLU O 161 34.80 30.58 14.49
N LEU O 162 35.59 31.62 14.75
CA LEU O 162 35.07 32.97 14.86
C LEU O 162 35.12 33.63 13.48
N ARG O 163 33.99 34.17 13.03
CA ARG O 163 33.93 34.68 11.67
C ARG O 163 34.75 35.94 11.47
N ASP O 164 35.11 36.65 12.55
CA ASP O 164 35.84 37.90 12.44
C ASP O 164 37.36 37.71 12.51
N LYS O 165 37.83 36.47 12.60
CA LYS O 165 39.26 36.16 12.67
C LYS O 165 39.62 35.21 11.55
N ARG O 166 40.83 35.38 11.01
CA ARG O 166 41.36 34.54 9.94
C ARG O 166 42.64 33.87 10.42
N GLN O 167 42.95 32.72 9.82
CA GLN O 167 44.15 31.95 10.13
C GLN O 167 44.99 31.77 8.87
N LYS O 168 46.30 31.79 9.03
CA LYS O 168 47.23 31.47 7.96
C LYS O 168 47.59 29.99 8.07
N VAL O 169 47.18 29.20 7.08
CA VAL O 169 47.40 27.75 7.09
C VAL O 169 48.17 27.37 5.82
N HIS O 170 48.68 26.14 5.82
CA HIS O 170 49.39 25.62 4.66
C HIS O 170 49.01 24.15 4.49
N ALA O 171 49.03 23.70 3.24
CA ALA O 171 48.59 22.34 2.92
C ALA O 171 49.37 21.87 1.70
N LEU O 172 49.46 20.56 1.55
CA LEU O 172 50.08 19.94 0.39
C LEU O 172 48.97 19.54 -0.57
N PHE O 173 49.09 19.97 -1.82
CA PHE O 173 48.11 19.69 -2.85
C PHE O 173 48.79 19.09 -4.07
N TYR O 174 48.19 18.06 -4.63
CA TYR O 174 48.71 17.47 -5.86
C TYR O 174 48.54 18.45 -7.01
N LYS O 175 49.47 18.39 -7.97
CA LYS O 175 49.47 19.35 -9.08
C LYS O 175 48.23 19.21 -9.94
N LEU O 176 47.61 18.02 -9.98
CA LEU O 176 46.42 17.80 -10.76
C LEU O 176 45.18 18.46 -10.16
N ASP O 177 45.25 18.89 -8.90
CA ASP O 177 44.17 19.57 -8.22
C ASP O 177 44.28 21.09 -8.26
N ILE O 178 45.33 21.64 -8.88
CA ILE O 178 45.74 23.03 -8.69
C ILE O 178 45.96 23.67 -10.06
N VAL O 179 45.21 24.73 -10.36
CA VAL O 179 45.30 25.48 -11.61
C VAL O 179 45.91 26.86 -11.33
N PRO O 180 46.89 27.32 -12.11
CA PRO O 180 47.40 28.70 -11.92
C PRO O 180 46.34 29.75 -12.25
N ILE O 181 46.16 30.73 -11.37
CA ILE O 181 45.11 31.72 -11.61
C ILE O 181 45.40 32.53 -12.87
N ASN O 182 46.68 32.74 -13.19
CA ASN O 182 47.09 33.48 -14.37
C ASN O 182 48.34 32.82 -14.95
N GLU O 183 48.76 33.28 -16.11
CA GLU O 183 49.95 32.76 -16.77
C GLU O 183 51.20 33.27 -16.06
N SER O 188 50.58 32.32 -7.42
CA SER O 188 49.17 32.35 -7.06
C SER O 188 48.42 31.28 -7.85
N TYR O 189 47.86 30.33 -7.12
CA TYR O 189 47.11 29.21 -7.70
C TYR O 189 45.72 29.15 -7.08
N ARG O 190 44.90 28.23 -7.61
CA ARG O 190 43.53 28.03 -7.17
C ARG O 190 43.20 26.55 -7.35
N LEU O 191 42.25 26.05 -6.56
CA LEU O 191 41.81 24.69 -6.81
C LEU O 191 41.21 24.57 -8.22
N ILE O 192 41.05 23.34 -8.67
CA ILE O 192 40.72 23.14 -10.08
C ILE O 192 39.25 23.44 -10.36
N ASN O 193 38.36 23.17 -9.40
CA ASN O 193 36.93 23.26 -9.62
C ASN O 193 36.36 24.63 -9.28
N CYS O 194 37.19 25.59 -8.86
CA CYS O 194 36.65 26.86 -8.38
C CYS O 194 35.94 27.63 -9.48
N ASN O 195 36.38 27.48 -10.73
CA ASN O 195 35.70 28.16 -11.83
C ASN O 195 34.32 27.56 -12.08
N THR O 196 34.13 26.26 -11.85
CA THR O 196 32.98 25.53 -12.36
C THR O 196 32.07 24.98 -11.27
N ALA O 197 32.61 24.43 -10.19
CA ALA O 197 31.82 23.66 -9.25
C ALA O 197 32.19 23.96 -7.80
N ALA O 198 31.21 23.81 -6.93
CA ALA O 198 31.44 23.84 -5.49
C ALA O 198 31.90 22.46 -5.02
N ILE O 199 32.66 22.46 -3.94
CA ILE O 199 33.38 21.27 -3.48
C ILE O 199 32.92 20.91 -2.07
N THR O 200 32.75 19.61 -1.83
CA THR O 200 32.30 19.10 -0.55
C THR O 200 33.28 18.03 -0.07
N GLN O 201 33.76 18.17 1.17
CA GLN O 201 34.65 17.16 1.71
C GLN O 201 33.90 15.86 1.95
N ALA O 202 34.53 14.75 1.57
CA ALA O 202 33.98 13.45 1.92
C ALA O 202 34.22 13.19 3.40
N CYS O 203 33.21 12.64 4.07
CA CYS O 203 33.33 12.38 5.50
C CYS O 203 34.41 11.33 5.74
N PRO O 204 35.45 11.60 6.54
CA PRO O 204 36.52 10.59 6.68
C PRO O 204 36.04 9.29 7.28
N LYS O 205 35.03 9.32 8.15
CA LYS O 205 34.53 8.10 8.75
C LYS O 205 33.92 7.18 7.70
N VAL O 206 33.21 7.74 6.72
CA VAL O 206 32.62 6.94 5.66
C VAL O 206 33.73 6.35 4.80
N SER O 207 33.70 5.03 4.62
CA SER O 207 34.73 4.30 3.89
C SER O 207 34.26 4.01 2.47
N PHE O 208 35.20 4.04 1.53
CA PHE O 208 34.92 3.81 0.12
C PHE O 208 35.16 2.35 -0.28
N GLU O 209 35.22 1.43 0.66
CA GLU O 209 35.50 0.04 0.34
C GLU O 209 34.22 -0.62 -0.17
N PRO O 210 34.19 -1.18 -1.39
CA PRO O 210 32.97 -1.87 -1.83
C PRO O 210 32.64 -3.06 -0.95
N ILE O 211 31.36 -3.17 -0.61
CA ILE O 211 30.82 -4.36 0.06
C ILE O 211 29.83 -5.01 -0.91
N PRO O 212 29.68 -6.35 -0.93
CA PRO O 212 28.74 -6.95 -1.88
C PRO O 212 27.31 -6.54 -1.61
N ILE O 213 26.54 -6.38 -2.69
CA ILE O 213 25.11 -6.11 -2.64
C ILE O 213 24.41 -7.10 -3.55
N HIS O 214 23.33 -7.71 -3.07
CA HIS O 214 22.53 -8.65 -3.85
C HIS O 214 21.25 -7.96 -4.29
N TYR O 215 20.95 -8.02 -5.58
CA TYR O 215 19.74 -7.38 -6.09
C TYR O 215 18.59 -8.39 -6.12
N CYS O 216 17.55 -8.11 -5.34
CA CYS O 216 16.41 -8.99 -5.14
C CYS O 216 15.16 -8.37 -5.74
N ALA O 217 14.28 -9.26 -6.27
CA ALA O 217 13.02 -8.89 -6.90
C ALA O 217 11.87 -8.88 -5.89
N PRO O 218 10.85 -8.06 -6.09
CA PRO O 218 9.69 -8.09 -5.18
C PRO O 218 8.77 -9.26 -5.55
N ALA O 219 7.66 -9.35 -4.82
CA ALA O 219 6.67 -10.38 -5.08
C ALA O 219 6.03 -10.19 -6.45
N GLY O 220 5.71 -11.32 -7.09
CA GLY O 220 5.21 -11.30 -8.45
C GLY O 220 6.27 -11.15 -9.51
N PHE O 221 7.55 -11.10 -9.13
CA PHE O 221 8.66 -11.01 -10.06
C PHE O 221 9.69 -12.07 -9.67
N ALA O 222 10.51 -12.45 -10.64
CA ALA O 222 11.57 -13.43 -10.44
C ALA O 222 12.83 -12.97 -11.15
N ILE O 223 13.97 -13.46 -10.67
CA ILE O 223 15.26 -13.25 -11.32
C ILE O 223 15.71 -14.60 -11.87
N LEU O 224 15.82 -14.68 -13.19
CA LEU O 224 16.33 -15.85 -13.87
C LEU O 224 17.83 -15.69 -14.08
N LYS O 225 18.60 -16.71 -13.70
CA LYS O 225 20.04 -16.75 -13.87
C LYS O 225 20.38 -17.74 -14.98
N CYS O 226 21.21 -17.29 -15.92
CA CYS O 226 21.73 -18.18 -16.95
C CYS O 226 22.94 -18.92 -16.42
N LYS O 227 22.84 -20.24 -16.34
CA LYS O 227 23.90 -21.07 -15.80
C LYS O 227 24.84 -21.63 -16.87
N ASP O 228 24.63 -21.29 -18.13
CA ASP O 228 25.54 -21.71 -19.19
C ASP O 228 26.89 -21.03 -19.02
N LYS O 229 27.96 -21.81 -19.16
CA LYS O 229 29.33 -21.34 -18.92
C LYS O 229 30.01 -20.78 -20.16
N LYS O 230 29.39 -20.91 -21.34
CA LYS O 230 29.91 -20.35 -22.58
C LYS O 230 29.04 -19.20 -23.07
N PHE O 231 28.20 -18.65 -22.20
CA PHE O 231 27.19 -17.69 -22.64
C PHE O 231 27.83 -16.32 -22.83
N ASN O 232 27.57 -15.71 -23.98
CA ASN O 232 28.08 -14.38 -24.29
C ASN O 232 27.07 -13.28 -23.99
N GLY O 233 26.01 -13.60 -23.23
CA GLY O 233 25.10 -12.60 -22.70
C GLY O 233 23.95 -12.22 -23.60
N THR O 234 23.84 -12.83 -24.78
CA THR O 234 22.75 -12.56 -25.71
C THR O 234 22.31 -13.88 -26.34
N GLY O 235 20.99 -14.03 -26.50
CA GLY O 235 20.44 -15.18 -27.17
C GLY O 235 19.86 -16.20 -26.20
N PRO O 236 19.56 -17.41 -26.68
CA PRO O 236 18.95 -18.41 -25.79
C PRO O 236 19.97 -19.04 -24.85
N CYS O 237 19.59 -19.14 -23.58
CA CYS O 237 20.33 -19.86 -22.56
C CYS O 237 19.57 -21.15 -22.25
N PRO O 238 20.14 -22.35 -22.46
CA PRO O 238 19.38 -23.58 -22.19
C PRO O 238 19.34 -23.94 -20.72
N SER O 239 20.40 -23.63 -19.97
CA SER O 239 20.51 -23.97 -18.55
C SER O 239 20.15 -22.73 -17.75
N VAL O 240 18.92 -22.69 -17.24
CA VAL O 240 18.36 -21.56 -16.52
C VAL O 240 17.99 -21.99 -15.12
N SER O 241 18.18 -21.10 -14.16
CA SER O 241 17.68 -21.26 -12.80
C SER O 241 16.95 -19.97 -12.40
N THR O 242 16.30 -20.01 -11.24
CA THR O 242 15.67 -18.85 -10.65
C THR O 242 16.22 -18.66 -9.25
N VAL O 243 16.46 -17.39 -8.90
CA VAL O 243 17.11 -17.03 -7.65
C VAL O 243 16.31 -15.92 -6.99
N GLN O 244 16.40 -15.85 -5.66
CA GLN O 244 15.76 -14.75 -4.95
C GLN O 244 16.53 -13.45 -5.17
N CYS O 245 17.86 -13.52 -5.13
CA CYS O 245 18.73 -12.35 -5.26
C CYS O 245 19.92 -12.73 -6.13
N THR O 246 20.54 -11.70 -6.71
CA THR O 246 21.78 -11.90 -7.43
C THR O 246 22.90 -12.25 -6.47
N HIS O 247 24.06 -12.62 -7.03
CA HIS O 247 25.21 -12.90 -6.19
C HIS O 247 25.74 -11.61 -5.58
N GLY O 248 26.67 -11.75 -4.63
CA GLY O 248 27.28 -10.59 -4.03
C GLY O 248 28.12 -9.83 -5.04
N ILE O 249 27.63 -8.66 -5.45
CA ILE O 249 28.28 -7.83 -6.46
C ILE O 249 28.88 -6.62 -5.75
N LYS O 250 30.20 -6.51 -5.78
CA LYS O 250 30.88 -5.36 -5.20
C LYS O 250 30.78 -4.18 -6.16
N PRO O 251 30.20 -3.03 -5.76
CA PRO O 251 30.13 -1.91 -6.69
C PRO O 251 31.49 -1.23 -6.88
N VAL O 252 32.39 -1.89 -7.59
CA VAL O 252 33.76 -1.41 -7.76
C VAL O 252 33.76 -0.39 -8.89
N VAL O 253 34.18 0.83 -8.58
CA VAL O 253 34.25 1.92 -9.54
C VAL O 253 35.68 1.95 -10.10
N SER O 254 35.82 1.64 -11.39
CA SER O 254 37.13 1.60 -12.01
C SER O 254 36.99 1.74 -13.51
N THR O 255 38.11 2.05 -14.18
CA THR O 255 38.17 2.19 -15.62
C THR O 255 39.28 1.32 -16.18
N GLN O 256 39.05 0.76 -17.37
CA GLN O 256 40.02 -0.02 -18.14
C GLN O 256 40.32 -1.40 -17.58
N LEU O 257 39.84 -1.71 -16.37
CA LEU O 257 40.15 -2.97 -15.72
C LEU O 257 39.06 -3.23 -14.69
N LEU O 258 38.53 -4.44 -14.70
CA LEU O 258 37.47 -4.84 -13.77
C LEU O 258 38.10 -5.52 -12.57
N LEU O 259 38.08 -4.85 -11.42
CA LEU O 259 38.74 -5.30 -10.22
C LEU O 259 37.72 -5.96 -9.29
N ASN O 260 38.10 -7.09 -8.68
CA ASN O 260 37.26 -7.80 -7.72
C ASN O 260 35.92 -8.21 -8.32
N GLY O 261 35.89 -8.49 -9.62
CA GLY O 261 34.69 -8.98 -10.26
C GLY O 261 34.65 -10.50 -10.26
N SER O 262 33.61 -11.03 -10.89
CA SER O 262 33.49 -12.47 -11.06
C SER O 262 34.41 -12.95 -12.18
N LEU O 263 34.76 -14.23 -12.12
CA LEU O 263 35.64 -14.86 -13.09
C LEU O 263 34.87 -15.86 -13.93
N ALA O 264 35.26 -15.97 -15.20
CA ALA O 264 34.68 -16.97 -16.08
C ALA O 264 35.05 -18.36 -15.59
N GLU O 265 34.13 -19.31 -15.83
CA GLU O 265 34.30 -20.65 -15.26
C GLU O 265 35.22 -21.50 -16.11
N GLU O 266 35.10 -21.41 -17.44
CA GLU O 266 35.82 -22.28 -18.36
C GLU O 266 36.90 -21.56 -19.15
N GLU O 267 36.56 -20.47 -19.83
CA GLU O 267 37.47 -19.79 -20.75
C GLU O 267 37.28 -18.29 -20.64
N VAL O 268 38.24 -17.56 -21.22
CA VAL O 268 38.10 -16.11 -21.32
C VAL O 268 36.92 -15.80 -22.24
N MET O 269 36.05 -14.90 -21.81
CA MET O 269 34.81 -14.59 -22.52
C MET O 269 34.89 -13.19 -23.11
N ILE O 270 34.68 -13.10 -24.43
CA ILE O 270 34.62 -11.84 -25.15
C ILE O 270 33.15 -11.55 -25.42
N ARG O 271 32.67 -10.39 -24.97
CA ARG O 271 31.28 -10.01 -25.11
C ARG O 271 31.19 -8.60 -25.67
N SER O 272 30.27 -8.38 -26.60
CA SER O 272 30.10 -7.07 -27.21
C SER O 272 28.70 -6.98 -27.78
N LYS O 273 28.09 -5.79 -27.67
CA LYS O 273 26.77 -5.57 -28.25
C LYS O 273 26.81 -5.79 -29.76
N ASP O 274 27.87 -5.33 -30.40
CA ASP O 274 28.13 -5.66 -31.80
C ASP O 274 29.64 -5.71 -31.96
N ILE O 275 30.18 -6.93 -32.15
CA ILE O 275 31.62 -7.08 -32.25
C ILE O 275 32.15 -6.44 -33.53
N ARG O 276 31.30 -6.25 -34.54
CA ARG O 276 31.70 -5.58 -35.77
C ARG O 276 31.68 -4.07 -35.64
N ASN O 277 31.01 -3.53 -34.62
CA ASN O 277 30.93 -2.09 -34.41
C ASN O 277 32.08 -1.66 -33.50
N ASN O 278 32.93 -0.76 -34.00
CA ASN O 278 34.03 -0.27 -33.20
C ASN O 278 33.57 0.71 -32.12
N ALA O 279 32.39 1.30 -32.27
CA ALA O 279 31.85 2.22 -31.28
C ALA O 279 31.35 1.51 -30.03
N LYS O 280 31.23 0.19 -30.04
CA LYS O 280 30.74 -0.58 -28.91
C LYS O 280 31.92 -1.16 -28.15
N ASN O 281 31.89 -1.01 -26.83
CA ASN O 281 32.95 -1.54 -25.99
C ASN O 281 32.91 -3.06 -25.97
N ILE O 282 34.09 -3.66 -25.81
CA ILE O 282 34.26 -5.10 -25.71
C ILE O 282 34.57 -5.42 -24.25
N LEU O 283 33.70 -6.20 -23.62
CA LEU O 283 33.91 -6.66 -22.25
C LEU O 283 34.63 -8.00 -22.29
N VAL O 284 35.80 -8.06 -21.66
CA VAL O 284 36.61 -9.27 -21.58
C VAL O 284 36.54 -9.75 -20.14
N GLN O 285 36.13 -11.00 -19.95
CA GLN O 285 36.07 -11.64 -18.64
C GLN O 285 37.13 -12.72 -18.58
N PHE O 286 37.97 -12.68 -17.55
CA PHE O 286 39.04 -13.66 -17.41
C PHE O 286 38.52 -14.93 -16.75
N ASN O 287 39.22 -16.02 -17.01
CA ASN O 287 38.97 -17.29 -16.34
C ASN O 287 39.90 -17.51 -15.16
N THR O 288 41.11 -16.94 -15.21
CA THR O 288 42.02 -16.85 -14.09
C THR O 288 42.36 -15.38 -13.88
N PRO O 289 42.35 -14.87 -12.65
CA PRO O 289 42.62 -13.45 -12.45
C PRO O 289 44.10 -13.12 -12.45
N VAL O 290 44.40 -11.84 -12.65
CA VAL O 290 45.76 -11.32 -12.56
C VAL O 290 45.84 -10.45 -11.31
N GLN O 291 46.70 -10.82 -10.37
CA GLN O 291 46.84 -10.04 -9.15
C GLN O 291 47.50 -8.70 -9.46
N ILE O 292 47.02 -7.64 -8.81
CA ILE O 292 47.57 -6.30 -8.96
C ILE O 292 47.85 -5.74 -7.57
N ASN O 293 49.09 -5.25 -7.40
CA ASN O 293 49.66 -4.78 -6.14
C ASN O 293 49.82 -3.27 -6.25
N CYS O 294 48.95 -2.49 -5.62
CA CYS O 294 49.00 -1.04 -5.69
C CYS O 294 49.44 -0.45 -4.36
N THR O 295 50.14 0.69 -4.42
CA THR O 295 50.63 1.32 -3.20
C THR O 295 50.96 2.78 -3.46
N ARG O 296 50.80 3.59 -2.40
CA ARG O 296 51.32 4.95 -2.34
C ARG O 296 52.38 4.96 -1.24
N PRO O 297 53.69 4.95 -1.57
CA PRO O 297 54.71 4.76 -0.53
C PRO O 297 54.83 5.90 0.48
N ASN O 298 54.25 7.07 0.21
CA ASN O 298 54.39 8.23 1.09
C ASN O 298 53.73 7.98 2.44
N ASN O 299 54.52 8.15 3.52
CA ASN O 299 54.00 8.16 4.88
C ASN O 299 53.38 9.53 5.08
N ASN O 300 52.04 9.58 5.17
CA ASN O 300 51.29 10.83 5.10
C ASN O 300 50.62 11.18 6.42
N THR O 301 50.49 12.48 6.67
CA THR O 301 49.78 13.02 7.82
C THR O 301 48.40 13.51 7.40
N ARG O 302 47.56 13.78 8.38
CA ARG O 302 46.23 14.37 8.19
C ARG O 302 46.09 15.51 9.19
N LYS O 303 46.36 16.75 8.76
CA LYS O 303 46.20 17.89 9.65
C LYS O 303 44.76 18.37 9.65
N SER O 304 44.23 18.59 10.85
CA SER O 304 42.87 19.06 11.04
C SER O 304 42.87 20.58 11.21
N ILE O 305 42.04 21.27 10.43
CA ILE O 305 41.93 22.72 10.44
C ILE O 305 40.47 23.07 10.70
N ARG O 306 40.20 23.77 11.80
CA ARG O 306 38.83 24.13 12.15
C ARG O 306 38.41 25.32 11.29
N ILE O 307 37.64 25.05 10.24
CA ILE O 307 37.26 26.09 9.29
C ILE O 307 36.00 26.83 9.72
N GLY O 308 35.15 26.19 10.52
CA GLY O 308 33.87 26.73 10.89
C GLY O 308 33.51 26.41 12.32
N PRO O 309 32.28 26.71 12.74
CA PRO O 309 31.90 26.45 14.14
C PRO O 309 32.06 25.01 14.57
N GLY O 310 31.74 24.06 13.68
CA GLY O 310 31.95 22.65 13.95
C GLY O 310 32.51 21.90 12.75
N GLN O 311 32.97 22.64 11.74
CA GLN O 311 33.42 22.07 10.49
C GLN O 311 34.94 21.95 10.48
N TRP O 312 35.44 20.85 9.92
CA TRP O 312 36.86 20.56 9.89
C TRP O 312 37.28 20.30 8.45
N PHE O 313 38.47 20.80 8.10
CA PHE O 313 39.12 20.56 6.82
C PHE O 313 40.35 19.71 7.10
N TYR O 314 40.45 18.56 6.43
CA TYR O 314 41.53 17.61 6.64
C TYR O 314 42.50 17.73 5.48
N ALA O 315 43.62 18.40 5.71
CA ALA O 315 44.66 18.58 4.71
C ALA O 315 45.77 17.55 4.91
N THR O 316 46.67 17.48 3.94
CA THR O 316 47.77 16.54 4.01
C THR O 316 48.84 17.00 4.99
N GLY O 317 49.37 18.20 4.80
CA GLY O 317 50.29 18.78 5.75
C GLY O 317 51.75 18.46 5.54
N ASP O 318 52.15 17.23 5.84
CA ASP O 318 53.57 16.86 5.82
C ASP O 318 53.73 15.39 5.51
N ILE O 319 54.94 15.02 5.11
CA ILE O 319 55.30 13.65 4.76
C ILE O 319 56.54 13.28 5.56
N ILE O 320 56.48 12.13 6.23
CA ILE O 320 57.58 11.67 7.08
C ILE O 320 58.47 10.76 6.24
N GLY O 321 59.66 11.24 5.90
CA GLY O 321 60.61 10.48 5.13
C GLY O 321 60.64 10.88 3.67
N ASP O 322 61.15 9.96 2.85
CA ASP O 322 61.29 10.23 1.43
C ASP O 322 59.93 10.25 0.74
N ILE O 323 59.90 10.82 -0.46
CA ILE O 323 58.71 10.95 -1.27
C ILE O 323 58.94 10.17 -2.56
N ARG O 324 58.04 9.24 -2.87
CA ARG O 324 58.14 8.40 -4.06
C ARG O 324 56.79 8.33 -4.74
N GLN O 325 56.82 7.94 -6.01
CA GLN O 325 55.62 7.86 -6.81
C GLN O 325 54.76 6.68 -6.41
N ALA O 326 53.45 6.88 -6.36
CA ALA O 326 52.51 5.78 -6.21
C ALA O 326 52.52 4.94 -7.49
N HIS O 327 52.29 3.63 -7.33
CA HIS O 327 52.44 2.75 -8.47
C HIS O 327 51.70 1.45 -8.23
N CYS O 328 51.47 0.71 -9.32
CA CYS O 328 50.83 -0.60 -9.28
C CYS O 328 51.69 -1.62 -10.04
N ASN O 329 52.00 -2.73 -9.39
CA ASN O 329 52.73 -3.83 -10.02
C ASN O 329 51.77 -4.94 -10.44
N VAL O 330 52.02 -5.52 -11.61
CA VAL O 330 51.39 -6.77 -12.01
C VAL O 330 52.49 -7.72 -12.47
N SER O 331 52.19 -9.01 -12.40
CA SER O 331 53.15 -10.02 -12.85
C SER O 331 53.25 -10.00 -14.37
N LYS O 332 54.48 -9.93 -14.88
CA LYS O 332 54.68 -9.91 -16.33
C LYS O 332 54.23 -11.22 -16.99
N ALA O 333 54.58 -12.35 -16.38
CA ALA O 333 54.22 -13.65 -16.95
C ALA O 333 52.70 -13.87 -16.92
N THR O 334 52.07 -13.53 -15.79
CA THR O 334 50.62 -13.69 -15.68
C THR O 334 49.91 -12.82 -16.71
N TRP O 335 50.36 -11.57 -16.85
CA TRP O 335 49.75 -10.68 -17.83
C TRP O 335 49.96 -11.23 -19.24
N ASN O 336 51.13 -11.82 -19.49
CA ASN O 336 51.42 -12.43 -20.80
C ASN O 336 50.49 -13.58 -21.12
N GLU O 337 50.27 -14.49 -20.17
CA GLU O 337 49.38 -15.60 -20.48
C GLU O 337 47.93 -15.15 -20.58
N THR O 338 47.52 -14.17 -19.76
CA THR O 338 46.17 -13.63 -19.89
C THR O 338 45.95 -12.95 -21.24
N LEU O 339 46.92 -12.14 -21.69
CA LEU O 339 46.76 -11.50 -22.99
C LEU O 339 46.81 -12.51 -24.13
N GLY O 340 47.59 -13.58 -23.99
CA GLY O 340 47.54 -14.64 -24.99
C GLY O 340 46.18 -15.29 -25.08
N LYS O 341 45.56 -15.55 -23.93
CA LYS O 341 44.21 -16.10 -23.93
C LYS O 341 43.21 -15.12 -24.54
N VAL O 342 43.34 -13.83 -24.23
CA VAL O 342 42.44 -12.83 -24.80
C VAL O 342 42.59 -12.77 -26.31
N VAL O 343 43.83 -12.85 -26.80
CA VAL O 343 44.05 -12.84 -28.24
C VAL O 343 43.45 -14.09 -28.89
N LYS O 344 43.63 -15.24 -28.25
CA LYS O 344 43.06 -16.48 -28.77
C LYS O 344 41.55 -16.37 -28.90
N GLN O 345 40.89 -15.76 -27.92
CA GLN O 345 39.43 -15.62 -27.98
C GLN O 345 38.98 -14.51 -28.92
N LEU O 346 39.80 -13.46 -29.10
CA LEU O 346 39.44 -12.42 -30.05
C LEU O 346 39.56 -12.90 -31.48
N ARG O 347 40.51 -13.81 -31.75
CA ARG O 347 40.67 -14.32 -33.12
C ARG O 347 39.48 -15.15 -33.57
N LYS O 348 38.66 -15.63 -32.63
CA LYS O 348 37.43 -16.32 -33.03
C LYS O 348 36.50 -15.38 -33.79
N HIS O 349 36.42 -14.12 -33.33
CA HIS O 349 35.57 -13.13 -33.98
C HIS O 349 36.26 -12.41 -35.12
N PHE O 350 37.57 -12.17 -35.02
CA PHE O 350 38.31 -11.34 -35.97
C PHE O 350 39.22 -12.15 -36.88
N GLY O 351 39.00 -13.45 -37.00
CA GLY O 351 39.79 -14.27 -37.91
C GLY O 351 41.00 -14.88 -37.23
N ASN O 352 41.43 -16.02 -37.77
CA ASN O 352 42.48 -16.80 -37.13
C ASN O 352 43.88 -16.32 -37.48
N ASN O 353 44.06 -15.69 -38.63
CA ASN O 353 45.36 -15.25 -39.11
C ASN O 353 45.64 -13.77 -38.84
N THR O 354 44.72 -13.04 -38.20
CA THR O 354 44.91 -11.61 -38.02
C THR O 354 45.84 -11.31 -36.85
N ILE O 355 46.51 -10.17 -36.93
CA ILE O 355 47.45 -9.72 -35.92
C ILE O 355 46.70 -8.86 -34.92
N ILE O 356 46.78 -9.22 -33.64
CA ILE O 356 46.06 -8.52 -32.58
C ILE O 356 47.04 -7.60 -31.87
N ARG O 357 46.79 -6.31 -31.92
CA ARG O 357 47.68 -5.30 -31.36
C ARG O 357 47.02 -4.67 -30.13
N PHE O 358 47.79 -4.56 -29.05
CA PHE O 358 47.37 -3.87 -27.85
C PHE O 358 48.17 -2.58 -27.72
N ALA O 359 47.45 -1.47 -27.74
CA ALA O 359 48.01 -0.14 -27.64
C ALA O 359 47.28 0.61 -26.53
N ASN O 360 47.92 1.64 -26.00
CA ASN O 360 47.31 2.41 -24.92
C ASN O 360 46.19 3.29 -25.46
N SER O 361 45.47 3.93 -24.53
CA SER O 361 44.29 4.70 -24.88
C SER O 361 44.63 5.85 -25.81
N SER O 362 43.72 6.14 -26.74
CA SER O 362 43.97 7.21 -27.71
C SER O 362 43.82 8.58 -27.08
N GLY O 363 42.87 8.75 -26.16
CA GLY O 363 42.69 10.02 -25.51
C GLY O 363 41.44 10.04 -24.66
N GLY O 364 41.23 11.17 -24.00
CA GLY O 364 40.12 11.42 -23.12
C GLY O 364 40.58 12.03 -21.82
N ASP O 365 39.68 12.03 -20.84
CA ASP O 365 40.02 12.54 -19.52
C ASP O 365 41.02 11.61 -18.82
N LEU O 366 41.53 12.07 -17.67
CA LEU O 366 42.42 11.24 -16.89
C LEU O 366 41.72 10.00 -16.35
N GLU O 367 40.40 10.04 -16.20
CA GLU O 367 39.67 8.86 -15.76
C GLU O 367 39.74 7.75 -16.78
N VAL O 368 39.65 8.08 -18.07
CA VAL O 368 39.54 7.08 -19.13
C VAL O 368 40.88 6.82 -19.80
N THR O 369 41.79 7.79 -19.78
CA THR O 369 43.11 7.57 -20.35
C THR O 369 44.02 6.75 -19.42
N THR O 370 43.60 6.52 -18.17
CA THR O 370 44.38 5.77 -17.21
C THR O 370 43.45 4.80 -16.50
N HIS O 371 44.05 3.78 -15.90
CA HIS O 371 43.32 2.91 -14.98
C HIS O 371 43.03 3.72 -13.73
N SER O 372 41.84 4.30 -13.67
CA SER O 372 41.42 5.08 -12.51
C SER O 372 40.66 4.18 -11.56
N PHE O 373 40.96 4.29 -10.28
CA PHE O 373 40.28 3.48 -9.27
C PHE O 373 40.49 4.11 -7.90
N ASN O 374 40.02 3.42 -6.87
CA ASN O 374 40.05 3.94 -5.52
C ASN O 374 40.06 2.76 -4.55
N CYS O 375 41.18 2.55 -3.88
CA CYS O 375 41.24 1.62 -2.77
C CYS O 375 42.22 2.14 -1.74
N GLY O 376 41.88 1.96 -0.47
CA GLY O 376 42.57 2.60 0.62
C GLY O 376 42.02 3.96 0.99
N GLY O 377 41.05 4.48 0.24
CA GLY O 377 40.47 5.79 0.48
C GLY O 377 40.97 6.89 -0.42
N GLU O 378 42.03 6.65 -1.17
CA GLU O 378 42.64 7.64 -2.06
C GLU O 378 42.44 7.22 -3.51
N PHE O 379 42.38 8.21 -4.39
CA PHE O 379 41.96 8.00 -5.78
C PHE O 379 43.19 7.96 -6.67
N PHE O 380 43.45 6.76 -7.22
CA PHE O 380 44.59 6.47 -8.07
C PHE O 380 44.22 6.60 -9.54
N TYR O 381 45.18 7.05 -10.33
CA TYR O 381 45.07 7.11 -11.79
C TYR O 381 46.38 6.58 -12.34
N CYS O 382 46.37 5.35 -12.86
CA CYS O 382 47.59 4.62 -13.18
C CYS O 382 47.77 4.50 -14.69
N ASP O 383 48.96 4.85 -15.17
CA ASP O 383 49.28 4.77 -16.58
C ASP O 383 49.43 3.30 -16.98
N THR O 384 48.46 2.79 -17.74
CA THR O 384 48.48 1.41 -18.20
C THR O 384 49.16 1.25 -19.55
N SER O 385 50.04 2.20 -19.92
CA SER O 385 50.76 2.10 -21.19
C SER O 385 51.66 0.87 -21.23
N GLY O 386 52.14 0.41 -20.07
CA GLY O 386 52.90 -0.83 -20.01
C GLY O 386 52.07 -2.10 -20.06
N LEU O 387 50.79 -2.02 -19.70
CA LEU O 387 49.91 -3.18 -19.76
C LEU O 387 49.56 -3.53 -21.19
N PHE O 388 49.24 -2.52 -21.98
CA PHE O 388 48.75 -2.64 -23.36
C PHE O 388 49.87 -2.08 -24.22
N ASN O 389 50.76 -2.85 -24.70
CA ASN O 389 51.87 -2.42 -25.59
C ASN O 389 52.41 -3.73 -26.12
N SER O 390 51.90 -4.21 -27.14
CA SER O 390 52.22 -5.52 -27.73
C SER O 390 51.61 -5.68 -29.12
N THR O 391 52.19 -6.61 -29.88
CA THR O 391 51.71 -7.02 -31.20
C THR O 391 51.76 -8.55 -31.22
N TRP O 392 50.61 -9.19 -31.38
CA TRP O 392 50.49 -10.65 -31.36
C TRP O 392 50.28 -11.14 -32.79
N ILE O 393 51.28 -11.84 -33.33
CA ILE O 393 51.24 -12.44 -34.66
C ILE O 393 50.60 -13.82 -34.54
N SER O 394 49.83 -14.20 -35.56
CA SER O 394 49.12 -15.48 -35.54
C SER O 394 50.10 -16.63 -35.78
N ASN O 395 50.62 -17.21 -34.71
CA ASN O 395 51.57 -18.32 -34.81
C ASN O 395 51.59 -19.14 -33.53
N ASP O 408 59.98 -11.02 -12.22
CA ASP O 408 59.81 -9.77 -12.96
C ASP O 408 58.38 -9.26 -12.82
N SER O 409 58.17 -7.98 -13.12
CA SER O 409 56.86 -7.37 -12.98
C SER O 409 56.80 -6.14 -13.87
N ILE O 410 55.57 -5.72 -14.18
CA ILE O 410 55.29 -4.48 -14.89
C ILE O 410 54.82 -3.47 -13.85
N THR O 411 55.49 -2.33 -13.78
CA THR O 411 55.17 -1.25 -12.86
C THR O 411 54.45 -0.15 -13.63
N LEU O 412 53.26 0.22 -13.14
CA LEU O 412 52.42 1.25 -13.73
C LEU O 412 52.49 2.49 -12.85
N PRO O 413 53.05 3.62 -13.31
CA PRO O 413 53.06 4.82 -12.46
C PRO O 413 51.65 5.35 -12.23
N CYS O 414 51.39 5.76 -11.00
CA CYS O 414 50.08 6.24 -10.58
C CYS O 414 50.17 7.64 -10.00
N ARG O 415 49.21 8.47 -10.38
CA ARG O 415 49.05 9.81 -9.83
C ARG O 415 47.79 9.84 -8.97
N ILE O 416 47.89 10.49 -7.82
CA ILE O 416 46.80 10.58 -6.86
C ILE O 416 46.06 11.88 -7.10
N LYS O 417 44.76 11.87 -6.81
CA LYS O 417 43.95 13.10 -6.88
C LYS O 417 42.97 13.14 -5.73
N GLN O 418 42.73 14.37 -5.24
CA GLN O 418 41.82 14.61 -4.13
C GLN O 418 40.53 15.31 -4.54
N ILE O 419 40.54 16.08 -5.63
CA ILE O 419 39.32 16.67 -6.17
C ILE O 419 38.85 15.77 -7.30
N ILE O 420 37.67 15.18 -7.12
CA ILE O 420 37.13 14.18 -8.03
C ILE O 420 35.70 14.57 -8.38
N ASN O 421 35.39 14.55 -9.67
CA ASN O 421 34.02 14.58 -10.16
C ASN O 421 33.79 13.18 -10.71
N MET O 422 33.15 12.32 -9.90
CA MET O 422 33.08 10.91 -10.25
C MET O 422 32.12 10.68 -11.41
N TRP O 423 30.96 11.35 -11.39
CA TRP O 423 29.90 11.10 -12.36
C TRP O 423 29.63 12.34 -13.22
N GLN O 424 30.62 13.23 -13.30
CA GLN O 424 30.62 14.39 -14.18
C GLN O 424 29.36 15.23 -14.05
N ARG O 425 28.93 15.43 -12.81
CA ARG O 425 27.78 16.27 -12.57
C ARG O 425 28.22 17.73 -12.65
N ILE O 426 27.25 18.63 -12.78
CA ILE O 426 27.53 20.04 -13.01
C ILE O 426 27.38 20.73 -11.67
N GLY O 427 28.40 21.49 -11.28
CA GLY O 427 28.34 22.27 -10.07
C GLY O 427 28.60 21.48 -8.80
N GLN O 428 29.11 20.25 -8.91
CA GLN O 428 29.41 19.42 -7.75
C GLN O 428 30.76 18.73 -7.90
N ALA O 429 31.60 18.86 -6.88
CA ALA O 429 32.86 18.12 -6.79
C ALA O 429 33.05 17.67 -5.35
N MET O 430 33.96 16.72 -5.16
CA MET O 430 34.26 16.17 -3.84
C MET O 430 35.73 16.32 -3.57
N TYR O 431 36.06 16.66 -2.33
CA TYR O 431 37.42 16.62 -1.81
C TYR O 431 37.61 15.32 -1.04
N ALA O 432 38.55 14.50 -1.48
CA ALA O 432 38.88 13.27 -0.77
C ALA O 432 39.89 13.58 0.33
N PRO O 433 39.58 13.38 1.62
CA PRO O 433 40.57 13.67 2.65
C PRO O 433 41.76 12.71 2.54
N PRO O 434 42.95 13.13 2.96
CA PRO O 434 44.09 12.23 2.93
C PRO O 434 43.98 11.13 3.98
N ILE O 435 44.70 10.05 3.74
CA ILE O 435 44.71 8.87 4.60
C ILE O 435 46.03 8.86 5.37
N GLN O 436 45.93 8.67 6.68
CA GLN O 436 47.13 8.61 7.52
C GLN O 436 47.85 7.29 7.31
N GLY O 437 49.14 7.38 6.97
CA GLY O 437 50.00 6.22 6.89
C GLY O 437 50.39 5.89 5.46
N VAL O 438 50.71 4.62 5.20
CA VAL O 438 51.04 4.13 3.87
C VAL O 438 49.90 3.23 3.44
N ILE O 439 49.31 3.54 2.28
CA ILE O 439 48.20 2.77 1.72
C ILE O 439 48.76 1.78 0.72
N ARG O 440 48.45 0.51 0.95
CA ARG O 440 48.72 -0.58 0.02
C ARG O 440 47.39 -1.21 -0.33
N CYS O 441 47.39 -2.14 -1.28
CA CYS O 441 46.14 -2.58 -1.89
C CYS O 441 46.46 -3.76 -2.80
N VAL O 442 45.60 -4.78 -2.73
CA VAL O 442 45.73 -5.98 -3.55
C VAL O 442 44.38 -6.27 -4.16
N SER O 443 44.34 -6.48 -5.48
CA SER O 443 43.08 -6.73 -6.16
C SER O 443 43.29 -7.78 -7.25
N ASN O 444 42.16 -8.33 -7.72
CA ASN O 444 42.15 -9.28 -8.83
C ASN O 444 41.69 -8.50 -10.05
N ILE O 445 42.57 -8.32 -11.03
CA ILE O 445 42.10 -7.94 -12.36
C ILE O 445 41.36 -9.16 -12.91
N THR O 446 40.04 -9.02 -13.08
CA THR O 446 39.18 -10.09 -13.57
C THR O 446 38.61 -9.80 -14.95
N GLY O 447 38.99 -8.70 -15.58
CA GLY O 447 38.46 -8.40 -16.90
C GLY O 447 39.00 -7.09 -17.42
N LEU O 448 38.60 -6.78 -18.65
CA LEU O 448 38.99 -5.57 -19.34
C LEU O 448 37.79 -4.98 -20.05
N ILE O 449 37.88 -3.67 -20.32
CA ILE O 449 36.95 -2.97 -21.21
C ILE O 449 37.81 -2.41 -22.33
N LEU O 450 37.60 -2.89 -23.54
CA LEU O 450 38.42 -2.56 -24.70
C LEU O 450 37.58 -1.84 -25.75
N THR O 451 38.29 -1.19 -26.66
CA THR O 451 37.68 -0.52 -27.81
C THR O 451 38.56 -0.81 -29.00
N ARG O 452 37.97 -1.33 -30.08
CA ARG O 452 38.70 -1.63 -31.28
C ARG O 452 38.84 -0.38 -32.15
N ASP O 453 40.01 -0.23 -32.77
CA ASP O 453 40.27 0.91 -33.63
C ASP O 453 39.54 0.73 -34.96
N GLY O 454 38.79 1.76 -35.36
CA GLY O 454 38.07 1.74 -36.61
C GLY O 454 38.86 2.32 -37.76
N GLY O 455 38.30 2.20 -38.95
CA GLY O 455 38.92 2.78 -40.14
C GLY O 455 40.29 2.22 -40.44
N SER O 456 40.52 0.95 -40.15
CA SER O 456 41.84 0.37 -40.34
C SER O 456 42.17 0.28 -41.83
N THR O 457 43.29 0.89 -42.22
CA THR O 457 43.74 0.78 -43.59
C THR O 457 44.28 -0.62 -43.87
N ASP O 458 44.93 -1.23 -42.88
CA ASP O 458 45.49 -2.57 -43.01
C ASP O 458 44.46 -3.57 -42.50
N SER O 459 44.05 -4.50 -43.37
CA SER O 459 43.04 -5.48 -43.03
C SER O 459 43.60 -6.68 -42.27
N THR O 460 44.93 -6.86 -42.24
CA THR O 460 45.51 -8.01 -41.56
C THR O 460 45.59 -7.84 -40.06
N THR O 461 45.58 -6.60 -39.55
CA THR O 461 45.80 -6.31 -38.14
C THR O 461 44.57 -5.63 -37.54
N GLU O 462 44.33 -5.92 -36.26
CA GLU O 462 43.30 -5.27 -35.47
C GLU O 462 43.93 -4.75 -34.20
N THR O 463 43.57 -3.52 -33.83
CA THR O 463 44.12 -2.83 -32.67
C THR O 463 43.04 -2.61 -31.64
N PHE O 464 43.33 -2.99 -30.39
CA PHE O 464 42.42 -2.84 -29.27
C PHE O 464 43.09 -1.99 -28.21
N ARG O 465 42.36 -1.00 -27.69
CA ARG O 465 42.85 -0.05 -26.71
C ARG O 465 41.99 -0.09 -25.46
N PRO O 466 42.50 0.33 -24.31
CA PRO O 466 41.64 0.40 -23.12
C PRO O 466 40.51 1.41 -23.29
N SER O 467 39.42 1.18 -22.57
CA SER O 467 38.26 2.05 -22.60
C SER O 467 37.61 2.04 -21.23
N GLY O 468 36.49 2.71 -21.12
CA GLY O 468 35.74 2.78 -19.88
C GLY O 468 35.03 4.12 -19.77
N GLY O 469 34.95 4.62 -18.54
CA GLY O 469 34.27 5.86 -18.25
C GLY O 469 32.81 5.66 -17.91
N ASP O 470 32.07 5.00 -18.79
CA ASP O 470 30.69 4.63 -18.52
C ASP O 470 30.68 3.39 -17.65
N MET O 471 30.38 3.55 -16.37
CA MET O 471 30.40 2.44 -15.43
C MET O 471 29.19 1.52 -15.58
N ARG O 472 28.24 1.83 -16.46
CA ARG O 472 27.16 0.89 -16.71
C ARG O 472 27.70 -0.40 -17.31
N ASP O 473 28.85 -0.34 -17.98
CA ASP O 473 29.52 -1.53 -18.50
C ASP O 473 30.33 -2.24 -17.42
N ASN O 474 30.68 -1.56 -16.33
CA ASN O 474 31.42 -2.22 -15.25
C ASN O 474 30.54 -3.24 -14.55
N TRP O 475 29.26 -2.90 -14.34
CA TRP O 475 28.28 -3.80 -13.74
C TRP O 475 27.43 -4.54 -14.75
N ARG O 476 27.55 -4.22 -16.04
CA ARG O 476 27.07 -5.17 -17.04
C ARG O 476 27.90 -6.45 -17.03
N SER O 477 29.19 -6.33 -16.69
CA SER O 477 30.04 -7.51 -16.57
C SER O 477 29.60 -8.43 -15.44
N GLU O 478 28.89 -7.91 -14.44
CA GLU O 478 28.39 -8.70 -13.32
C GLU O 478 26.95 -9.14 -13.51
N LEU O 479 26.10 -8.30 -14.08
CA LEU O 479 24.67 -8.58 -14.24
C LEU O 479 24.34 -9.17 -15.61
N TYR O 480 25.34 -9.68 -16.33
CA TYR O 480 25.09 -10.21 -17.67
C TYR O 480 24.22 -11.47 -17.63
N LYS O 481 24.31 -12.27 -16.58
CA LYS O 481 23.64 -13.56 -16.52
C LYS O 481 22.25 -13.50 -15.88
N TYR O 482 21.83 -12.34 -15.42
CA TYR O 482 20.55 -12.18 -14.71
C TYR O 482 19.52 -11.50 -15.60
N LYS O 483 18.26 -11.83 -15.34
CA LYS O 483 17.15 -11.29 -16.11
C LYS O 483 15.93 -11.21 -15.20
N VAL O 484 15.29 -10.06 -15.16
CA VAL O 484 14.07 -9.88 -14.38
C VAL O 484 12.89 -10.29 -15.23
N VAL O 485 12.04 -11.17 -14.70
CA VAL O 485 10.85 -11.64 -15.37
C VAL O 485 9.67 -11.45 -14.43
N LYS O 486 8.48 -11.48 -15.02
CA LYS O 486 7.24 -11.04 -14.38
C LYS O 486 6.24 -12.17 -14.47
N ILE O 487 5.82 -12.68 -13.32
CA ILE O 487 5.02 -13.91 -13.27
C ILE O 487 3.59 -13.58 -13.70
N GLU O 488 3.07 -14.39 -14.63
CA GLU O 488 1.69 -14.30 -15.10
C GLU O 488 0.93 -15.51 -14.57
N PRO O 489 0.42 -15.48 -13.34
CA PRO O 489 -0.07 -16.72 -12.71
C PRO O 489 -1.41 -17.22 -13.24
N LEU O 490 -2.10 -16.45 -14.08
CA LEU O 490 -3.44 -16.79 -14.53
C LEU O 490 -3.37 -17.35 -15.95
N GLY O 491 -3.85 -18.58 -16.12
CA GLY O 491 -3.91 -19.22 -17.42
C GLY O 491 -5.29 -19.80 -17.66
N VAL O 492 -5.60 -20.00 -18.94
CA VAL O 492 -6.85 -20.62 -19.36
C VAL O 492 -6.51 -21.72 -20.36
N ALA O 493 -7.10 -22.90 -20.18
CA ALA O 493 -6.78 -24.03 -21.03
C ALA O 493 -8.03 -24.90 -21.20
N PRO O 494 -8.09 -25.72 -22.25
CA PRO O 494 -9.24 -26.62 -22.40
C PRO O 494 -9.13 -27.86 -21.54
N THR O 495 -10.23 -28.21 -20.88
CA THR O 495 -10.35 -29.50 -20.23
C THR O 495 -11.76 -30.02 -20.48
N ARG O 496 -11.94 -31.32 -20.27
CA ARG O 496 -13.25 -31.93 -20.43
C ARG O 496 -14.22 -31.56 -19.31
N CYS O 497 -13.76 -30.91 -18.25
CA CYS O 497 -14.62 -30.64 -17.10
C CYS O 497 -15.55 -29.47 -17.41
N LYS O 498 -16.77 -29.55 -16.89
CA LYS O 498 -17.81 -28.55 -17.12
C LYS O 498 -18.41 -28.16 -15.79
N ARG O 499 -18.55 -26.86 -15.56
CA ARG O 499 -19.22 -26.39 -14.36
C ARG O 499 -20.68 -26.82 -14.37
N ARG O 500 -21.19 -27.17 -13.19
CA ARG O 500 -22.59 -27.59 -13.07
C ARG O 500 -23.51 -26.38 -13.25
N VAL P 7 9.13 -21.68 1.36
CA VAL P 7 8.20 -20.90 0.57
C VAL P 7 8.70 -20.83 -0.87
N PHE P 8 9.94 -20.35 -1.04
CA PHE P 8 10.52 -20.22 -2.37
C PHE P 8 10.89 -21.56 -3.00
N LEU P 9 10.92 -22.64 -2.21
CA LEU P 9 11.30 -23.94 -2.75
C LEU P 9 10.34 -24.38 -3.85
N GLY P 10 10.89 -24.91 -4.93
CA GLY P 10 10.09 -25.34 -6.06
C GLY P 10 9.44 -24.24 -6.86
N PHE P 11 9.78 -22.98 -6.59
CA PHE P 11 9.16 -21.87 -7.32
C PHE P 11 9.56 -21.92 -8.79
N LEU P 12 8.57 -22.05 -9.66
CA LEU P 12 8.75 -22.17 -11.11
C LEU P 12 9.53 -23.43 -11.50
N GLY P 13 9.65 -24.40 -10.59
CA GLY P 13 10.40 -25.60 -10.91
C GLY P 13 9.76 -26.42 -12.01
N ALA P 14 8.42 -26.39 -12.08
CA ALA P 14 7.68 -27.05 -13.13
C ALA P 14 7.43 -26.15 -14.33
N ALA P 15 8.23 -25.10 -14.49
CA ALA P 15 8.05 -24.19 -15.63
C ALA P 15 8.32 -24.90 -16.94
N GLY P 16 9.27 -25.82 -16.96
CA GLY P 16 9.55 -26.66 -18.10
C GLY P 16 8.85 -27.99 -18.11
N SER P 17 8.04 -28.29 -17.10
CA SER P 17 7.22 -29.50 -17.09
C SER P 17 6.08 -29.36 -18.09
N THR P 18 5.41 -30.48 -18.36
CA THR P 18 4.18 -30.40 -19.13
C THR P 18 3.13 -29.64 -18.34
N MET P 19 2.14 -29.11 -19.06
CA MET P 19 1.08 -28.35 -18.38
C MET P 19 0.31 -29.24 -17.41
N GLY P 20 0.10 -30.49 -17.78
CA GLY P 20 -0.55 -31.40 -16.86
C GLY P 20 0.24 -31.61 -15.59
N ALA P 21 1.57 -31.76 -15.72
CA ALA P 21 2.42 -31.95 -14.55
C ALA P 21 2.65 -30.66 -13.77
N ALA P 22 2.69 -29.52 -14.45
CA ALA P 22 2.86 -28.25 -13.77
C ALA P 22 1.59 -27.81 -13.06
N SER P 23 0.43 -28.37 -13.44
CA SER P 23 -0.82 -28.04 -12.76
C SER P 23 -0.92 -28.62 -11.35
N MET P 24 -0.04 -29.54 -10.96
CA MET P 24 -0.02 -30.06 -9.59
C MET P 24 0.85 -29.23 -8.64
N THR P 25 1.46 -28.14 -9.12
CA THR P 25 2.36 -27.32 -8.32
C THR P 25 1.90 -25.86 -8.26
N LEU P 26 0.60 -25.62 -8.45
CA LEU P 26 0.12 -24.25 -8.54
C LEU P 26 0.29 -23.46 -7.25
N THR P 27 0.35 -24.14 -6.10
CA THR P 27 0.43 -23.42 -4.84
C THR P 27 1.80 -22.85 -4.57
N VAL P 28 2.85 -23.40 -5.17
CA VAL P 28 4.19 -22.85 -4.93
C VAL P 28 4.31 -21.52 -5.66
N GLN P 29 3.68 -21.40 -6.83
CA GLN P 29 3.69 -20.15 -7.58
C GLN P 29 2.58 -19.20 -7.15
N ALA P 30 1.60 -19.67 -6.39
CA ALA P 30 0.57 -18.79 -5.84
C ALA P 30 0.96 -18.20 -4.50
N ARG P 31 1.68 -18.95 -3.66
CA ARG P 31 2.19 -18.41 -2.40
C ARG P 31 3.24 -17.32 -2.59
N ASN P 32 3.90 -17.27 -3.75
CA ASN P 32 5.02 -16.39 -3.97
C ASN P 32 4.63 -15.06 -4.60
N LEU P 33 3.34 -14.80 -4.79
CA LEU P 33 2.85 -13.54 -5.34
C LEU P 33 2.52 -12.52 -4.27
N LEU P 34 2.68 -12.86 -2.98
CA LEU P 34 2.33 -12.00 -1.85
C LEU P 34 3.53 -11.96 -0.91
N SER P 35 4.40 -10.98 -1.11
CA SER P 35 5.63 -10.80 -0.32
C SER P 35 6.42 -12.09 -0.13
N THR P 58 13.39 7.95 3.27
CA THR P 58 14.32 8.02 2.15
C THR P 58 13.60 7.69 0.84
N VAL P 59 14.25 7.96 -0.29
CA VAL P 59 13.63 7.65 -1.59
C VAL P 59 13.53 6.15 -1.78
N TRP P 60 14.51 5.39 -1.32
CA TRP P 60 14.50 3.94 -1.50
C TRP P 60 13.41 3.29 -0.66
N GLY P 61 13.07 3.87 0.49
CA GLY P 61 11.90 3.42 1.21
C GLY P 61 10.64 3.58 0.38
N ILE P 62 10.53 4.70 -0.33
CA ILE P 62 9.38 4.91 -1.21
C ILE P 62 9.42 3.90 -2.35
N LYS P 63 10.61 3.56 -2.84
CA LYS P 63 10.71 2.57 -3.90
C LYS P 63 10.21 1.21 -3.44
N GLN P 64 10.67 0.77 -2.26
CA GLN P 64 10.21 -0.52 -1.72
C GLN P 64 8.71 -0.50 -1.46
N LEU P 65 8.20 0.61 -0.93
CA LEU P 65 6.77 0.72 -0.69
C LEU P 65 5.97 0.68 -1.98
N GLN P 66 6.48 1.34 -3.03
CA GLN P 66 5.80 1.28 -4.32
C GLN P 66 5.78 -0.13 -4.86
N ALA P 67 6.89 -0.86 -4.72
CA ALA P 67 6.93 -2.25 -5.15
C ALA P 67 5.92 -3.10 -4.40
N ARG P 68 5.86 -2.94 -3.07
CA ARG P 68 4.93 -3.72 -2.26
C ARG P 68 3.48 -3.39 -2.61
N VAL P 69 3.17 -2.10 -2.77
CA VAL P 69 1.81 -1.70 -3.10
C VAL P 69 1.42 -2.22 -4.48
N LEU P 70 2.34 -2.15 -5.44
CA LEU P 70 2.06 -2.66 -6.79
C LEU P 70 1.79 -4.15 -6.75
N ALA P 71 2.58 -4.91 -5.99
CA ALA P 71 2.34 -6.34 -5.87
C ALA P 71 0.97 -6.61 -5.27
N VAL P 72 0.59 -5.85 -4.24
CA VAL P 72 -0.69 -6.05 -3.58
C VAL P 72 -1.84 -5.79 -4.56
N GLU P 73 -1.80 -4.67 -5.29
CA GLU P 73 -2.95 -4.35 -6.14
C GLU P 73 -2.98 -5.26 -7.36
N ARG P 74 -1.83 -5.74 -7.81
CA ARG P 74 -1.81 -6.74 -8.88
C ARG P 74 -2.47 -8.04 -8.44
N TYR P 75 -2.08 -8.53 -7.26
CA TYR P 75 -2.71 -9.72 -6.72
C TYR P 75 -4.21 -9.53 -6.59
N LEU P 76 -4.63 -8.35 -6.14
CA LEU P 76 -6.06 -8.09 -5.99
C LEU P 76 -6.78 -7.98 -7.32
N ARG P 77 -6.11 -7.48 -8.36
CA ARG P 77 -6.71 -7.47 -9.69
C ARG P 77 -6.91 -8.89 -10.20
N ASP P 78 -5.93 -9.76 -9.98
CA ASP P 78 -6.09 -11.16 -10.39
C ASP P 78 -7.21 -11.84 -9.61
N GLN P 79 -7.29 -11.60 -8.30
CA GLN P 79 -8.36 -12.19 -7.51
C GLN P 79 -9.72 -11.64 -7.92
N GLN P 80 -9.79 -10.35 -8.28
CA GLN P 80 -11.05 -9.80 -8.77
C GLN P 80 -11.46 -10.46 -10.08
N LEU P 81 -10.50 -10.69 -10.97
CA LEU P 81 -10.80 -11.39 -12.22
C LEU P 81 -11.33 -12.78 -11.94
N LEU P 82 -10.71 -13.49 -10.99
CA LEU P 82 -11.21 -14.81 -10.62
C LEU P 82 -12.61 -14.74 -10.02
N GLY P 83 -12.89 -13.68 -9.25
CA GLY P 83 -14.15 -13.59 -8.55
C GLY P 83 -15.31 -13.15 -9.41
N ILE P 84 -15.07 -12.35 -10.45
CA ILE P 84 -16.17 -11.98 -11.34
C ILE P 84 -16.54 -13.14 -12.25
N TRP P 85 -15.67 -14.16 -12.34
CA TRP P 85 -16.06 -15.48 -12.81
C TRP P 85 -16.49 -16.29 -11.58
N GLY P 86 -16.73 -17.58 -11.75
CA GLY P 86 -17.14 -18.41 -10.64
C GLY P 86 -15.97 -19.01 -9.89
N CYS P 87 -14.79 -18.42 -10.04
CA CYS P 87 -13.52 -19.03 -9.66
C CYS P 87 -12.92 -18.41 -8.40
N SER P 88 -13.76 -17.95 -7.48
CA SER P 88 -13.26 -17.27 -6.29
C SER P 88 -12.69 -18.28 -5.31
N GLY P 89 -11.49 -18.00 -4.80
CA GLY P 89 -10.84 -18.89 -3.85
C GLY P 89 -10.52 -20.25 -4.43
N LYS P 90 -10.19 -20.30 -5.72
CA LYS P 90 -9.89 -21.56 -6.41
C LYS P 90 -8.68 -21.36 -7.30
N LEU P 91 -7.78 -22.34 -7.29
CA LEU P 91 -6.64 -22.37 -8.18
C LEU P 91 -6.92 -23.15 -9.47
N ILE P 92 -7.93 -24.01 -9.47
CA ILE P 92 -8.45 -24.67 -10.67
C ILE P 92 -9.96 -24.50 -10.63
N CYS P 93 -10.52 -23.93 -11.70
CA CYS P 93 -11.95 -23.61 -11.74
C CYS P 93 -12.51 -24.01 -13.09
N CYS P 94 -13.46 -24.93 -13.10
CA CYS P 94 -14.14 -25.32 -14.31
C CYS P 94 -15.28 -24.33 -14.59
N THR P 95 -15.46 -24.01 -15.86
CA THR P 95 -16.40 -22.98 -16.32
C THR P 95 -17.41 -23.60 -17.29
N ASN P 96 -18.29 -22.74 -17.80
CA ASN P 96 -19.30 -23.11 -18.80
C ASN P 96 -19.04 -22.45 -20.15
N VAL P 97 -17.80 -22.03 -20.41
CA VAL P 97 -17.43 -21.44 -21.69
C VAL P 97 -16.90 -22.56 -22.58
N PRO P 98 -17.52 -22.85 -23.72
CA PRO P 98 -16.98 -23.93 -24.56
C PRO P 98 -15.66 -23.51 -25.15
N TRP P 99 -14.83 -24.49 -25.47
CA TRP P 99 -13.58 -24.20 -26.16
C TRP P 99 -13.84 -24.09 -27.65
N ASN P 100 -13.29 -23.04 -28.25
CA ASN P 100 -13.41 -22.78 -29.68
C ASN P 100 -12.13 -23.26 -30.36
N SER P 101 -12.29 -23.98 -31.46
CA SER P 101 -11.12 -24.48 -32.18
C SER P 101 -10.42 -23.39 -32.98
N SER P 102 -10.95 -22.17 -32.96
CA SER P 102 -10.26 -21.02 -33.54
C SER P 102 -9.17 -20.51 -32.61
N TRP P 103 -9.15 -20.94 -31.34
CA TRP P 103 -8.14 -20.53 -30.39
C TRP P 103 -7.00 -21.55 -30.32
N SER P 104 -7.34 -22.84 -30.42
CA SER P 104 -6.36 -23.92 -30.47
C SER P 104 -7.08 -25.22 -30.84
N ASN P 105 -6.58 -25.92 -31.87
CA ASN P 105 -7.17 -27.15 -32.38
C ASN P 105 -6.36 -28.39 -32.01
N ARG P 106 -5.59 -28.28 -30.92
CA ARG P 106 -4.79 -29.43 -30.45
C ARG P 106 -5.69 -30.33 -29.60
N ASN P 107 -5.36 -31.62 -29.51
CA ASN P 107 -6.17 -32.52 -28.63
C ASN P 107 -5.53 -32.52 -27.24
N LEU P 108 -6.15 -32.88 -26.25
CA LEU P 108 -5.79 -32.75 -24.82
C LEU P 108 -4.38 -33.31 -24.59
N SER P 109 -4.04 -34.40 -25.30
CA SER P 109 -2.70 -34.99 -25.11
C SER P 109 -1.59 -34.03 -25.53
N GLU P 110 -1.76 -33.32 -26.66
CA GLU P 110 -0.74 -32.37 -27.08
C GLU P 110 -0.62 -31.22 -26.10
N ILE P 111 -1.70 -30.88 -25.41
CA ILE P 111 -1.71 -29.72 -24.54
C ILE P 111 -1.17 -30.08 -23.15
N TRP P 112 -1.72 -31.13 -22.55
CA TRP P 112 -1.45 -31.45 -21.15
C TRP P 112 -0.32 -32.46 -20.96
N ASP P 113 0.23 -33.03 -22.04
CA ASP P 113 1.26 -34.06 -21.94
C ASP P 113 2.46 -33.81 -22.84
N ASN P 114 2.39 -32.85 -23.78
CA ASN P 114 3.46 -32.57 -24.72
C ASN P 114 3.93 -31.12 -24.68
N MET P 115 3.11 -30.21 -24.18
CA MET P 115 3.38 -28.78 -24.17
C MET P 115 3.55 -28.30 -22.73
N THR P 116 4.23 -27.17 -22.57
CA THR P 116 4.39 -26.50 -21.29
C THR P 116 3.52 -25.25 -21.25
N TRP P 117 3.37 -24.69 -20.05
CA TRP P 117 2.49 -23.55 -19.89
C TRP P 117 3.03 -22.30 -20.58
N LEU P 118 4.36 -22.15 -20.65
CA LEU P 118 4.92 -21.00 -21.35
C LEU P 118 4.62 -21.07 -22.85
N GLN P 119 4.79 -22.25 -23.45
CA GLN P 119 4.46 -22.41 -24.86
C GLN P 119 2.97 -22.20 -25.11
N TRP P 120 2.14 -22.71 -24.21
CA TRP P 120 0.69 -22.52 -24.33
C TRP P 120 0.33 -21.05 -24.24
N ASP P 121 0.95 -20.31 -23.33
CA ASP P 121 0.69 -18.88 -23.22
C ASP P 121 1.12 -18.15 -24.48
N LYS P 122 2.28 -18.51 -25.03
CA LYS P 122 2.72 -17.92 -26.29
C LYS P 122 1.73 -18.20 -27.41
N GLU P 123 1.14 -19.39 -27.41
CA GLU P 123 0.20 -19.77 -28.47
C GLU P 123 -1.16 -19.09 -28.32
N ILE P 124 -1.62 -18.88 -27.08
CA ILE P 124 -3.00 -18.50 -26.79
C ILE P 124 -3.12 -17.05 -26.34
N SER P 125 -2.02 -16.29 -26.25
CA SER P 125 -2.09 -14.91 -25.78
C SER P 125 -2.90 -14.00 -26.69
N ASN P 126 -3.06 -14.36 -27.97
CA ASN P 126 -3.79 -13.50 -28.89
C ASN P 126 -5.30 -13.55 -28.66
N TYR P 127 -5.79 -14.62 -28.05
CA TYR P 127 -7.20 -14.83 -27.78
C TYR P 127 -7.55 -14.68 -26.31
N THR P 128 -6.55 -14.54 -25.43
CA THR P 128 -6.76 -14.48 -23.98
C THR P 128 -7.85 -13.48 -23.60
N GLN P 129 -7.83 -12.30 -24.21
CA GLN P 129 -8.81 -11.29 -23.87
C GLN P 129 -10.21 -11.70 -24.32
N ILE P 130 -10.32 -12.36 -25.48
CA ILE P 130 -11.61 -12.88 -25.92
C ILE P 130 -12.12 -13.92 -24.91
N ILE P 131 -11.24 -14.79 -24.45
CA ILE P 131 -11.63 -15.82 -23.49
C ILE P 131 -12.08 -15.19 -22.18
N TYR P 132 -11.34 -14.19 -21.69
CA TYR P 132 -11.72 -13.49 -20.46
C TYR P 132 -13.06 -12.81 -20.62
N GLY P 133 -13.25 -12.15 -21.77
CA GLY P 133 -14.52 -11.50 -22.03
C GLY P 133 -15.67 -12.48 -22.05
N LEU P 134 -15.47 -13.66 -22.64
CA LEU P 134 -16.51 -14.69 -22.64
C LEU P 134 -16.76 -15.24 -21.24
N LEU P 135 -15.69 -15.36 -20.45
CA LEU P 135 -15.81 -15.86 -19.08
C LEU P 135 -16.68 -14.93 -18.25
N GLU P 136 -16.61 -13.65 -18.43
CA GLU P 136 -17.38 -12.72 -17.57
C GLU P 136 -18.61 -12.18 -18.32
N GLU P 137 -18.76 -12.54 -19.62
CA GLU P 137 -19.89 -11.95 -20.35
C GLU P 137 -21.20 -12.62 -19.96
N SER P 138 -21.28 -13.92 -20.16
CA SER P 138 -22.51 -14.68 -20.12
C SER P 138 -22.51 -15.73 -19.02
N GLN P 139 -21.42 -16.48 -18.87
CA GLN P 139 -21.48 -17.66 -18.03
C GLN P 139 -21.66 -17.28 -16.57
N ASN P 140 -20.75 -16.49 -16.00
CA ASN P 140 -20.93 -16.15 -14.59
C ASN P 140 -22.09 -15.20 -14.39
N GLN P 141 -22.28 -14.24 -15.30
CA GLN P 141 -23.35 -13.27 -15.12
C GLN P 141 -24.73 -13.92 -15.28
N GLN P 142 -24.94 -14.67 -16.37
CA GLN P 142 -26.22 -15.35 -16.52
C GLN P 142 -26.40 -16.47 -15.51
N GLU P 143 -25.32 -17.13 -15.10
CA GLU P 143 -25.42 -18.14 -14.05
C GLU P 143 -25.92 -17.50 -12.77
N LYS P 144 -25.23 -16.47 -12.30
CA LYS P 144 -25.64 -15.75 -11.11
C LYS P 144 -27.09 -15.29 -11.20
N ASN P 145 -27.50 -14.74 -12.34
CA ASN P 145 -28.88 -14.26 -12.44
C ASN P 145 -29.86 -15.45 -12.38
N GLU P 146 -29.47 -16.57 -12.98
CA GLU P 146 -30.31 -17.76 -12.96
C GLU P 146 -30.37 -18.39 -11.58
N GLN P 147 -29.31 -18.28 -10.78
CA GLN P 147 -29.35 -18.71 -9.40
C GLN P 147 -30.11 -17.74 -8.52
N ASP P 148 -30.10 -16.45 -8.87
CA ASP P 148 -31.02 -15.50 -8.26
C ASP P 148 -32.46 -15.95 -8.48
N LEU P 149 -32.77 -16.42 -9.69
CA LEU P 149 -34.14 -16.81 -10.01
C LEU P 149 -34.50 -18.20 -9.50
N LEU P 150 -33.53 -19.11 -9.43
CA LEU P 150 -33.80 -20.45 -8.92
C LEU P 150 -33.99 -20.46 -7.41
N ALA P 151 -33.58 -19.40 -6.72
CA ALA P 151 -33.81 -19.23 -5.29
C ALA P 151 -35.17 -18.60 -4.99
N LEU P 152 -36.12 -18.67 -5.93
CA LEU P 152 -37.48 -18.19 -5.77
C LEU P 152 -38.49 -19.32 -5.71
N ASP P 153 -38.32 -20.32 -6.56
CA ASP P 153 -39.30 -21.37 -6.74
C ASP P 153 -39.51 -22.17 -5.45
N GLN Q 1 14.11 20.77 -30.73
CA GLN Q 1 14.63 21.01 -32.11
C GLN Q 1 16.16 21.00 -32.09
N VAL Q 2 16.75 19.94 -32.61
CA VAL Q 2 18.19 19.73 -32.56
C VAL Q 2 18.85 20.62 -33.61
N GLN Q 3 19.88 21.36 -33.19
CA GLN Q 3 20.70 22.18 -34.07
C GLN Q 3 22.15 21.76 -33.91
N VAL Q 4 22.83 21.53 -35.04
CA VAL Q 4 24.25 21.21 -35.07
C VAL Q 4 24.92 22.32 -35.88
N VAL Q 5 25.55 23.26 -35.19
CA VAL Q 5 26.26 24.36 -35.81
C VAL Q 5 27.73 23.98 -35.88
N GLN Q 6 28.43 24.51 -36.89
CA GLN Q 6 29.83 24.19 -37.11
C GLN Q 6 30.60 25.48 -37.42
N SER Q 7 31.91 25.42 -37.19
CA SER Q 7 32.76 26.58 -37.40
C SER Q 7 32.84 26.92 -38.89
N GLY Q 8 33.33 28.12 -39.17
CA GLY Q 8 33.40 28.62 -40.54
C GLY Q 8 34.54 28.00 -41.33
N ALA Q 9 34.46 28.17 -42.65
CA ALA Q 9 35.49 27.67 -43.54
C ALA Q 9 36.82 28.37 -43.27
N GLU Q 10 37.91 27.63 -43.46
CA GLU Q 10 39.25 28.12 -43.14
C GLU Q 10 40.23 27.79 -44.27
N VAL Q 11 41.27 28.61 -44.36
CA VAL Q 11 42.37 28.42 -45.30
C VAL Q 11 43.66 28.32 -44.49
N LYS Q 12 44.41 27.24 -44.70
CA LYS Q 12 45.66 26.97 -43.99
C LYS Q 12 46.78 26.67 -44.98
N LYS Q 13 47.94 26.29 -44.49
CA LYS Q 13 49.14 26.05 -45.28
C LYS Q 13 49.67 24.65 -44.99
N PRO Q 14 50.49 24.09 -45.88
CA PRO Q 14 51.14 22.81 -45.56
C PRO Q 14 51.95 22.88 -44.28
N GLY Q 15 51.72 21.92 -43.40
CA GLY Q 15 52.38 21.87 -42.12
C GLY Q 15 51.68 22.64 -41.01
N ALA Q 16 50.57 23.31 -41.31
CA ALA Q 16 49.84 24.08 -40.31
C ALA Q 16 48.97 23.13 -39.48
N SER Q 17 48.08 23.69 -38.68
CA SER Q 17 47.14 22.92 -37.87
C SER Q 17 45.81 23.63 -37.84
N VAL Q 18 44.73 22.89 -38.11
CA VAL Q 18 43.38 23.42 -38.14
C VAL Q 18 42.65 22.88 -36.92
N LYS Q 19 41.70 23.65 -36.40
CA LYS Q 19 40.95 23.30 -35.20
C LYS Q 19 39.47 23.62 -35.45
N VAL Q 20 38.73 22.63 -35.94
CA VAL Q 20 37.31 22.79 -36.23
C VAL Q 20 36.57 22.57 -34.92
N SER Q 21 35.28 22.93 -34.89
CA SER Q 21 34.46 22.83 -33.69
C SER Q 21 33.06 22.46 -34.15
N CYS Q 22 32.16 22.24 -33.19
CA CYS Q 22 30.82 21.76 -33.54
C CYS Q 22 29.87 21.99 -32.37
N LYS Q 23 29.21 23.14 -32.36
CA LYS Q 23 28.18 23.39 -31.36
C LYS Q 23 26.97 22.53 -31.65
N ALA Q 24 26.46 21.85 -30.63
CA ALA Q 24 25.35 20.92 -30.78
C ALA Q 24 24.36 21.14 -29.65
N SER Q 25 23.17 21.63 -29.98
CA SER Q 25 22.14 21.97 -29.01
C SER Q 25 20.84 21.25 -29.36
N GLY Q 26 20.01 21.07 -28.34
CA GLY Q 26 18.71 20.45 -28.48
C GLY Q 26 18.61 19.04 -27.94
N TYR Q 27 19.69 18.49 -27.39
CA TYR Q 27 19.71 17.12 -26.90
C TYR Q 27 20.76 17.03 -25.80
N THR Q 28 20.77 15.90 -25.10
CA THR Q 28 21.77 15.65 -24.07
C THR Q 28 23.11 15.36 -24.73
N PHE Q 29 24.05 16.30 -24.59
CA PHE Q 29 25.33 16.23 -25.29
C PHE Q 29 26.08 14.94 -25.00
N THR Q 30 25.98 14.45 -23.76
CA THR Q 30 26.76 13.29 -23.34
C THR Q 30 26.09 11.95 -23.65
N ASP Q 31 24.89 11.95 -24.24
CA ASP Q 31 24.20 10.73 -24.60
C ASP Q 31 24.56 10.23 -26.00
N HIS Q 32 24.92 11.13 -26.91
CA HIS Q 32 25.21 10.80 -28.29
C HIS Q 32 26.69 11.03 -28.58
N TYR Q 33 27.29 10.16 -29.39
CA TYR Q 33 28.66 10.37 -29.83
C TYR Q 33 28.73 11.59 -30.74
N ILE Q 34 29.94 11.96 -31.15
CA ILE Q 34 30.15 12.94 -32.21
C ILE Q 34 31.19 12.36 -33.15
N HIS Q 35 30.77 12.06 -34.37
CA HIS Q 35 31.64 11.53 -35.41
C HIS Q 35 32.10 12.68 -36.31
N TRP Q 36 33.28 12.51 -36.89
CA TRP Q 36 33.88 13.48 -37.80
C TRP Q 36 34.17 12.77 -39.11
N VAL Q 37 33.58 13.29 -40.18
CA VAL Q 37 33.61 12.74 -41.54
C VAL Q 37 34.02 13.85 -42.49
N ARG Q 38 35.06 13.62 -43.28
CA ARG Q 38 35.52 14.60 -44.27
C ARG Q 38 35.19 14.13 -45.68
N GLN Q 39 34.60 15.03 -46.47
CA GLN Q 39 34.34 14.81 -47.89
C GLN Q 39 35.31 15.64 -48.72
N ALA Q 40 36.16 14.98 -49.49
CA ALA Q 40 37.06 15.69 -50.38
C ALA Q 40 36.25 16.29 -51.53
N PRO Q 41 36.81 17.28 -52.24
CA PRO Q 41 36.07 17.91 -53.34
C PRO Q 41 35.68 16.92 -54.43
N GLY Q 42 34.38 16.74 -54.59
CA GLY Q 42 33.87 15.83 -55.62
C GLY Q 42 34.26 14.39 -55.40
N GLN Q 43 34.22 13.92 -54.16
CA GLN Q 43 34.55 12.55 -53.83
C GLN Q 43 33.58 12.05 -52.76
N GLY Q 44 33.70 10.76 -52.42
CA GLY Q 44 32.82 10.17 -51.44
C GLY Q 44 33.22 10.52 -50.02
N LEU Q 45 32.31 10.18 -49.10
CA LEU Q 45 32.54 10.47 -47.69
C LEU Q 45 33.61 9.56 -47.11
N GLU Q 46 34.44 10.13 -46.23
CA GLU Q 46 35.49 9.38 -45.53
C GLU Q 46 35.37 9.68 -44.04
N TRP Q 47 35.40 8.64 -43.23
CA TRP Q 47 35.17 8.75 -41.80
C TRP Q 47 36.50 8.99 -41.10
N MET Q 48 36.58 10.08 -40.33
CA MET Q 48 37.80 10.42 -39.60
C MET Q 48 37.83 9.75 -38.24
N GLY Q 49 36.80 9.97 -37.44
CA GLY Q 49 36.83 9.41 -36.10
C GLY Q 49 35.54 9.67 -35.37
N TRP Q 50 35.50 9.23 -34.11
CA TRP Q 50 34.45 9.66 -33.20
C TRP Q 50 35.05 9.99 -31.85
N ILE Q 51 34.30 10.81 -31.11
CA ILE Q 51 34.56 11.10 -29.71
C ILE Q 51 33.28 10.82 -28.93
N ASN Q 52 33.44 10.22 -27.75
CA ASN Q 52 32.34 10.06 -26.81
C ASN Q 52 32.32 11.31 -25.93
N PRO Q 53 31.30 12.17 -26.01
CA PRO Q 53 31.33 13.38 -25.18
C PRO Q 53 31.19 13.10 -23.69
N TYR Q 54 30.88 11.87 -23.28
CA TYR Q 54 30.73 11.59 -21.87
C TYR Q 54 32.04 11.83 -21.14
N ARG Q 55 33.06 11.01 -21.41
CA ARG Q 55 34.36 11.14 -20.74
C ARG Q 55 35.50 11.37 -21.74
N GLY Q 56 35.18 11.72 -22.98
CA GLY Q 56 36.20 12.12 -23.93
C GLY Q 56 36.89 10.97 -24.63
N GLY Q 57 36.36 9.75 -24.55
CA GLY Q 57 36.93 8.62 -25.26
C GLY Q 57 36.90 8.86 -26.76
N THR Q 58 38.02 8.59 -27.43
CA THR Q 58 38.20 8.87 -28.85
C THR Q 58 38.59 7.61 -29.60
N ASN Q 59 38.10 7.50 -30.83
CA ASN Q 59 38.53 6.50 -31.79
C ASN Q 59 38.86 7.20 -33.09
N TYR Q 60 40.05 6.92 -33.62
CA TYR Q 60 40.56 7.56 -34.82
C TYR Q 60 40.76 6.52 -35.91
N ALA Q 61 40.57 6.94 -37.17
CA ALA Q 61 40.93 6.07 -38.27
C ALA Q 61 42.44 5.91 -38.30
N GLN Q 62 42.90 4.78 -38.84
CA GLN Q 62 44.32 4.42 -38.73
C GLN Q 62 45.21 5.44 -39.42
N LYS Q 63 44.79 5.95 -40.58
CA LYS Q 63 45.64 6.88 -41.31
C LYS Q 63 45.77 8.22 -40.61
N PHE Q 64 44.82 8.59 -39.76
CA PHE Q 64 44.86 9.84 -39.00
C PHE Q 64 45.48 9.70 -37.62
N GLN Q 65 45.92 8.51 -37.22
CA GLN Q 65 46.50 8.36 -35.88
C GLN Q 65 47.84 9.10 -35.81
N GLY Q 66 47.96 9.97 -34.80
CA GLY Q 66 49.12 10.81 -34.62
C GLY Q 66 48.92 12.24 -35.08
N ARG Q 67 48.01 12.46 -36.03
CA ARG Q 67 47.74 13.78 -36.59
C ARG Q 67 46.43 14.40 -36.13
N VAL Q 68 45.41 13.58 -35.85
CA VAL Q 68 44.09 14.07 -35.47
C VAL Q 68 43.94 13.93 -33.97
N THR Q 69 43.19 14.85 -33.38
CA THR Q 69 42.94 14.87 -31.94
C THR Q 69 41.56 15.45 -31.72
N MET Q 70 40.63 14.64 -31.24
CA MET Q 70 39.28 15.08 -30.95
C MET Q 70 39.16 15.41 -29.47
N THR Q 71 38.45 16.50 -29.18
CA THR Q 71 38.28 17.00 -27.82
C THR Q 71 36.87 17.55 -27.72
N ARG Q 72 36.51 18.03 -26.53
CA ARG Q 72 35.15 18.44 -26.25
C ARG Q 72 35.16 19.52 -25.19
N ASP Q 73 34.01 20.18 -25.05
CA ASP Q 73 33.72 21.02 -23.90
C ASP Q 73 32.22 20.84 -23.64
N THR Q 74 31.90 20.20 -22.52
CA THR Q 74 30.53 19.85 -22.19
C THR Q 74 29.75 21.04 -21.66
N SER Q 75 30.44 22.02 -21.05
CA SER Q 75 29.75 23.18 -20.51
C SER Q 75 29.04 23.96 -21.62
N ILE Q 76 29.70 24.14 -22.76
CA ILE Q 76 29.12 24.85 -23.90
C ILE Q 76 28.65 23.89 -25.00
N ASN Q 77 28.69 22.57 -24.75
CA ASN Q 77 28.14 21.56 -25.66
C ASN Q 77 28.75 21.67 -27.05
N THR Q 78 30.08 21.65 -27.13
CA THR Q 78 30.78 21.71 -28.40
C THR Q 78 31.90 20.68 -28.47
N ALA Q 79 32.02 20.00 -29.62
CA ALA Q 79 33.10 19.07 -29.89
C ALA Q 79 34.10 19.70 -30.85
N TYR Q 80 35.38 19.65 -30.48
CA TYR Q 80 36.46 20.15 -31.32
C TYR Q 80 37.20 18.99 -31.99
N MET Q 81 37.79 19.28 -33.14
CA MET Q 81 38.63 18.33 -33.86
C MET Q 81 39.83 19.07 -34.43
N GLU Q 82 41.03 18.71 -34.00
CA GLU Q 82 42.27 19.34 -34.42
C GLU Q 82 43.02 18.41 -35.35
N LEU Q 83 43.36 18.91 -36.54
CA LEU Q 83 44.16 18.16 -37.52
C LEU Q 83 45.47 18.91 -37.73
N SER Q 84 46.58 18.23 -37.42
CA SER Q 84 47.92 18.78 -37.53
C SER Q 84 48.68 18.11 -38.66
N ARG Q 85 49.82 18.70 -39.02
CA ARG Q 85 50.63 18.27 -40.17
C ARG Q 85 49.79 18.22 -41.44
N LEU Q 86 49.13 19.34 -41.73
CA LEU Q 86 48.24 19.43 -42.88
C LEU Q 86 49.00 19.23 -44.19
N ARG Q 87 48.35 18.56 -45.13
CA ARG Q 87 48.88 18.32 -46.47
C ARG Q 87 47.82 18.74 -47.48
N PHE Q 88 48.19 18.72 -48.77
CA PHE Q 88 47.30 19.22 -49.82
C PHE Q 88 46.02 18.40 -49.95
N ASP Q 89 46.11 17.07 -49.78
CA ASP Q 89 44.91 16.24 -49.91
C ASP Q 89 43.92 16.49 -48.79
N ASP Q 90 44.33 17.12 -47.68
CA ASP Q 90 43.43 17.38 -46.57
C ASP Q 90 42.37 18.43 -46.89
N THR Q 91 42.47 19.10 -48.04
CA THR Q 91 41.43 20.01 -48.48
C THR Q 91 40.11 19.27 -48.60
N ALA Q 92 39.11 19.68 -47.82
CA ALA Q 92 37.86 18.94 -47.77
C ALA Q 92 36.83 19.71 -46.97
N VAL Q 93 35.58 19.26 -47.07
CA VAL Q 93 34.48 19.74 -46.22
C VAL Q 93 34.37 18.76 -45.06
N TYR Q 94 34.64 19.26 -43.86
CA TYR Q 94 34.66 18.46 -42.65
C TYR Q 94 33.31 18.63 -41.96
N TYR Q 95 32.59 17.53 -41.75
CA TYR Q 95 31.30 17.52 -41.09
C TYR Q 95 31.40 16.82 -39.75
N CYS Q 96 30.57 17.27 -38.80
CA CYS Q 96 30.41 16.65 -37.50
C CYS Q 96 29.02 16.01 -37.46
N ALA Q 97 28.98 14.69 -37.56
CA ALA Q 97 27.75 13.94 -37.55
C ALA Q 97 27.38 13.53 -36.12
N ARG Q 98 26.09 13.63 -35.81
CA ARG Q 98 25.58 13.24 -34.49
C ARG Q 98 24.75 11.98 -34.67
N PRO Q 99 25.24 10.80 -34.28
CA PRO Q 99 24.37 9.61 -34.35
C PRO Q 99 23.21 9.72 -33.37
N LYS Q 100 22.18 8.90 -33.63
CA LYS Q 100 21.07 8.81 -32.69
C LYS Q 100 21.55 8.24 -31.35
N ASP Q 101 20.63 8.23 -30.37
CA ASP Q 101 20.90 7.83 -29.00
C ASP Q 101 21.77 6.58 -28.92
N CYS Q 102 22.95 6.73 -28.33
CA CYS Q 102 23.95 5.67 -28.34
C CYS Q 102 23.68 4.57 -27.31
N SER Q 103 22.84 4.84 -26.32
CA SER Q 103 22.61 3.86 -25.26
C SER Q 103 22.00 2.58 -25.81
N GLY Q 104 20.89 2.70 -26.54
CA GLY Q 104 20.14 1.55 -27.03
C GLY Q 104 20.15 1.37 -28.53
N GLY Q 105 21.04 2.06 -29.24
CA GLY Q 105 21.19 1.88 -30.67
C GLY Q 105 22.65 1.90 -31.07
N SER Q 106 22.89 1.69 -32.37
CA SER Q 106 24.22 1.85 -32.91
C SER Q 106 24.61 3.32 -32.89
N CYS Q 107 25.92 3.56 -32.76
CA CYS Q 107 26.45 4.92 -32.72
C CYS Q 107 26.91 5.37 -34.11
N TYR Q 108 26.20 4.95 -35.16
CA TYR Q 108 26.65 5.19 -36.52
C TYR Q 108 25.56 5.62 -37.49
N ASP Q 109 24.28 5.49 -37.16
CA ASP Q 109 23.22 6.08 -37.96
C ASP Q 109 23.06 7.54 -37.59
N PHE Q 110 23.27 8.44 -38.55
CA PHE Q 110 23.44 9.87 -38.31
C PHE Q 110 22.18 10.61 -38.74
N ASP Q 111 21.43 11.13 -37.76
CA ASP Q 111 20.31 12.00 -38.08
C ASP Q 111 20.79 13.37 -38.52
N TYR Q 112 21.47 14.07 -37.62
CA TYR Q 112 21.81 15.48 -37.80
C TYR Q 112 23.30 15.58 -38.16
N TRP Q 113 23.58 15.96 -39.41
CA TRP Q 113 24.94 16.06 -39.90
C TRP Q 113 25.55 17.44 -39.69
N GLY Q 114 24.73 18.45 -39.42
CA GLY Q 114 25.24 19.80 -39.27
C GLY Q 114 25.76 20.37 -40.57
N GLN Q 115 26.04 21.67 -40.59
CA GLN Q 115 26.65 22.26 -41.76
C GLN Q 115 28.10 21.78 -41.89
N GLY Q 116 28.66 21.97 -43.08
CA GLY Q 116 30.04 21.58 -43.35
C GLY Q 116 31.02 22.67 -42.94
N THR Q 117 32.31 22.34 -43.07
CA THR Q 117 33.37 23.33 -42.87
C THR Q 117 34.44 23.08 -43.92
N LEU Q 118 34.60 24.02 -44.85
CA LEU Q 118 35.53 23.87 -45.95
C LEU Q 118 36.92 24.30 -45.49
N VAL Q 119 37.82 23.33 -45.33
CA VAL Q 119 39.23 23.58 -45.05
C VAL Q 119 39.99 23.47 -46.37
N THR Q 120 40.77 24.52 -46.70
CA THR Q 120 41.56 24.56 -47.91
C THR Q 120 43.04 24.67 -47.55
N VAL Q 121 43.82 23.68 -47.97
CA VAL Q 121 45.26 23.66 -47.75
C VAL Q 121 45.93 24.07 -49.06
N SER Q 122 46.68 25.17 -49.02
CA SER Q 122 47.33 25.70 -50.21
C SER Q 122 48.58 26.47 -49.80
N SER Q 123 49.49 26.63 -50.75
CA SER Q 123 50.73 27.36 -50.53
C SER Q 123 50.61 28.80 -51.02
N ASN R 1 38.41 -3.62 -42.83
CA ASN R 1 37.24 -3.93 -41.97
C ASN R 1 36.15 -4.54 -42.89
N ILE R 2 34.92 -4.03 -42.88
CA ILE R 2 33.85 -4.55 -43.73
C ILE R 2 33.87 -3.75 -45.04
N GLN R 3 34.31 -4.40 -46.12
CA GLN R 3 34.26 -3.79 -47.43
C GLN R 3 32.84 -3.80 -47.97
N MET R 4 32.52 -2.77 -48.76
CA MET R 4 31.21 -2.61 -49.38
C MET R 4 31.35 -2.38 -50.87
N THR R 5 30.35 -2.84 -51.63
CA THR R 5 30.23 -2.55 -53.05
C THR R 5 28.82 -2.05 -53.31
N GLN R 6 28.72 -0.82 -53.84
CA GLN R 6 27.44 -0.19 -54.13
C GLN R 6 27.29 -0.03 -55.63
N SER R 7 26.19 -0.54 -56.17
CA SER R 7 25.89 -0.49 -57.59
C SER R 7 24.46 -0.02 -57.81
N PRO R 8 24.15 0.58 -58.98
CA PRO R 8 25.03 0.94 -60.11
C PRO R 8 25.88 2.16 -59.78
N SER R 9 27.09 2.27 -60.33
CA SER R 9 27.96 3.39 -60.00
C SER R 9 27.36 4.72 -60.44
N SER R 10 26.72 4.74 -61.62
CA SER R 10 26.00 5.91 -62.10
C SER R 10 24.73 5.44 -62.78
N LEU R 11 23.60 6.08 -62.46
CA LEU R 11 22.30 5.71 -63.00
C LEU R 11 21.60 6.96 -63.53
N SER R 12 21.01 6.83 -64.70
CA SER R 12 20.19 7.86 -65.33
C SER R 12 18.81 7.27 -65.59
N ALA R 13 17.78 7.91 -65.05
CA ALA R 13 16.41 7.42 -65.17
C ALA R 13 15.45 8.59 -65.25
N SER R 14 14.38 8.40 -66.01
CA SER R 14 13.34 9.40 -66.18
C SER R 14 12.36 9.36 -65.01
N VAL R 15 11.55 10.41 -64.92
CA VAL R 15 10.60 10.54 -63.81
C VAL R 15 9.60 9.39 -63.86
N GLY R 16 9.12 8.99 -62.69
CA GLY R 16 8.06 8.00 -62.56
C GLY R 16 8.53 6.59 -62.33
N ASP R 17 9.64 6.19 -62.95
CA ASP R 17 10.12 4.82 -62.79
C ASP R 17 10.73 4.63 -61.40
N ARG R 18 10.98 3.36 -61.05
CA ARG R 18 11.62 3.03 -59.78
C ARG R 18 13.13 2.94 -59.95
N VAL R 19 13.85 3.32 -58.90
CA VAL R 19 15.30 3.23 -58.83
C VAL R 19 15.63 2.24 -57.73
N THR R 20 16.40 1.20 -58.09
CA THR R 20 16.83 0.16 -57.15
C THR R 20 18.35 0.16 -57.10
N ILE R 21 18.90 0.59 -55.96
CA ILE R 21 20.34 0.62 -55.70
C ILE R 21 20.65 -0.53 -54.75
N THR R 22 21.75 -1.24 -54.99
CA THR R 22 22.11 -2.42 -54.22
C THR R 22 23.46 -2.22 -53.56
N CYS R 23 23.53 -2.48 -52.26
CA CYS R 23 24.76 -2.48 -51.48
C CYS R 23 25.05 -3.91 -51.03
N GLN R 24 26.28 -4.37 -51.26
CA GLN R 24 26.72 -5.71 -50.90
C GLN R 24 27.89 -5.58 -49.92
N ALA R 25 27.70 -6.10 -48.71
CA ALA R 25 28.72 -6.07 -47.68
C ALA R 25 29.70 -7.21 -47.86
N SER R 26 30.79 -7.16 -47.10
CA SER R 26 31.83 -8.18 -47.14
C SER R 26 31.58 -9.31 -46.14
N GLN R 27 30.54 -9.23 -45.32
CA GLN R 27 30.24 -10.27 -44.34
C GLN R 27 28.87 -9.97 -43.76
N ASP R 28 28.41 -10.87 -42.89
CA ASP R 28 27.14 -10.67 -42.19
C ASP R 28 27.23 -9.45 -41.28
N ILE R 29 26.35 -8.48 -41.49
CA ILE R 29 26.28 -7.26 -40.71
C ILE R 29 24.91 -7.06 -40.07
N SER R 30 24.11 -8.12 -39.97
CA SER R 30 22.73 -8.08 -39.47
C SER R 30 21.97 -7.03 -40.29
N ASN R 31 21.33 -6.03 -39.65
CA ASN R 31 20.53 -5.03 -40.33
C ASN R 31 21.11 -3.63 -40.17
N TYR R 32 22.37 -3.50 -39.73
CA TYR R 32 22.94 -2.20 -39.40
C TYR R 32 23.56 -1.58 -40.64
N LEU R 33 22.69 -1.22 -41.59
CA LEU R 33 23.08 -0.49 -42.78
C LEU R 33 22.16 0.70 -42.96
N ASN R 34 22.74 1.85 -43.29
CA ASN R 34 22.02 3.12 -43.38
C ASN R 34 22.15 3.70 -44.78
N TRP R 35 21.09 4.35 -45.24
CA TRP R 35 21.05 5.01 -46.54
C TRP R 35 20.87 6.50 -46.33
N TYR R 36 21.79 7.28 -46.90
CA TYR R 36 21.83 8.73 -46.82
C TYR R 36 21.67 9.32 -48.22
N GLN R 37 21.10 10.53 -48.26
CA GLN R 37 20.98 11.33 -49.46
C GLN R 37 21.78 12.61 -49.29
N GLN R 38 22.58 12.95 -50.30
CA GLN R 38 23.41 14.16 -50.29
C GLN R 38 23.15 14.94 -51.56
N LYS R 39 22.48 16.09 -51.43
CA LYS R 39 22.36 17.03 -52.52
C LYS R 39 23.71 17.75 -52.70
N PRO R 40 23.99 18.27 -53.91
CA PRO R 40 25.23 19.02 -54.08
C PRO R 40 25.25 20.26 -53.20
N GLY R 41 26.39 20.50 -52.55
CA GLY R 41 26.53 21.65 -51.69
C GLY R 41 25.81 21.57 -50.37
N LYS R 42 25.33 20.38 -49.98
CA LYS R 42 24.63 20.20 -48.72
C LYS R 42 25.12 18.92 -48.06
N ALA R 43 24.91 18.84 -46.75
CA ALA R 43 25.35 17.68 -46.00
C ALA R 43 24.47 16.48 -46.32
N PRO R 44 24.96 15.26 -46.08
CA PRO R 44 24.10 14.08 -46.26
C PRO R 44 22.91 14.13 -45.32
N LYS R 45 21.81 13.53 -45.77
CA LYS R 45 20.57 13.46 -45.00
C LYS R 45 20.15 11.99 -44.91
N LEU R 46 19.96 11.50 -43.69
CA LEU R 46 19.63 10.10 -43.49
C LEU R 46 18.19 9.84 -43.89
N LEU R 47 18.00 8.88 -44.79
CA LEU R 47 16.68 8.40 -45.18
C LEU R 47 16.32 7.10 -44.49
N ILE R 48 17.18 6.07 -44.58
CA ILE R 48 16.89 4.76 -44.01
C ILE R 48 17.92 4.46 -42.94
N TYR R 49 17.45 4.08 -41.76
CA TYR R 49 18.31 3.60 -40.68
C TYR R 49 17.88 2.19 -40.30
N ASP R 50 18.87 1.35 -39.99
CA ASP R 50 18.69 -0.07 -39.72
C ASP R 50 18.11 -0.83 -40.93
N ALA R 51 18.27 -0.27 -42.13
CA ALA R 51 18.03 -0.94 -43.41
C ALA R 51 16.55 -1.16 -43.73
N SER R 52 15.64 -0.86 -42.79
CA SER R 52 14.20 -0.97 -43.04
C SER R 52 13.40 0.22 -42.50
N ASN R 53 13.82 0.85 -41.40
CA ASN R 53 13.06 1.93 -40.82
C ASN R 53 13.27 3.23 -41.60
N LEU R 54 12.24 4.07 -41.61
CA LEU R 54 12.23 5.31 -42.37
C LEU R 54 12.38 6.47 -41.41
N GLU R 55 13.31 7.37 -41.70
CA GLU R 55 13.51 8.55 -40.88
C GLU R 55 12.28 9.44 -40.96
N THR R 56 11.92 10.05 -39.84
CA THR R 56 10.72 10.89 -39.80
C THR R 56 10.93 12.12 -40.66
N GLY R 57 9.87 12.53 -41.35
CA GLY R 57 9.93 13.63 -42.29
C GLY R 57 10.30 13.24 -43.70
N VAL R 58 10.66 11.97 -43.94
CA VAL R 58 11.02 11.49 -45.26
C VAL R 58 9.74 11.09 -45.98
N PRO R 59 9.54 11.43 -47.27
CA PRO R 59 8.36 10.91 -47.97
C PRO R 59 8.42 9.40 -48.10
N SER R 60 7.24 8.77 -48.11
CA SER R 60 7.14 7.31 -48.07
C SER R 60 7.64 6.65 -49.35
N ARG R 61 7.88 7.40 -50.43
CA ARG R 61 8.37 6.80 -51.67
C ARG R 61 9.76 6.19 -51.48
N PHE R 62 10.53 6.66 -50.51
CA PHE R 62 11.81 6.03 -50.18
C PHE R 62 11.57 4.82 -49.28
N SER R 63 12.25 3.72 -49.61
CA SER R 63 12.13 2.51 -48.81
C SER R 63 13.42 1.72 -48.92
N GLY R 64 13.64 0.83 -47.97
CA GLY R 64 14.82 -0.01 -47.99
C GLY R 64 14.51 -1.37 -47.39
N SER R 65 15.16 -2.39 -47.93
CA SER R 65 14.95 -3.76 -47.44
C SER R 65 16.23 -4.55 -47.68
N GLY R 66 16.58 -5.39 -46.72
CA GLY R 66 17.78 -6.18 -46.86
C GLY R 66 18.18 -6.80 -45.55
N SER R 67 19.20 -7.66 -45.64
CA SER R 67 19.74 -8.32 -44.46
C SER R 67 21.04 -9.01 -44.85
N GLY R 68 21.74 -9.49 -43.82
CA GLY R 68 22.93 -10.27 -44.01
C GLY R 68 23.99 -9.53 -44.80
N THR R 69 24.16 -9.93 -46.05
CA THR R 69 25.14 -9.36 -46.96
C THR R 69 24.52 -8.38 -47.95
N HIS R 70 23.26 -8.55 -48.30
CA HIS R 70 22.66 -7.84 -49.44
C HIS R 70 21.57 -6.89 -48.97
N PHE R 71 21.61 -5.65 -49.47
CA PHE R 71 20.65 -4.63 -49.12
C PHE R 71 20.25 -3.87 -50.37
N THR R 72 18.99 -3.41 -50.40
CA THR R 72 18.41 -2.73 -51.55
C THR R 72 17.67 -1.48 -51.08
N PHE R 73 17.91 -0.38 -51.80
CA PHE R 73 17.22 0.89 -51.61
C PHE R 73 16.32 1.12 -52.81
N THR R 74 15.06 1.42 -52.56
CA THR R 74 14.04 1.57 -53.60
C THR R 74 13.42 2.95 -53.48
N ILE R 75 13.49 3.72 -54.56
CA ILE R 75 12.73 4.95 -54.71
C ILE R 75 11.69 4.69 -55.79
N SER R 76 10.41 4.66 -55.39
CA SER R 76 9.37 4.23 -56.31
C SER R 76 9.16 5.22 -57.45
N ARG R 77 9.12 6.52 -57.14
CA ARG R 77 8.94 7.57 -58.14
C ARG R 77 10.06 8.59 -58.03
N LEU R 78 10.74 8.84 -59.16
CA LEU R 78 11.81 9.83 -59.23
C LEU R 78 11.20 11.22 -59.39
N GLN R 79 10.62 11.70 -58.28
CA GLN R 79 10.10 13.05 -58.24
C GLN R 79 11.22 14.09 -58.37
N PRO R 80 10.91 15.28 -58.91
CA PRO R 80 12.00 16.24 -59.21
C PRO R 80 12.78 16.72 -57.99
N GLU R 81 12.24 16.66 -56.78
CA GLU R 81 13.04 17.07 -55.63
C GLU R 81 14.18 16.09 -55.30
N ASP R 82 14.14 14.84 -55.81
CA ASP R 82 15.07 13.78 -55.37
C ASP R 82 16.44 13.71 -56.07
N ILE R 83 16.88 14.64 -56.93
CA ILE R 83 18.16 14.40 -57.61
C ILE R 83 19.29 14.65 -56.61
N ALA R 84 20.02 13.58 -56.28
CA ALA R 84 21.07 13.65 -55.26
C ALA R 84 21.91 12.39 -55.35
N THR R 85 23.09 12.43 -54.71
CA THR R 85 23.92 11.23 -54.59
C THR R 85 23.46 10.43 -53.38
N TYR R 86 23.27 9.13 -53.57
CA TYR R 86 22.81 8.21 -52.53
C TYR R 86 23.94 7.33 -52.05
N TYR R 87 24.12 7.23 -50.74
CA TYR R 87 25.20 6.46 -50.13
C TYR R 87 24.63 5.41 -49.19
N CYS R 88 25.21 4.21 -49.22
CA CYS R 88 25.03 3.22 -48.16
C CYS R 88 26.19 3.33 -47.18
N GLN R 89 25.94 2.88 -45.95
CA GLN R 89 26.94 2.96 -44.89
C GLN R 89 26.76 1.77 -43.96
N VAL R 90 27.87 1.10 -43.66
CA VAL R 90 27.98 0.18 -42.53
C VAL R 90 29.13 0.67 -41.66
N TYR R 91 28.82 0.97 -40.39
CA TYR R 91 29.77 1.40 -39.36
C TYR R 91 30.61 2.56 -39.93
N GLU R 92 31.94 2.48 -39.90
CA GLU R 92 32.78 3.58 -40.39
C GLU R 92 32.80 3.69 -41.91
N THR R 93 32.39 2.65 -42.62
CA THR R 93 32.56 2.59 -44.07
C THR R 93 31.36 3.23 -44.76
N PHE R 94 31.64 4.09 -45.74
CA PHE R 94 30.64 4.70 -46.60
C PHE R 94 30.77 4.11 -48.00
N GLY R 95 29.62 3.89 -48.65
CA GLY R 95 29.63 3.38 -50.00
C GLY R 95 30.23 4.37 -50.97
N GLN R 96 30.61 3.84 -52.14
CA GLN R 96 31.21 4.69 -53.17
C GLN R 96 30.22 5.75 -53.67
N GLY R 97 28.94 5.47 -53.57
CA GLY R 97 27.91 6.44 -53.92
C GLY R 97 27.43 6.29 -55.35
N THR R 98 26.15 6.58 -55.55
CA THR R 98 25.52 6.56 -56.86
C THR R 98 24.74 7.85 -57.03
N LYS R 99 24.81 8.43 -58.23
CA LYS R 99 24.12 9.68 -58.56
C LYS R 99 23.00 9.37 -59.55
N VAL R 100 21.76 9.57 -59.11
CA VAL R 100 20.65 9.52 -60.06
C VAL R 100 20.75 10.71 -61.01
N GLU R 101 20.04 10.61 -62.13
CA GLU R 101 20.06 11.67 -63.12
C GLU R 101 18.78 11.60 -63.96
N ILE R 102 18.36 12.76 -64.45
CA ILE R 102 17.12 12.89 -65.21
C ILE R 102 17.43 12.87 -66.70
#